data_6ZDH
#
_entry.id   6ZDH
#
_cell.length_a   1.00
_cell.length_b   1.00
_cell.length_c   1.00
_cell.angle_alpha   90.00
_cell.angle_beta   90.00
_cell.angle_gamma   90.00
#
_symmetry.space_group_name_H-M   'P 1'
#
loop_
_entity.id
_entity.type
_entity.pdbx_description
1 polymer 'Spike glycoprotein'
2 polymer 'EY6A heavy chain'
3 polymer 'EY6A light chain'
4 branched 2-acetamido-2-deoxy-beta-D-glucopyranose-(1-4)-2-acetamido-2-deoxy-beta-D-glucopyranose
5 non-polymer 2-acetamido-2-deoxy-beta-D-glucopyranose
#
loop_
_entity_poly.entity_id
_entity_poly.type
_entity_poly.pdbx_seq_one_letter_code
_entity_poly.pdbx_strand_id
1 'polypeptide(L)'
;MFVFLVLLPLVSSQCVNLTTRTQLPPAYTNSFTRGVYYPDKVFRSSVLHSTQDLFLPFFSNVTWFHAIHVSGTNGTKRFD
NPVLPFNDGVYFASTEKSNIIRGWIFGTTLDSKTQSLLIVNNATNVVIKVCEFQFCNDPFLGVYYHKNNKSWMESEFRVY
SSANNCTFEYVSQPFLMDLEGKQGNFKNLREFVFKNIDGYFKIYSKHTPINLVRDLPQGFSALEPLVDLPIGINITRFQT
LLALHRSYLTPGDSSSGWTAGAAAYYVGYLQPRTFLLKYNENGTITDAVDCALDPLSETKCTLKSFTVEKGIYQTSNFRV
QPTESIVRFPNITNLCPFGEVFNATRFASVYAWNRKRISNCVADYSVLYNSASFSTFKCYGVSPTKLNDLCFTNVYADSF
VIRGDEVRQIAPGQTGKIADYNYKLPDDFTGCVIAWNSNNLDSKVGGNYNYLYRLFRKSNLKPFERDISTEIYQAGSTPC
NGVEGFNCYFPLQSYGFQPTNGVGYQPYRVVVLSFELLHAPATVCGPKKSTNLVKNKCVNFNFNGLTGTGVLTESNKKFL
PFQQFGRDIADTTDAVRDPQTLEILDITPCSFGGVSVITPGTNTSNQVAVLYQDVNCTEVPVAIHADQLTPTWRVYSTGS
NVFQTRAGCLIGAEHVNNSYECDIPIGAGICASYQTQTNSPGSASSVASQSIIAYTMSLGAENSVAYSNNSIAIPTNFTI
SVTTEILPVSMTKTSVDCTMYICGDSTECSNLLLQYGSFCTQLNRALTGIAVEQDKNTQEVFAQVKQIYKTPPIKDFGGF
NFSQILPDPSKPSKRSFIEDLLFNKVTLADAGFIKQYGDCLGDIAARDLICAQKFNGLTVLPPLLTDEMIAQYTSALLAG
TITSGWTFGAGAALQIPFAMQMAYRFNGIGVTQNVLYENQKLIANQFNSAIGKIQDSLSSTASALGKLQDVVNQNAQALN
TLVKQLSSNFGAISSVLNDILSRLDPPEAEVQIDRLITGRLQSLQTYVTQQLIRAAEIRASANLAATKMSECVLGQSKRV
DFCGKGYHLMSFPQSAPHGVVFLHVTYVPAQEKNFTTAPAICHDGKAHFPREGVFVSNGTHWFVTQRNFYEPQIITTDNT
FVSGNCDVVIGIVNNTVYDPLQPELDSFKEELDKYFKNHTSPDVDLGDISGINASVVNIQKEIDRLNEVAKNLNESLIDL
QELGKYEQGSGYIPEAPRDGQAYVRKDGEWVLLSTFLGRSLEVLFQGPGHHHHHHHHGSAWSHPQFEKGGGSGGGSGGSA
WSHPQFEK
;
A,B,C
2 'polypeptide(L)'
;EVQLVESGGGVVQPGRSLRLSCAASAFTFSSYDMHWVRQAPGKGLEWVAVISYDGSNKYYADSVKGRFTISRDNSKNTLY
LQMNSLRAEDTAVYYCAKDGGKLWVYYFDYWGQGTLVTVSSASTKGPSVFPLAPSSKSTSGGTAALGCLVKDYFPEPVTV
SWNSGALTSGVHTFPAVLQSSGLYSLSSVVTVPSSSLGTQTYICNVNHKPSNTKVDKRVEPKSCDK
;
H,D,G
3 'polypeptide(L)'
;DIQMTQSPSSLSASVGDRVTITCRASQSISSYLNWYQQKPGKAPKLLIYAASSLQSGVPSRFSGSGSGTDFTLTISSLQP
EDFATYYCQQSYSTLALTFGGGTKVEIKRTVAAPSVFIFPPSDEQLKSGTASVVCLLNNFYPREAKVQWKVDNALQSGNS
QESVTEQDSKDSTYSLSSTLTLSKADYEKHKVYACEVTHQGLSSPVTKSFNRGEC
;
L,F,I
#
loop_
_chem_comp.id
_chem_comp.type
_chem_comp.name
_chem_comp.formula
NAG D-saccharide, beta linking 2-acetamido-2-deoxy-beta-D-glucopyranose 'C8 H15 N O6'
#
# COMPACT_ATOMS: atom_id res chain seq x y z
N ALA A 27 -55.32 -11.13 15.45
CA ALA A 27 -55.79 -10.04 14.61
C ALA A 27 -54.61 -9.22 14.09
N TYR A 28 -54.87 -8.33 13.13
CA TYR A 28 -53.87 -7.44 12.60
C TYR A 28 -54.49 -6.08 12.36
N THR A 29 -53.67 -5.02 12.43
CA THR A 29 -54.15 -3.68 12.20
C THR A 29 -53.04 -2.83 11.60
N ASN A 30 -53.38 -1.55 11.37
CA ASN A 30 -52.56 -0.64 10.59
C ASN A 30 -51.85 0.36 11.50
N SER A 31 -50.53 0.43 11.38
CA SER A 31 -49.76 1.50 12.03
C SER A 31 -49.54 2.69 11.11
N PHE A 32 -50.54 3.56 10.95
CA PHE A 32 -50.49 4.65 9.98
C PHE A 32 -49.13 5.35 9.97
N THR A 33 -48.72 5.93 11.11
CA THR A 33 -47.46 6.65 11.19
C THR A 33 -46.79 6.53 12.55
N ARG A 34 -47.23 5.60 13.39
CA ARG A 34 -46.63 5.47 14.71
C ARG A 34 -45.27 4.81 14.63
N GLY A 35 -44.44 5.07 15.63
CA GLY A 35 -43.18 4.38 15.78
C GLY A 35 -41.96 5.10 15.26
N VAL A 36 -41.94 6.42 15.26
CA VAL A 36 -40.78 7.21 14.88
C VAL A 36 -40.20 7.84 16.13
N TYR A 37 -39.02 7.39 16.53
CA TYR A 37 -38.43 7.76 17.81
C TYR A 37 -37.09 8.44 17.57
N TYR A 38 -36.72 9.31 18.50
CA TYR A 38 -35.46 10.04 18.37
C TYR A 38 -34.31 9.06 18.36
N PRO A 39 -33.66 8.80 17.22
CA PRO A 39 -32.62 7.77 17.20
C PRO A 39 -31.46 8.05 18.13
N ASP A 40 -31.11 9.31 18.36
CA ASP A 40 -29.97 9.67 19.20
C ASP A 40 -30.33 10.92 19.98
N LYS A 41 -29.48 11.28 20.93
CA LYS A 41 -29.72 12.43 21.81
C LYS A 41 -29.16 13.71 21.21
N VAL A 42 -29.02 13.76 19.89
CA VAL A 42 -28.48 14.92 19.19
C VAL A 42 -29.61 15.91 18.94
N PHE A 43 -29.30 17.20 19.04
CA PHE A 43 -30.26 18.25 18.78
C PHE A 43 -30.05 18.82 17.39
N ARG A 44 -31.07 18.71 16.55
CA ARG A 44 -31.05 19.31 15.22
C ARG A 44 -32.29 20.16 15.06
N SER A 45 -32.12 21.34 14.46
CA SER A 45 -33.20 22.30 14.37
C SER A 45 -33.47 22.66 12.92
N SER A 46 -34.75 22.63 12.56
CA SER A 46 -35.21 23.04 11.22
C SER A 46 -34.33 22.42 10.14
N VAL A 47 -34.38 21.09 10.05
CA VAL A 47 -33.51 20.38 9.11
C VAL A 47 -34.08 18.99 8.88
N LEU A 48 -33.77 18.43 7.71
CA LEU A 48 -34.19 17.09 7.34
C LEU A 48 -32.97 16.18 7.40
N HIS A 49 -33.04 15.14 8.23
CA HIS A 49 -31.93 14.24 8.46
C HIS A 49 -32.28 12.84 7.96
N SER A 50 -31.41 12.26 7.15
CA SER A 50 -31.59 10.90 6.64
C SER A 50 -30.85 9.94 7.55
N THR A 51 -31.59 9.17 8.35
CA THR A 51 -30.99 8.29 9.34
C THR A 51 -31.46 6.87 9.09
N GLN A 52 -30.50 5.94 9.10
CA GLN A 52 -30.78 4.52 8.94
C GLN A 52 -30.72 3.86 10.31
N ASP A 53 -31.84 3.30 10.74
CA ASP A 53 -31.91 2.69 12.07
C ASP A 53 -33.13 1.79 12.13
N LEU A 54 -33.35 1.20 13.29
CA LEU A 54 -34.43 0.25 13.50
C LEU A 54 -35.73 1.02 13.76
N PHE A 55 -36.55 1.16 12.72
CA PHE A 55 -37.81 1.89 12.80
C PHE A 55 -38.96 0.96 12.49
N LEU A 56 -40.17 1.39 12.85
CA LEU A 56 -41.37 0.64 12.51
C LEU A 56 -41.86 1.07 11.13
N PRO A 57 -41.87 0.19 10.13
CA PRO A 57 -42.27 0.62 8.79
C PRO A 57 -43.68 1.19 8.78
N PHE A 58 -43.87 2.25 7.99
CA PHE A 58 -45.17 2.87 7.88
C PHE A 58 -46.16 1.95 7.20
N PHE A 59 -47.42 2.00 7.65
CA PHE A 59 -48.52 1.25 7.06
C PHE A 59 -48.32 -0.26 7.17
N SER A 60 -47.35 -0.71 7.95
CA SER A 60 -47.14 -2.13 8.12
C SER A 60 -48.19 -2.72 9.04
N ASN A 61 -48.27 -4.05 9.06
CA ASN A 61 -49.23 -4.75 9.89
C ASN A 61 -48.66 -4.92 11.29
N VAL A 62 -49.44 -4.53 12.30
CA VAL A 62 -49.09 -4.72 13.69
C VAL A 62 -50.10 -5.67 14.31
N THR A 63 -49.60 -6.68 15.02
CA THR A 63 -50.48 -7.65 15.66
C THR A 63 -51.25 -6.98 16.78
N TRP A 64 -52.50 -7.39 16.96
CA TRP A 64 -53.39 -6.80 17.96
C TRP A 64 -53.91 -7.91 18.87
N PHE A 65 -53.78 -7.72 20.17
CA PHE A 65 -54.26 -8.67 21.15
C PHE A 65 -55.23 -7.99 22.10
N HIS A 66 -56.12 -8.80 22.69
CA HIS A 66 -57.11 -8.32 23.64
C HIS A 66 -56.83 -8.91 25.02
N ALA A 67 -57.24 -8.19 26.06
CA ALA A 67 -57.09 -8.62 27.44
C ALA A 67 -58.45 -8.61 28.13
N ILE A 68 -59.45 -9.16 27.44
CA ILE A 68 -60.82 -9.17 27.93
C ILE A 68 -61.33 -10.62 27.93
N HIS A 69 -62.26 -10.88 28.84
CA HIS A 69 -62.86 -12.21 28.97
C HIS A 69 -61.78 -13.28 29.19
N ASP A 80 -54.56 -13.51 28.04
CA ASP A 80 -53.96 -13.26 26.73
C ASP A 80 -52.60 -12.58 26.89
N ASN A 81 -51.60 -13.35 27.34
CA ASN A 81 -50.22 -12.88 27.46
C ASN A 81 -49.27 -13.90 26.86
N PRO A 82 -49.38 -14.14 25.56
CA PRO A 82 -48.47 -15.09 24.90
C PRO A 82 -47.09 -14.50 24.74
N VAL A 83 -46.13 -15.38 24.45
CA VAL A 83 -44.74 -14.99 24.29
C VAL A 83 -44.53 -14.58 22.84
N LEU A 84 -44.19 -13.30 22.64
CA LEU A 84 -43.96 -12.78 21.30
C LEU A 84 -42.46 -12.58 21.07
N PRO A 85 -41.92 -13.05 19.95
CA PRO A 85 -40.46 -12.99 19.76
C PRO A 85 -39.92 -11.56 19.85
N PHE A 86 -38.59 -11.46 19.87
CA PHE A 86 -37.89 -10.19 19.96
C PHE A 86 -36.85 -10.01 18.86
N ASN A 87 -37.24 -10.21 17.60
CA ASN A 87 -36.29 -10.28 16.48
C ASN A 87 -35.22 -9.19 16.52
N ASP A 88 -35.63 -7.92 16.42
CA ASP A 88 -34.67 -6.82 16.33
C ASP A 88 -35.08 -5.61 17.15
N GLY A 89 -35.96 -5.79 18.13
CA GLY A 89 -36.51 -4.67 18.87
C GLY A 89 -38.01 -4.71 18.68
N VAL A 90 -38.74 -4.29 19.69
CA VAL A 90 -40.18 -4.46 19.73
C VAL A 90 -40.83 -3.12 19.98
N TYR A 91 -41.80 -2.77 19.14
CA TYR A 91 -42.69 -1.65 19.39
C TYR A 91 -43.93 -2.20 20.07
N PHE A 92 -44.29 -1.61 21.19
CA PHE A 92 -45.45 -2.01 21.96
C PHE A 92 -46.36 -0.81 22.09
N ALA A 93 -47.66 -1.04 22.07
CA ALA A 93 -48.59 0.06 22.27
C ALA A 93 -49.76 -0.44 23.10
N SER A 94 -50.18 0.37 24.06
CA SER A 94 -51.30 -0.02 24.90
C SER A 94 -52.30 1.12 24.97
N THR A 95 -53.57 0.76 24.97
CA THR A 95 -54.66 1.68 25.24
C THR A 95 -55.24 1.30 26.58
N GLU A 96 -55.03 2.16 27.58
CA GLU A 96 -55.26 1.82 28.97
C GLU A 96 -56.20 2.83 29.61
N LYS A 97 -56.97 2.33 30.59
CA LYS A 97 -57.86 3.15 31.39
C LYS A 97 -57.73 2.90 32.89
N SER A 98 -57.19 1.75 33.31
CA SER A 98 -57.03 1.45 34.72
C SER A 98 -55.66 0.83 35.02
N ASN A 99 -54.72 0.92 34.09
CA ASN A 99 -53.37 0.39 34.28
C ASN A 99 -53.40 -1.12 34.56
N ILE A 100 -53.97 -1.86 33.60
CA ILE A 100 -53.98 -3.31 33.71
C ILE A 100 -52.64 -3.88 33.26
N ILE A 101 -52.17 -3.48 32.10
CA ILE A 101 -50.82 -3.84 31.64
C ILE A 101 -49.83 -3.13 32.56
N ARG A 102 -49.05 -3.92 33.30
CA ARG A 102 -48.18 -3.35 34.32
C ARG A 102 -46.73 -3.78 34.20
N GLY A 103 -46.41 -4.77 33.37
CA GLY A 103 -45.05 -5.28 33.37
C GLY A 103 -44.69 -5.96 32.08
N TRP A 104 -43.48 -6.49 32.07
CA TRP A 104 -42.91 -7.19 30.92
C TRP A 104 -41.82 -8.13 31.38
N ILE A 105 -41.53 -9.13 30.56
CA ILE A 105 -40.44 -10.07 30.78
C ILE A 105 -39.70 -10.20 29.46
N PHE A 106 -38.38 -10.25 29.53
CA PHE A 106 -37.53 -10.41 28.36
C PHE A 106 -36.49 -11.47 28.67
N GLY A 107 -36.10 -12.23 27.66
CA GLY A 107 -35.09 -13.25 27.84
C GLY A 107 -35.19 -14.33 26.79
N THR A 108 -34.68 -15.51 27.13
CA THR A 108 -34.70 -16.65 26.24
C THR A 108 -35.57 -17.80 26.74
N THR A 109 -35.46 -18.16 28.02
CA THR A 109 -36.26 -19.23 28.59
C THR A 109 -37.27 -18.77 29.62
N LEU A 110 -36.98 -17.71 30.37
CA LEU A 110 -37.92 -17.17 31.35
C LEU A 110 -38.33 -18.24 32.36
N ASP A 111 -37.37 -19.08 32.75
CA ASP A 111 -37.62 -20.17 33.69
C ASP A 111 -36.49 -20.30 34.71
N SER A 112 -35.77 -19.20 34.97
CA SER A 112 -34.66 -19.12 35.91
C SER A 112 -33.43 -19.86 35.43
N LYS A 113 -33.44 -20.43 34.22
CA LYS A 113 -32.27 -21.11 33.69
C LYS A 113 -31.21 -20.14 33.19
N THR A 114 -31.57 -18.89 32.94
CA THR A 114 -30.62 -17.87 32.51
C THR A 114 -31.14 -16.51 32.95
N GLN A 115 -30.46 -15.45 32.50
CA GLN A 115 -30.84 -14.10 32.87
C GLN A 115 -32.01 -13.64 32.03
N SER A 116 -32.96 -12.95 32.67
CA SER A 116 -34.19 -12.53 32.02
C SER A 116 -34.67 -11.24 32.67
N LEU A 117 -34.66 -10.15 31.92
CA LEU A 117 -35.13 -8.88 32.42
C LEU A 117 -36.59 -8.97 32.85
N LEU A 118 -36.93 -8.30 33.94
CA LEU A 118 -38.30 -8.20 34.42
C LEU A 118 -38.58 -6.75 34.76
N ILE A 119 -39.57 -6.16 34.08
CA ILE A 119 -40.01 -4.79 34.33
C ILE A 119 -41.39 -4.87 34.97
N VAL A 120 -41.61 -4.05 35.99
CA VAL A 120 -42.89 -3.99 36.69
C VAL A 120 -43.16 -2.55 37.09
N ASN A 121 -44.42 -2.19 37.21
CA ASN A 121 -44.82 -0.88 37.72
C ASN A 121 -45.97 -1.08 38.71
N ASN A 122 -45.76 -0.68 39.96
CA ASN A 122 -46.81 -0.69 40.97
C ASN A 122 -47.10 0.75 41.37
N ALA A 123 -47.91 1.43 40.55
CA ALA A 123 -48.78 2.53 40.94
C ALA A 123 -48.04 3.77 41.46
N THR A 124 -46.81 3.58 41.93
CA THR A 124 -45.90 4.67 42.24
C THR A 124 -44.45 4.30 41.95
N ASN A 125 -44.15 3.01 41.79
CA ASN A 125 -42.78 2.52 41.76
C ASN A 125 -42.54 1.76 40.46
N VAL A 126 -41.42 2.06 39.81
CA VAL A 126 -40.98 1.29 38.65
C VAL A 126 -39.84 0.39 39.10
N VAL A 127 -39.98 -0.92 38.87
CA VAL A 127 -39.00 -1.90 39.30
C VAL A 127 -38.44 -2.58 38.07
N ILE A 128 -37.12 -2.74 38.02
CA ILE A 128 -36.45 -3.47 36.96
C ILE A 128 -35.44 -4.40 37.61
N LYS A 129 -35.45 -5.67 37.19
CA LYS A 129 -34.52 -6.65 37.73
C LYS A 129 -34.03 -7.54 36.59
N VAL A 130 -32.88 -8.17 36.79
CA VAL A 130 -32.30 -9.02 35.75
C VAL A 130 -31.87 -10.36 36.33
N CYS A 131 -32.46 -10.76 37.46
CA CYS A 131 -32.11 -12.04 38.03
C CYS A 131 -32.65 -13.19 37.17
N GLU A 132 -32.16 -14.40 37.44
CA GLU A 132 -32.68 -15.60 36.78
C GLU A 132 -34.01 -15.96 37.44
N PHE A 133 -35.00 -15.12 37.17
CA PHE A 133 -36.29 -15.26 37.84
C PHE A 133 -36.97 -16.57 37.48
N GLN A 134 -37.67 -17.14 38.45
CA GLN A 134 -38.46 -18.34 38.25
C GLN A 134 -39.91 -17.92 38.03
N PHE A 135 -40.26 -17.56 36.81
CA PHE A 135 -41.59 -17.10 36.49
C PHE A 135 -42.57 -18.27 36.50
N CYS A 136 -43.83 -17.95 36.82
CA CYS A 136 -44.88 -18.96 36.79
C CYS A 136 -45.15 -19.39 35.35
N ASN A 137 -45.81 -20.54 35.21
CA ASN A 137 -46.14 -21.02 33.87
C ASN A 137 -47.00 -20.00 33.13
N ASP A 138 -47.88 -19.30 33.84
CA ASP A 138 -48.70 -18.24 33.26
C ASP A 138 -48.53 -17.00 34.12
N PRO A 139 -47.41 -16.30 33.97
CA PRO A 139 -47.12 -15.17 34.87
C PRO A 139 -48.22 -14.13 34.83
N PHE A 140 -48.55 -13.62 36.01
CA PHE A 140 -49.54 -12.54 36.11
C PHE A 140 -49.42 -11.90 37.48
N LEU A 141 -50.01 -10.72 37.61
CA LEU A 141 -49.97 -9.95 38.84
C LEU A 141 -51.38 -9.82 39.40
N GLY A 142 -51.54 -10.15 40.68
CA GLY A 142 -52.84 -10.08 41.31
C GLY A 142 -53.09 -8.76 42.02
N VAL A 143 -54.33 -8.28 41.89
CA VAL A 143 -54.74 -7.03 42.53
C VAL A 143 -55.11 -7.30 43.98
N ASN A 165 -28.65 -15.24 41.49
CA ASN A 165 -27.65 -14.71 40.58
C ASN A 165 -28.20 -13.50 39.83
N CYS A 166 -28.12 -12.32 40.47
CA CYS A 166 -28.62 -11.09 39.89
C CYS A 166 -27.46 -10.26 39.36
N THR A 167 -27.71 -9.55 38.25
CA THR A 167 -26.71 -8.68 37.65
C THR A 167 -27.17 -7.24 37.53
N PHE A 168 -28.31 -6.88 38.12
CA PHE A 168 -28.81 -5.51 38.05
C PHE A 168 -30.07 -5.42 38.90
N GLU A 169 -30.38 -4.20 39.34
CA GLU A 169 -31.65 -3.91 39.99
C GLU A 169 -31.81 -2.40 40.05
N TYR A 170 -33.01 -1.92 39.72
CA TYR A 170 -33.30 -0.49 39.72
C TYR A 170 -34.72 -0.27 40.21
N VAL A 171 -34.89 0.77 41.02
CA VAL A 171 -36.19 1.16 41.56
C VAL A 171 -36.32 2.67 41.46
N SER A 172 -37.48 3.14 41.01
CA SER A 172 -37.75 4.57 40.94
C SER A 172 -38.46 5.04 42.20
N PHE A 186 -60.23 3.93 25.21
CA PHE A 186 -59.48 4.18 26.43
C PHE A 186 -59.13 5.66 26.56
N LYS A 187 -58.39 6.00 27.61
CA LYS A 187 -57.95 7.36 27.86
C LYS A 187 -56.46 7.58 27.64
N ASN A 188 -55.63 6.57 27.90
CA ASN A 188 -54.19 6.71 27.79
C ASN A 188 -53.70 5.85 26.63
N LEU A 189 -52.92 6.44 25.74
CA LEU A 189 -52.18 5.68 24.74
C LEU A 189 -50.71 5.72 25.14
N ARG A 190 -50.19 4.58 25.59
CA ARG A 190 -48.82 4.47 26.04
C ARG A 190 -48.07 3.65 25.00
N GLU A 191 -47.25 4.32 24.19
CA GLU A 191 -46.44 3.66 23.19
C GLU A 191 -45.03 3.51 23.73
N PHE A 192 -44.38 2.41 23.41
CA PHE A 192 -43.04 2.14 23.89
C PHE A 192 -42.26 1.45 22.78
N VAL A 193 -40.95 1.65 22.79
CA VAL A 193 -40.06 0.95 21.89
C VAL A 193 -38.87 0.44 22.70
N PHE A 194 -38.66 -0.86 22.68
CA PHE A 194 -37.58 -1.49 23.44
C PHE A 194 -36.61 -2.08 22.44
N LYS A 195 -35.31 -1.83 22.63
CA LYS A 195 -34.33 -2.48 21.76
C LYS A 195 -33.03 -2.70 22.51
N ASN A 196 -32.21 -3.61 21.99
CA ASN A 196 -30.93 -3.98 22.57
C ASN A 196 -29.84 -3.71 21.55
N ILE A 197 -28.79 -3.01 21.97
CA ILE A 197 -27.64 -2.74 21.12
C ILE A 197 -26.38 -2.92 21.96
N ASP A 198 -25.59 -3.94 21.61
CA ASP A 198 -24.32 -4.22 22.29
C ASP A 198 -24.51 -4.31 23.80
N GLY A 199 -25.60 -4.94 24.22
CA GLY A 199 -25.89 -5.13 25.62
C GLY A 199 -26.58 -3.98 26.30
N TYR A 200 -26.78 -2.86 25.61
CA TYR A 200 -27.48 -1.71 26.16
C TYR A 200 -28.96 -1.83 25.80
N PHE A 201 -29.81 -1.81 26.82
CA PHE A 201 -31.25 -1.95 26.65
C PHE A 201 -31.85 -0.55 26.67
N LYS A 202 -32.21 -0.05 25.49
CA LYS A 202 -32.76 1.28 25.33
C LYS A 202 -34.29 1.18 25.30
N ILE A 203 -34.93 1.94 26.19
CA ILE A 203 -36.38 2.01 26.29
C ILE A 203 -36.79 3.44 26.00
N TYR A 204 -37.53 3.62 24.90
CA TYR A 204 -38.18 4.88 24.56
C TYR A 204 -39.66 4.75 24.88
N SER A 205 -40.29 5.87 25.22
CA SER A 205 -41.69 5.86 25.59
C SER A 205 -42.35 7.14 25.13
N LYS A 206 -43.67 7.09 25.01
CA LYS A 206 -44.47 8.26 24.70
C LYS A 206 -45.88 8.01 25.21
N HIS A 207 -46.31 8.80 26.18
CA HIS A 207 -47.63 8.67 26.78
C HIS A 207 -48.48 9.86 26.37
N THR A 208 -49.61 9.58 25.73
CA THR A 208 -50.44 10.66 25.20
C THR A 208 -51.91 10.45 25.56
N PRO A 209 -52.64 11.52 25.87
CA PRO A 209 -54.09 11.38 26.05
C PRO A 209 -54.76 11.01 24.75
N ILE A 210 -55.84 10.23 24.85
CA ILE A 210 -56.54 9.73 23.68
C ILE A 210 -58.01 9.53 24.02
N ASN A 211 -58.84 9.59 22.97
CA ASN A 211 -60.26 9.23 23.06
C ASN A 211 -60.53 8.24 21.92
N LEU A 212 -60.23 6.97 22.18
CA LEU A 212 -60.44 5.91 21.19
C LEU A 212 -60.16 4.57 21.86
N VAL A 213 -61.05 3.61 21.64
CA VAL A 213 -60.94 2.29 22.24
C VAL A 213 -60.72 1.20 21.20
N ARG A 214 -60.94 1.52 19.93
CA ARG A 214 -60.91 0.49 18.90
C ARG A 214 -59.50 0.19 18.42
N ASP A 215 -58.81 1.18 17.85
CA ASP A 215 -57.53 0.92 17.18
C ASP A 215 -56.58 2.08 17.51
N LEU A 216 -55.38 2.00 16.95
CA LEU A 216 -54.39 3.04 17.17
C LEU A 216 -54.89 4.37 16.58
N PRO A 217 -54.95 5.43 17.37
CA PRO A 217 -55.31 6.74 16.79
C PRO A 217 -54.32 7.13 15.71
N GLN A 218 -54.85 7.73 14.64
CA GLN A 218 -54.04 8.10 13.50
C GLN A 218 -53.48 9.51 13.69
N GLY A 219 -52.18 9.63 13.48
CA GLY A 219 -51.49 10.89 13.69
C GLY A 219 -49.99 10.62 13.77
N PHE A 220 -49.26 11.68 14.10
CA PHE A 220 -47.80 11.59 14.23
C PHE A 220 -47.37 12.12 15.58
N SER A 221 -46.50 11.36 16.27
CA SER A 221 -45.94 11.79 17.54
C SER A 221 -44.67 10.99 17.79
N ALA A 222 -43.58 11.70 18.07
CA ALA A 222 -42.28 11.07 18.26
C ALA A 222 -42.17 10.47 19.64
N LEU A 223 -41.19 9.58 19.81
CA LEU A 223 -40.92 8.90 21.07
C LEU A 223 -39.54 9.32 21.56
N GLU A 224 -39.47 9.76 22.82
CA GLU A 224 -38.21 10.19 23.40
C GLU A 224 -37.66 9.16 24.38
N PRO A 225 -36.35 8.99 24.44
CA PRO A 225 -35.78 7.94 25.31
C PRO A 225 -36.12 8.20 26.77
N LEU A 226 -36.27 7.11 27.51
CA LEU A 226 -36.48 7.18 28.95
C LEU A 226 -35.46 6.38 29.75
N VAL A 227 -34.94 5.27 29.21
CA VAL A 227 -34.01 4.47 29.99
C VAL A 227 -32.95 3.84 29.09
N ASP A 228 -31.76 3.66 29.66
CA ASP A 228 -30.69 2.87 29.03
C ASP A 228 -30.09 1.99 30.13
N LEU A 229 -30.45 0.72 30.12
CA LEU A 229 -29.99 -0.23 31.14
C LEU A 229 -28.79 -0.99 30.62
N PRO A 230 -27.70 -1.11 31.38
CA PRO A 230 -26.59 -1.99 30.96
C PRO A 230 -26.76 -3.42 31.47
N ILE A 231 -27.67 -4.17 30.85
CA ILE A 231 -27.95 -5.53 31.30
C ILE A 231 -27.08 -6.54 30.56
N GLY A 232 -26.87 -6.35 29.26
CA GLY A 232 -26.02 -7.26 28.51
C GLY A 232 -26.56 -8.67 28.37
N ILE A 233 -27.84 -8.82 28.07
CA ILE A 233 -28.49 -10.13 27.99
C ILE A 233 -28.93 -10.39 26.56
N ASN A 234 -28.59 -11.57 26.05
CA ASN A 234 -29.11 -12.02 24.76
C ASN A 234 -30.62 -12.24 24.89
N ILE A 235 -31.39 -11.36 24.27
CA ILE A 235 -32.85 -11.41 24.36
C ILE A 235 -33.40 -11.87 23.02
N THR A 236 -34.31 -12.84 23.06
CA THR A 236 -34.98 -13.34 21.87
C THR A 236 -36.49 -13.53 22.02
N ARG A 237 -37.02 -13.42 23.24
CA ARG A 237 -38.46 -13.57 23.47
C ARG A 237 -38.89 -12.57 24.53
N PHE A 238 -40.21 -12.37 24.63
CA PHE A 238 -40.76 -11.52 25.67
C PHE A 238 -42.23 -11.82 25.85
N GLN A 239 -42.82 -11.24 26.90
CA GLN A 239 -44.21 -11.46 27.25
C GLN A 239 -44.77 -10.19 27.85
N THR A 240 -46.06 -10.22 28.19
CA THR A 240 -46.69 -9.12 28.89
C THR A 240 -47.23 -9.57 30.24
N LEU A 241 -47.38 -8.61 31.15
CA LEU A 241 -47.84 -8.85 32.51
C LEU A 241 -49.05 -7.98 32.77
N LEU A 242 -50.13 -8.60 33.23
CA LEU A 242 -51.42 -7.94 33.38
C LEU A 242 -51.90 -8.02 34.82
N ALA A 243 -52.60 -6.98 35.25
CA ALA A 243 -53.14 -6.92 36.60
C ALA A 243 -54.52 -7.59 36.61
N LEU A 244 -54.63 -8.68 37.37
CA LEU A 244 -55.85 -9.47 37.42
C LEU A 244 -56.52 -9.30 38.78
N HIS A 245 -57.82 -9.04 38.75
CA HIS A 245 -58.60 -8.87 39.97
C HIS A 245 -59.10 -10.22 40.48
N ALA A 263 -58.01 -4.82 28.24
CA ALA A 263 -56.75 -4.11 28.05
C ALA A 263 -56.00 -4.62 26.83
N ALA A 264 -56.50 -4.26 25.65
CA ALA A 264 -55.88 -4.69 24.41
C ALA A 264 -54.60 -3.91 24.14
N TYR A 265 -53.68 -4.54 23.43
CA TYR A 265 -52.44 -3.89 23.05
C TYR A 265 -52.04 -4.32 21.64
N TYR A 266 -50.99 -3.71 21.14
CA TYR A 266 -50.49 -3.96 19.79
C TYR A 266 -48.99 -4.17 19.84
N VAL A 267 -48.52 -5.12 19.05
CA VAL A 267 -47.10 -5.43 18.94
C VAL A 267 -46.69 -5.25 17.49
N GLY A 268 -45.64 -4.46 17.27
CA GLY A 268 -45.01 -4.35 15.97
C GLY A 268 -43.52 -4.62 16.11
N TYR A 269 -42.87 -4.87 14.98
CA TYR A 269 -41.46 -5.23 14.97
C TYR A 269 -40.68 -4.22 14.16
N LEU A 270 -39.55 -3.79 14.71
CA LEU A 270 -38.70 -2.81 14.05
C LEU A 270 -37.85 -3.49 12.99
N GLN A 271 -37.53 -2.73 11.95
CA GLN A 271 -36.71 -3.19 10.85
C GLN A 271 -35.66 -2.13 10.54
N PRO A 272 -34.53 -2.53 9.96
CA PRO A 272 -33.49 -1.54 9.64
C PRO A 272 -33.85 -0.68 8.45
N ARG A 273 -34.66 0.35 8.68
CA ARG A 273 -35.13 1.21 7.60
C ARG A 273 -34.39 2.53 7.60
N THR A 274 -34.45 3.21 6.44
CA THR A 274 -33.88 4.53 6.28
C THR A 274 -35.01 5.55 6.26
N PHE A 275 -35.03 6.43 7.26
CA PHE A 275 -36.08 7.41 7.43
C PHE A 275 -35.52 8.81 7.26
N LEU A 276 -36.25 9.66 6.56
CA LEU A 276 -35.97 11.09 6.49
C LEU A 276 -36.85 11.76 7.54
N LEU A 277 -36.21 12.26 8.60
CA LEU A 277 -36.92 12.88 9.71
C LEU A 277 -36.81 14.40 9.59
N LYS A 278 -37.90 15.09 9.92
CA LYS A 278 -37.93 16.55 9.85
C LYS A 278 -37.93 17.09 11.28
N TYR A 279 -36.91 17.86 11.63
CA TYR A 279 -36.81 18.52 12.92
C TYR A 279 -37.19 19.99 12.76
N ASN A 280 -38.11 20.46 13.59
CA ASN A 280 -38.54 21.85 13.54
C ASN A 280 -37.55 22.73 14.30
N GLU A 281 -37.95 23.97 14.61
CA GLU A 281 -37.03 24.91 15.22
C GLU A 281 -36.54 24.45 16.59
N ASN A 282 -37.42 23.91 17.42
CA ASN A 282 -37.08 23.53 18.78
C ASN A 282 -36.43 22.15 18.88
N GLY A 283 -36.27 21.46 17.76
CA GLY A 283 -35.63 20.15 17.77
C GLY A 283 -36.57 18.98 17.90
N THR A 284 -37.87 19.18 17.69
CA THR A 284 -38.86 18.12 17.78
C THR A 284 -39.13 17.56 16.39
N ILE A 285 -39.33 16.25 16.31
CA ILE A 285 -39.64 15.60 15.04
C ILE A 285 -41.12 15.82 14.74
N THR A 286 -41.40 16.62 13.71
CA THR A 286 -42.77 16.91 13.32
C THR A 286 -43.25 16.09 12.14
N ASP A 287 -42.36 15.41 11.41
CA ASP A 287 -42.77 14.61 10.28
C ASP A 287 -41.65 13.64 9.92
N ALA A 288 -42.01 12.60 9.18
CA ALA A 288 -41.03 11.61 8.76
C ALA A 288 -41.50 11.00 7.45
N VAL A 289 -40.53 10.45 6.70
CA VAL A 289 -40.80 9.80 5.43
C VAL A 289 -39.97 8.52 5.37
N ASP A 290 -40.58 7.44 4.90
CA ASP A 290 -39.88 6.17 4.76
C ASP A 290 -39.38 6.05 3.32
N CYS A 291 -38.08 5.89 3.15
CA CYS A 291 -37.48 5.85 1.82
C CYS A 291 -37.80 4.59 1.05
N ALA A 292 -38.67 3.70 1.50
CA ALA A 292 -38.99 2.51 0.72
C ALA A 292 -40.49 2.23 0.66
N LEU A 293 -41.33 3.13 1.20
CA LEU A 293 -42.77 2.86 1.22
C LEU A 293 -43.34 2.81 -0.20
N ASP A 294 -42.90 3.69 -1.08
CA ASP A 294 -43.44 3.78 -2.42
C ASP A 294 -42.55 4.73 -3.23
N PRO A 295 -42.73 4.77 -4.55
CA PRO A 295 -41.84 5.63 -5.37
C PRO A 295 -41.83 7.08 -4.95
N LEU A 296 -42.97 7.65 -4.55
CA LEU A 296 -42.98 9.04 -4.14
C LEU A 296 -42.06 9.28 -2.95
N SER A 297 -42.09 8.38 -1.97
CA SER A 297 -41.23 8.54 -0.81
C SER A 297 -39.76 8.39 -1.18
N GLU A 298 -39.45 7.48 -2.10
CA GLU A 298 -38.08 7.36 -2.56
C GLU A 298 -37.62 8.64 -3.22
N THR A 299 -38.49 9.25 -4.03
CA THR A 299 -38.15 10.54 -4.64
C THR A 299 -37.90 11.60 -3.57
N LYS A 300 -38.76 11.63 -2.55
CA LYS A 300 -38.58 12.60 -1.47
C LYS A 300 -37.24 12.41 -0.78
N CYS A 301 -36.88 11.17 -0.48
CA CYS A 301 -35.60 10.92 0.16
C CYS A 301 -34.45 11.32 -0.75
N THR A 302 -34.56 11.04 -2.04
CA THR A 302 -33.51 11.41 -2.98
C THR A 302 -33.31 12.92 -3.01
N LEU A 303 -34.41 13.67 -2.98
CA LEU A 303 -34.33 15.13 -3.01
C LEU A 303 -34.14 15.75 -1.64
N LYS A 304 -34.13 14.95 -0.58
CA LYS A 304 -33.97 15.46 0.78
C LYS A 304 -35.00 16.56 1.06
N SER A 305 -36.23 16.32 0.61
CA SER A 305 -37.29 17.30 0.79
C SER A 305 -38.63 16.60 0.89
N PHE A 306 -39.59 17.28 1.53
CA PHE A 306 -40.95 16.77 1.67
C PHE A 306 -41.88 17.28 0.59
N THR A 307 -41.45 18.25 -0.21
CA THR A 307 -42.22 18.77 -1.32
C THR A 307 -41.44 18.51 -2.60
N VAL A 308 -42.06 17.77 -3.53
CA VAL A 308 -41.42 17.40 -4.78
C VAL A 308 -41.99 18.29 -5.87
N GLU A 309 -41.12 19.07 -6.51
CA GLU A 309 -41.56 19.95 -7.57
C GLU A 309 -42.01 19.14 -8.79
N LYS A 310 -42.93 19.71 -9.53
CA LYS A 310 -43.44 19.05 -10.72
C LYS A 310 -42.30 18.76 -11.69
N GLY A 311 -42.25 17.52 -12.18
CA GLY A 311 -41.18 17.10 -13.06
C GLY A 311 -40.94 15.62 -12.91
N ILE A 312 -39.79 15.18 -13.41
CA ILE A 312 -39.38 13.78 -13.38
C ILE A 312 -38.05 13.69 -12.66
N TYR A 313 -37.94 12.75 -11.73
CA TYR A 313 -36.72 12.54 -10.96
C TYR A 313 -36.29 11.09 -11.07
N GLN A 314 -34.98 10.86 -11.03
CA GLN A 314 -34.43 9.51 -11.04
C GLN A 314 -34.21 9.07 -9.61
N THR A 315 -34.83 7.95 -9.23
CA THR A 315 -34.78 7.46 -7.86
C THR A 315 -33.67 6.42 -7.68
N SER A 316 -33.68 5.35 -8.46
CA SER A 316 -32.78 4.24 -8.21
C SER A 316 -32.22 3.67 -9.51
N ASN A 317 -31.32 2.70 -9.35
CA ASN A 317 -30.90 1.86 -10.46
C ASN A 317 -31.76 0.61 -10.49
N PHE A 318 -31.52 -0.26 -11.46
CA PHE A 318 -32.30 -1.48 -11.56
C PHE A 318 -31.54 -2.49 -12.41
N ARG A 319 -31.33 -3.68 -11.87
CA ARG A 319 -30.60 -4.74 -12.55
C ARG A 319 -31.41 -6.03 -12.47
N VAL A 320 -31.41 -6.79 -13.57
CA VAL A 320 -32.11 -8.07 -13.59
C VAL A 320 -31.12 -9.17 -13.22
N GLN A 321 -31.33 -9.81 -12.07
CA GLN A 321 -30.41 -10.85 -11.67
C GLN A 321 -30.66 -12.13 -12.46
N PRO A 322 -29.62 -12.89 -12.78
CA PRO A 322 -29.82 -14.13 -13.53
C PRO A 322 -30.61 -15.15 -12.72
N THR A 323 -31.35 -15.99 -13.44
CA THR A 323 -32.22 -16.98 -12.81
C THR A 323 -31.52 -18.31 -12.55
N GLU A 324 -31.02 -18.98 -13.59
CA GLU A 324 -30.41 -20.29 -13.43
C GLU A 324 -29.16 -20.34 -14.28
N SER A 325 -28.22 -21.20 -13.86
CA SER A 325 -26.94 -21.33 -14.52
C SER A 325 -26.99 -22.41 -15.60
N ILE A 326 -26.35 -22.13 -16.72
CA ILE A 326 -26.31 -23.03 -17.87
C ILE A 326 -24.86 -23.43 -18.09
N VAL A 327 -24.60 -24.73 -18.10
CA VAL A 327 -23.27 -25.28 -18.33
C VAL A 327 -23.37 -26.24 -19.51
N ARG A 328 -22.53 -26.04 -20.51
CA ARG A 328 -22.52 -26.85 -21.72
C ARG A 328 -21.10 -27.30 -22.02
N PHE A 329 -20.96 -28.54 -22.47
CA PHE A 329 -19.70 -29.07 -22.97
C PHE A 329 -20.01 -30.06 -24.08
N PRO A 330 -19.07 -30.26 -25.02
CA PRO A 330 -19.33 -31.21 -26.10
C PRO A 330 -19.55 -32.61 -25.53
N ASN A 331 -20.67 -33.22 -25.91
CA ASN A 331 -21.04 -34.51 -25.35
C ASN A 331 -20.02 -35.55 -25.78
N ILE A 332 -19.63 -36.40 -24.83
CA ILE A 332 -18.55 -37.35 -25.01
C ILE A 332 -18.76 -38.15 -26.29
N THR A 333 -17.70 -38.32 -27.06
CA THR A 333 -17.75 -39.09 -28.29
C THR A 333 -16.74 -40.24 -28.23
N ASN A 334 -15.56 -39.96 -27.69
CA ASN A 334 -14.49 -40.95 -27.57
C ASN A 334 -14.42 -41.40 -26.12
N LEU A 335 -14.78 -42.64 -25.87
CA LEU A 335 -14.67 -43.22 -24.53
C LEU A 335 -13.44 -44.12 -24.46
N CYS A 336 -12.66 -43.94 -23.41
CA CYS A 336 -11.44 -44.71 -23.28
C CYS A 336 -11.76 -46.20 -23.27
N PRO A 337 -11.10 -47.00 -24.11
CA PRO A 337 -11.52 -48.41 -24.29
C PRO A 337 -11.10 -49.31 -23.13
N PHE A 338 -11.68 -49.07 -21.96
CA PHE A 338 -11.50 -49.99 -20.84
C PHE A 338 -12.31 -51.26 -21.02
N GLY A 339 -13.44 -51.19 -21.73
CA GLY A 339 -14.27 -52.37 -21.89
C GLY A 339 -13.49 -53.53 -22.50
N GLU A 340 -12.65 -53.25 -23.49
CA GLU A 340 -11.88 -54.30 -24.15
C GLU A 340 -10.68 -54.75 -23.33
N VAL A 341 -10.35 -54.06 -22.24
CA VAL A 341 -9.26 -54.47 -21.37
C VAL A 341 -9.75 -55.48 -20.34
N PHE A 342 -10.88 -55.18 -19.68
CA PHE A 342 -11.43 -56.10 -18.69
C PHE A 342 -12.13 -57.28 -19.36
N ASN A 343 -12.74 -57.05 -20.53
CA ASN A 343 -13.54 -58.07 -21.20
C ASN A 343 -12.83 -58.66 -22.41
N ALA A 344 -11.50 -58.63 -22.45
CA ALA A 344 -10.78 -59.25 -23.56
C ALA A 344 -11.08 -60.75 -23.60
N THR A 345 -11.23 -61.28 -24.82
CA THR A 345 -11.55 -62.69 -24.96
C THR A 345 -10.46 -63.57 -24.37
N ARG A 346 -9.20 -63.25 -24.66
CA ARG A 346 -8.07 -64.01 -24.15
C ARG A 346 -7.02 -63.04 -23.61
N PHE A 347 -6.36 -63.45 -22.54
CA PHE A 347 -5.38 -62.63 -21.85
C PHE A 347 -3.96 -63.11 -22.19
N ALA A 348 -2.99 -62.36 -21.68
CA ALA A 348 -1.59 -62.63 -21.96
C ALA A 348 -0.91 -63.23 -20.73
N SER A 349 0.11 -64.04 -21.00
CA SER A 349 0.87 -64.68 -19.94
C SER A 349 1.64 -63.63 -19.14
N VAL A 350 1.94 -63.98 -17.88
CA VAL A 350 2.50 -62.99 -16.97
C VAL A 350 3.85 -62.49 -17.47
N TYR A 351 4.71 -63.38 -17.95
CA TYR A 351 6.03 -62.94 -18.41
C TYR A 351 5.88 -61.97 -19.60
N ALA A 352 4.99 -62.28 -20.52
CA ALA A 352 4.65 -61.35 -21.60
C ALA A 352 3.39 -60.57 -21.23
N TRP A 353 3.40 -59.90 -20.09
CA TRP A 353 2.22 -59.19 -19.64
C TRP A 353 1.83 -58.12 -20.65
N ASN A 354 0.56 -58.12 -21.03
CA ASN A 354 0.09 -57.29 -22.13
C ASN A 354 -0.14 -55.87 -21.65
N ARG A 355 0.49 -54.92 -22.35
CA ARG A 355 0.35 -53.51 -22.03
C ARG A 355 -0.58 -52.86 -23.03
N LYS A 356 -1.55 -52.11 -22.53
CA LYS A 356 -2.44 -51.29 -23.34
C LYS A 356 -2.28 -49.85 -22.88
N ARG A 357 -2.44 -48.90 -23.80
CA ARG A 357 -2.24 -47.49 -23.51
C ARG A 357 -3.55 -46.75 -23.65
N ILE A 358 -3.76 -45.75 -22.80
CA ILE A 358 -4.98 -44.94 -22.81
C ILE A 358 -4.54 -43.48 -22.75
N SER A 359 -4.94 -42.72 -23.76
CA SER A 359 -4.64 -41.30 -23.83
C SER A 359 -5.55 -40.66 -24.86
N ASN A 360 -5.78 -39.36 -24.73
CA ASN A 360 -6.62 -38.60 -25.65
C ASN A 360 -8.01 -39.23 -25.75
N CYS A 361 -8.64 -39.38 -24.58
CA CYS A 361 -9.98 -39.92 -24.48
C CYS A 361 -10.53 -39.62 -23.11
N VAL A 362 -11.85 -39.51 -22.99
CA VAL A 362 -12.47 -39.30 -21.71
C VAL A 362 -12.58 -40.64 -20.99
N ALA A 363 -11.97 -40.74 -19.82
CA ALA A 363 -11.90 -41.99 -19.07
C ALA A 363 -13.14 -42.12 -18.20
N ASP A 364 -14.02 -43.06 -18.55
CA ASP A 364 -15.22 -43.33 -17.77
C ASP A 364 -14.89 -44.46 -16.79
N TYR A 365 -14.88 -44.12 -15.50
CA TYR A 365 -14.56 -45.08 -14.46
C TYR A 365 -15.78 -45.80 -13.93
N SER A 366 -16.95 -45.59 -14.52
CA SER A 366 -18.15 -46.27 -14.08
C SER A 366 -18.03 -47.79 -14.18
N VAL A 367 -17.18 -48.29 -15.08
CA VAL A 367 -16.99 -49.73 -15.19
C VAL A 367 -16.32 -50.32 -13.96
N LEU A 368 -15.45 -49.56 -13.28
CA LEU A 368 -14.85 -50.02 -12.04
C LEU A 368 -15.83 -49.95 -10.88
N TYR A 369 -16.80 -49.03 -10.93
CA TYR A 369 -17.74 -48.88 -9.84
C TYR A 369 -18.87 -49.89 -9.92
N ASN A 370 -19.58 -49.92 -11.05
CA ASN A 370 -20.74 -50.80 -11.17
C ASN A 370 -20.33 -52.26 -11.01
N SER A 371 -19.22 -52.66 -11.62
CA SER A 371 -18.75 -54.03 -11.54
C SER A 371 -18.31 -54.32 -10.11
N ALA A 372 -19.12 -55.09 -9.39
CA ALA A 372 -18.79 -55.51 -8.04
C ALA A 372 -18.11 -56.87 -8.00
N SER A 373 -17.83 -57.47 -9.16
CA SER A 373 -17.22 -58.80 -9.23
C SER A 373 -15.71 -58.77 -9.07
N PHE A 374 -15.13 -57.65 -8.65
CA PHE A 374 -13.69 -57.57 -8.46
C PHE A 374 -13.32 -58.17 -7.12
N SER A 375 -12.59 -59.29 -7.17
CA SER A 375 -12.22 -60.03 -5.97
C SER A 375 -11.32 -59.21 -5.06
N THR A 376 -10.34 -58.52 -5.63
CA THR A 376 -9.41 -57.70 -4.87
C THR A 376 -9.14 -56.40 -5.62
N PHE A 377 -8.96 -55.32 -4.87
CA PHE A 377 -8.85 -53.97 -5.45
C PHE A 377 -8.09 -53.13 -4.44
N LYS A 378 -6.94 -52.58 -4.85
CA LYS A 378 -6.13 -51.75 -3.97
C LYS A 378 -5.53 -50.61 -4.78
N CYS A 379 -5.68 -49.38 -4.29
CA CYS A 379 -5.11 -48.23 -4.96
C CYS A 379 -3.99 -47.64 -4.10
N TYR A 380 -2.91 -47.25 -4.77
CA TYR A 380 -1.76 -46.61 -4.14
C TYR A 380 -1.60 -45.23 -4.74
N GLY A 381 -1.35 -44.25 -3.89
CA GLY A 381 -1.07 -42.90 -4.33
C GLY A 381 -2.27 -42.07 -4.71
N VAL A 382 -3.35 -42.68 -5.22
CA VAL A 382 -4.51 -41.94 -5.66
C VAL A 382 -5.75 -42.68 -5.19
N SER A 383 -6.74 -41.92 -4.72
CA SER A 383 -7.96 -42.52 -4.19
C SER A 383 -9.02 -42.62 -5.29
N PRO A 384 -9.60 -43.80 -5.50
CA PRO A 384 -10.54 -43.94 -6.64
C PRO A 384 -11.71 -42.98 -6.58
N THR A 385 -12.18 -42.60 -5.39
CA THR A 385 -13.34 -41.71 -5.31
C THR A 385 -13.04 -40.36 -5.96
N LYS A 386 -11.88 -39.78 -5.67
CA LYS A 386 -11.45 -38.55 -6.34
C LYS A 386 -10.61 -38.85 -7.57
N LEU A 387 -11.13 -39.68 -8.47
CA LEU A 387 -10.42 -40.09 -9.67
C LEU A 387 -11.13 -39.70 -10.95
N ASN A 388 -12.46 -39.63 -10.95
CA ASN A 388 -13.19 -39.30 -12.17
C ASN A 388 -13.31 -37.81 -12.40
N ASP A 389 -12.75 -36.98 -11.52
CA ASP A 389 -12.73 -35.54 -11.73
C ASP A 389 -11.29 -35.03 -11.64
N LEU A 390 -10.35 -35.82 -12.14
CA LEU A 390 -8.95 -35.44 -12.14
C LEU A 390 -8.33 -35.88 -13.45
N CYS A 391 -7.54 -34.99 -14.05
CA CYS A 391 -6.93 -35.24 -15.35
C CYS A 391 -5.56 -35.89 -15.17
N PHE A 392 -5.22 -36.74 -16.14
CA PHE A 392 -3.92 -37.40 -16.17
C PHE A 392 -3.37 -37.31 -17.60
N THR A 393 -2.04 -37.21 -17.69
CA THR A 393 -1.42 -37.19 -19.00
C THR A 393 -1.65 -38.50 -19.74
N ASN A 394 -1.47 -39.63 -19.06
CA ASN A 394 -1.65 -40.92 -19.71
C ASN A 394 -1.99 -41.98 -18.67
N VAL A 395 -2.57 -43.08 -19.15
CA VAL A 395 -2.90 -44.22 -18.31
C VAL A 395 -2.37 -45.47 -18.99
N TYR A 396 -1.77 -46.36 -18.20
CA TYR A 396 -1.27 -47.64 -18.70
C TYR A 396 -2.06 -48.75 -18.04
N ALA A 397 -2.64 -49.63 -18.84
CA ALA A 397 -3.36 -50.80 -18.36
C ALA A 397 -2.51 -52.02 -18.66
N ASP A 398 -1.78 -52.50 -17.67
CA ASP A 398 -0.97 -53.70 -17.80
C ASP A 398 -1.73 -54.88 -17.24
N SER A 399 -2.16 -55.78 -18.13
CA SER A 399 -3.01 -56.89 -17.74
C SER A 399 -2.26 -58.20 -17.93
N PHE A 400 -2.53 -59.15 -17.05
CA PHE A 400 -1.96 -60.50 -17.17
C PHE A 400 -2.74 -61.44 -16.28
N VAL A 401 -2.24 -62.67 -16.13
CA VAL A 401 -2.94 -63.74 -15.43
C VAL A 401 -1.99 -64.39 -14.44
N ILE A 402 -2.49 -64.67 -13.23
CA ILE A 402 -1.73 -65.33 -12.18
C ILE A 402 -2.68 -66.25 -11.43
N ARG A 403 -2.20 -66.82 -10.32
CA ARG A 403 -3.08 -67.53 -9.40
C ARG A 403 -3.32 -66.67 -8.16
N GLY A 404 -4.41 -67.00 -7.45
CA GLY A 404 -4.86 -66.15 -6.36
C GLY A 404 -3.78 -65.92 -5.31
N ASP A 405 -3.07 -66.98 -4.94
CA ASP A 405 -2.04 -66.85 -3.90
C ASP A 405 -1.00 -65.81 -4.26
N GLU A 406 -0.78 -65.57 -5.55
CA GLU A 406 0.22 -64.62 -6.01
C GLU A 406 -0.32 -63.21 -6.20
N VAL A 407 -1.63 -63.01 -6.06
CA VAL A 407 -2.22 -61.69 -6.35
C VAL A 407 -1.64 -60.64 -5.42
N ARG A 408 -1.41 -60.99 -4.16
CA ARG A 408 -0.85 -60.02 -3.22
C ARG A 408 0.54 -59.58 -3.62
N GLN A 409 1.20 -60.30 -4.52
CA GLN A 409 2.58 -60.02 -4.90
C GLN A 409 2.70 -58.89 -5.91
N ILE A 410 1.62 -58.51 -6.59
CA ILE A 410 1.68 -57.45 -7.59
C ILE A 410 1.44 -56.12 -6.90
N ALA A 411 2.50 -55.52 -6.36
CA ALA A 411 2.40 -54.25 -5.66
C ALA A 411 3.81 -53.83 -5.25
N PRO A 412 4.03 -52.54 -5.01
CA PRO A 412 5.36 -52.10 -4.59
C PRO A 412 5.78 -52.78 -3.29
N GLY A 413 7.07 -53.09 -3.18
CA GLY A 413 7.57 -53.74 -1.98
C GLY A 413 7.19 -55.19 -1.84
N GLN A 414 6.83 -55.85 -2.92
CA GLN A 414 6.49 -57.26 -2.91
C GLN A 414 7.65 -58.09 -3.45
N THR A 415 7.70 -59.36 -3.05
CA THR A 415 8.72 -60.29 -3.50
C THR A 415 8.09 -61.63 -3.83
N GLY A 416 8.73 -62.36 -4.72
CA GLY A 416 8.25 -63.65 -5.15
C GLY A 416 8.53 -63.86 -6.63
N LYS A 417 8.13 -65.04 -7.11
CA LYS A 417 8.32 -65.35 -8.53
C LYS A 417 7.64 -64.30 -9.40
N ILE A 418 6.36 -64.04 -9.15
CA ILE A 418 5.62 -63.08 -9.94
C ILE A 418 6.20 -61.68 -9.76
N ALA A 419 6.52 -61.33 -8.51
CA ALA A 419 7.00 -59.99 -8.24
C ALA A 419 8.38 -59.75 -8.83
N ASP A 420 9.23 -60.78 -8.84
CA ASP A 420 10.63 -60.59 -9.18
C ASP A 420 10.97 -60.91 -10.63
N TYR A 421 10.48 -62.03 -11.17
CA TYR A 421 10.94 -62.51 -12.46
C TYR A 421 9.99 -62.22 -13.62
N ASN A 422 8.75 -61.82 -13.35
CA ASN A 422 7.80 -61.62 -14.44
C ASN A 422 7.30 -60.18 -14.50
N TYR A 423 6.90 -59.63 -13.37
CA TYR A 423 6.33 -58.28 -13.34
C TYR A 423 6.75 -57.60 -12.05
N LYS A 424 7.13 -56.33 -12.15
CA LYS A 424 7.58 -55.55 -11.01
C LYS A 424 6.96 -54.16 -11.09
N LEU A 425 6.81 -53.51 -9.93
CA LEU A 425 6.30 -52.15 -9.91
C LEU A 425 7.24 -51.25 -9.13
N PRO A 426 7.27 -49.96 -9.47
CA PRO A 426 8.19 -49.04 -8.77
C PRO A 426 7.73 -48.75 -7.35
N ASP A 427 8.69 -48.32 -6.53
CA ASP A 427 8.36 -48.02 -5.14
C ASP A 427 7.63 -46.69 -4.98
N ASP A 428 7.55 -45.91 -6.06
CA ASP A 428 6.74 -44.70 -6.09
C ASP A 428 5.51 -44.86 -6.99
N PHE A 429 5.01 -46.09 -7.09
CA PHE A 429 3.85 -46.37 -7.93
C PHE A 429 2.66 -45.51 -7.51
N THR A 430 1.93 -45.01 -8.49
CA THR A 430 0.73 -44.22 -8.26
C THR A 430 -0.36 -44.73 -9.21
N GLY A 431 -1.18 -45.66 -8.73
CA GLY A 431 -2.20 -46.24 -9.58
C GLY A 431 -3.12 -47.11 -8.77
N CYS A 432 -3.64 -48.15 -9.43
CA CYS A 432 -4.53 -49.10 -8.79
C CYS A 432 -4.26 -50.49 -9.36
N VAL A 433 -4.62 -51.49 -8.56
CA VAL A 433 -4.42 -52.90 -8.92
C VAL A 433 -5.75 -53.59 -8.68
N ILE A 434 -6.20 -54.35 -9.68
CA ILE A 434 -7.49 -55.02 -9.65
C ILE A 434 -7.27 -56.48 -10.00
N ALA A 435 -7.98 -57.38 -9.35
CA ALA A 435 -7.82 -58.80 -9.61
C ALA A 435 -9.14 -59.51 -9.40
N TRP A 436 -9.49 -60.37 -10.36
CA TRP A 436 -10.73 -61.14 -10.24
C TRP A 436 -10.57 -62.51 -10.87
N ASN A 437 -11.32 -63.47 -10.33
CA ASN A 437 -11.19 -64.87 -10.75
C ASN A 437 -11.65 -65.03 -12.19
N SER A 438 -11.06 -66.02 -12.88
CA SER A 438 -11.45 -66.39 -14.24
C SER A 438 -11.48 -67.91 -14.41
N ASN A 439 -11.91 -68.63 -13.37
CA ASN A 439 -11.90 -70.08 -13.43
C ASN A 439 -12.82 -70.60 -14.53
N ASN A 440 -13.98 -69.99 -14.70
CA ASN A 440 -14.93 -70.46 -15.72
C ASN A 440 -14.34 -70.33 -17.11
N LEU A 441 -13.39 -69.42 -17.31
CA LEU A 441 -12.82 -69.16 -18.63
C LEU A 441 -11.42 -69.74 -18.80
N ASP A 442 -10.60 -69.72 -17.74
CA ASP A 442 -9.20 -70.11 -17.81
C ASP A 442 -8.95 -71.49 -17.21
N SER A 443 -9.88 -72.43 -17.39
CA SER A 443 -9.72 -73.78 -16.88
C SER A 443 -10.24 -74.78 -17.91
N LYS A 444 -9.60 -75.94 -17.96
CA LYS A 444 -9.99 -77.02 -18.85
C LYS A 444 -10.08 -78.33 -18.07
N VAL A 445 -10.92 -79.24 -18.56
CA VAL A 445 -11.08 -80.53 -17.90
C VAL A 445 -9.75 -81.27 -17.82
N GLY A 446 -8.97 -81.22 -18.89
CA GLY A 446 -7.65 -81.82 -18.92
C GLY A 446 -6.55 -80.90 -18.42
N GLY A 447 -6.90 -79.73 -17.90
CA GLY A 447 -5.91 -78.79 -17.42
C GLY A 447 -5.50 -77.78 -18.46
N ASN A 448 -5.73 -76.50 -18.18
CA ASN A 448 -5.36 -75.43 -19.10
C ASN A 448 -3.91 -75.02 -18.81
N TYR A 449 -3.03 -75.22 -19.78
CA TYR A 449 -1.61 -74.93 -19.64
C TYR A 449 -1.16 -73.80 -20.56
N ASN A 450 -2.10 -72.97 -21.03
CA ASN A 450 -1.75 -71.89 -21.95
C ASN A 450 -1.15 -70.69 -21.24
N TYR A 451 -1.18 -70.65 -19.92
CA TYR A 451 -0.62 -69.55 -19.15
C TYR A 451 0.76 -69.96 -18.64
N LEU A 452 1.78 -69.17 -18.99
CA LEU A 452 3.15 -69.45 -18.62
C LEU A 452 3.70 -68.31 -17.77
N TYR A 453 4.71 -68.63 -16.97
CA TYR A 453 5.35 -67.63 -16.12
C TYR A 453 6.82 -67.99 -15.98
N ARG A 454 7.65 -66.95 -15.84
CA ARG A 454 9.08 -67.14 -15.72
C ARG A 454 9.41 -67.69 -14.34
N LEU A 455 10.02 -68.87 -14.31
CA LEU A 455 10.36 -69.55 -13.07
C LEU A 455 11.77 -69.25 -12.59
N PHE A 456 12.71 -69.03 -13.51
CA PHE A 456 14.08 -68.70 -13.16
C PHE A 456 14.54 -67.48 -13.97
N ARG A 457 15.36 -66.65 -13.33
CA ARG A 457 15.98 -65.53 -14.02
C ARG A 457 17.19 -65.09 -13.21
N LYS A 458 18.25 -64.68 -13.93
CA LYS A 458 19.50 -64.33 -13.28
C LYS A 458 19.41 -63.03 -12.48
N SER A 459 18.39 -62.22 -12.71
CA SER A 459 18.25 -60.96 -11.99
C SER A 459 16.78 -60.60 -11.88
N ASN A 460 16.46 -59.78 -10.88
CA ASN A 460 15.11 -59.29 -10.70
C ASN A 460 14.81 -58.18 -11.70
N LEU A 461 13.59 -58.19 -12.24
CA LEU A 461 13.23 -57.24 -13.28
C LEU A 461 13.22 -55.82 -12.74
N LYS A 462 13.58 -54.88 -13.61
CA LYS A 462 13.48 -53.46 -13.31
C LYS A 462 12.02 -53.01 -13.43
N PRO A 463 11.69 -51.85 -12.87
CA PRO A 463 10.29 -51.39 -12.93
C PRO A 463 9.78 -51.35 -14.36
N PHE A 464 8.57 -51.89 -14.55
CA PHE A 464 7.92 -51.94 -15.86
C PHE A 464 8.86 -52.51 -16.92
N GLU A 465 9.46 -53.66 -16.63
CA GLU A 465 10.33 -54.35 -17.57
C GLU A 465 9.66 -55.61 -18.06
N ARG A 466 9.69 -55.82 -19.38
CA ARG A 466 9.06 -56.97 -20.02
C ARG A 466 10.17 -57.86 -20.57
N ASP A 467 10.26 -59.08 -20.03
CA ASP A 467 11.24 -60.07 -20.46
C ASP A 467 10.50 -61.29 -21.01
N ILE A 468 10.84 -61.68 -22.23
CA ILE A 468 10.23 -62.83 -22.89
C ILE A 468 11.28 -63.81 -23.42
N SER A 469 12.54 -63.63 -23.04
CA SER A 469 13.59 -64.53 -23.53
C SER A 469 13.39 -65.93 -22.97
N THR A 470 13.66 -66.92 -23.80
CA THR A 470 13.56 -68.33 -23.42
C THR A 470 14.93 -68.96 -23.23
N GLU A 471 15.92 -68.16 -22.85
CA GLU A 471 17.27 -68.67 -22.65
C GLU A 471 17.27 -69.76 -21.59
N ILE A 472 18.04 -70.82 -21.83
CA ILE A 472 18.15 -71.91 -20.87
C ILE A 472 18.83 -71.38 -19.62
N TYR A 473 18.15 -71.51 -18.48
CA TYR A 473 18.68 -71.00 -17.23
C TYR A 473 19.84 -71.88 -16.76
N GLN A 474 20.96 -71.25 -16.41
CA GLN A 474 22.13 -71.95 -15.90
C GLN A 474 22.05 -71.97 -14.38
N ALA A 475 21.67 -73.13 -13.82
CA ALA A 475 21.57 -73.28 -12.38
C ALA A 475 22.84 -73.82 -11.75
N GLY A 476 23.80 -74.28 -12.55
CA GLY A 476 25.02 -74.85 -12.02
C GLY A 476 26.27 -74.27 -12.62
N SER A 477 27.43 -74.83 -12.26
CA SER A 477 28.70 -74.34 -12.80
C SER A 477 28.82 -74.58 -14.29
N THR A 478 28.34 -75.72 -14.77
CA THR A 478 28.48 -76.07 -16.18
C THR A 478 27.65 -75.12 -17.03
N PRO A 479 28.24 -74.39 -17.96
CA PRO A 479 27.44 -73.51 -18.84
C PRO A 479 26.45 -74.32 -19.66
N CYS A 480 25.27 -73.75 -19.86
CA CYS A 480 24.24 -74.37 -20.70
C CYS A 480 24.30 -73.72 -22.08
N ASN A 481 24.85 -74.43 -23.06
CA ASN A 481 25.00 -73.90 -24.40
C ASN A 481 23.76 -74.14 -25.25
N GLY A 482 22.62 -73.66 -24.76
CA GLY A 482 21.35 -73.82 -25.45
C GLY A 482 20.71 -75.18 -25.30
N VAL A 483 21.30 -76.07 -24.51
CA VAL A 483 20.79 -77.43 -24.33
C VAL A 483 20.36 -77.61 -22.89
N GLU A 484 19.28 -78.36 -22.70
CA GLU A 484 18.75 -78.65 -21.38
C GLU A 484 19.38 -79.92 -20.83
N GLY A 485 19.28 -80.09 -19.52
CA GLY A 485 19.83 -81.24 -18.84
C GLY A 485 20.24 -80.87 -17.43
N PHE A 486 21.38 -81.42 -17.00
CA PHE A 486 21.88 -81.21 -15.65
C PHE A 486 22.09 -79.72 -15.39
N ASN A 487 21.32 -79.16 -14.45
CA ASN A 487 21.41 -77.74 -14.11
C ASN A 487 21.17 -76.86 -15.33
N CYS A 488 20.27 -77.28 -16.22
CA CYS A 488 19.89 -76.50 -17.40
C CYS A 488 18.39 -76.70 -17.59
N TYR A 489 17.60 -75.77 -17.05
CA TYR A 489 16.16 -75.86 -17.03
C TYR A 489 15.54 -74.74 -17.85
N PHE A 490 14.37 -75.02 -18.42
CA PHE A 490 13.66 -74.02 -19.19
C PHE A 490 13.11 -72.93 -18.25
N PRO A 491 13.34 -71.65 -18.56
CA PRO A 491 12.97 -70.61 -17.59
C PRO A 491 11.47 -70.50 -17.33
N LEU A 492 10.63 -71.01 -18.22
CA LEU A 492 9.18 -70.81 -18.13
C LEU A 492 8.49 -72.08 -17.66
N GLN A 493 7.43 -71.91 -16.88
CA GLN A 493 6.60 -73.02 -16.42
C GLN A 493 5.13 -72.66 -16.60
N SER A 494 4.31 -73.68 -16.83
CA SER A 494 2.90 -73.49 -17.13
C SER A 494 2.04 -73.73 -15.89
N TYR A 495 1.02 -72.90 -15.72
CA TYR A 495 0.08 -73.09 -14.63
C TYR A 495 -0.76 -74.34 -14.83
N GLY A 496 -1.20 -74.92 -13.72
CA GLY A 496 -2.17 -76.01 -13.77
C GLY A 496 -3.55 -75.51 -13.41
N PHE A 497 -4.40 -75.29 -14.42
CA PHE A 497 -5.72 -74.73 -14.22
C PHE A 497 -6.76 -75.79 -14.60
N GLN A 498 -7.48 -76.29 -13.60
CA GLN A 498 -8.55 -77.24 -13.77
C GLN A 498 -9.77 -76.79 -12.97
N PRO A 499 -10.97 -77.23 -13.33
CA PRO A 499 -12.16 -76.80 -12.57
C PRO A 499 -12.08 -77.12 -11.10
N THR A 500 -11.41 -78.21 -10.72
CA THR A 500 -11.32 -78.63 -9.33
C THR A 500 -10.12 -78.03 -8.61
N ASN A 501 -9.31 -77.22 -9.27
CA ASN A 501 -8.17 -76.62 -8.62
C ASN A 501 -8.62 -75.69 -7.49
N GLY A 502 -7.82 -75.67 -6.42
CA GLY A 502 -8.17 -74.87 -5.27
C GLY A 502 -8.12 -73.38 -5.56
N VAL A 503 -8.80 -72.62 -4.69
CA VAL A 503 -8.90 -71.18 -4.89
C VAL A 503 -7.53 -70.54 -4.98
N GLY A 504 -6.59 -70.98 -4.13
CA GLY A 504 -5.25 -70.44 -4.17
C GLY A 504 -4.54 -70.68 -5.50
N TYR A 505 -4.97 -71.69 -6.25
CA TYR A 505 -4.41 -71.98 -7.56
C TYR A 505 -5.40 -71.72 -8.69
N GLN A 506 -6.63 -71.28 -8.37
CA GLN A 506 -7.53 -70.96 -9.46
C GLN A 506 -7.01 -69.73 -10.22
N PRO A 507 -7.27 -69.64 -11.52
CA PRO A 507 -6.77 -68.50 -12.28
C PRO A 507 -7.40 -67.19 -11.82
N TYR A 508 -6.62 -66.13 -11.91
CA TYR A 508 -7.06 -64.79 -11.56
C TYR A 508 -6.45 -63.82 -12.56
N ARG A 509 -7.32 -63.08 -13.24
CA ARG A 509 -6.89 -62.03 -14.15
C ARG A 509 -6.61 -60.78 -13.33
N VAL A 510 -5.44 -60.20 -13.55
CA VAL A 510 -5.00 -58.99 -12.86
C VAL A 510 -4.84 -57.88 -13.88
N VAL A 511 -5.27 -56.68 -13.50
CA VAL A 511 -5.13 -55.48 -14.30
C VAL A 511 -4.51 -54.41 -13.41
N VAL A 512 -3.43 -53.82 -13.86
CA VAL A 512 -2.73 -52.79 -13.12
C VAL A 512 -2.87 -51.50 -13.91
N LEU A 513 -3.60 -50.54 -13.37
CA LEU A 513 -3.68 -49.23 -13.98
C LEU A 513 -2.66 -48.32 -13.32
N SER A 514 -1.83 -47.68 -14.13
CA SER A 514 -0.88 -46.71 -13.64
C SER A 514 -1.11 -45.38 -14.33
N PHE A 515 -1.35 -44.34 -13.54
CA PHE A 515 -1.66 -43.01 -14.06
C PHE A 515 -0.40 -42.15 -13.99
N GLU A 516 0.06 -41.71 -15.15
CA GLU A 516 1.27 -40.91 -15.24
C GLU A 516 0.91 -39.49 -15.66
N LEU A 517 1.39 -38.53 -14.88
CA LEU A 517 1.11 -37.11 -15.10
C LEU A 517 2.44 -36.39 -15.26
N LEU A 518 2.88 -36.23 -16.50
CA LEU A 518 4.13 -35.57 -16.84
C LEU A 518 3.90 -34.07 -17.00
N HIS A 519 4.99 -33.36 -17.32
CA HIS A 519 4.94 -31.91 -17.51
C HIS A 519 4.46 -31.58 -18.93
N ALA A 520 3.29 -32.12 -19.27
CA ALA A 520 2.66 -31.92 -20.56
C ALA A 520 1.17 -31.80 -20.34
N PRO A 521 0.44 -31.23 -21.31
CA PRO A 521 -1.01 -31.12 -21.15
C PRO A 521 -1.65 -32.50 -21.00
N ALA A 522 -2.68 -32.55 -20.17
CA ALA A 522 -3.36 -33.81 -19.88
C ALA A 522 -4.42 -34.07 -20.93
N THR A 523 -4.27 -35.18 -21.66
CA THR A 523 -5.24 -35.59 -22.66
C THR A 523 -6.36 -36.44 -22.08
N VAL A 524 -6.21 -36.91 -20.85
CA VAL A 524 -7.18 -37.79 -20.21
C VAL A 524 -7.83 -36.99 -19.09
N CYS A 525 -9.14 -36.77 -19.19
CA CYS A 525 -9.93 -36.19 -18.13
C CYS A 525 -11.24 -36.95 -18.01
N GLY A 526 -11.86 -36.85 -16.84
CA GLY A 526 -13.12 -37.53 -16.59
C GLY A 526 -14.26 -36.86 -17.34
N PRO A 527 -15.40 -37.55 -17.43
CA PRO A 527 -16.55 -36.95 -18.12
C PRO A 527 -16.97 -35.66 -17.46
N LYS A 528 -17.42 -34.72 -18.29
CA LYS A 528 -17.87 -33.41 -17.83
C LYS A 528 -19.38 -33.35 -17.89
N LYS A 529 -19.99 -32.93 -16.78
CA LYS A 529 -21.44 -32.84 -16.70
C LYS A 529 -21.95 -31.51 -17.25
N SER A 530 -23.04 -31.58 -18.02
CA SER A 530 -23.66 -30.42 -18.63
C SER A 530 -25.14 -30.42 -18.27
N THR A 531 -25.82 -29.33 -18.59
CA THR A 531 -27.25 -29.19 -18.32
C THR A 531 -27.95 -28.74 -19.60
N ASN A 532 -29.27 -28.74 -19.55
CA ASN A 532 -30.06 -28.28 -20.67
C ASN A 532 -29.89 -26.78 -20.87
N LEU A 533 -30.14 -26.34 -22.11
CA LEU A 533 -29.93 -24.96 -22.51
C LEU A 533 -31.25 -24.22 -22.54
N VAL A 534 -31.28 -23.03 -21.95
CA VAL A 534 -32.48 -22.22 -21.85
C VAL A 534 -32.19 -20.88 -22.50
N LYS A 535 -33.04 -20.48 -23.44
CA LYS A 535 -32.86 -19.26 -24.22
C LYS A 535 -33.83 -18.18 -23.77
N ASN A 536 -33.53 -16.95 -24.19
CA ASN A 536 -34.43 -15.81 -23.99
C ASN A 536 -34.66 -15.50 -22.52
N LYS A 537 -33.80 -16.00 -21.64
CA LYS A 537 -33.92 -15.76 -20.22
C LYS A 537 -32.55 -15.44 -19.64
N CYS A 538 -32.52 -14.46 -18.73
CA CYS A 538 -31.25 -14.04 -18.15
C CYS A 538 -30.65 -15.17 -17.34
N VAL A 539 -29.60 -15.79 -17.87
CA VAL A 539 -28.97 -16.95 -17.27
C VAL A 539 -27.47 -16.72 -17.17
N ASN A 540 -26.84 -17.48 -16.29
CA ASN A 540 -25.39 -17.49 -16.13
C ASN A 540 -24.86 -18.67 -16.93
N PHE A 541 -24.18 -18.37 -18.03
CA PHE A 541 -23.70 -19.37 -18.97
C PHE A 541 -22.23 -19.67 -18.76
N ASN A 542 -21.83 -20.88 -19.15
CA ASN A 542 -20.44 -21.34 -19.05
C ASN A 542 -20.20 -22.30 -20.20
N PHE A 543 -19.59 -21.80 -21.28
CA PHE A 543 -19.27 -22.59 -22.46
C PHE A 543 -17.76 -22.84 -22.50
N ASN A 544 -17.35 -24.08 -22.25
CA ASN A 544 -15.95 -24.46 -22.36
C ASN A 544 -15.06 -23.55 -21.53
N GLY A 545 -15.51 -23.23 -20.32
CA GLY A 545 -14.76 -22.39 -19.42
C GLY A 545 -14.95 -20.90 -19.61
N LEU A 546 -15.51 -20.49 -20.75
CA LEU A 546 -15.89 -19.10 -20.96
C LEU A 546 -17.17 -18.85 -20.18
N THR A 547 -17.05 -18.08 -19.10
CA THR A 547 -18.18 -17.81 -18.22
C THR A 547 -18.74 -16.43 -18.49
N GLY A 548 -20.01 -16.26 -18.15
CA GLY A 548 -20.61 -14.94 -18.27
C GLY A 548 -22.06 -14.98 -17.85
N THR A 549 -22.69 -13.82 -17.94
CA THR A 549 -24.10 -13.64 -17.62
C THR A 549 -24.77 -12.94 -18.77
N GLY A 550 -25.97 -13.38 -19.14
CA GLY A 550 -26.69 -12.72 -20.21
C GLY A 550 -27.86 -13.57 -20.67
N VAL A 551 -28.47 -13.11 -21.75
CA VAL A 551 -29.58 -13.80 -22.38
C VAL A 551 -29.09 -14.43 -23.66
N LEU A 552 -29.30 -15.73 -23.80
CA LEU A 552 -28.88 -16.49 -24.96
C LEU A 552 -30.04 -16.53 -25.95
N THR A 553 -29.82 -16.01 -27.16
CA THR A 553 -30.85 -15.96 -28.17
C THR A 553 -30.33 -16.60 -29.46
N GLU A 554 -31.25 -17.15 -30.23
CA GLU A 554 -30.90 -17.67 -31.54
C GLU A 554 -30.39 -16.52 -32.42
N SER A 555 -29.41 -16.83 -33.26
CA SER A 555 -28.75 -15.81 -34.07
C SER A 555 -28.61 -16.30 -35.50
N ASN A 556 -28.29 -15.37 -36.38
CA ASN A 556 -28.08 -15.66 -37.80
C ASN A 556 -26.66 -15.34 -38.24
N LYS A 557 -25.71 -15.38 -37.30
CA LYS A 557 -24.30 -15.15 -37.62
C LYS A 557 -23.70 -16.46 -38.08
N LYS A 558 -22.88 -16.41 -39.13
CA LYS A 558 -22.29 -17.61 -39.71
C LYS A 558 -20.81 -17.67 -39.32
N PHE A 559 -20.51 -18.46 -38.30
CA PHE A 559 -19.13 -18.68 -37.91
C PHE A 559 -18.42 -19.53 -38.95
N LEU A 560 -17.10 -19.50 -38.94
CA LEU A 560 -16.32 -20.45 -39.71
C LEU A 560 -16.21 -21.77 -38.95
N PRO A 561 -15.99 -22.88 -39.66
CA PRO A 561 -16.08 -24.19 -38.98
C PRO A 561 -15.20 -24.33 -37.76
N PHE A 562 -14.04 -23.67 -37.73
CA PHE A 562 -13.10 -23.86 -36.64
C PHE A 562 -13.22 -22.78 -35.56
N GLN A 563 -14.11 -21.81 -35.72
CA GLN A 563 -14.22 -20.69 -34.79
C GLN A 563 -15.23 -21.01 -33.70
N GLN A 564 -14.90 -20.66 -32.46
CA GLN A 564 -15.63 -21.10 -31.30
C GLN A 564 -16.36 -19.98 -30.56
N PHE A 565 -15.95 -18.72 -30.74
CA PHE A 565 -16.54 -17.61 -30.02
C PHE A 565 -16.57 -16.37 -30.90
N GLY A 566 -17.43 -15.43 -30.54
CA GLY A 566 -17.48 -14.16 -31.21
C GLY A 566 -17.05 -13.03 -30.29
N ARG A 567 -16.69 -11.89 -30.86
CA ARG A 567 -16.33 -10.73 -30.07
C ARG A 567 -16.75 -9.46 -30.77
N ASP A 568 -16.95 -8.41 -29.99
CA ASP A 568 -17.27 -7.09 -30.52
C ASP A 568 -16.02 -6.21 -30.46
N ILE A 569 -16.20 -4.92 -30.74
CA ILE A 569 -15.08 -3.99 -30.70
C ILE A 569 -14.47 -3.96 -29.30
N ALA A 570 -15.31 -4.08 -28.28
CA ALA A 570 -14.84 -4.08 -26.90
C ALA A 570 -14.08 -5.35 -26.53
N ASP A 571 -14.07 -6.35 -27.40
CA ASP A 571 -13.51 -7.67 -27.14
C ASP A 571 -14.38 -8.51 -26.21
N THR A 572 -15.47 -7.95 -25.71
CA THR A 572 -16.37 -8.70 -24.85
C THR A 572 -17.15 -9.71 -25.68
N THR A 573 -17.39 -10.88 -25.09
CA THR A 573 -18.10 -11.94 -25.78
C THR A 573 -19.43 -11.42 -26.29
N ASP A 574 -19.67 -11.59 -27.58
CA ASP A 574 -20.91 -11.17 -28.22
C ASP A 574 -21.71 -12.33 -28.79
N ALA A 575 -21.04 -13.42 -29.14
CA ALA A 575 -21.73 -14.62 -29.61
C ALA A 575 -20.87 -15.82 -29.26
N VAL A 576 -21.53 -16.98 -29.16
CA VAL A 576 -20.83 -18.23 -28.89
C VAL A 576 -21.48 -19.32 -29.73
N ARG A 577 -20.87 -20.50 -29.70
CA ARG A 577 -21.39 -21.66 -30.41
C ARG A 577 -21.59 -22.80 -29.41
N ASP A 578 -22.81 -23.31 -29.35
CA ASP A 578 -23.14 -24.38 -28.42
C ASP A 578 -22.27 -25.60 -28.75
N PRO A 579 -21.43 -26.08 -27.83
CA PRO A 579 -20.51 -27.16 -28.18
C PRO A 579 -21.20 -28.43 -28.64
N GLN A 580 -22.32 -28.82 -28.04
CA GLN A 580 -23.00 -30.06 -28.39
C GLN A 580 -23.71 -29.98 -29.74
N THR A 581 -24.44 -28.89 -29.98
CA THR A 581 -25.13 -28.67 -31.25
C THR A 581 -24.56 -27.41 -31.87
N LEU A 582 -24.15 -27.50 -33.13
CA LEU A 582 -23.47 -26.40 -33.81
C LEU A 582 -24.49 -25.36 -34.26
N GLU A 583 -24.99 -24.60 -33.29
CA GLU A 583 -25.85 -23.45 -33.53
C GLU A 583 -25.28 -22.24 -32.81
N ILE A 584 -25.38 -21.08 -33.45
CA ILE A 584 -24.77 -19.86 -32.94
C ILE A 584 -25.76 -19.16 -32.02
N LEU A 585 -25.32 -18.81 -30.83
CA LEU A 585 -26.13 -18.12 -29.85
C LEU A 585 -25.58 -16.72 -29.62
N ASP A 586 -26.40 -15.70 -29.86
CA ASP A 586 -26.06 -14.35 -29.47
C ASP A 586 -26.25 -14.20 -27.97
N ILE A 587 -25.39 -13.41 -27.36
CA ILE A 587 -25.42 -13.16 -25.92
C ILE A 587 -25.72 -11.68 -25.73
N THR A 588 -26.87 -11.38 -25.13
CA THR A 588 -27.26 -10.00 -24.87
C THR A 588 -27.18 -9.75 -23.37
N PRO A 589 -26.39 -8.79 -22.89
CA PRO A 589 -26.33 -8.56 -21.44
C PRO A 589 -27.71 -8.27 -20.88
N CYS A 590 -27.97 -8.81 -19.69
CA CYS A 590 -29.31 -8.73 -19.12
C CYS A 590 -29.71 -7.28 -18.92
N SER A 591 -30.99 -7.00 -19.16
CA SER A 591 -31.48 -5.62 -19.14
C SER A 591 -31.18 -4.97 -17.79
N PHE A 592 -30.75 -3.72 -17.85
CA PHE A 592 -30.54 -2.92 -16.66
C PHE A 592 -30.72 -1.46 -17.03
N GLY A 593 -30.97 -0.63 -16.02
CA GLY A 593 -31.13 0.79 -16.26
C GLY A 593 -31.49 1.59 -15.04
N GLY A 594 -32.27 2.65 -15.24
CA GLY A 594 -32.63 3.52 -14.14
C GLY A 594 -34.12 3.57 -13.94
N VAL A 595 -34.50 3.66 -12.67
CA VAL A 595 -35.91 3.74 -12.27
C VAL A 595 -36.15 5.16 -11.80
N SER A 596 -36.98 5.88 -12.54
CA SER A 596 -37.32 7.26 -12.28
C SER A 596 -38.80 7.38 -11.96
N VAL A 597 -39.17 8.46 -11.28
CA VAL A 597 -40.54 8.70 -10.86
C VAL A 597 -41.02 9.99 -11.51
N ILE A 598 -42.10 9.90 -12.26
CA ILE A 598 -42.76 11.06 -12.85
C ILE A 598 -43.84 11.51 -11.87
N THR A 599 -43.77 12.76 -11.45
CA THR A 599 -44.67 13.24 -10.43
C THR A 599 -45.03 14.70 -10.68
N PRO A 600 -46.32 15.04 -10.69
CA PRO A 600 -46.70 16.44 -10.56
C PRO A 600 -46.45 16.93 -9.14
N GLY A 601 -46.38 18.25 -8.99
CA GLY A 601 -46.03 18.81 -7.70
C GLY A 601 -46.92 18.29 -6.60
N THR A 602 -46.30 17.95 -5.47
CA THR A 602 -47.05 17.45 -4.33
C THR A 602 -48.11 18.43 -3.85
N ASN A 603 -47.95 19.72 -4.16
CA ASN A 603 -48.99 20.69 -3.89
C ASN A 603 -50.23 20.47 -4.75
N THR A 604 -50.14 19.61 -5.77
CA THR A 604 -51.27 19.27 -6.61
C THR A 604 -51.85 17.90 -6.29
N SER A 605 -51.02 16.86 -6.29
CA SER A 605 -51.50 15.51 -6.03
C SER A 605 -50.32 14.64 -5.60
N ASN A 606 -50.64 13.49 -5.02
CA ASN A 606 -49.64 12.54 -4.56
C ASN A 606 -49.55 11.30 -5.44
N GLN A 607 -50.24 11.28 -6.58
CA GLN A 607 -50.15 10.16 -7.49
C GLN A 607 -48.99 10.37 -8.45
N VAL A 608 -48.19 9.32 -8.65
CA VAL A 608 -47.02 9.37 -9.51
C VAL A 608 -46.96 8.11 -10.34
N ALA A 609 -46.16 8.18 -11.41
CA ALA A 609 -45.91 7.04 -12.28
C ALA A 609 -44.44 6.67 -12.22
N VAL A 610 -44.13 5.45 -12.60
CA VAL A 610 -42.77 4.93 -12.52
C VAL A 610 -42.31 4.58 -13.92
N LEU A 611 -41.13 5.07 -14.30
CA LEU A 611 -40.53 4.82 -15.59
C LEU A 611 -39.26 4.01 -15.40
N TYR A 612 -39.22 2.82 -16.00
CA TYR A 612 -38.02 1.99 -16.04
C TYR A 612 -37.37 2.21 -17.40
N GLN A 613 -36.21 2.86 -17.41
CA GLN A 613 -35.58 3.20 -18.67
C GLN A 613 -34.91 1.99 -19.29
N ASP A 614 -34.92 1.92 -20.62
CA ASP A 614 -34.09 0.98 -21.36
C ASP A 614 -34.36 -0.46 -20.93
N VAL A 615 -35.61 -0.78 -20.66
CA VAL A 615 -36.03 -2.14 -20.33
C VAL A 615 -37.28 -2.48 -21.12
N ASN A 616 -37.67 -3.75 -21.05
CA ASN A 616 -38.93 -4.23 -21.59
C ASN A 616 -39.97 -4.32 -20.48
N CYS A 617 -41.24 -4.36 -20.87
CA CYS A 617 -42.34 -4.55 -19.92
C CYS A 617 -42.58 -6.04 -19.69
N THR A 618 -41.50 -6.74 -19.36
CA THR A 618 -41.54 -8.15 -19.03
C THR A 618 -40.99 -8.38 -17.63
N GLU A 619 -39.82 -7.77 -17.35
CA GLU A 619 -39.13 -8.05 -16.10
C GLU A 619 -39.79 -7.38 -14.91
N VAL A 620 -40.40 -6.22 -15.11
CA VAL A 620 -41.03 -5.51 -14.00
C VAL A 620 -42.23 -6.31 -13.52
N ASN A 641 -52.15 -1.73 -16.71
CA ASN A 641 -51.94 -0.32 -16.97
C ASN A 641 -50.46 -0.05 -17.23
N VAL A 642 -49.89 -0.84 -18.13
CA VAL A 642 -48.47 -0.79 -18.46
C VAL A 642 -48.33 -0.34 -19.90
N PHE A 643 -47.42 0.60 -20.13
CA PHE A 643 -47.21 1.19 -21.45
C PHE A 643 -45.77 0.93 -21.86
N GLN A 644 -45.57 0.55 -23.12
CA GLN A 644 -44.23 0.38 -23.66
C GLN A 644 -43.93 1.55 -24.59
N THR A 645 -42.83 2.25 -24.34
CA THR A 645 -42.39 3.36 -25.19
C THR A 645 -40.90 3.20 -25.45
N ARG A 646 -40.41 4.01 -26.39
CA ARG A 646 -38.97 4.01 -26.66
C ARG A 646 -38.17 4.55 -25.49
N ALA A 647 -38.82 5.17 -24.52
CA ALA A 647 -38.16 5.58 -23.29
C ALA A 647 -38.04 4.45 -22.28
N GLY A 648 -38.76 3.35 -22.47
CA GLY A 648 -38.72 2.22 -21.57
C GLY A 648 -40.11 1.71 -21.27
N CYS A 649 -40.32 1.31 -20.03
CA CYS A 649 -41.60 0.80 -19.55
C CYS A 649 -42.20 1.81 -18.58
N LEU A 650 -43.43 2.22 -18.83
CA LEU A 650 -44.10 3.23 -18.03
C LEU A 650 -45.27 2.58 -17.29
N ILE A 651 -45.34 2.79 -15.98
CA ILE A 651 -46.34 2.18 -15.13
C ILE A 651 -47.08 3.28 -14.39
N GLY A 652 -48.41 3.22 -14.40
CA GLY A 652 -49.24 4.17 -13.70
C GLY A 652 -49.78 5.29 -14.56
N ALA A 653 -49.28 5.42 -15.79
CA ALA A 653 -49.67 6.51 -16.68
C ALA A 653 -50.48 5.96 -17.84
N GLU A 654 -51.64 6.56 -18.07
CA GLU A 654 -52.51 6.14 -19.16
C GLU A 654 -52.05 6.76 -20.47
N HIS A 655 -52.12 5.98 -21.55
CA HIS A 655 -51.68 6.45 -22.86
C HIS A 655 -52.84 7.15 -23.56
N VAL A 656 -52.62 8.38 -24.00
CA VAL A 656 -53.65 9.20 -24.62
C VAL A 656 -53.22 9.53 -26.04
N ASN A 657 -54.12 9.31 -27.00
CA ASN A 657 -53.83 9.66 -28.39
C ASN A 657 -53.75 11.17 -28.57
N ASN A 658 -54.58 11.94 -27.87
CA ASN A 658 -54.58 13.38 -28.03
C ASN A 658 -53.22 13.96 -27.68
N SER A 659 -52.71 14.83 -28.53
CA SER A 659 -51.41 15.45 -28.31
C SER A 659 -51.59 16.87 -27.77
N TYR A 660 -50.69 17.26 -26.89
CA TYR A 660 -50.73 18.57 -26.25
C TYR A 660 -49.31 19.12 -26.20
N GLU A 661 -49.12 20.18 -25.42
CA GLU A 661 -47.79 20.72 -25.22
C GLU A 661 -47.04 19.90 -24.18
N CYS A 662 -45.75 19.68 -24.43
CA CYS A 662 -44.95 18.90 -23.51
C CYS A 662 -44.96 19.54 -22.12
N ASP A 663 -45.18 18.73 -21.10
CA ASP A 663 -45.32 19.24 -19.73
C ASP A 663 -44.17 18.73 -18.86
N ILE A 664 -44.02 17.41 -18.80
CA ILE A 664 -42.90 16.76 -18.11
C ILE A 664 -42.20 15.88 -19.14
N PRO A 665 -41.07 16.31 -19.70
CA PRO A 665 -40.48 15.54 -20.80
C PRO A 665 -39.90 14.22 -20.33
N ILE A 666 -40.43 13.14 -20.90
CA ILE A 666 -39.91 11.79 -20.65
C ILE A 666 -38.75 11.49 -21.59
N GLY A 667 -38.94 11.67 -22.88
CA GLY A 667 -37.91 11.44 -23.86
C GLY A 667 -38.47 10.83 -25.12
N ALA A 668 -37.68 10.92 -26.20
CA ALA A 668 -38.08 10.39 -27.50
C ALA A 668 -39.42 10.97 -27.95
N GLY A 669 -39.64 12.23 -27.61
CA GLY A 669 -40.87 12.91 -27.97
C GLY A 669 -42.04 12.63 -27.04
N ILE A 670 -41.87 11.76 -26.06
CA ILE A 670 -42.93 11.41 -25.12
C ILE A 670 -42.82 12.32 -23.91
N CYS A 671 -43.94 12.94 -23.54
CA CYS A 671 -44.04 13.78 -22.37
C CYS A 671 -45.28 13.40 -21.58
N ALA A 672 -45.23 13.63 -20.26
CA ALA A 672 -46.30 13.26 -19.36
C ALA A 672 -46.86 14.49 -18.67
N SER A 673 -48.15 14.44 -18.37
CA SER A 673 -48.84 15.55 -17.75
C SER A 673 -50.02 15.02 -16.95
N TYR A 674 -50.44 15.82 -15.96
CA TYR A 674 -51.51 15.46 -15.04
C TYR A 674 -52.80 16.10 -15.51
N GLN A 675 -53.75 15.30 -15.98
CA GLN A 675 -55.01 15.81 -16.49
C GLN A 675 -56.08 14.73 -16.32
N THR A 676 -57.34 15.14 -16.47
CA THR A 676 -58.47 14.22 -16.40
C THR A 676 -58.54 13.37 -17.66
N SER A 689 -60.61 11.84 -10.40
CA SER A 689 -60.82 11.89 -11.84
C SER A 689 -59.51 12.13 -12.57
N GLN A 690 -58.71 13.05 -12.04
CA GLN A 690 -57.44 13.40 -12.66
C GLN A 690 -56.44 12.26 -12.52
N SER A 691 -55.57 12.13 -13.51
CA SER A 691 -54.55 11.08 -13.52
C SER A 691 -53.40 11.53 -14.40
N ILE A 692 -52.31 10.78 -14.33
CA ILE A 692 -51.12 11.07 -15.12
C ILE A 692 -51.22 10.37 -16.45
N ILE A 693 -50.96 11.09 -17.54
CA ILE A 693 -51.05 10.56 -18.88
C ILE A 693 -49.75 10.88 -19.62
N ALA A 694 -49.46 10.08 -20.63
CA ALA A 694 -48.27 10.23 -21.45
C ALA A 694 -48.69 10.32 -22.90
N TYR A 695 -48.00 11.17 -23.67
CA TYR A 695 -48.40 11.43 -25.04
C TYR A 695 -47.21 11.92 -25.84
N THR A 696 -47.37 11.93 -27.16
CA THR A 696 -46.35 12.50 -28.05
C THR A 696 -46.61 13.99 -28.20
N MET A 697 -45.58 14.80 -27.94
CA MET A 697 -45.78 16.24 -27.94
C MET A 697 -45.95 16.77 -29.36
N SER A 698 -46.60 17.93 -29.46
CA SER A 698 -47.03 18.46 -30.74
C SER A 698 -46.16 19.63 -31.20
N LEU A 699 -45.34 20.18 -30.31
CA LEU A 699 -44.46 21.29 -30.62
C LEU A 699 -45.24 22.60 -30.72
N GLY A 700 -46.52 22.57 -30.37
CA GLY A 700 -47.36 23.74 -30.41
C GLY A 700 -48.40 23.65 -31.51
N ALA A 701 -49.31 24.62 -31.48
CA ALA A 701 -50.41 24.65 -32.44
C ALA A 701 -49.87 24.93 -33.85
N GLU A 702 -50.63 24.52 -34.84
CA GLU A 702 -50.26 24.74 -36.23
C GLU A 702 -50.98 25.97 -36.77
N ASN A 703 -50.23 26.81 -37.49
CA ASN A 703 -50.77 28.09 -37.96
C ASN A 703 -50.14 28.41 -39.32
N SER A 704 -50.84 28.05 -40.39
CA SER A 704 -50.39 28.43 -41.72
C SER A 704 -50.62 29.92 -41.94
N VAL A 705 -49.82 30.49 -42.85
CA VAL A 705 -49.89 31.92 -43.17
C VAL A 705 -50.43 32.05 -44.59
N ALA A 706 -51.47 32.87 -44.76
CA ALA A 706 -52.14 33.01 -46.05
C ALA A 706 -51.28 33.83 -47.01
N TYR A 707 -50.14 33.25 -47.37
CA TYR A 707 -49.22 33.90 -48.29
C TYR A 707 -49.84 34.01 -49.68
N SER A 708 -49.63 35.15 -50.32
CA SER A 708 -50.05 35.36 -51.69
C SER A 708 -49.23 36.51 -52.27
N ASN A 709 -49.01 36.44 -53.58
CA ASN A 709 -47.99 37.28 -54.20
C ASN A 709 -48.35 38.74 -54.26
N ASN A 710 -49.57 39.12 -53.90
CA ASN A 710 -49.93 40.53 -53.85
C ASN A 710 -50.75 40.86 -52.60
N SER A 711 -50.37 40.29 -51.47
CA SER A 711 -51.03 40.55 -50.19
C SER A 711 -49.97 40.82 -49.14
N ILE A 712 -50.16 41.86 -48.34
CA ILE A 712 -49.25 42.20 -47.27
C ILE A 712 -50.06 42.56 -46.04
N ALA A 713 -49.66 42.04 -44.88
CA ALA A 713 -50.33 42.32 -43.63
C ALA A 713 -49.49 43.31 -42.84
N ILE A 714 -50.05 44.49 -42.58
CA ILE A 714 -49.35 45.58 -41.91
C ILE A 714 -49.96 45.74 -40.52
N PRO A 715 -49.16 45.86 -39.47
CA PRO A 715 -49.74 46.12 -38.14
C PRO A 715 -50.24 47.55 -38.03
N THR A 716 -51.34 47.70 -37.30
CA THR A 716 -51.94 49.00 -37.03
C THR A 716 -51.83 49.43 -35.57
N ASN A 717 -51.22 48.61 -34.72
CA ASN A 717 -51.14 48.90 -33.30
C ASN A 717 -49.94 48.17 -32.72
N PHE A 718 -49.55 48.57 -31.51
CA PHE A 718 -48.35 48.05 -30.90
C PHE A 718 -48.55 47.86 -29.41
N THR A 719 -47.70 47.03 -28.82
CA THR A 719 -47.67 46.82 -27.40
C THR A 719 -46.23 46.85 -26.92
N ILE A 720 -45.98 47.61 -25.86
CA ILE A 720 -44.65 47.75 -25.28
C ILE A 720 -44.52 46.74 -24.16
N SER A 721 -43.85 45.64 -24.43
CA SER A 721 -43.75 44.54 -23.48
C SER A 721 -42.41 44.63 -22.75
N VAL A 722 -42.45 44.35 -21.45
CA VAL A 722 -41.27 44.37 -20.60
C VAL A 722 -40.94 42.94 -20.21
N THR A 723 -39.82 42.44 -20.71
CA THR A 723 -39.37 41.08 -20.41
C THR A 723 -38.24 41.16 -19.40
N THR A 724 -37.98 40.02 -18.76
CA THR A 724 -36.95 39.92 -17.73
C THR A 724 -35.96 38.85 -18.14
N GLU A 725 -34.68 39.18 -18.11
CA GLU A 725 -33.61 38.25 -18.47
C GLU A 725 -32.60 38.21 -17.35
N ILE A 726 -32.39 37.02 -16.77
CA ILE A 726 -31.58 36.86 -15.57
C ILE A 726 -30.31 36.11 -15.93
N LEU A 727 -29.17 36.66 -15.55
CA LEU A 727 -27.88 36.09 -15.92
C LEU A 727 -26.99 36.00 -14.69
N PRO A 728 -26.42 34.83 -14.39
CA PRO A 728 -25.40 34.77 -13.34
C PRO A 728 -24.16 35.53 -13.77
N VAL A 729 -23.49 36.15 -12.79
CA VAL A 729 -22.30 36.93 -13.03
C VAL A 729 -21.11 36.40 -12.24
N SER A 730 -21.30 36.05 -10.98
CA SER A 730 -20.21 35.68 -10.11
C SER A 730 -20.63 34.50 -9.25
N MET A 731 -19.63 33.83 -8.67
CA MET A 731 -19.87 32.71 -7.78
C MET A 731 -18.99 32.88 -6.53
N THR A 732 -19.32 32.11 -5.50
CA THR A 732 -18.67 32.29 -4.20
C THR A 732 -17.17 32.16 -4.33
N LYS A 733 -16.45 33.10 -3.71
CA LYS A 733 -14.98 33.12 -3.75
C LYS A 733 -14.44 32.20 -2.66
N THR A 734 -14.61 30.90 -2.88
CA THR A 734 -14.14 29.92 -1.91
C THR A 734 -12.62 29.85 -1.91
N SER A 735 -12.07 29.43 -0.78
CA SER A 735 -10.64 29.26 -0.63
C SER A 735 -10.39 28.15 0.37
N VAL A 736 -9.62 27.13 -0.05
CA VAL A 736 -9.40 25.94 0.75
C VAL A 736 -7.93 25.88 1.15
N ASP A 737 -7.68 25.66 2.43
CA ASP A 737 -6.32 25.46 2.95
C ASP A 737 -6.00 23.98 2.85
N CYS A 738 -5.16 23.62 1.87
CA CYS A 738 -4.89 22.21 1.61
C CYS A 738 -4.34 21.50 2.84
N THR A 739 -3.32 22.06 3.48
CA THR A 739 -2.67 21.38 4.60
C THR A 739 -3.65 21.18 5.75
N MET A 740 -4.37 22.24 6.15
CA MET A 740 -5.29 22.11 7.26
C MET A 740 -6.41 21.13 6.93
N TYR A 741 -6.92 21.17 5.70
CA TYR A 741 -8.00 20.27 5.32
C TYR A 741 -7.55 18.82 5.40
N ILE A 742 -6.42 18.49 4.76
CA ILE A 742 -5.96 17.11 4.75
C ILE A 742 -5.47 16.69 6.12
N CYS A 743 -4.78 17.58 6.82
CA CYS A 743 -4.07 17.24 8.05
C CYS A 743 -4.44 18.16 9.20
N GLY A 744 -5.74 18.36 9.42
CA GLY A 744 -6.17 19.30 10.44
C GLY A 744 -5.53 19.06 11.79
N ASP A 745 -4.66 19.96 12.20
CA ASP A 745 -4.04 19.90 13.53
C ASP A 745 -3.30 18.58 13.73
N SER A 746 -2.39 18.27 12.82
CA SER A 746 -1.56 17.06 12.91
C SER A 746 -0.20 17.35 12.29
N THR A 747 0.86 17.24 13.09
CA THR A 747 2.20 17.48 12.57
C THR A 747 2.67 16.31 11.71
N GLU A 748 2.41 15.08 12.15
CA GLU A 748 2.88 13.91 11.39
C GLU A 748 2.20 13.84 10.04
N CYS A 749 0.91 14.09 9.99
CA CYS A 749 0.20 14.09 8.71
C CYS A 749 0.76 15.15 7.78
N SER A 750 1.03 16.35 8.31
CA SER A 750 1.61 17.39 7.47
C SER A 750 2.98 16.99 6.93
N ASN A 751 3.82 16.41 7.78
CA ASN A 751 5.13 15.97 7.33
C ASN A 751 5.00 14.91 6.24
N LEU A 752 4.08 13.97 6.41
CA LEU A 752 3.86 12.96 5.37
C LEU A 752 3.38 13.60 4.08
N LEU A 753 2.46 14.56 4.17
CA LEU A 753 1.96 15.23 2.99
C LEU A 753 3.06 16.01 2.28
N LEU A 754 4.05 16.49 3.02
CA LEU A 754 5.12 17.27 2.42
C LEU A 754 5.88 16.48 1.35
N GLN A 755 5.78 15.15 1.36
CA GLN A 755 6.47 14.33 0.39
C GLN A 755 5.88 14.42 -1.01
N TYR A 756 4.72 15.05 -1.18
CA TYR A 756 4.05 15.11 -2.47
C TYR A 756 4.34 16.40 -3.24
N GLY A 757 5.32 17.18 -2.80
CA GLY A 757 5.71 18.34 -3.56
C GLY A 757 4.67 19.45 -3.49
N SER A 758 4.33 19.99 -4.66
CA SER A 758 3.51 21.19 -4.74
C SER A 758 2.02 20.91 -4.89
N PHE A 759 1.59 19.65 -4.79
CA PHE A 759 0.17 19.35 -4.90
C PHE A 759 -0.64 20.20 -3.92
N CYS A 760 -0.08 20.46 -2.74
CA CYS A 760 -0.76 21.29 -1.76
C CYS A 760 -0.93 22.73 -2.27
N THR A 761 0.10 23.24 -2.96
CA THR A 761 0.15 24.67 -3.24
C THR A 761 -0.57 25.04 -4.54
N GLN A 762 -0.41 24.25 -5.59
CA GLN A 762 -1.03 24.63 -6.86
C GLN A 762 -2.54 24.67 -6.78
N LEU A 763 -3.15 23.87 -5.89
CA LEU A 763 -4.58 24.01 -5.68
C LEU A 763 -4.92 25.38 -5.12
N ASN A 764 -4.12 25.86 -4.18
CA ASN A 764 -4.31 27.21 -3.66
C ASN A 764 -4.14 28.25 -4.77
N ARG A 765 -3.16 28.03 -5.65
CA ARG A 765 -2.98 28.95 -6.76
C ARG A 765 -4.21 28.99 -7.66
N ALA A 766 -4.75 27.81 -7.98
CA ALA A 766 -5.93 27.75 -8.86
C ALA A 766 -7.13 28.43 -8.20
N LEU A 767 -7.36 28.16 -6.92
CA LEU A 767 -8.50 28.78 -6.25
C LEU A 767 -8.32 30.29 -6.13
N THR A 768 -7.09 30.76 -5.89
CA THR A 768 -6.86 32.20 -5.86
C THR A 768 -7.13 32.83 -7.23
N GLY A 769 -6.71 32.14 -8.30
CA GLY A 769 -7.02 32.65 -9.62
C GLY A 769 -8.52 32.75 -9.87
N ILE A 770 -9.26 31.74 -9.44
CA ILE A 770 -10.72 31.77 -9.57
C ILE A 770 -11.29 32.95 -8.79
N ALA A 771 -10.80 33.15 -7.56
CA ALA A 771 -11.31 34.24 -6.74
C ALA A 771 -11.05 35.58 -7.40
N VAL A 772 -9.86 35.77 -7.98
CA VAL A 772 -9.56 37.03 -8.66
C VAL A 772 -10.47 37.22 -9.86
N GLU A 773 -10.66 36.15 -10.64
CA GLU A 773 -11.47 36.27 -11.84
C GLU A 773 -12.94 36.56 -11.52
N GLN A 774 -13.41 36.15 -10.35
CA GLN A 774 -14.78 36.53 -9.96
C GLN A 774 -14.94 38.04 -9.82
N ASP A 775 -14.02 38.68 -9.10
CA ASP A 775 -14.05 40.14 -9.01
C ASP A 775 -13.86 40.78 -10.36
N LYS A 776 -13.02 40.20 -11.21
CA LYS A 776 -12.87 40.74 -12.56
C LYS A 776 -14.19 40.68 -13.32
N ASN A 777 -14.92 39.57 -13.20
CA ASN A 777 -16.20 39.45 -13.87
C ASN A 777 -17.18 40.51 -13.38
N THR A 778 -17.29 40.68 -12.07
CA THR A 778 -18.22 41.69 -11.55
C THR A 778 -17.82 43.08 -12.02
N GLN A 779 -16.52 43.38 -12.00
CA GLN A 779 -16.06 44.68 -12.44
C GLN A 779 -16.40 44.93 -13.90
N GLU A 780 -16.22 43.92 -14.75
CA GLU A 780 -16.58 44.07 -16.16
C GLU A 780 -18.09 44.27 -16.32
N VAL A 781 -18.89 43.50 -15.61
CA VAL A 781 -20.34 43.55 -15.84
C VAL A 781 -20.91 44.88 -15.40
N PHE A 782 -20.54 45.36 -14.22
CA PHE A 782 -21.16 46.56 -13.67
C PHE A 782 -20.33 47.82 -13.88
N ALA A 783 -19.05 47.80 -13.56
CA ALA A 783 -18.24 49.02 -13.58
C ALA A 783 -17.91 49.43 -15.02
N GLN A 784 -18.96 49.84 -15.73
CA GLN A 784 -18.83 50.39 -17.07
C GLN A 784 -19.19 51.86 -17.14
N VAL A 785 -19.54 52.48 -16.02
CA VAL A 785 -19.91 53.88 -15.96
C VAL A 785 -18.80 54.63 -15.24
N LYS A 786 -18.28 55.68 -15.88
CA LYS A 786 -17.16 56.42 -15.31
C LYS A 786 -17.57 57.31 -14.15
N GLN A 787 -18.82 57.77 -14.11
CA GLN A 787 -19.31 58.62 -13.06
C GLN A 787 -20.58 58.03 -12.47
N ILE A 788 -21.04 58.61 -11.37
CA ILE A 788 -22.24 58.14 -10.69
C ILE A 788 -23.30 59.22 -10.83
N TYR A 789 -24.23 59.02 -11.76
CA TYR A 789 -25.31 59.96 -12.00
C TYR A 789 -26.45 59.70 -11.03
N LYS A 790 -27.31 60.71 -10.86
CA LYS A 790 -28.50 60.57 -10.03
C LYS A 790 -29.62 61.39 -10.66
N THR A 791 -30.82 60.80 -10.65
CA THR A 791 -31.96 61.44 -11.27
C THR A 791 -32.32 62.72 -10.51
N PRO A 792 -32.87 63.71 -11.20
CA PRO A 792 -33.27 64.94 -10.52
C PRO A 792 -34.43 64.68 -9.59
N PRO A 793 -34.68 65.57 -8.63
CA PRO A 793 -35.78 65.35 -7.68
C PRO A 793 -37.16 65.29 -8.34
N ILE A 794 -37.30 65.85 -9.54
CA ILE A 794 -38.59 65.92 -10.23
C ILE A 794 -38.65 64.75 -11.21
N LYS A 795 -39.67 63.91 -11.06
CA LYS A 795 -39.86 62.74 -11.92
C LYS A 795 -40.80 63.09 -13.09
N ASP A 796 -40.40 64.10 -13.86
CA ASP A 796 -41.18 64.53 -15.03
C ASP A 796 -40.60 63.90 -16.29
N PHE A 797 -40.89 62.62 -16.45
CA PHE A 797 -40.43 61.84 -17.60
C PHE A 797 -41.54 61.58 -18.61
N GLY A 798 -42.40 62.57 -18.86
CA GLY A 798 -43.44 62.40 -19.84
C GLY A 798 -44.46 61.33 -19.51
N GLY A 799 -44.76 61.12 -18.23
CA GLY A 799 -45.76 60.17 -17.81
C GLY A 799 -45.21 58.81 -17.46
N PHE A 800 -44.01 58.47 -17.89
CA PHE A 800 -43.42 57.19 -17.56
C PHE A 800 -43.19 57.11 -16.05
N ASN A 801 -43.38 55.92 -15.49
CA ASN A 801 -43.39 55.74 -14.04
C ASN A 801 -42.22 54.87 -13.63
N PHE A 802 -41.09 55.50 -13.31
CA PHE A 802 -39.86 54.80 -13.00
C PHE A 802 -39.64 54.58 -11.51
N SER A 803 -40.60 54.95 -10.67
CA SER A 803 -40.40 54.81 -9.23
C SER A 803 -40.26 53.35 -8.81
N GLN A 804 -40.59 52.40 -9.68
CA GLN A 804 -40.51 50.99 -9.33
C GLN A 804 -39.17 50.36 -9.66
N ILE A 805 -38.27 51.09 -10.32
CA ILE A 805 -36.92 50.60 -10.59
C ILE A 805 -35.84 51.54 -10.08
N LEU A 806 -36.15 52.79 -9.80
CA LEU A 806 -35.15 53.69 -9.27
C LEU A 806 -34.88 53.38 -7.81
N PRO A 807 -33.74 53.81 -7.28
CA PRO A 807 -33.42 53.52 -5.88
C PRO A 807 -34.42 54.14 -4.94
N ASP A 808 -34.63 53.49 -3.80
CA ASP A 808 -35.51 53.99 -2.76
C ASP A 808 -34.67 54.67 -1.69
N PRO A 809 -34.73 56.01 -1.55
CA PRO A 809 -33.93 56.65 -0.50
C PRO A 809 -34.29 56.19 0.91
N SER A 810 -35.52 55.77 1.15
CA SER A 810 -35.96 55.42 2.50
C SER A 810 -35.37 54.12 3.00
N LYS A 811 -34.88 53.26 2.11
CA LYS A 811 -34.31 51.98 2.55
C LYS A 811 -32.95 52.20 3.17
N PRO A 812 -32.55 51.35 4.12
CA PRO A 812 -31.18 51.45 4.65
C PRO A 812 -30.12 51.28 3.59
N SER A 813 -30.35 50.43 2.60
CA SER A 813 -29.49 50.32 1.42
C SER A 813 -30.31 50.76 0.22
N LYS A 814 -29.75 51.66 -0.58
CA LYS A 814 -30.49 52.27 -1.68
C LYS A 814 -30.63 51.24 -2.79
N ARG A 815 -31.64 50.38 -2.64
CA ARG A 815 -32.00 49.40 -3.63
C ARG A 815 -33.45 49.58 -4.05
N SER A 816 -33.69 49.45 -5.35
CA SER A 816 -35.02 49.67 -5.88
C SER A 816 -35.97 48.56 -5.43
N PHE A 817 -37.26 48.82 -5.58
CA PHE A 817 -38.26 47.87 -5.11
C PHE A 817 -38.06 46.51 -5.74
N ILE A 818 -37.88 46.47 -7.06
CA ILE A 818 -37.71 45.20 -7.75
C ILE A 818 -36.40 44.53 -7.33
N GLU A 819 -35.37 45.34 -7.06
CA GLU A 819 -34.15 44.76 -6.51
C GLU A 819 -34.42 44.06 -5.20
N ASP A 820 -35.24 44.69 -4.33
CA ASP A 820 -35.59 44.04 -3.07
C ASP A 820 -36.35 42.75 -3.31
N LEU A 821 -37.29 42.75 -4.25
CA LEU A 821 -38.00 41.51 -4.55
C LEU A 821 -37.04 40.43 -5.01
N LEU A 822 -36.06 40.78 -5.84
CA LEU A 822 -35.09 39.81 -6.30
C LEU A 822 -34.24 39.28 -5.15
N PHE A 823 -33.82 40.15 -4.24
CA PHE A 823 -32.98 39.72 -3.13
C PHE A 823 -33.70 38.74 -2.21
N ASN A 824 -35.01 38.84 -2.06
CA ASN A 824 -35.76 37.99 -1.15
C ASN A 824 -36.17 36.66 -1.77
N LYS A 825 -35.94 36.47 -3.08
CA LYS A 825 -36.27 35.21 -3.73
C LYS A 825 -35.07 34.27 -3.87
N VAL A 826 -33.86 34.80 -3.81
CA VAL A 826 -32.66 34.00 -3.92
C VAL A 826 -32.08 33.78 -2.53
N THR A 827 -31.86 32.52 -2.17
CA THR A 827 -31.31 32.18 -0.86
C THR A 827 -30.14 31.21 -1.01
N LYS A 854 -16.71 25.31 5.67
CA LYS A 854 -17.19 25.80 6.96
C LYS A 854 -16.01 26.25 7.81
N PHE A 855 -15.42 25.33 8.58
CA PHE A 855 -14.25 25.61 9.41
C PHE A 855 -13.25 24.47 9.36
N ASN A 856 -13.22 23.74 8.24
CA ASN A 856 -12.29 22.64 8.04
C ASN A 856 -11.21 23.00 7.03
N GLY A 857 -10.69 24.21 7.12
CA GLY A 857 -9.79 24.75 6.11
C GLY A 857 -10.48 25.42 4.96
N LEU A 858 -11.81 25.48 4.97
CA LEU A 858 -12.60 26.10 3.92
C LEU A 858 -13.05 27.48 4.39
N THR A 859 -12.90 28.48 3.54
CA THR A 859 -13.30 29.84 3.85
C THR A 859 -14.01 30.43 2.64
N VAL A 860 -14.88 31.41 2.91
CA VAL A 860 -15.58 32.14 1.87
C VAL A 860 -15.13 33.59 1.94
N LEU A 861 -14.28 33.98 1.03
CA LEU A 861 -13.80 35.34 1.03
C LEU A 861 -14.92 36.30 0.63
N PRO A 862 -14.93 37.52 1.17
CA PRO A 862 -15.97 38.47 0.79
C PRO A 862 -15.71 39.03 -0.58
N PRO A 863 -16.76 39.32 -1.35
CA PRO A 863 -16.54 39.95 -2.66
C PRO A 863 -16.01 41.36 -2.52
N LEU A 864 -15.26 41.79 -3.52
CA LEU A 864 -14.65 43.12 -3.46
C LEU A 864 -15.71 44.21 -3.42
N LEU A 865 -16.76 44.08 -4.21
CA LEU A 865 -17.84 45.06 -4.26
C LEU A 865 -18.97 44.61 -3.34
N THR A 866 -19.27 45.42 -2.33
CA THR A 866 -20.40 45.14 -1.47
C THR A 866 -21.70 45.38 -2.22
N ASP A 867 -22.77 44.70 -1.78
CA ASP A 867 -24.04 44.81 -2.48
C ASP A 867 -24.48 46.26 -2.60
N GLU A 868 -24.13 47.09 -1.62
CA GLU A 868 -24.46 48.51 -1.72
C GLU A 868 -23.79 49.15 -2.92
N MET A 869 -22.52 48.79 -3.18
CA MET A 869 -21.83 49.36 -4.32
C MET A 869 -22.42 48.86 -5.64
N ILE A 870 -22.82 47.59 -5.70
CA ILE A 870 -23.49 47.12 -6.91
C ILE A 870 -24.80 47.87 -7.12
N ALA A 871 -25.53 48.12 -6.04
CA ALA A 871 -26.76 48.90 -6.15
C ALA A 871 -26.47 50.31 -6.65
N GLN A 872 -25.40 50.93 -6.16
CA GLN A 872 -25.07 52.27 -6.62
C GLN A 872 -24.67 52.26 -8.10
N TYR A 873 -23.92 51.24 -8.53
CA TYR A 873 -23.57 51.15 -9.93
C TYR A 873 -24.79 51.01 -10.81
N THR A 874 -25.71 50.12 -10.44
CA THR A 874 -26.91 49.95 -11.25
C THR A 874 -27.78 51.20 -11.21
N SER A 875 -27.81 51.90 -10.07
CA SER A 875 -28.52 53.17 -10.02
C SER A 875 -27.92 54.18 -10.98
N ALA A 876 -26.59 54.26 -11.04
CA ALA A 876 -25.95 55.17 -11.96
C ALA A 876 -26.27 54.81 -13.41
N LEU A 877 -26.18 53.53 -13.75
CA LEU A 877 -26.48 53.11 -15.11
C LEU A 877 -27.93 53.44 -15.47
N LEU A 878 -28.86 53.17 -14.56
CA LEU A 878 -30.27 53.43 -14.85
C LEU A 878 -30.54 54.93 -14.97
N ALA A 879 -29.93 55.75 -14.10
CA ALA A 879 -30.12 57.18 -14.21
C ALA A 879 -29.55 57.71 -15.50
N GLY A 880 -28.39 57.22 -15.91
CA GLY A 880 -27.84 57.62 -17.19
C GLY A 880 -28.74 57.25 -18.35
N THR A 881 -29.24 56.02 -18.34
CA THR A 881 -30.15 55.59 -19.41
C THR A 881 -31.39 56.47 -19.45
N ILE A 882 -31.92 56.83 -18.28
CA ILE A 882 -33.16 57.60 -18.24
C ILE A 882 -32.93 59.02 -18.71
N THR A 883 -31.84 59.65 -18.28
CA THR A 883 -31.67 61.08 -18.52
C THR A 883 -30.96 61.41 -19.82
N SER A 884 -29.99 60.60 -20.26
CA SER A 884 -29.16 60.95 -21.40
C SER A 884 -29.14 59.88 -22.48
N GLY A 885 -30.09 58.96 -22.48
CA GLY A 885 -30.13 57.96 -23.54
C GLY A 885 -28.87 57.11 -23.53
N TRP A 886 -28.21 57.06 -24.68
CA TRP A 886 -26.95 56.33 -24.84
C TRP A 886 -25.73 57.22 -24.83
N THR A 887 -25.91 58.54 -24.94
CA THR A 887 -24.77 59.42 -25.09
C THR A 887 -23.79 59.28 -23.93
N PHE A 888 -24.28 59.05 -22.73
CA PHE A 888 -23.38 58.86 -21.60
C PHE A 888 -22.53 57.61 -21.77
N GLY A 889 -22.99 56.65 -22.57
CA GLY A 889 -22.16 55.49 -22.87
C GLY A 889 -20.98 55.87 -23.74
N ALA A 890 -21.19 56.76 -24.71
CA ALA A 890 -20.12 57.14 -25.62
C ALA A 890 -19.14 58.10 -24.95
N GLY A 891 -19.58 59.30 -24.63
CA GLY A 891 -18.73 60.29 -24.00
C GLY A 891 -19.39 60.95 -22.82
N ALA A 892 -19.35 62.29 -22.78
CA ALA A 892 -19.98 63.01 -21.69
C ALA A 892 -21.50 62.86 -21.77
N ALA A 893 -22.12 62.64 -20.61
CA ALA A 893 -23.57 62.48 -20.54
C ALA A 893 -24.23 63.76 -21.02
N LEU A 894 -25.21 63.63 -21.89
CA LEU A 894 -25.94 64.77 -22.46
C LEU A 894 -27.39 64.66 -22.04
N GLN A 895 -27.86 65.62 -21.25
CA GLN A 895 -29.27 65.60 -20.84
C GLN A 895 -30.15 65.76 -22.07
N ILE A 896 -31.31 65.12 -22.03
CA ILE A 896 -32.23 65.13 -23.16
C ILE A 896 -33.62 64.72 -22.69
N PRO A 897 -34.68 65.39 -23.12
CA PRO A 897 -36.01 65.00 -22.64
C PRO A 897 -36.30 63.53 -22.94
N PHE A 898 -36.94 62.86 -21.99
CA PHE A 898 -37.17 61.43 -22.16
C PHE A 898 -38.07 61.15 -23.35
N ALA A 899 -39.03 62.03 -23.61
CA ALA A 899 -39.90 61.83 -24.77
C ALA A 899 -39.08 61.83 -26.06
N MET A 900 -38.14 62.76 -26.19
CA MET A 900 -37.33 62.78 -27.40
C MET A 900 -36.37 61.59 -27.45
N GLN A 901 -35.92 61.12 -26.29
CA GLN A 901 -35.11 59.90 -26.29
C GLN A 901 -35.92 58.73 -26.81
N MET A 902 -37.18 58.59 -26.38
CA MET A 902 -38.01 57.53 -26.92
C MET A 902 -38.31 57.76 -28.40
N ALA A 903 -38.38 59.01 -28.83
CA ALA A 903 -38.55 59.27 -30.26
C ALA A 903 -37.35 58.73 -31.05
N TYR A 904 -36.14 58.98 -30.55
CA TYR A 904 -34.98 58.40 -31.22
C TYR A 904 -35.03 56.88 -31.18
N ARG A 905 -35.41 56.31 -30.04
CA ARG A 905 -35.47 54.87 -29.92
C ARG A 905 -36.42 54.28 -30.96
N PHE A 906 -37.59 54.89 -31.11
CA PHE A 906 -38.53 54.43 -32.14
C PHE A 906 -37.95 54.60 -33.53
N ASN A 907 -37.37 55.78 -33.82
CA ASN A 907 -36.77 55.97 -35.13
C ASN A 907 -35.74 54.91 -35.43
N GLY A 908 -35.07 54.40 -34.40
CA GLY A 908 -34.06 53.37 -34.58
C GLY A 908 -34.60 52.05 -35.05
N ILE A 909 -35.91 51.82 -34.95
CA ILE A 909 -36.53 50.57 -35.39
C ILE A 909 -37.51 50.79 -36.53
N GLY A 910 -37.27 51.80 -37.38
CA GLY A 910 -38.05 51.94 -38.59
C GLY A 910 -39.48 52.38 -38.39
N VAL A 911 -39.79 52.97 -37.25
CA VAL A 911 -41.11 53.54 -37.00
C VAL A 911 -40.95 55.05 -36.86
N THR A 912 -41.68 55.80 -37.67
CA THR A 912 -41.56 57.25 -37.63
C THR A 912 -41.73 57.74 -36.20
N GLN A 913 -41.07 58.84 -35.87
CA GLN A 913 -41.13 59.35 -34.51
C GLN A 913 -42.51 59.87 -34.16
N ASN A 914 -43.23 60.48 -35.12
CA ASN A 914 -44.53 61.06 -34.80
C ASN A 914 -45.48 60.04 -34.20
N VAL A 915 -45.27 58.75 -34.49
CA VAL A 915 -46.09 57.72 -33.86
C VAL A 915 -45.99 57.83 -32.35
N LEU A 916 -44.78 58.09 -31.83
CA LEU A 916 -44.63 58.22 -30.38
C LEU A 916 -45.41 59.42 -29.85
N TYR A 917 -45.21 60.59 -30.44
CA TYR A 917 -45.82 61.79 -29.88
C TYR A 917 -47.34 61.73 -29.98
N GLU A 918 -47.88 61.27 -31.10
CA GLU A 918 -49.33 61.17 -31.21
C GLU A 918 -49.88 60.10 -30.28
N ASN A 919 -49.08 59.09 -29.94
CA ASN A 919 -49.50 58.00 -29.06
C ASN A 919 -48.68 57.97 -27.78
N GLN A 920 -48.36 59.13 -27.21
CA GLN A 920 -47.48 59.15 -26.05
C GLN A 920 -48.16 58.59 -24.81
N LYS A 921 -49.39 59.03 -24.54
CA LYS A 921 -50.08 58.60 -23.32
C LYS A 921 -50.33 57.09 -23.33
N LEU A 922 -50.74 56.56 -24.48
CA LEU A 922 -50.95 55.12 -24.59
C LEU A 922 -49.66 54.36 -24.29
N ILE A 923 -48.54 54.82 -24.84
CA ILE A 923 -47.27 54.15 -24.59
C ILE A 923 -46.90 54.23 -23.12
N ALA A 924 -47.10 55.40 -22.51
CA ALA A 924 -46.76 55.55 -21.09
C ALA A 924 -47.58 54.58 -20.25
N ASN A 925 -48.88 54.49 -20.51
CA ASN A 925 -49.72 53.58 -19.74
C ASN A 925 -49.32 52.13 -19.96
N GLN A 926 -49.02 51.76 -21.21
CA GLN A 926 -48.61 50.38 -21.47
C GLN A 926 -47.30 50.04 -20.76
N PHE A 927 -46.34 50.97 -20.76
CA PHE A 927 -45.07 50.71 -20.09
C PHE A 927 -45.27 50.61 -18.58
N ASN A 928 -46.06 51.51 -18.00
CA ASN A 928 -46.32 51.42 -16.57
C ASN A 928 -46.99 50.12 -16.20
N SER A 929 -47.99 49.69 -16.99
CA SER A 929 -48.67 48.44 -16.70
C SER A 929 -47.73 47.24 -16.86
N ALA A 930 -46.82 47.30 -17.83
CA ALA A 930 -45.83 46.23 -17.97
C ALA A 930 -44.93 46.15 -16.76
N ILE A 931 -44.47 47.30 -16.26
CA ILE A 931 -43.66 47.29 -15.05
C ILE A 931 -44.44 46.71 -13.89
N GLY A 932 -45.72 47.07 -13.79
CA GLY A 932 -46.54 46.50 -12.73
C GLY A 932 -46.69 45.00 -12.83
N LYS A 933 -46.88 44.50 -14.05
CA LYS A 933 -46.98 43.06 -14.24
C LYS A 933 -45.68 42.36 -13.87
N ILE A 934 -44.53 42.96 -14.19
CA ILE A 934 -43.26 42.38 -13.76
C ILE A 934 -43.16 42.36 -12.24
N GLN A 935 -43.55 43.46 -11.60
CA GLN A 935 -43.54 43.50 -10.14
C GLN A 935 -44.37 42.37 -9.57
N ASP A 936 -45.56 42.15 -10.11
CA ASP A 936 -46.40 41.06 -9.62
C ASP A 936 -45.77 39.70 -9.90
N SER A 937 -45.20 39.52 -11.09
CA SER A 937 -44.65 38.22 -11.46
C SER A 937 -43.50 37.83 -10.54
N LEU A 938 -42.58 38.77 -10.26
CA LEU A 938 -41.46 38.43 -9.41
C LEU A 938 -41.89 38.06 -8.00
N SER A 939 -42.86 38.80 -7.45
CA SER A 939 -43.31 38.55 -6.08
C SER A 939 -44.03 37.22 -5.92
N SER A 940 -44.38 36.54 -7.02
CA SER A 940 -45.15 35.31 -6.96
C SER A 940 -44.43 34.10 -7.54
N THR A 941 -43.60 34.26 -8.56
CA THR A 941 -42.93 33.16 -9.24
C THR A 941 -41.48 33.11 -8.79
N ALA A 942 -41.17 32.22 -7.86
CA ALA A 942 -39.78 32.01 -7.46
C ALA A 942 -38.95 31.44 -8.59
N SER A 943 -39.55 30.53 -9.39
CA SER A 943 -38.82 29.85 -10.44
C SER A 943 -38.18 30.82 -11.43
N ALA A 944 -38.67 32.06 -11.51
CA ALA A 944 -38.05 33.04 -12.40
C ALA A 944 -36.56 33.19 -12.12
N LEU A 945 -36.15 33.06 -10.86
CA LEU A 945 -34.77 33.24 -10.46
C LEU A 945 -33.96 31.95 -10.57
N GLY A 946 -34.50 30.93 -11.24
CA GLY A 946 -33.84 29.64 -11.24
C GLY A 946 -32.37 29.72 -11.63
N LYS A 947 -32.08 30.42 -12.73
CA LYS A 947 -30.71 30.48 -13.23
C LYS A 947 -29.74 30.89 -12.13
N LEU A 948 -30.14 31.83 -11.27
CA LEU A 948 -29.30 32.20 -10.14
C LEU A 948 -29.34 31.15 -9.04
N GLN A 949 -30.53 30.76 -8.59
CA GLN A 949 -30.62 29.88 -7.43
C GLN A 949 -29.78 28.63 -7.64
N ASP A 950 -29.99 27.94 -8.76
CA ASP A 950 -29.23 26.73 -9.02
C ASP A 950 -27.74 26.97 -8.83
N VAL A 951 -27.21 28.04 -9.41
CA VAL A 951 -25.78 28.31 -9.26
C VAL A 951 -25.39 28.19 -7.80
N VAL A 952 -26.04 28.97 -6.93
CA VAL A 952 -25.69 28.94 -5.52
C VAL A 952 -25.71 27.50 -5.03
N ASN A 953 -26.82 26.79 -5.24
CA ASN A 953 -26.91 25.43 -4.75
C ASN A 953 -25.70 24.62 -5.19
N GLN A 954 -25.36 24.66 -6.47
CA GLN A 954 -24.25 23.86 -6.94
C GLN A 954 -23.02 24.10 -6.09
N ASN A 955 -22.63 25.37 -5.92
CA ASN A 955 -21.46 25.65 -5.11
C ASN A 955 -21.61 25.03 -3.73
N ALA A 956 -22.72 25.32 -3.05
CA ALA A 956 -22.95 24.74 -1.74
C ALA A 956 -22.78 23.23 -1.80
N GLN A 957 -23.43 22.59 -2.77
CA GLN A 957 -23.34 21.14 -2.86
C GLN A 957 -21.88 20.71 -2.84
N ALA A 958 -21.06 21.28 -3.72
CA ALA A 958 -19.67 20.87 -3.78
C ALA A 958 -19.05 20.95 -2.39
N LEU A 959 -19.17 22.09 -1.72
CA LEU A 959 -18.57 22.24 -0.41
C LEU A 959 -19.02 21.10 0.50
N ASN A 960 -20.33 20.88 0.60
CA ASN A 960 -20.81 19.81 1.46
C ASN A 960 -20.16 18.50 1.10
N THR A 961 -20.15 18.16 -0.20
CA THR A 961 -19.50 16.93 -0.61
C THR A 961 -18.08 16.88 -0.08
N LEU A 962 -17.31 17.94 -0.31
CA LEU A 962 -15.94 17.96 0.19
C LEU A 962 -15.92 17.68 1.68
N VAL A 963 -16.75 18.38 2.45
CA VAL A 963 -16.77 18.17 3.89
C VAL A 963 -17.12 16.71 4.20
N LYS A 964 -18.12 16.16 3.51
CA LYS A 964 -18.50 14.79 3.79
C LYS A 964 -17.37 13.83 3.46
N GLN A 965 -16.49 14.20 2.54
CA GLN A 965 -15.37 13.31 2.22
C GLN A 965 -14.45 13.13 3.40
N LEU A 966 -14.53 14.01 4.40
CA LEU A 966 -13.73 13.81 5.61
C LEU A 966 -14.20 12.58 6.39
N SER A 967 -15.48 12.22 6.30
CA SER A 967 -15.99 11.10 7.05
C SER A 967 -15.67 9.75 6.42
N SER A 968 -15.24 9.73 5.17
CA SER A 968 -14.93 8.47 4.50
C SER A 968 -13.54 7.98 4.89
N ASN A 969 -13.40 6.67 5.00
CA ASN A 969 -12.15 6.06 5.45
C ASN A 969 -11.17 5.83 4.31
N PHE A 970 -11.65 5.63 3.09
CA PHE A 970 -10.77 5.39 1.94
C PHE A 970 -9.90 4.16 2.16
N GLY A 971 -10.41 3.17 2.90
CA GLY A 971 -9.68 1.97 3.21
C GLY A 971 -8.92 2.02 4.53
N ALA A 972 -8.81 3.19 5.14
CA ALA A 972 -8.15 3.30 6.43
C ALA A 972 -9.03 2.72 7.53
N ILE A 973 -8.42 2.48 8.69
CA ILE A 973 -9.17 1.94 9.82
C ILE A 973 -10.23 2.92 10.30
N SER A 974 -9.95 4.22 10.25
CA SER A 974 -10.91 5.22 10.72
C SER A 974 -10.73 6.49 9.91
N SER A 975 -11.82 7.23 9.72
CA SER A 975 -11.75 8.52 9.05
C SER A 975 -11.24 9.62 9.97
N VAL A 976 -11.05 9.32 11.25
CA VAL A 976 -10.56 10.30 12.21
C VAL A 976 -9.05 10.14 12.33
N LEU A 977 -8.32 11.22 12.02
CA LEU A 977 -6.86 11.17 12.05
C LEU A 977 -6.34 10.95 13.46
N ASN A 978 -6.93 11.62 14.45
CA ASN A 978 -6.43 11.51 15.82
C ASN A 978 -6.55 10.09 16.34
N ASP A 979 -7.65 9.39 16.03
CA ASP A 979 -7.82 8.03 16.50
C ASP A 979 -6.71 7.12 15.96
N ILE A 980 -6.37 7.26 14.69
CA ILE A 980 -5.24 6.50 14.14
C ILE A 980 -3.95 6.89 14.85
N LEU A 981 -3.74 8.19 15.05
CA LEU A 981 -2.54 8.64 15.75
C LEU A 981 -2.51 8.13 17.19
N SER A 982 -3.65 8.15 17.88
CA SER A 982 -3.70 7.81 19.30
C SER A 982 -3.76 6.31 19.56
N ARG A 983 -3.85 5.47 18.52
CA ARG A 983 -3.99 4.04 18.70
C ARG A 983 -2.87 3.21 18.08
N LEU A 984 -2.19 3.72 17.05
CA LEU A 984 -1.18 2.96 16.33
C LEU A 984 0.17 3.65 16.42
N ASP A 985 1.23 2.84 16.39
CA ASP A 985 2.58 3.37 16.39
C ASP A 985 2.91 3.99 15.03
N PRO A 986 3.96 4.81 14.96
CA PRO A 986 4.27 5.51 13.71
C PRO A 986 4.41 4.57 12.53
N PRO A 987 5.01 3.39 12.72
CA PRO A 987 5.17 2.48 11.57
C PRO A 987 3.88 2.15 10.84
N GLU A 988 2.76 1.99 11.56
CA GLU A 988 1.46 1.72 10.94
C GLU A 988 0.62 2.97 10.75
N ALA A 989 0.72 3.93 11.68
CA ALA A 989 0.04 5.20 11.50
C ALA A 989 0.47 5.86 10.20
N GLU A 990 1.73 5.67 9.81
CA GLU A 990 2.20 6.26 8.55
C GLU A 990 1.47 5.67 7.35
N VAL A 991 1.29 4.35 7.32
CA VAL A 991 0.58 3.72 6.20
C VAL A 991 -0.88 4.17 6.19
N GLN A 992 -1.53 4.16 7.35
CA GLN A 992 -2.92 4.57 7.41
C GLN A 992 -3.08 6.03 6.96
N ILE A 993 -2.19 6.90 7.43
CA ILE A 993 -2.26 8.31 7.07
C ILE A 993 -1.94 8.48 5.59
N ASP A 994 -1.08 7.63 5.03
CA ASP A 994 -0.83 7.69 3.60
C ASP A 994 -2.09 7.37 2.82
N ARG A 995 -2.82 6.35 3.23
CA ARG A 995 -4.10 6.05 2.56
C ARG A 995 -5.07 7.21 2.68
N LEU A 996 -5.21 7.75 3.89
CA LEU A 996 -6.14 8.86 4.09
C LEU A 996 -5.73 10.08 3.27
N ILE A 997 -4.42 10.37 3.22
CA ILE A 997 -3.94 11.52 2.48
C ILE A 997 -4.18 11.33 0.99
N THR A 998 -3.94 10.13 0.48
CA THR A 998 -4.24 9.87 -0.92
C THR A 998 -5.71 10.14 -1.21
N GLY A 999 -6.59 9.59 -0.37
CA GLY A 999 -8.01 9.80 -0.60
C GLY A 999 -8.41 11.27 -0.56
N ARG A 1000 -7.95 11.98 0.46
CA ARG A 1000 -8.34 13.37 0.62
C ARG A 1000 -7.72 14.25 -0.47
N LEU A 1001 -6.50 13.95 -0.90
CA LEU A 1001 -5.89 14.71 -1.98
C LEU A 1001 -6.65 14.50 -3.29
N GLN A 1002 -7.07 13.26 -3.55
CA GLN A 1002 -7.89 13.03 -4.74
C GLN A 1002 -9.21 13.78 -4.65
N SER A 1003 -9.80 13.81 -3.45
CA SER A 1003 -11.03 14.58 -3.28
C SER A 1003 -10.80 16.06 -3.56
N LEU A 1004 -9.70 16.61 -3.04
CA LEU A 1004 -9.41 18.02 -3.28
C LEU A 1004 -9.18 18.30 -4.74
N GLN A 1005 -8.44 17.44 -5.44
CA GLN A 1005 -8.23 17.65 -6.86
C GLN A 1005 -9.54 17.60 -7.63
N THR A 1006 -10.42 16.66 -7.28
CA THR A 1006 -11.72 16.61 -7.94
C THR A 1006 -12.50 17.89 -7.71
N TYR A 1007 -12.51 18.38 -6.47
CA TYR A 1007 -13.24 19.61 -6.18
C TYR A 1007 -12.67 20.78 -6.96
N VAL A 1008 -11.35 20.88 -7.03
CA VAL A 1008 -10.73 22.01 -7.73
C VAL A 1008 -11.02 21.94 -9.21
N THR A 1009 -11.00 20.75 -9.81
CA THR A 1009 -11.32 20.64 -11.22
C THR A 1009 -12.77 21.02 -11.49
N GLN A 1010 -13.69 20.55 -10.64
CA GLN A 1010 -15.08 20.96 -10.79
C GLN A 1010 -15.22 22.47 -10.68
N GLN A 1011 -14.54 23.09 -9.73
CA GLN A 1011 -14.61 24.53 -9.58
C GLN A 1011 -14.06 25.24 -10.81
N LEU A 1012 -12.95 24.75 -11.36
CA LEU A 1012 -12.41 25.37 -12.55
C LEU A 1012 -13.40 25.33 -13.70
N ILE A 1013 -14.02 24.18 -13.93
CA ILE A 1013 -14.96 24.07 -15.04
C ILE A 1013 -16.18 24.97 -14.81
N ARG A 1014 -16.71 24.95 -13.59
CA ARG A 1014 -17.88 25.78 -13.31
C ARG A 1014 -17.53 27.26 -13.41
N ALA A 1015 -16.32 27.63 -13.02
CA ALA A 1015 -15.90 29.03 -13.13
C ALA A 1015 -15.74 29.43 -14.59
N ALA A 1016 -15.28 28.51 -15.44
CA ALA A 1016 -15.25 28.80 -16.87
C ALA A 1016 -16.66 29.04 -17.40
N GLU A 1017 -17.61 28.20 -16.98
CA GLU A 1017 -19.00 28.41 -17.38
C GLU A 1017 -19.49 29.79 -16.94
N ILE A 1018 -19.25 30.14 -15.67
CA ILE A 1018 -19.73 31.41 -15.14
C ILE A 1018 -19.03 32.57 -15.84
N ARG A 1019 -17.78 32.39 -16.23
CA ARG A 1019 -17.08 33.46 -16.94
C ARG A 1019 -17.67 33.66 -18.32
N ALA A 1020 -18.04 32.58 -19.00
CA ALA A 1020 -18.75 32.74 -20.27
C ALA A 1020 -20.06 33.49 -20.07
N SER A 1021 -20.80 33.14 -19.02
CA SER A 1021 -22.05 33.84 -18.74
C SER A 1021 -21.81 35.30 -18.39
N ALA A 1022 -20.72 35.59 -17.67
CA ALA A 1022 -20.42 36.96 -17.29
C ALA A 1022 -20.01 37.79 -18.49
N ASN A 1023 -19.25 37.21 -19.41
CA ASN A 1023 -18.92 37.92 -20.65
C ASN A 1023 -20.17 38.20 -21.46
N LEU A 1024 -21.09 37.23 -21.53
CA LEU A 1024 -22.36 37.48 -22.22
C LEU A 1024 -23.13 38.60 -21.53
N ALA A 1025 -23.14 38.60 -20.18
CA ALA A 1025 -23.85 39.64 -19.45
C ALA A 1025 -23.22 41.00 -19.68
N ALA A 1026 -21.90 41.07 -19.73
CA ALA A 1026 -21.23 42.34 -20.01
C ALA A 1026 -21.56 42.82 -21.41
N THR A 1027 -21.59 41.92 -22.38
CA THR A 1027 -21.96 42.31 -23.74
C THR A 1027 -23.38 42.83 -23.79
N LYS A 1028 -24.30 42.20 -23.06
CA LYS A 1028 -25.65 42.74 -22.98
C LYS A 1028 -25.65 44.11 -22.32
N MET A 1029 -24.93 44.26 -21.21
CA MET A 1029 -24.89 45.54 -20.54
C MET A 1029 -24.42 46.64 -21.49
N SER A 1030 -23.49 46.29 -22.38
CA SER A 1030 -22.94 47.30 -23.29
C SER A 1030 -23.91 47.59 -24.43
N GLU A 1031 -24.36 46.55 -25.14
CA GLU A 1031 -25.07 46.72 -26.40
C GLU A 1031 -26.58 46.67 -26.23
N CYS A 1032 -27.07 46.74 -24.99
CA CYS A 1032 -28.49 46.56 -24.70
C CYS A 1032 -28.98 47.72 -23.86
N VAL A 1033 -28.13 48.19 -22.94
CA VAL A 1033 -28.45 49.32 -22.08
C VAL A 1033 -27.83 50.61 -22.61
N LEU A 1034 -26.51 50.63 -22.73
CA LEU A 1034 -25.80 51.83 -23.15
C LEU A 1034 -26.10 52.22 -24.59
N GLY A 1035 -26.74 51.35 -25.36
CA GLY A 1035 -27.14 51.66 -26.72
C GLY A 1035 -28.50 51.04 -27.02
N GLN A 1036 -28.76 50.89 -28.31
CA GLN A 1036 -29.96 50.21 -28.79
C GLN A 1036 -29.51 49.11 -29.75
N SER A 1037 -30.03 47.90 -29.55
CA SER A 1037 -29.53 46.74 -30.26
C SER A 1037 -30.35 46.49 -31.53
N LYS A 1038 -29.66 46.36 -32.65
CA LYS A 1038 -30.27 45.94 -33.90
C LYS A 1038 -30.36 44.42 -34.02
N ARG A 1039 -29.80 43.68 -33.07
CA ARG A 1039 -29.76 42.23 -33.15
C ARG A 1039 -31.08 41.65 -32.68
N VAL A 1040 -31.73 40.85 -33.52
CA VAL A 1040 -33.05 40.32 -33.19
C VAL A 1040 -32.91 39.28 -32.08
N ASP A 1041 -33.79 39.36 -31.09
CA ASP A 1041 -33.89 38.44 -29.97
C ASP A 1041 -32.63 38.40 -29.11
N PHE A 1042 -31.65 39.26 -29.37
CA PHE A 1042 -30.54 39.38 -28.44
C PHE A 1042 -30.93 40.19 -27.21
N CYS A 1043 -31.90 41.09 -27.36
CA CYS A 1043 -32.33 41.96 -26.28
C CYS A 1043 -33.83 41.90 -26.10
N GLY A 1044 -34.37 40.69 -26.03
CA GLY A 1044 -35.78 40.47 -25.78
C GLY A 1044 -36.58 40.32 -27.06
N LYS A 1045 -37.58 39.44 -27.00
CA LYS A 1045 -38.40 39.17 -28.17
C LYS A 1045 -39.06 40.45 -28.65
N GLY A 1046 -39.01 40.66 -29.96
CA GLY A 1046 -39.54 41.86 -30.57
C GLY A 1046 -38.45 42.88 -30.83
N TYR A 1047 -38.86 43.99 -31.42
CA TYR A 1047 -37.95 45.11 -31.66
C TYR A 1047 -37.54 45.71 -30.33
N HIS A 1048 -36.24 45.85 -30.13
CA HIS A 1048 -35.73 46.31 -28.84
C HIS A 1048 -35.80 47.82 -28.76
N LEU A 1049 -36.39 48.32 -27.68
CA LEU A 1049 -36.40 49.76 -27.40
C LEU A 1049 -35.31 50.13 -26.40
N MET A 1050 -35.29 49.51 -25.23
CA MET A 1050 -34.28 49.84 -24.25
C MET A 1050 -34.20 48.76 -23.19
N SER A 1051 -33.33 48.97 -22.22
CA SER A 1051 -33.17 48.03 -21.12
C SER A 1051 -32.85 48.78 -19.85
N PHE A 1052 -33.15 48.15 -18.72
CA PHE A 1052 -32.81 48.69 -17.40
C PHE A 1052 -32.14 47.56 -16.62
N PRO A 1053 -30.89 47.71 -16.21
CA PRO A 1053 -30.27 46.68 -15.39
C PRO A 1053 -30.75 46.73 -13.95
N GLN A 1054 -30.58 45.62 -13.25
CA GLN A 1054 -30.87 45.52 -11.83
C GLN A 1054 -29.93 44.49 -11.24
N SER A 1055 -29.47 44.74 -10.02
CA SER A 1055 -28.61 43.77 -9.36
C SER A 1055 -29.43 42.61 -8.84
N ALA A 1056 -28.74 41.55 -8.44
CA ALA A 1056 -29.37 40.43 -7.74
C ALA A 1056 -28.27 39.57 -7.16
N PRO A 1057 -28.58 38.77 -6.14
CA PRO A 1057 -27.53 37.95 -5.51
C PRO A 1057 -26.77 37.12 -6.52
N HIS A 1058 -25.49 37.43 -6.72
CA HIS A 1058 -24.66 36.70 -7.67
C HIS A 1058 -25.29 36.69 -9.06
N GLY A 1059 -25.78 37.84 -9.51
CA GLY A 1059 -26.33 37.90 -10.85
C GLY A 1059 -26.88 39.27 -11.17
N VAL A 1060 -27.27 39.42 -12.42
CA VAL A 1060 -27.83 40.66 -12.93
C VAL A 1060 -29.10 40.34 -13.70
N VAL A 1061 -30.13 41.17 -13.51
CA VAL A 1061 -31.43 40.97 -14.13
C VAL A 1061 -31.75 42.20 -14.97
N PHE A 1062 -31.97 42.00 -16.27
CA PHE A 1062 -32.29 43.07 -17.19
C PHE A 1062 -33.80 43.11 -17.39
N LEU A 1063 -34.36 44.31 -17.40
CA LEU A 1063 -35.74 44.53 -17.83
C LEU A 1063 -35.67 45.13 -19.22
N HIS A 1064 -35.99 44.34 -20.24
CA HIS A 1064 -35.95 44.78 -21.63
C HIS A 1064 -37.32 45.30 -22.03
N VAL A 1065 -37.38 46.57 -22.40
CA VAL A 1065 -38.60 47.17 -22.94
C VAL A 1065 -38.51 47.04 -24.46
N THR A 1066 -39.49 46.36 -25.06
CA THR A 1066 -39.46 46.05 -26.48
C THR A 1066 -40.82 46.32 -27.11
N TYR A 1067 -40.78 46.71 -28.37
CA TYR A 1067 -41.96 47.08 -29.15
C TYR A 1067 -42.41 45.87 -29.96
N VAL A 1068 -43.69 45.51 -29.85
CA VAL A 1068 -44.23 44.32 -30.49
C VAL A 1068 -45.49 44.71 -31.27
N PRO A 1069 -45.55 44.53 -32.58
CA PRO A 1069 -46.81 44.77 -33.30
C PRO A 1069 -47.90 43.84 -32.77
N ALA A 1070 -49.12 44.36 -32.66
CA ALA A 1070 -50.21 43.64 -32.02
C ALA A 1070 -51.33 43.27 -32.97
N GLN A 1071 -51.91 44.24 -33.67
CA GLN A 1071 -53.08 44.02 -34.51
C GLN A 1071 -52.67 44.24 -35.96
N GLU A 1072 -53.22 43.43 -36.85
CA GLU A 1072 -52.79 43.42 -38.24
C GLU A 1072 -53.99 43.65 -39.15
N LYS A 1073 -53.71 44.28 -40.30
CA LYS A 1073 -54.68 44.45 -41.36
C LYS A 1073 -54.09 43.97 -42.67
N ASN A 1074 -54.90 43.28 -43.46
CA ASN A 1074 -54.49 42.80 -44.78
C ASN A 1074 -54.60 43.95 -45.76
N PHE A 1075 -53.76 43.94 -46.79
CA PHE A 1075 -53.83 44.90 -47.87
C PHE A 1075 -53.31 44.28 -49.15
N THR A 1076 -53.71 44.86 -50.27
CA THR A 1076 -53.19 44.49 -51.56
C THR A 1076 -52.06 45.44 -51.94
N THR A 1077 -50.85 44.90 -52.03
CA THR A 1077 -49.65 45.70 -52.25
C THR A 1077 -49.24 45.61 -53.71
N ALA A 1078 -48.17 46.31 -54.05
CA ALA A 1078 -47.65 46.29 -55.40
C ALA A 1078 -46.24 46.86 -55.38
N PRO A 1079 -45.26 46.18 -55.95
CA PRO A 1079 -43.87 46.65 -55.82
C PRO A 1079 -43.63 48.02 -56.42
N ALA A 1080 -44.48 48.48 -57.34
CA ALA A 1080 -44.28 49.77 -57.97
C ALA A 1080 -45.60 50.26 -58.54
N ILE A 1081 -45.61 51.51 -58.97
CA ILE A 1081 -46.77 52.14 -59.58
C ILE A 1081 -46.34 52.84 -60.85
N CYS A 1082 -47.01 52.54 -61.96
CA CYS A 1082 -46.69 53.14 -63.24
C CYS A 1082 -47.68 54.24 -63.58
N HIS A 1083 -47.15 55.43 -63.83
CA HIS A 1083 -47.96 56.63 -63.97
C HIS A 1083 -47.97 57.12 -65.41
N ASP A 1084 -46.79 57.38 -65.97
CA ASP A 1084 -46.65 57.84 -67.35
C ASP A 1084 -45.64 57.01 -68.12
N GLY A 1085 -45.58 55.71 -67.87
CA GLY A 1085 -44.54 54.85 -68.38
C GLY A 1085 -43.35 54.75 -67.47
N LYS A 1086 -43.22 55.68 -66.51
CA LYS A 1086 -42.20 55.60 -65.50
C LYS A 1086 -42.67 54.75 -64.33
N ALA A 1087 -41.75 54.02 -63.72
CA ALA A 1087 -42.04 53.19 -62.56
C ALA A 1087 -41.66 53.96 -61.31
N HIS A 1088 -42.59 54.07 -60.36
CA HIS A 1088 -42.36 54.77 -59.11
C HIS A 1088 -42.22 53.75 -57.98
N PHE A 1089 -41.08 53.76 -57.31
CA PHE A 1089 -40.85 52.89 -56.16
C PHE A 1089 -40.83 53.73 -54.89
N PRO A 1090 -41.22 53.17 -53.75
CA PRO A 1090 -41.28 53.98 -52.53
C PRO A 1090 -39.88 54.33 -52.04
N ARG A 1091 -39.73 55.59 -51.59
CA ARG A 1091 -38.51 55.95 -50.88
C ARG A 1091 -38.45 55.27 -49.52
N GLU A 1092 -39.53 55.34 -48.76
CA GLU A 1092 -39.61 54.70 -47.46
C GLU A 1092 -41.02 54.16 -47.29
N GLY A 1093 -41.12 52.87 -46.96
CA GLY A 1093 -42.40 52.23 -46.86
C GLY A 1093 -42.78 51.49 -48.13
N VAL A 1094 -44.03 51.03 -48.15
CA VAL A 1094 -44.54 50.20 -49.24
C VAL A 1094 -45.89 50.72 -49.68
N PHE A 1095 -46.25 50.38 -50.92
CA PHE A 1095 -47.55 50.73 -51.48
C PHE A 1095 -48.58 49.70 -51.02
N VAL A 1096 -49.68 50.19 -50.46
CA VAL A 1096 -50.79 49.36 -50.05
C VAL A 1096 -52.07 49.93 -50.65
N SER A 1097 -53.12 49.12 -50.63
CA SER A 1097 -54.41 49.53 -51.19
C SER A 1097 -55.52 48.99 -50.32
N ASN A 1098 -56.45 49.87 -49.96
CA ASN A 1098 -57.61 49.47 -49.19
C ASN A 1098 -58.76 48.98 -50.09
N GLY A 1099 -58.44 48.54 -51.31
CA GLY A 1099 -59.40 48.00 -52.24
C GLY A 1099 -59.71 48.90 -53.42
N THR A 1100 -59.53 50.21 -53.29
CA THR A 1100 -59.90 51.13 -54.37
C THR A 1100 -58.84 52.19 -54.61
N HIS A 1101 -58.17 52.64 -53.56
CA HIS A 1101 -57.15 53.69 -53.66
C HIS A 1101 -55.82 53.17 -53.15
N TRP A 1102 -54.74 53.79 -53.61
CA TRP A 1102 -53.39 53.39 -53.27
C TRP A 1102 -52.72 54.43 -52.39
N PHE A 1103 -52.07 53.95 -51.33
CA PHE A 1103 -51.31 54.80 -50.43
C PHE A 1103 -49.92 54.20 -50.24
N VAL A 1104 -49.02 54.98 -49.67
CA VAL A 1104 -47.69 54.52 -49.31
C VAL A 1104 -47.54 54.70 -47.81
N THR A 1105 -47.20 53.61 -47.12
CA THR A 1105 -47.18 53.62 -45.67
C THR A 1105 -45.91 52.93 -45.17
N GLN A 1106 -45.44 53.38 -44.01
CA GLN A 1106 -44.24 52.79 -43.42
C GLN A 1106 -44.49 51.33 -43.10
N ARG A 1107 -43.43 50.54 -43.14
CA ARG A 1107 -43.58 49.09 -43.08
C ARG A 1107 -44.17 48.64 -41.75
N ASN A 1108 -43.69 49.19 -40.63
CA ASN A 1108 -43.93 48.65 -39.31
C ASN A 1108 -45.18 49.20 -38.65
N PHE A 1109 -45.87 50.16 -39.26
CA PHE A 1109 -47.04 50.75 -38.62
C PHE A 1109 -47.91 51.46 -39.63
N TYR A 1110 -49.16 51.05 -39.76
CA TYR A 1110 -50.05 51.59 -40.78
C TYR A 1110 -50.20 53.10 -40.59
N GLU A 1111 -50.00 53.84 -41.67
CA GLU A 1111 -50.16 55.29 -41.67
C GLU A 1111 -50.29 55.76 -43.10
N PRO A 1112 -51.45 55.57 -43.71
CA PRO A 1112 -51.57 55.82 -45.15
C PRO A 1112 -51.31 57.27 -45.49
N GLN A 1113 -50.66 57.49 -46.63
CA GLN A 1113 -50.35 58.81 -47.13
C GLN A 1113 -50.61 58.86 -48.63
N ILE A 1114 -50.97 60.04 -49.13
CA ILE A 1114 -51.19 60.20 -50.55
C ILE A 1114 -49.87 60.03 -51.29
N ILE A 1115 -49.88 59.26 -52.36
CA ILE A 1115 -48.67 58.98 -53.12
C ILE A 1115 -48.29 60.23 -53.89
N THR A 1116 -47.06 60.69 -53.70
CA THR A 1116 -46.57 61.88 -54.40
C THR A 1116 -45.08 61.70 -54.68
N THR A 1117 -44.50 62.71 -55.33
CA THR A 1117 -43.09 62.67 -55.66
C THR A 1117 -42.19 62.78 -54.43
N ASP A 1118 -42.73 63.14 -53.27
CA ASP A 1118 -41.96 63.15 -52.03
C ASP A 1118 -41.83 61.78 -51.40
N ASN A 1119 -42.63 60.81 -51.84
CA ASN A 1119 -42.60 59.46 -51.29
C ASN A 1119 -42.05 58.42 -52.27
N THR A 1120 -41.93 58.76 -53.54
CA THR A 1120 -41.55 57.81 -54.57
C THR A 1120 -40.43 58.37 -55.42
N PHE A 1121 -39.56 57.48 -55.87
CA PHE A 1121 -38.50 57.82 -56.82
C PHE A 1121 -38.67 56.96 -58.06
N VAL A 1122 -38.32 57.55 -59.20
CA VAL A 1122 -38.51 56.93 -60.51
C VAL A 1122 -37.30 56.06 -60.80
N SER A 1123 -37.53 54.95 -61.48
CA SER A 1123 -36.43 54.06 -61.87
C SER A 1123 -36.95 53.12 -62.96
N GLY A 1124 -36.30 53.16 -64.14
CA GLY A 1124 -36.67 52.27 -65.21
C GLY A 1124 -38.00 52.64 -65.85
N ASN A 1125 -38.62 51.64 -66.48
CA ASN A 1125 -39.92 51.80 -67.12
C ASN A 1125 -40.79 50.60 -66.76
N CYS A 1126 -41.96 50.54 -67.39
CA CYS A 1126 -43.00 49.59 -66.98
C CYS A 1126 -42.88 48.24 -67.65
N ASP A 1127 -41.86 48.01 -68.47
CA ASP A 1127 -41.76 46.77 -69.23
C ASP A 1127 -40.88 45.72 -68.55
N VAL A 1128 -40.36 45.98 -67.36
CA VAL A 1128 -39.42 45.09 -66.70
C VAL A 1128 -39.94 44.61 -65.35
N VAL A 1129 -40.52 45.50 -64.56
CA VAL A 1129 -40.96 45.15 -63.22
C VAL A 1129 -42.03 44.07 -63.31
N ILE A 1130 -42.05 43.18 -62.32
CA ILE A 1130 -43.08 42.15 -62.23
C ILE A 1130 -44.06 42.54 -61.12
N GLY A 1131 -45.35 42.48 -61.43
CA GLY A 1131 -46.37 42.87 -60.48
C GLY A 1131 -46.65 44.36 -60.44
N ILE A 1132 -46.06 45.14 -61.34
CA ILE A 1132 -46.27 46.57 -61.33
C ILE A 1132 -47.71 46.89 -61.70
N VAL A 1133 -48.34 47.78 -60.93
CA VAL A 1133 -49.73 48.13 -61.13
C VAL A 1133 -49.81 49.52 -61.75
N ASN A 1134 -51.02 49.90 -62.12
CA ASN A 1134 -51.29 51.22 -62.68
C ASN A 1134 -51.99 52.08 -61.64
N ASN A 1135 -51.61 53.35 -61.59
CA ASN A 1135 -52.30 54.33 -60.75
C ASN A 1135 -51.83 55.72 -61.17
N THR A 1136 -52.21 56.73 -60.39
CA THR A 1136 -51.80 58.10 -60.65
C THR A 1136 -51.13 58.65 -59.40
N VAL A 1137 -50.03 59.37 -59.61
CA VAL A 1137 -49.24 59.94 -58.52
C VAL A 1137 -49.45 61.45 -58.55
N TYR A 1138 -50.04 61.99 -57.49
CA TYR A 1138 -50.31 63.41 -57.40
C TYR A 1138 -49.02 64.18 -57.14
N ASP A 1139 -48.79 65.22 -57.94
CA ASP A 1139 -47.58 66.02 -57.84
C ASP A 1139 -47.86 67.29 -57.04
N PRO A 1140 -47.16 67.55 -55.94
CA PRO A 1140 -47.40 68.80 -55.20
C PRO A 1140 -47.15 70.05 -56.03
N LEU A 1141 -46.21 70.01 -56.97
CA LEU A 1141 -45.82 71.20 -57.71
C LEU A 1141 -46.89 71.65 -58.70
N GLN A 1142 -47.61 70.72 -59.31
CA GLN A 1142 -48.54 71.05 -60.38
C GLN A 1142 -49.57 72.09 -59.96
N PRO A 1143 -50.26 71.92 -58.83
CA PRO A 1143 -51.27 72.93 -58.44
C PRO A 1143 -50.72 74.31 -58.22
N GLU A 1144 -49.49 74.43 -57.69
CA GLU A 1144 -48.92 75.75 -57.44
C GLU A 1144 -48.69 76.53 -58.72
N LEU A 1145 -48.17 75.89 -59.75
CA LEU A 1145 -47.95 76.56 -61.04
C LEU A 1145 -49.23 76.71 -61.84
N ASP A 1146 -50.17 75.77 -61.71
CA ASP A 1146 -51.41 75.87 -62.47
C ASP A 1146 -52.20 77.12 -62.07
N SER A 1147 -52.25 77.42 -60.77
CA SER A 1147 -52.97 78.59 -60.29
C SER A 1147 -52.14 79.86 -60.50
N ALA B 27 19.76 -21.09 -52.00
CA ALA B 27 19.04 -20.03 -52.70
C ALA B 27 18.20 -19.22 -51.72
N TYR B 28 17.40 -18.30 -52.25
CA TYR B 28 16.50 -17.47 -51.47
C TYR B 28 15.35 -16.99 -52.34
N THR B 29 14.26 -16.57 -51.70
CA THR B 29 13.19 -15.89 -52.42
C THR B 29 12.50 -14.92 -51.46
N ASN B 30 11.48 -14.23 -51.97
CA ASN B 30 10.80 -13.19 -51.23
C ASN B 30 9.35 -13.61 -50.96
N SER B 31 8.96 -13.59 -49.68
CA SER B 31 7.59 -13.91 -49.30
C SER B 31 6.66 -12.70 -49.40
N PHE B 32 6.08 -12.43 -50.56
CA PHE B 32 5.34 -11.20 -50.79
C PHE B 32 4.42 -10.84 -49.62
N THR B 33 3.43 -11.69 -49.34
CA THR B 33 2.45 -11.42 -48.29
C THR B 33 1.95 -12.70 -47.63
N ARG B 34 2.63 -13.82 -47.83
CA ARG B 34 2.16 -15.07 -47.25
C ARG B 34 2.43 -15.10 -45.76
N GLY B 35 1.84 -16.09 -45.10
CA GLY B 35 2.11 -16.34 -43.70
C GLY B 35 1.19 -15.65 -42.72
N VAL B 36 -0.03 -15.30 -43.12
CA VAL B 36 -1.00 -14.68 -42.24
C VAL B 36 -2.07 -15.72 -41.92
N TYR B 37 -2.25 -15.99 -40.63
CA TYR B 37 -3.13 -17.05 -40.18
C TYR B 37 -4.03 -16.52 -39.06
N TYR B 38 -5.15 -17.19 -38.87
CA TYR B 38 -6.06 -16.81 -37.80
C TYR B 38 -5.37 -17.03 -36.45
N PRO B 39 -5.00 -15.97 -35.73
CA PRO B 39 -4.25 -16.18 -34.49
C PRO B 39 -4.98 -17.02 -33.46
N ASP B 40 -6.31 -16.96 -33.39
CA ASP B 40 -7.08 -17.71 -32.41
C ASP B 40 -8.41 -18.10 -33.03
N LYS B 41 -9.26 -18.75 -32.23
CA LYS B 41 -10.54 -19.28 -32.70
C LYS B 41 -11.69 -18.31 -32.47
N VAL B 42 -11.39 -17.03 -32.34
CA VAL B 42 -12.40 -16.01 -32.10
C VAL B 42 -13.01 -15.62 -33.44
N PHE B 43 -14.26 -15.17 -33.41
CA PHE B 43 -14.93 -14.70 -34.60
C PHE B 43 -15.07 -13.19 -34.55
N ARG B 44 -14.61 -12.51 -35.60
CA ARG B 44 -14.80 -11.08 -35.74
C ARG B 44 -15.30 -10.79 -37.15
N SER B 45 -16.20 -9.83 -37.27
CA SER B 45 -16.84 -9.55 -38.55
C SER B 45 -16.67 -8.07 -38.87
N SER B 46 -16.21 -7.80 -40.09
CA SER B 46 -16.11 -6.44 -40.61
C SER B 46 -15.44 -5.51 -39.62
N VAL B 47 -14.16 -5.78 -39.32
CA VAL B 47 -13.44 -5.00 -38.33
C VAL B 47 -11.95 -5.17 -38.54
N LEU B 48 -11.18 -4.17 -38.12
CA LEU B 48 -9.72 -4.20 -38.17
C LEU B 48 -9.21 -4.46 -36.76
N HIS B 49 -8.43 -5.52 -36.61
CA HIS B 49 -7.92 -5.95 -35.31
C HIS B 49 -6.39 -5.92 -35.33
N SER B 50 -5.79 -5.26 -34.34
CA SER B 50 -4.34 -5.19 -34.21
C SER B 50 -3.90 -6.26 -33.22
N THR B 51 -3.16 -7.25 -33.72
CA THR B 51 -2.76 -8.39 -32.90
C THR B 51 -1.26 -8.60 -33.01
N GLN B 52 -0.63 -8.84 -31.87
CA GLN B 52 0.80 -9.12 -31.80
C GLN B 52 1.01 -10.60 -31.55
N ASP B 53 1.74 -11.26 -32.45
CA ASP B 53 1.97 -12.69 -32.34
C ASP B 53 3.06 -13.07 -33.33
N LEU B 54 3.33 -14.37 -33.42
CA LEU B 54 4.37 -14.89 -34.30
C LEU B 54 3.84 -14.92 -35.73
N PHE B 55 4.30 -13.97 -36.55
CA PHE B 55 3.92 -13.92 -37.96
C PHE B 55 5.18 -13.94 -38.83
N LEU B 56 4.99 -14.28 -40.10
CA LEU B 56 6.09 -14.23 -41.05
C LEU B 56 6.22 -12.81 -41.59
N PRO B 57 7.31 -12.11 -41.30
CA PRO B 57 7.39 -10.70 -41.71
C PRO B 57 7.17 -10.54 -43.21
N PHE B 58 6.40 -9.53 -43.57
CA PHE B 58 6.07 -9.30 -44.96
C PHE B 58 7.32 -9.01 -45.77
N PHE B 59 7.36 -9.55 -46.99
CA PHE B 59 8.44 -9.31 -47.93
C PHE B 59 9.80 -9.75 -47.38
N SER B 60 9.83 -10.60 -46.35
CA SER B 60 11.09 -11.09 -45.84
C SER B 60 11.64 -12.19 -46.74
N ASN B 61 12.95 -12.41 -46.65
CA ASN B 61 13.60 -13.48 -47.39
C ASN B 61 13.27 -14.82 -46.76
N VAL B 62 12.94 -15.79 -47.60
CA VAL B 62 12.64 -17.15 -47.17
C VAL B 62 13.56 -18.11 -47.90
N THR B 63 14.10 -19.08 -47.15
CA THR B 63 15.01 -20.05 -47.72
C THR B 63 14.27 -20.93 -48.70
N TRP B 64 14.97 -21.36 -49.75
CA TRP B 64 14.40 -22.17 -50.81
C TRP B 64 15.27 -23.41 -50.99
N PHE B 65 14.67 -24.58 -50.96
CA PHE B 65 15.39 -25.83 -51.17
C PHE B 65 14.79 -26.57 -52.35
N HIS B 66 15.65 -27.19 -53.15
CA HIS B 66 15.25 -27.96 -54.32
C HIS B 66 15.24 -29.45 -53.98
N ALA B 67 14.60 -30.22 -54.85
CA ALA B 67 14.55 -31.68 -54.70
C ALA B 67 14.74 -32.32 -56.08
N ILE B 68 15.68 -31.79 -56.86
CA ILE B 68 15.94 -32.25 -58.22
C ILE B 68 17.41 -32.63 -58.35
N HIS B 69 17.65 -33.68 -59.12
CA HIS B 69 19.01 -34.14 -59.38
C HIS B 69 19.75 -34.46 -58.10
N ASP B 80 18.64 -33.27 -50.32
CA ASP B 80 18.34 -31.87 -50.05
C ASP B 80 17.35 -31.75 -48.90
N ASN B 81 17.66 -32.38 -47.78
CA ASN B 81 16.84 -32.33 -46.57
C ASN B 81 17.72 -32.06 -45.35
N PRO B 82 18.40 -30.92 -45.32
CA PRO B 82 19.22 -30.58 -44.16
C PRO B 82 18.34 -30.18 -42.98
N VAL B 83 18.94 -30.28 -41.80
CA VAL B 83 18.25 -29.95 -40.56
C VAL B 83 18.21 -28.45 -40.41
N LEU B 84 17.01 -27.89 -40.28
CA LEU B 84 16.83 -26.46 -40.20
C LEU B 84 16.51 -26.04 -38.77
N PRO B 85 16.92 -24.84 -38.35
CA PRO B 85 16.54 -24.35 -37.02
C PRO B 85 15.04 -24.14 -36.90
N PHE B 86 14.59 -24.03 -35.65
CA PHE B 86 13.18 -23.85 -35.31
C PHE B 86 12.95 -22.74 -34.30
N ASN B 87 13.47 -21.54 -34.56
CA ASN B 87 13.56 -20.48 -33.55
C ASN B 87 12.30 -20.35 -32.70
N ASP B 88 11.18 -19.99 -33.32
CA ASP B 88 9.94 -19.74 -32.59
C ASP B 88 8.71 -20.28 -33.30
N GLY B 89 8.88 -20.86 -34.47
CA GLY B 89 7.77 -21.33 -35.28
C GLY B 89 8.19 -21.22 -36.73
N VAL B 90 7.85 -22.25 -37.50
CA VAL B 90 8.35 -22.40 -38.86
C VAL B 90 7.19 -22.34 -39.83
N TYR B 91 7.32 -21.51 -40.84
CA TYR B 91 6.42 -21.51 -41.99
C TYR B 91 7.03 -22.41 -43.05
N PHE B 92 6.32 -23.48 -43.39
CA PHE B 92 6.74 -24.41 -44.42
C PHE B 92 5.82 -24.21 -45.61
N ALA B 93 6.34 -24.36 -46.81
CA ALA B 93 5.50 -24.22 -47.99
C ALA B 93 6.04 -25.10 -49.09
N SER B 94 5.13 -25.65 -49.88
CA SER B 94 5.53 -26.55 -50.95
C SER B 94 4.68 -26.26 -52.18
N THR B 95 5.31 -26.43 -53.35
CA THR B 95 4.61 -26.45 -54.61
C THR B 95 4.66 -27.88 -55.12
N GLU B 96 3.49 -28.51 -55.24
CA GLU B 96 3.40 -29.94 -55.44
C GLU B 96 2.61 -30.25 -56.70
N LYS B 97 3.08 -31.30 -57.38
CA LYS B 97 2.40 -31.89 -58.53
C LYS B 97 2.27 -33.40 -58.42
N SER B 98 3.08 -34.08 -57.59
CA SER B 98 3.00 -35.53 -57.45
C SER B 98 3.16 -35.97 -56.00
N ASN B 99 3.13 -35.05 -55.04
CA ASN B 99 3.23 -35.39 -53.62
C ASN B 99 4.52 -36.15 -53.32
N ILE B 100 5.64 -35.42 -53.38
CA ILE B 100 6.92 -36.03 -53.05
C ILE B 100 7.23 -35.86 -51.57
N ILE B 101 7.03 -34.66 -51.04
CA ILE B 101 7.20 -34.41 -49.61
C ILE B 101 6.03 -35.05 -48.88
N ARG B 102 6.34 -35.86 -47.86
CA ARG B 102 5.31 -36.60 -47.16
C ARG B 102 5.53 -36.69 -45.65
N GLY B 103 6.37 -35.86 -45.06
CA GLY B 103 6.59 -36.03 -43.63
C GLY B 103 7.30 -34.85 -43.00
N TRP B 104 7.47 -34.96 -41.69
CA TRP B 104 8.20 -33.99 -40.89
C TRP B 104 8.76 -34.69 -39.66
N ILE B 105 9.88 -34.17 -39.18
CA ILE B 105 10.52 -34.65 -37.96
C ILE B 105 10.93 -33.44 -37.14
N PHE B 106 10.57 -33.43 -35.87
CA PHE B 106 10.92 -32.35 -34.96
C PHE B 106 11.62 -32.97 -33.76
N GLY B 107 12.63 -32.27 -33.26
CA GLY B 107 13.31 -32.73 -32.06
C GLY B 107 14.58 -31.93 -31.83
N THR B 108 15.37 -32.40 -30.88
CA THR B 108 16.67 -31.81 -30.58
C THR B 108 17.83 -32.69 -31.02
N THR B 109 17.61 -34.00 -31.13
CA THR B 109 18.64 -34.92 -31.60
C THR B 109 18.18 -35.82 -32.74
N LEU B 110 16.91 -36.19 -32.80
CA LEU B 110 16.36 -36.94 -33.93
C LEU B 110 17.11 -38.25 -34.12
N ASP B 111 17.52 -38.86 -33.01
CA ASP B 111 18.29 -40.10 -33.06
C ASP B 111 17.83 -41.09 -31.98
N SER B 112 16.57 -40.98 -31.56
CA SER B 112 15.96 -41.80 -30.52
C SER B 112 16.47 -41.47 -29.12
N LYS B 113 17.37 -40.50 -28.98
CA LYS B 113 17.88 -40.13 -27.67
C LYS B 113 16.93 -39.24 -26.89
N THR B 114 15.96 -38.64 -27.56
CA THR B 114 14.98 -37.78 -26.90
C THR B 114 13.69 -37.79 -27.71
N GLN B 115 12.64 -37.22 -27.13
CA GLN B 115 11.34 -37.18 -27.80
C GLN B 115 11.48 -36.46 -29.13
N SER B 116 10.92 -37.06 -30.18
CA SER B 116 11.08 -36.55 -31.54
C SER B 116 9.77 -36.70 -32.28
N LEU B 117 8.98 -35.63 -32.32
CA LEU B 117 7.70 -35.68 -33.01
C LEU B 117 7.91 -36.07 -34.47
N LEU B 118 7.10 -37.01 -34.95
CA LEU B 118 7.15 -37.45 -36.34
C LEU B 118 5.76 -37.31 -36.92
N ILE B 119 5.67 -36.81 -38.14
CA ILE B 119 4.41 -36.71 -38.86
C ILE B 119 4.64 -37.34 -40.22
N VAL B 120 3.71 -38.21 -40.64
CA VAL B 120 3.83 -38.92 -41.91
C VAL B 120 2.47 -38.94 -42.58
N ASN B 121 2.42 -38.53 -43.83
CA ASN B 121 1.17 -38.47 -44.59
C ASN B 121 1.20 -39.54 -45.67
N ASN B 122 0.70 -40.73 -45.37
CA ASN B 122 0.68 -41.83 -46.32
C ASN B 122 -0.64 -41.79 -47.09
N ALA B 123 -0.79 -40.77 -47.92
CA ALA B 123 -1.57 -40.77 -49.15
C ALA B 123 -3.06 -41.01 -48.91
N THR B 124 -3.42 -41.52 -47.73
CA THR B 124 -4.78 -41.54 -47.24
C THR B 124 -4.85 -41.34 -45.74
N ASN B 125 -3.73 -41.49 -45.03
CA ASN B 125 -3.73 -41.47 -43.57
C ASN B 125 -2.66 -40.50 -43.07
N VAL B 126 -3.07 -39.60 -42.18
CA VAL B 126 -2.11 -38.74 -41.50
C VAL B 126 -1.79 -39.38 -40.16
N VAL B 127 -0.52 -39.71 -39.94
CA VAL B 127 -0.07 -40.39 -38.73
C VAL B 127 0.85 -39.45 -37.99
N ILE B 128 0.62 -39.30 -36.69
CA ILE B 128 1.42 -38.43 -35.83
C ILE B 128 1.87 -39.26 -34.65
N LYS B 129 3.18 -39.22 -34.36
CA LYS B 129 3.74 -39.98 -33.26
C LYS B 129 4.74 -39.10 -32.52
N VAL B 130 5.01 -39.44 -31.26
CA VAL B 130 5.99 -38.70 -30.47
C VAL B 130 6.95 -39.66 -29.80
N CYS B 131 7.18 -40.82 -30.41
CA CYS B 131 8.16 -41.75 -29.86
C CYS B 131 9.57 -41.26 -30.18
N GLU B 132 10.55 -41.84 -29.49
CA GLU B 132 11.96 -41.55 -29.75
C GLU B 132 12.46 -42.47 -30.87
N PHE B 133 12.06 -42.15 -32.08
CA PHE B 133 12.36 -42.99 -33.23
C PHE B 133 13.86 -43.03 -33.49
N GLN B 134 14.32 -44.15 -34.04
CA GLN B 134 15.71 -44.30 -34.47
C GLN B 134 15.79 -43.96 -35.95
N PHE B 135 15.93 -42.67 -36.27
CA PHE B 135 15.96 -42.22 -37.64
C PHE B 135 17.25 -42.65 -38.32
N CYS B 136 17.17 -42.82 -39.64
CA CYS B 136 18.34 -43.17 -40.42
C CYS B 136 19.29 -41.98 -40.52
N ASN B 137 20.51 -42.24 -40.98
CA ASN B 137 21.47 -41.17 -41.18
C ASN B 137 20.94 -40.14 -42.17
N ASP B 138 20.29 -40.60 -43.25
CA ASP B 138 19.67 -39.72 -44.23
C ASP B 138 18.22 -40.17 -44.38
N PRO B 139 17.37 -39.78 -43.43
CA PRO B 139 15.98 -40.27 -43.45
C PRO B 139 15.29 -39.91 -44.76
N PHE B 140 14.51 -40.86 -45.27
CA PHE B 140 13.77 -40.65 -46.51
C PHE B 140 12.70 -41.71 -46.62
N LEU B 141 11.84 -41.54 -47.63
CA LEU B 141 10.76 -42.48 -47.91
C LEU B 141 10.88 -42.95 -49.34
N GLY B 142 10.77 -44.27 -49.54
CA GLY B 142 10.83 -44.83 -50.87
C GLY B 142 9.45 -45.03 -51.49
N VAL B 143 9.42 -44.97 -52.82
CA VAL B 143 8.17 -45.15 -53.55
C VAL B 143 8.02 -46.61 -53.95
N ASN B 165 9.20 -45.66 -25.95
CA ASN B 165 8.70 -44.68 -25.00
C ASN B 165 7.87 -43.63 -25.71
N CYS B 166 6.64 -44.00 -26.08
CA CYS B 166 5.75 -43.10 -26.80
C CYS B 166 4.79 -42.41 -25.83
N THR B 167 4.50 -41.14 -26.11
CA THR B 167 3.58 -40.37 -25.30
C THR B 167 2.41 -39.81 -26.10
N PHE B 168 2.20 -40.26 -27.33
CA PHE B 168 1.06 -39.82 -28.14
C PHE B 168 1.08 -40.58 -29.45
N GLU B 169 -0.11 -40.76 -30.03
CA GLU B 169 -0.24 -41.24 -31.40
C GLU B 169 -1.62 -40.84 -31.90
N TYR B 170 -1.68 -40.49 -33.18
CA TYR B 170 -2.94 -40.12 -33.81
C TYR B 170 -2.94 -40.58 -35.26
N VAL B 171 -4.12 -40.96 -35.75
CA VAL B 171 -4.33 -41.30 -37.14
C VAL B 171 -5.66 -40.72 -37.57
N SER B 172 -5.69 -40.13 -38.76
CA SER B 172 -6.94 -39.59 -39.30
C SER B 172 -7.78 -40.67 -39.94
N PHE B 186 4.24 -26.38 -60.84
CA PHE B 186 3.41 -27.29 -60.06
C PHE B 186 1.95 -26.88 -60.14
N LYS B 187 1.10 -27.61 -59.41
CA LYS B 187 -0.34 -27.38 -59.46
C LYS B 187 -0.97 -27.01 -58.13
N ASN B 188 -0.37 -27.40 -57.01
CA ASN B 188 -0.93 -27.09 -55.70
C ASN B 188 0.10 -26.34 -54.87
N LEU B 189 -0.33 -25.24 -54.27
CA LEU B 189 0.48 -24.53 -53.28
C LEU B 189 -0.05 -24.89 -51.90
N ARG B 190 0.79 -25.55 -51.10
CA ARG B 190 0.41 -26.00 -49.76
C ARG B 190 1.25 -25.22 -48.76
N GLU B 191 0.59 -24.44 -47.92
CA GLU B 191 1.26 -23.67 -46.88
C GLU B 191 0.92 -24.28 -45.52
N PHE B 192 1.91 -24.34 -44.65
CA PHE B 192 1.73 -24.83 -43.29
C PHE B 192 2.51 -23.94 -42.34
N VAL B 193 2.02 -23.84 -41.12
CA VAL B 193 2.70 -23.09 -40.06
C VAL B 193 2.67 -23.94 -38.80
N PHE B 194 3.86 -24.23 -38.26
CA PHE B 194 3.98 -25.03 -37.05
C PHE B 194 4.55 -24.13 -35.96
N LYS B 195 3.93 -24.14 -34.78
CA LYS B 195 4.51 -23.39 -33.67
C LYS B 195 4.13 -24.00 -32.33
N ASN B 196 5.04 -23.90 -31.37
CA ASN B 196 4.88 -24.47 -30.03
C ASN B 196 4.59 -23.35 -29.05
N ILE B 197 3.53 -23.49 -28.27
CA ILE B 197 3.18 -22.54 -27.23
C ILE B 197 2.73 -23.31 -25.99
N ASP B 198 3.47 -23.16 -24.90
CA ASP B 198 3.12 -23.78 -23.62
C ASP B 198 2.89 -25.28 -23.77
N GLY B 199 3.74 -25.92 -24.55
CA GLY B 199 3.67 -27.35 -24.73
C GLY B 199 2.64 -27.82 -25.74
N TYR B 200 1.94 -26.90 -26.39
CA TYR B 200 0.95 -27.24 -27.40
C TYR B 200 1.55 -26.97 -28.78
N PHE B 201 1.50 -27.97 -29.65
CA PHE B 201 2.04 -27.88 -31.00
C PHE B 201 0.89 -27.56 -31.95
N LYS B 202 0.79 -26.31 -32.38
CA LYS B 202 -0.27 -25.86 -33.26
C LYS B 202 0.19 -25.93 -34.70
N ILE B 203 -0.63 -26.58 -35.53
CA ILE B 203 -0.38 -26.71 -36.96
C ILE B 203 -1.53 -26.07 -37.71
N TYR B 204 -1.22 -25.04 -38.49
CA TYR B 204 -2.16 -24.41 -39.42
C TYR B 204 -1.79 -24.83 -40.83
N SER B 205 -2.77 -24.82 -41.72
CA SER B 205 -2.52 -25.27 -43.09
C SER B 205 -3.49 -24.57 -44.03
N LYS B 206 -3.13 -24.59 -45.32
CA LYS B 206 -3.94 -23.97 -46.35
C LYS B 206 -3.48 -24.49 -47.71
N HIS B 207 -4.40 -25.09 -48.46
CA HIS B 207 -4.11 -25.61 -49.79
C HIS B 207 -4.83 -24.76 -50.81
N THR B 208 -4.10 -24.32 -51.85
CA THR B 208 -4.70 -23.49 -52.89
C THR B 208 -4.22 -23.94 -54.26
N PRO B 209 -4.99 -23.71 -55.31
CA PRO B 209 -4.50 -24.02 -56.66
C PRO B 209 -3.69 -22.86 -57.22
N ILE B 210 -2.55 -23.20 -57.84
CA ILE B 210 -1.67 -22.21 -58.43
C ILE B 210 -1.13 -22.74 -59.76
N ASN B 211 -0.66 -21.80 -60.60
CA ASN B 211 0.01 -22.13 -61.85
C ASN B 211 1.33 -21.35 -61.89
N LEU B 212 2.36 -21.91 -61.26
CA LEU B 212 3.68 -21.29 -61.24
C LEU B 212 4.66 -22.28 -60.64
N VAL B 213 5.81 -22.44 -61.28
CA VAL B 213 6.83 -23.39 -60.86
C VAL B 213 8.07 -22.69 -60.31
N ARG B 214 8.32 -21.45 -60.75
CA ARG B 214 9.57 -20.79 -60.40
C ARG B 214 9.61 -20.39 -58.92
N ASP B 215 8.56 -19.75 -58.41
CA ASP B 215 8.62 -19.14 -57.09
C ASP B 215 7.22 -19.04 -56.51
N LEU B 216 7.14 -18.47 -55.31
CA LEU B 216 5.87 -18.38 -54.61
C LEU B 216 4.91 -17.45 -55.35
N PRO B 217 3.71 -17.90 -55.72
CA PRO B 217 2.73 -16.99 -56.32
C PRO B 217 2.41 -15.85 -55.39
N GLN B 218 2.20 -14.67 -55.98
CA GLN B 218 1.91 -13.47 -55.20
C GLN B 218 0.42 -13.32 -55.01
N GLY B 219 0.01 -13.10 -53.77
CA GLY B 219 -1.38 -12.98 -53.42
C GLY B 219 -1.55 -13.25 -51.94
N PHE B 220 -2.74 -12.93 -51.44
CA PHE B 220 -3.02 -13.03 -50.01
C PHE B 220 -4.05 -14.12 -49.75
N SER B 221 -3.70 -15.04 -48.85
CA SER B 221 -4.61 -16.09 -48.43
C SER B 221 -4.34 -16.41 -46.98
N ALA B 222 -5.40 -16.48 -46.19
CA ALA B 222 -5.29 -16.73 -44.75
C ALA B 222 -5.22 -18.22 -44.47
N LEU B 223 -4.47 -18.58 -43.44
CA LEU B 223 -4.30 -19.96 -43.02
C LEU B 223 -5.18 -20.24 -41.82
N GLU B 224 -5.98 -21.30 -41.90
CA GLU B 224 -6.84 -21.67 -40.78
C GLU B 224 -6.25 -22.87 -40.03
N PRO B 225 -6.44 -22.93 -38.72
CA PRO B 225 -5.80 -23.99 -37.93
C PRO B 225 -6.30 -25.36 -38.34
N LEU B 226 -5.45 -26.36 -38.16
CA LEU B 226 -5.81 -27.75 -38.34
C LEU B 226 -5.71 -28.56 -37.07
N VAL B 227 -4.60 -28.46 -36.33
CA VAL B 227 -4.38 -29.35 -35.21
C VAL B 227 -3.74 -28.61 -34.05
N ASP B 228 -4.00 -29.10 -32.84
CA ASP B 228 -3.37 -28.62 -31.62
C ASP B 228 -2.95 -29.85 -30.82
N LEU B 229 -1.77 -30.37 -31.10
CA LEU B 229 -1.28 -31.59 -30.47
C LEU B 229 -0.73 -31.27 -29.09
N PRO B 230 -1.22 -31.90 -28.01
CA PRO B 230 -0.69 -31.59 -26.68
C PRO B 230 0.58 -32.38 -26.35
N ILE B 231 1.53 -32.36 -27.28
CA ILE B 231 2.73 -33.17 -27.10
C ILE B 231 3.56 -32.67 -25.93
N GLY B 232 3.72 -31.36 -25.79
CA GLY B 232 4.55 -30.82 -24.73
C GLY B 232 6.03 -31.12 -24.87
N ILE B 233 6.58 -31.03 -26.08
CA ILE B 233 7.98 -31.33 -26.34
C ILE B 233 8.75 -30.05 -26.56
N ASN B 234 10.05 -30.07 -26.25
CA ASN B 234 10.95 -28.98 -26.60
C ASN B 234 11.52 -29.25 -27.98
N ILE B 235 11.17 -28.40 -28.94
CA ILE B 235 11.62 -28.54 -30.32
C ILE B 235 12.55 -27.38 -30.65
N THR B 236 13.71 -27.70 -31.24
CA THR B 236 14.65 -26.70 -31.70
C THR B 236 15.19 -26.97 -33.09
N ARG B 237 14.93 -28.14 -33.66
CA ARG B 237 15.35 -28.45 -35.02
C ARG B 237 14.27 -29.30 -35.68
N PHE B 238 14.29 -29.36 -37.00
CA PHE B 238 13.35 -30.21 -37.71
C PHE B 238 13.92 -30.58 -39.08
N GLN B 239 13.14 -31.35 -39.82
CA GLN B 239 13.57 -31.88 -41.11
C GLN B 239 12.34 -32.27 -41.91
N THR B 240 12.54 -32.53 -43.20
CA THR B 240 11.47 -33.02 -44.06
C THR B 240 11.74 -34.45 -44.50
N LEU B 241 10.71 -35.06 -45.09
CA LEU B 241 10.76 -36.44 -45.59
C LEU B 241 10.33 -36.44 -47.05
N LEU B 242 11.18 -36.96 -47.91
CA LEU B 242 10.96 -36.93 -49.35
C LEU B 242 10.67 -38.34 -49.88
N ALA B 243 9.80 -38.40 -50.87
CA ALA B 243 9.45 -39.67 -51.51
C ALA B 243 10.41 -39.93 -52.66
N LEU B 244 11.21 -40.98 -52.55
CA LEU B 244 12.23 -41.31 -53.53
C LEU B 244 11.82 -42.52 -54.34
N HIS B 245 11.92 -42.40 -55.66
CA HIS B 245 11.61 -43.52 -56.56
C HIS B 245 12.77 -44.49 -56.65
N ALA B 263 10.58 -31.67 -56.26
CA ALA B 263 9.62 -30.98 -55.42
C ALA B 263 10.33 -30.06 -54.42
N ALA B 264 10.48 -28.79 -54.79
CA ALA B 264 11.13 -27.83 -53.93
C ALA B 264 10.19 -27.40 -52.81
N TYR B 265 10.77 -26.75 -51.79
CA TYR B 265 9.97 -26.22 -50.70
C TYR B 265 10.67 -25.02 -50.08
N TYR B 266 9.86 -24.13 -49.52
CA TYR B 266 10.33 -22.87 -48.96
C TYR B 266 10.12 -22.89 -47.45
N VAL B 267 11.04 -22.27 -46.72
CA VAL B 267 11.00 -22.22 -45.27
C VAL B 267 11.20 -20.78 -44.83
N GLY B 268 10.31 -20.30 -43.96
CA GLY B 268 10.44 -18.99 -43.37
C GLY B 268 10.35 -19.10 -41.85
N TYR B 269 10.90 -18.10 -41.17
CA TYR B 269 10.91 -18.07 -39.72
C TYR B 269 9.97 -16.99 -39.22
N LEU B 270 9.14 -17.35 -38.25
CA LEU B 270 8.20 -16.41 -37.67
C LEU B 270 8.89 -15.54 -36.64
N GLN B 271 8.37 -14.33 -36.47
CA GLN B 271 8.88 -13.38 -35.49
C GLN B 271 7.72 -12.71 -34.78
N PRO B 272 7.94 -12.19 -33.58
CA PRO B 272 6.84 -11.54 -32.84
C PRO B 272 6.48 -10.19 -33.41
N ARG B 273 5.66 -10.17 -34.45
CA ARG B 273 5.27 -8.93 -35.10
C ARG B 273 3.83 -8.57 -34.75
N THR B 274 3.49 -7.31 -35.00
CA THR B 274 2.13 -6.81 -34.81
C THR B 274 1.50 -6.57 -36.17
N PHE B 275 0.39 -7.24 -36.44
CA PHE B 275 -0.31 -7.16 -37.71
C PHE B 275 -1.69 -6.56 -37.49
N LEU B 276 -2.11 -5.72 -38.43
CA LEU B 276 -3.47 -5.21 -38.49
C LEU B 276 -4.23 -6.07 -39.50
N LEU B 277 -5.13 -6.90 -39.01
CA LEU B 277 -5.88 -7.84 -39.83
C LEU B 277 -7.27 -7.30 -40.09
N LYS B 278 -7.76 -7.46 -41.31
CA LYS B 278 -9.09 -7.01 -41.67
C LYS B 278 -10.00 -8.22 -41.82
N TYR B 279 -10.99 -8.33 -40.95
CA TYR B 279 -12.02 -9.37 -41.04
C TYR B 279 -13.20 -8.82 -41.80
N ASN B 280 -13.61 -9.53 -42.86
CA ASN B 280 -14.76 -9.12 -43.66
C ASN B 280 -16.04 -9.54 -42.95
N GLU B 281 -17.16 -9.49 -43.67
CA GLU B 281 -18.45 -9.78 -43.05
C GLU B 281 -18.54 -11.21 -42.55
N ASN B 282 -18.06 -12.18 -43.30
CA ASN B 282 -18.17 -13.59 -42.95
C ASN B 282 -17.11 -14.05 -41.97
N GLY B 283 -16.25 -13.15 -41.52
CA GLY B 283 -15.22 -13.53 -40.56
C GLY B 283 -13.95 -14.05 -41.17
N THR B 284 -13.72 -13.79 -42.44
CA THR B 284 -12.52 -14.25 -43.13
C THR B 284 -11.56 -13.09 -43.29
N ILE B 285 -10.27 -13.35 -43.08
CA ILE B 285 -9.25 -12.31 -43.25
C ILE B 285 -9.11 -12.03 -44.74
N THR B 286 -9.28 -10.76 -45.11
CA THR B 286 -9.13 -10.34 -46.49
C THR B 286 -7.85 -9.58 -46.77
N ASP B 287 -7.24 -8.97 -45.75
CA ASP B 287 -5.97 -8.30 -45.92
C ASP B 287 -5.32 -8.07 -44.57
N ALA B 288 -4.01 -7.82 -44.61
CA ALA B 288 -3.24 -7.58 -43.39
C ALA B 288 -2.18 -6.55 -43.68
N VAL B 289 -1.82 -5.78 -42.66
CA VAL B 289 -0.81 -4.73 -42.76
C VAL B 289 0.21 -4.95 -41.65
N ASP B 290 1.49 -4.93 -42.02
CA ASP B 290 2.56 -5.18 -41.07
C ASP B 290 2.98 -3.85 -40.45
N CYS B 291 2.80 -3.70 -39.15
CA CYS B 291 3.05 -2.45 -38.46
C CYS B 291 4.51 -2.09 -38.35
N ALA B 292 5.44 -2.80 -39.01
CA ALA B 292 6.85 -2.41 -38.95
C ALA B 292 7.51 -2.45 -40.31
N LEU B 293 6.74 -2.57 -41.41
CA LEU B 293 7.36 -2.72 -42.72
C LEU B 293 7.94 -1.41 -43.22
N ASP B 294 7.26 -0.29 -42.99
CA ASP B 294 7.68 1.00 -43.49
C ASP B 294 6.76 2.07 -42.90
N PRO B 295 7.13 3.34 -43.02
CA PRO B 295 6.34 4.39 -42.37
C PRO B 295 4.87 4.37 -42.74
N LEU B 296 4.54 4.07 -44.00
CA LEU B 296 3.14 4.04 -44.39
C LEU B 296 2.36 3.02 -43.58
N SER B 297 2.93 1.83 -43.38
CA SER B 297 2.24 0.81 -42.62
C SER B 297 2.16 1.19 -41.15
N GLU B 298 3.19 1.84 -40.62
CA GLU B 298 3.11 2.33 -39.24
C GLU B 298 1.97 3.32 -39.08
N THR B 299 1.80 4.22 -40.06
CA THR B 299 0.69 5.15 -40.01
C THR B 299 -0.65 4.42 -40.08
N LYS B 300 -0.73 3.41 -40.95
CA LYS B 300 -1.96 2.63 -41.06
C LYS B 300 -2.32 2.00 -39.73
N CYS B 301 -1.34 1.38 -39.07
CA CYS B 301 -1.61 0.74 -37.79
C CYS B 301 -1.97 1.78 -36.72
N THR B 302 -1.32 2.95 -36.75
CA THR B 302 -1.65 3.98 -35.80
C THR B 302 -3.09 4.44 -35.95
N LEU B 303 -3.55 4.62 -37.18
CA LEU B 303 -4.91 5.07 -37.44
C LEU B 303 -5.92 3.94 -37.47
N LYS B 304 -5.47 2.69 -37.42
CA LYS B 304 -6.38 1.55 -37.49
C LYS B 304 -7.27 1.64 -38.72
N SER B 305 -6.65 1.93 -39.86
CA SER B 305 -7.39 2.03 -41.12
C SER B 305 -6.49 1.61 -42.26
N PHE B 306 -7.11 1.09 -43.31
CA PHE B 306 -6.40 0.74 -44.54
C PHE B 306 -6.39 1.88 -45.54
N THR B 307 -7.05 2.98 -45.25
CA THR B 307 -7.02 4.18 -46.07
C THR B 307 -6.53 5.33 -45.20
N VAL B 308 -5.52 6.04 -45.68
CA VAL B 308 -4.90 7.13 -44.94
C VAL B 308 -5.24 8.43 -45.67
N GLU B 309 -5.91 9.34 -44.97
CA GLU B 309 -6.28 10.61 -45.56
C GLU B 309 -5.05 11.48 -45.76
N LYS B 310 -5.10 12.32 -46.79
CA LYS B 310 -3.99 13.21 -47.07
C LYS B 310 -3.73 14.11 -45.86
N GLY B 311 -2.53 14.02 -45.32
CA GLY B 311 -2.18 14.76 -44.13
C GLY B 311 -0.91 14.20 -43.51
N ILE B 312 -0.58 14.73 -42.33
CA ILE B 312 0.62 14.35 -41.59
C ILE B 312 0.18 13.72 -40.28
N TYR B 313 0.67 12.52 -40.01
CA TYR B 313 0.31 11.76 -38.82
C TYR B 313 1.54 11.48 -37.99
N GLN B 314 1.47 11.79 -36.70
CA GLN B 314 2.53 11.46 -35.76
C GLN B 314 2.38 10.01 -35.33
N THR B 315 3.36 9.17 -35.67
CA THR B 315 3.25 7.73 -35.45
C THR B 315 4.08 7.29 -34.26
N SER B 316 5.37 7.60 -34.22
CA SER B 316 6.26 7.02 -33.24
C SER B 316 7.01 8.07 -32.45
N ASN B 317 7.66 7.62 -31.38
CA ASN B 317 8.69 8.41 -30.72
C ASN B 317 10.05 7.93 -31.18
N PHE B 318 11.10 8.70 -30.86
CA PHE B 318 12.43 8.34 -31.30
C PHE B 318 13.45 8.91 -30.32
N ARG B 319 14.18 8.01 -29.66
CA ARG B 319 15.19 8.39 -28.67
C ARG B 319 16.54 7.80 -29.08
N VAL B 320 17.56 8.64 -29.09
CA VAL B 320 18.90 8.18 -29.43
C VAL B 320 19.55 7.57 -28.19
N GLN B 321 20.05 6.34 -28.31
CA GLN B 321 20.68 5.69 -27.17
C GLN B 321 22.15 6.08 -27.05
N PRO B 322 22.69 6.11 -25.85
CA PRO B 322 24.12 6.41 -25.70
C PRO B 322 24.98 5.30 -26.29
N THR B 323 26.16 5.69 -26.77
CA THR B 323 27.09 4.75 -27.39
C THR B 323 28.13 4.22 -26.43
N GLU B 324 28.79 5.10 -25.67
CA GLU B 324 29.87 4.68 -24.79
C GLU B 324 29.80 5.51 -23.50
N SER B 325 30.44 4.98 -22.46
CA SER B 325 30.43 5.62 -21.15
C SER B 325 31.74 6.38 -20.93
N ILE B 326 31.65 7.45 -20.15
CA ILE B 326 32.79 8.28 -19.78
C ILE B 326 32.83 8.36 -18.26
N VAL B 327 34.00 8.11 -17.69
CA VAL B 327 34.23 8.24 -16.26
C VAL B 327 35.49 9.07 -16.07
N ARG B 328 35.42 10.05 -15.18
CA ARG B 328 36.54 10.95 -14.91
C ARG B 328 36.65 11.18 -13.41
N PHE B 329 37.84 10.94 -12.85
CA PHE B 329 38.16 11.31 -11.49
C PHE B 329 39.46 12.11 -11.48
N PRO B 330 39.64 13.01 -10.51
CA PRO B 330 40.88 13.80 -10.48
C PRO B 330 42.12 12.91 -10.45
N ASN B 331 43.12 13.24 -11.25
CA ASN B 331 44.36 12.45 -11.26
C ASN B 331 45.10 12.73 -9.96
N ILE B 332 45.57 11.65 -9.32
CA ILE B 332 46.21 11.74 -8.01
C ILE B 332 47.34 12.75 -8.05
N THR B 333 47.40 13.60 -7.03
CA THR B 333 48.47 14.57 -6.89
C THR B 333 49.30 14.23 -5.65
N ASN B 334 48.63 13.79 -4.59
CA ASN B 334 49.27 13.39 -3.35
C ASN B 334 49.23 11.88 -3.25
N LEU B 335 50.40 11.26 -3.12
CA LEU B 335 50.51 9.82 -3.00
C LEU B 335 51.00 9.44 -1.60
N CYS B 336 50.37 8.43 -1.01
CA CYS B 336 50.73 8.03 0.34
C CYS B 336 52.18 7.57 0.36
N PRO B 337 52.98 8.04 1.33
CA PRO B 337 54.43 7.77 1.31
C PRO B 337 54.79 6.39 1.86
N PHE B 338 54.46 5.34 1.09
CA PHE B 338 54.96 4.02 1.42
C PHE B 338 56.43 3.85 1.05
N GLY B 339 56.94 4.66 0.12
CA GLY B 339 58.31 4.49 -0.31
C GLY B 339 59.32 4.75 0.81
N GLU B 340 59.13 5.85 1.55
CA GLU B 340 60.07 6.20 2.59
C GLU B 340 59.97 5.30 3.81
N VAL B 341 58.91 4.51 3.92
CA VAL B 341 58.77 3.57 5.04
C VAL B 341 59.44 2.25 4.73
N PHE B 342 59.38 1.82 3.47
CA PHE B 342 60.02 0.57 3.07
C PHE B 342 61.48 0.78 2.70
N ASN B 343 61.79 1.93 2.08
CA ASN B 343 63.15 2.24 1.64
C ASN B 343 63.88 3.18 2.60
N ALA B 344 63.46 3.23 3.87
CA ALA B 344 64.13 4.09 4.82
C ALA B 344 65.60 3.70 4.94
N THR B 345 66.48 4.72 4.95
CA THR B 345 67.90 4.46 5.04
C THR B 345 68.24 3.75 6.35
N ARG B 346 67.64 4.19 7.45
CA ARG B 346 67.92 3.63 8.76
C ARG B 346 66.60 3.34 9.47
N PHE B 347 66.56 2.22 10.19
CA PHE B 347 65.43 1.86 11.03
C PHE B 347 65.82 2.04 12.49
N ALA B 348 64.80 2.16 13.33
CA ALA B 348 65.00 2.28 14.76
C ALA B 348 64.95 0.91 15.41
N SER B 349 65.51 0.83 16.62
CA SER B 349 65.48 -0.42 17.35
C SER B 349 64.05 -0.75 17.76
N VAL B 350 63.84 -2.00 18.17
CA VAL B 350 62.49 -2.45 18.47
C VAL B 350 61.88 -1.63 19.59
N TYR B 351 62.65 -1.28 20.60
CA TYR B 351 62.09 -0.53 21.73
C TYR B 351 61.61 0.85 21.28
N ALA B 352 62.38 1.52 20.44
CA ALA B 352 61.93 2.77 19.83
C ALA B 352 61.36 2.53 18.44
N TRP B 353 60.36 1.66 18.35
CA TRP B 353 59.75 1.37 17.05
C TRP B 353 59.16 2.64 16.46
N ASN B 354 59.50 2.92 15.21
CA ASN B 354 59.16 4.19 14.58
C ASN B 354 57.83 4.07 13.86
N ARG B 355 56.86 4.88 14.26
CA ARG B 355 55.52 4.84 13.70
C ARG B 355 55.34 5.98 12.71
N LYS B 356 54.95 5.64 11.48
CA LYS B 356 54.62 6.61 10.46
C LYS B 356 53.12 6.63 10.27
N ARG B 357 52.58 7.81 10.03
CA ARG B 357 51.14 8.02 9.92
C ARG B 357 50.77 8.24 8.47
N ILE B 358 49.61 7.74 8.06
CA ILE B 358 49.12 7.86 6.70
C ILE B 358 47.66 8.27 6.76
N SER B 359 47.39 9.50 6.33
CA SER B 359 46.04 10.04 6.28
C SER B 359 45.98 11.11 5.20
N ASN B 360 44.79 11.29 4.62
CA ASN B 360 44.55 12.32 3.61
C ASN B 360 45.52 12.14 2.44
N CYS B 361 45.50 10.95 1.86
CA CYS B 361 46.32 10.62 0.71
C CYS B 361 45.75 9.38 0.05
N VAL B 362 45.82 9.33 -1.27
CA VAL B 362 45.38 8.15 -1.99
C VAL B 362 46.43 7.05 -1.84
N ALA B 363 45.99 5.89 -1.36
CA ALA B 363 46.89 4.81 -1.00
C ALA B 363 47.17 3.96 -2.23
N ASP B 364 48.39 4.06 -2.76
CA ASP B 364 48.85 3.22 -3.86
C ASP B 364 49.52 2.00 -3.25
N TYR B 365 48.81 0.87 -3.24
CA TYR B 365 49.33 -0.36 -2.67
C TYR B 365 50.12 -1.19 -3.67
N SER B 366 50.36 -0.66 -4.87
CA SER B 366 51.13 -1.38 -5.87
C SER B 366 52.54 -1.71 -5.40
N VAL B 367 53.07 -0.96 -4.42
CA VAL B 367 54.41 -1.23 -3.93
C VAL B 367 54.52 -2.59 -3.26
N LEU B 368 53.46 -3.04 -2.57
CA LEU B 368 53.48 -4.36 -1.97
C LEU B 368 53.33 -5.46 -3.00
N TYR B 369 52.49 -5.25 -4.01
CA TYR B 369 52.29 -6.28 -5.03
C TYR B 369 53.54 -6.47 -5.88
N ASN B 370 54.10 -5.37 -6.39
CA ASN B 370 55.30 -5.46 -7.21
C ASN B 370 56.48 -5.97 -6.40
N SER B 371 56.64 -5.50 -5.18
CA SER B 371 57.75 -5.90 -4.32
C SER B 371 57.57 -7.36 -3.92
N ALA B 372 58.34 -8.24 -4.55
CA ALA B 372 58.32 -9.66 -4.24
C ALA B 372 59.48 -10.08 -3.35
N SER B 373 60.25 -9.13 -2.81
CA SER B 373 61.42 -9.43 -2.00
C SER B 373 61.08 -9.65 -0.54
N PHE B 374 59.81 -9.89 -0.20
CA PHE B 374 59.40 -10.07 1.18
C PHE B 374 59.50 -11.54 1.58
N SER B 375 60.16 -11.80 2.70
CA SER B 375 60.34 -13.14 3.21
C SER B 375 59.12 -13.63 3.98
N THR B 376 58.52 -12.76 4.78
CA THR B 376 57.34 -13.11 5.56
C THR B 376 56.27 -12.04 5.34
N PHE B 377 55.06 -12.48 5.02
CA PHE B 377 53.94 -11.58 4.77
C PHE B 377 52.69 -12.25 5.30
N LYS B 378 52.16 -11.73 6.41
CA LYS B 378 51.02 -12.36 7.08
C LYS B 378 50.00 -11.30 7.47
N CYS B 379 48.78 -11.42 6.98
CA CYS B 379 47.74 -10.46 7.26
C CYS B 379 46.70 -11.05 8.21
N TYR B 380 46.25 -10.21 9.15
CA TYR B 380 45.26 -10.60 10.13
C TYR B 380 44.09 -9.64 10.03
N GLY B 381 42.89 -10.18 9.81
CA GLY B 381 41.69 -9.37 9.76
C GLY B 381 41.44 -8.68 8.43
N VAL B 382 42.31 -8.85 7.45
CA VAL B 382 42.11 -8.25 6.14
C VAL B 382 42.85 -9.10 5.11
N SER B 383 42.27 -9.17 3.91
CA SER B 383 42.89 -9.91 2.82
C SER B 383 43.59 -8.97 1.86
N PRO B 384 44.85 -9.24 1.48
CA PRO B 384 45.58 -8.26 0.68
C PRO B 384 44.89 -7.86 -0.61
N THR B 385 44.20 -8.80 -1.27
CA THR B 385 43.58 -8.47 -2.55
C THR B 385 42.55 -7.35 -2.41
N LYS B 386 41.63 -7.50 -1.45
CA LYS B 386 40.57 -6.51 -1.27
C LYS B 386 41.03 -5.34 -0.41
N LEU B 387 42.14 -4.71 -0.80
CA LEU B 387 42.67 -3.56 -0.09
C LEU B 387 42.77 -2.31 -0.95
N ASN B 388 42.92 -2.46 -2.27
CA ASN B 388 43.02 -1.30 -3.15
C ASN B 388 41.67 -0.70 -3.48
N ASP B 389 40.57 -1.29 -3.02
CA ASP B 389 39.24 -0.77 -3.30
C ASP B 389 38.44 -0.60 -2.02
N LEU B 390 39.07 -0.02 -0.99
CA LEU B 390 38.40 0.22 0.28
C LEU B 390 39.11 1.36 0.99
N CYS B 391 38.34 2.18 1.70
CA CYS B 391 38.88 3.32 2.42
C CYS B 391 39.05 2.99 3.90
N PHE B 392 39.88 3.79 4.57
CA PHE B 392 40.06 3.69 6.01
C PHE B 392 40.27 5.09 6.57
N THR B 393 39.87 5.27 7.83
CA THR B 393 40.05 6.57 8.46
C THR B 393 41.53 6.92 8.56
N ASN B 394 42.36 5.95 8.95
CA ASN B 394 43.79 6.18 9.01
C ASN B 394 44.53 4.87 8.81
N VAL B 395 45.81 4.98 8.42
CA VAL B 395 46.71 3.83 8.32
C VAL B 395 47.97 4.16 9.10
N TYR B 396 48.50 3.17 9.81
CA TYR B 396 49.71 3.32 10.59
C TYR B 396 50.73 2.30 10.12
N ALA B 397 51.95 2.76 9.87
CA ALA B 397 53.05 1.89 9.46
C ALA B 397 54.12 1.96 10.53
N ASP B 398 54.11 0.99 11.44
CA ASP B 398 55.18 0.85 12.42
C ASP B 398 56.34 0.15 11.74
N SER B 399 57.57 0.50 12.14
CA SER B 399 58.74 -0.07 11.51
C SER B 399 59.84 -0.23 12.55
N PHE B 400 60.59 -1.31 12.44
CA PHE B 400 61.74 -1.55 13.31
C PHE B 400 62.56 -2.70 12.77
N VAL B 401 63.53 -3.15 13.55
CA VAL B 401 64.43 -4.24 13.17
C VAL B 401 64.55 -5.22 14.33
N ILE B 402 64.42 -6.50 14.03
CA ILE B 402 64.50 -7.57 15.02
C ILE B 402 65.33 -8.71 14.44
N ARG B 403 65.36 -9.84 15.13
CA ARG B 403 65.96 -11.04 14.60
C ARG B 403 64.88 -12.00 14.10
N GLY B 404 65.27 -12.87 13.16
CA GLY B 404 64.29 -13.69 12.47
C GLY B 404 63.45 -14.54 13.40
N ASP B 405 64.08 -15.16 14.40
CA ASP B 405 63.35 -16.02 15.31
C ASP B 405 62.22 -15.27 16.01
N GLU B 406 62.35 -13.95 16.15
CA GLU B 406 61.34 -13.14 16.81
C GLU B 406 60.30 -12.57 15.86
N VAL B 407 60.46 -12.76 14.55
CA VAL B 407 59.47 -12.25 13.60
C VAL B 407 58.11 -12.88 13.87
N ARG B 408 58.08 -14.20 14.11
CA ARG B 408 56.83 -14.85 14.45
C ARG B 408 56.23 -14.31 15.74
N GLN B 409 57.03 -13.65 16.58
CA GLN B 409 56.51 -13.03 17.79
C GLN B 409 55.78 -11.72 17.52
N ILE B 410 55.92 -11.15 16.33
CA ILE B 410 55.20 -9.93 16.00
C ILE B 410 53.86 -10.32 15.40
N ALA B 411 52.87 -10.56 16.25
CA ALA B 411 51.54 -10.97 15.80
C ALA B 411 50.62 -11.04 17.00
N PRO B 412 49.31 -10.91 16.80
CA PRO B 412 48.39 -10.98 17.94
C PRO B 412 48.42 -12.35 18.61
N GLY B 413 48.19 -12.36 19.91
CA GLY B 413 48.13 -13.61 20.64
C GLY B 413 49.42 -14.37 20.72
N GLN B 414 50.56 -13.70 20.49
CA GLN B 414 51.87 -14.32 20.58
C GLN B 414 52.55 -13.88 21.86
N THR B 415 53.55 -14.66 22.28
CA THR B 415 54.30 -14.40 23.50
C THR B 415 55.78 -14.45 23.20
N GLY B 416 56.54 -13.68 23.96
CA GLY B 416 57.98 -13.59 23.77
C GLY B 416 58.49 -12.25 24.27
N LYS B 417 59.82 -12.10 24.21
CA LYS B 417 60.43 -10.87 24.69
C LYS B 417 59.95 -9.67 23.89
N ILE B 418 59.96 -9.76 22.57
CA ILE B 418 59.55 -8.63 21.74
C ILE B 418 58.05 -8.39 21.86
N ALA B 419 57.26 -9.46 21.87
CA ALA B 419 55.82 -9.32 21.96
C ALA B 419 55.40 -8.73 23.31
N ASP B 420 56.12 -9.10 24.38
CA ASP B 420 55.66 -8.77 25.72
C ASP B 420 56.28 -7.50 26.29
N TYR B 421 57.52 -7.16 25.91
CA TYR B 421 58.23 -6.05 26.53
C TYR B 421 58.60 -4.92 25.59
N ASN B 422 58.56 -5.14 24.27
CA ASN B 422 59.02 -4.13 23.34
C ASN B 422 57.90 -3.65 22.41
N TYR B 423 57.15 -4.59 21.85
CA TYR B 423 56.12 -4.26 20.87
C TYR B 423 55.02 -5.30 20.96
N LYS B 424 53.85 -4.89 21.44
CA LYS B 424 52.72 -5.77 21.65
C LYS B 424 51.59 -5.37 20.71
N LEU B 425 50.88 -6.38 20.18
CA LEU B 425 49.74 -6.12 19.31
C LEU B 425 48.45 -6.60 19.96
N PRO B 426 47.34 -5.89 19.77
CA PRO B 426 46.08 -6.34 20.36
C PRO B 426 45.53 -7.57 19.66
N ASP B 427 44.68 -8.30 20.38
CA ASP B 427 44.09 -9.51 19.82
C ASP B 427 43.24 -9.21 18.59
N ASP B 428 42.54 -8.07 18.58
CA ASP B 428 41.66 -7.69 17.49
C ASP B 428 42.40 -6.88 16.42
N PHE B 429 43.70 -7.09 16.29
CA PHE B 429 44.48 -6.37 15.29
C PHE B 429 43.91 -6.61 13.90
N THR B 430 43.79 -5.53 13.12
CA THR B 430 43.28 -5.60 11.75
C THR B 430 44.31 -4.94 10.82
N GLY B 431 45.24 -5.72 10.32
CA GLY B 431 46.26 -5.18 9.44
C GLY B 431 47.11 -6.29 8.86
N CYS B 432 48.36 -5.97 8.60
CA CYS B 432 49.30 -6.92 8.02
C CYS B 432 50.68 -6.73 8.65
N VAL B 433 51.48 -7.78 8.58
CA VAL B 433 52.85 -7.78 9.07
C VAL B 433 53.74 -8.20 7.91
N ILE B 434 54.77 -7.41 7.65
CA ILE B 434 55.73 -7.67 6.59
C ILE B 434 57.10 -7.71 7.24
N ALA B 435 57.93 -8.66 6.81
CA ALA B 435 59.26 -8.77 7.37
C ALA B 435 60.19 -9.32 6.30
N TRP B 436 61.27 -8.58 6.03
CA TRP B 436 62.22 -9.01 5.03
C TRP B 436 63.64 -8.87 5.58
N ASN B 437 64.49 -9.78 5.16
CA ASN B 437 65.88 -9.80 5.64
C ASN B 437 66.63 -8.58 5.12
N SER B 438 67.45 -7.98 5.98
CA SER B 438 68.29 -6.85 5.64
C SER B 438 69.75 -7.13 5.95
N ASN B 439 70.20 -8.35 5.68
CA ASN B 439 71.55 -8.74 6.05
C ASN B 439 72.59 -7.91 5.32
N ASN B 440 72.26 -7.39 4.14
CA ASN B 440 73.23 -6.60 3.38
C ASN B 440 73.36 -5.18 3.94
N LEU B 441 72.27 -4.59 4.41
CA LEU B 441 72.25 -3.19 4.80
C LEU B 441 72.50 -2.98 6.29
N ASP B 442 71.95 -3.85 7.14
CA ASP B 442 72.01 -3.67 8.59
C ASP B 442 72.98 -4.65 9.25
N SER B 443 74.12 -4.91 8.61
CA SER B 443 75.11 -5.83 9.14
C SER B 443 76.48 -5.19 9.05
N LYS B 444 77.26 -5.33 10.13
CA LYS B 444 78.61 -4.81 10.21
C LYS B 444 79.59 -5.94 10.46
N VAL B 445 80.81 -5.77 9.96
CA VAL B 445 81.83 -6.81 10.09
C VAL B 445 82.13 -7.09 11.56
N GLY B 446 82.27 -6.05 12.36
CA GLY B 446 82.56 -6.18 13.78
C GLY B 446 81.35 -6.39 14.66
N GLY B 447 80.17 -6.56 14.07
CA GLY B 447 78.95 -6.71 14.85
C GLY B 447 78.26 -5.39 15.08
N ASN B 448 77.05 -5.25 14.55
CA ASN B 448 76.30 -4.00 14.69
C ASN B 448 75.51 -4.06 15.99
N TYR B 449 75.82 -3.13 16.90
CA TYR B 449 75.16 -3.06 18.21
C TYR B 449 74.26 -1.84 18.34
N ASN B 450 73.98 -1.15 17.24
CA ASN B 450 73.06 -0.02 17.27
C ASN B 450 71.61 -0.48 17.38
N TYR B 451 71.34 -1.77 17.22
CA TYR B 451 69.99 -2.31 17.34
C TYR B 451 69.83 -2.91 18.73
N LEU B 452 68.89 -2.37 19.49
CA LEU B 452 68.66 -2.78 20.87
C LEU B 452 67.27 -3.40 21.02
N TYR B 453 66.97 -3.83 22.23
CA TYR B 453 65.66 -4.37 22.55
C TYR B 453 65.55 -4.53 24.05
N ARG B 454 64.40 -4.15 24.61
CA ARG B 454 64.17 -4.30 26.03
C ARG B 454 64.19 -5.79 26.39
N LEU B 455 64.88 -6.12 27.47
CA LEU B 455 65.00 -7.50 27.93
C LEU B 455 64.17 -7.79 29.18
N PHE B 456 63.86 -6.78 29.97
CA PHE B 456 63.08 -6.94 31.19
C PHE B 456 62.03 -5.84 31.30
N ARG B 457 60.91 -6.18 31.95
CA ARG B 457 59.87 -5.20 32.26
C ARG B 457 58.94 -5.82 33.28
N LYS B 458 58.52 -5.01 34.26
CA LYS B 458 57.71 -5.52 35.36
C LYS B 458 56.35 -6.03 34.90
N SER B 459 55.89 -5.63 33.72
CA SER B 459 54.60 -6.07 33.22
C SER B 459 54.62 -6.07 31.70
N ASN B 460 53.68 -6.81 31.11
CA ASN B 460 53.57 -6.87 29.67
C ASN B 460 53.00 -5.55 29.14
N LEU B 461 53.53 -5.11 28.00
CA LEU B 461 53.07 -3.86 27.41
C LEU B 461 51.63 -3.98 26.94
N LYS B 462 50.88 -2.90 27.11
CA LYS B 462 49.54 -2.83 26.55
C LYS B 462 49.63 -2.69 25.03
N PRO B 463 48.56 -3.02 24.32
CA PRO B 463 48.61 -2.96 22.85
C PRO B 463 49.04 -1.58 22.36
N PHE B 464 49.93 -1.58 21.37
CA PHE B 464 50.43 -0.34 20.77
C PHE B 464 50.99 0.60 21.85
N GLU B 465 51.70 0.03 22.81
CA GLU B 465 52.32 0.79 23.88
C GLU B 465 53.82 0.92 23.62
N ARG B 466 54.33 2.14 23.74
CA ARG B 466 55.74 2.44 23.48
C ARG B 466 56.40 2.78 24.81
N ASP B 467 57.38 1.97 25.21
CA ASP B 467 58.11 2.16 26.46
C ASP B 467 59.58 2.37 26.12
N ILE B 468 60.17 3.44 26.68
CA ILE B 468 61.57 3.76 26.47
C ILE B 468 62.30 4.05 27.77
N SER B 469 61.68 3.71 28.91
CA SER B 469 62.32 3.95 30.20
C SER B 469 63.58 3.12 30.34
N THR B 470 64.59 3.69 30.99
CA THR B 470 65.87 3.02 31.21
C THR B 470 66.12 2.75 32.69
N GLU B 471 65.05 2.61 33.47
CA GLU B 471 65.20 2.31 34.89
C GLU B 471 65.84 0.94 35.07
N ILE B 472 66.69 0.82 36.09
CA ILE B 472 67.32 -0.45 36.40
C ILE B 472 66.25 -1.44 36.82
N TYR B 473 66.05 -2.48 36.01
CA TYR B 473 65.02 -3.46 36.31
C TYR B 473 65.32 -4.18 37.61
N GLN B 474 64.28 -4.44 38.40
CA GLN B 474 64.43 -5.11 39.68
C GLN B 474 64.19 -6.61 39.48
N ALA B 475 65.17 -7.29 38.87
CA ALA B 475 65.09 -8.72 38.63
C ALA B 475 65.01 -9.53 39.91
N GLY B 476 65.88 -9.27 40.87
CA GLY B 476 65.72 -9.82 42.20
C GLY B 476 64.84 -8.90 43.01
N SER B 477 64.32 -9.40 44.13
CA SER B 477 63.36 -8.60 44.88
C SER B 477 64.03 -7.60 45.81
N THR B 478 65.36 -7.59 45.84
CA THR B 478 66.08 -6.57 46.59
C THR B 478 65.98 -5.25 45.85
N PRO B 479 65.51 -4.17 46.47
CA PRO B 479 65.32 -2.92 45.74
C PRO B 479 66.63 -2.42 45.13
N CYS B 480 66.52 -1.91 43.91
CA CYS B 480 67.66 -1.31 43.21
C CYS B 480 67.47 0.20 43.19
N ASN B 481 68.33 0.91 43.92
CA ASN B 481 68.23 2.37 44.03
C ASN B 481 68.94 3.08 42.88
N GLY B 482 68.58 2.73 41.65
CA GLY B 482 69.17 3.33 40.48
C GLY B 482 70.54 2.82 40.13
N VAL B 483 71.03 1.79 40.82
CA VAL B 483 72.37 1.26 40.61
C VAL B 483 72.25 -0.21 40.19
N GLU B 484 73.20 -0.64 39.36
CA GLU B 484 73.26 -2.01 38.88
C GLU B 484 74.23 -2.83 39.72
N GLY B 485 74.15 -4.14 39.56
CA GLY B 485 74.98 -5.06 40.31
C GLY B 485 74.21 -6.34 40.58
N PHE B 486 74.25 -6.79 41.84
CA PHE B 486 73.55 -8.00 42.23
C PHE B 486 72.06 -7.85 42.02
N ASN B 487 71.50 -8.61 41.08
CA ASN B 487 70.06 -8.59 40.81
C ASN B 487 69.56 -7.19 40.45
N CYS B 488 70.40 -6.41 39.75
CA CYS B 488 70.02 -5.08 39.26
C CYS B 488 70.66 -4.93 37.88
N TYR B 489 69.88 -5.25 36.85
CA TYR B 489 70.38 -5.29 35.47
C TYR B 489 69.74 -4.20 34.63
N PHE B 490 70.43 -3.84 33.55
CA PHE B 490 69.91 -2.85 32.63
C PHE B 490 68.83 -3.48 31.75
N PRO B 491 67.64 -2.87 31.64
CA PRO B 491 66.55 -3.52 30.90
C PRO B 491 66.85 -3.78 29.44
N LEU B 492 67.61 -2.92 28.77
CA LEU B 492 67.82 -3.04 27.32
C LEU B 492 69.09 -3.82 27.04
N GLN B 493 69.01 -4.73 26.08
CA GLN B 493 70.15 -5.50 25.60
C GLN B 493 70.33 -5.25 24.11
N SER B 494 71.58 -5.26 23.67
CA SER B 494 71.91 -4.97 22.29
C SER B 494 72.05 -6.24 21.47
N TYR B 495 71.45 -6.23 20.28
CA TYR B 495 71.57 -7.38 19.38
C TYR B 495 73.00 -7.50 18.85
N GLY B 496 73.41 -8.74 18.60
CA GLY B 496 74.65 -8.99 17.90
C GLY B 496 74.40 -9.40 16.46
N PHE B 497 74.59 -8.47 15.53
CA PHE B 497 74.30 -8.69 14.11
C PHE B 497 75.61 -8.70 13.34
N GLN B 498 75.95 -9.84 12.75
CA GLN B 498 77.14 -10.01 11.93
C GLN B 498 76.77 -10.75 10.65
N PRO B 499 77.54 -10.58 9.58
CA PRO B 499 77.20 -11.26 8.32
C PRO B 499 77.15 -12.77 8.45
N THR B 500 77.94 -13.35 9.35
CA THR B 500 78.02 -14.78 9.53
C THR B 500 76.98 -15.33 10.50
N ASN B 501 76.15 -14.45 11.09
CA ASN B 501 75.12 -14.91 11.99
C ASN B 501 74.09 -15.77 11.26
N GLY B 502 73.50 -16.70 11.99
CA GLY B 502 72.49 -17.55 11.40
C GLY B 502 71.27 -16.77 10.95
N VAL B 503 70.56 -17.33 9.97
CA VAL B 503 69.40 -16.65 9.40
C VAL B 503 68.41 -16.29 10.49
N GLY B 504 68.29 -17.13 11.51
CA GLY B 504 67.43 -16.83 12.63
C GLY B 504 67.91 -15.65 13.46
N TYR B 505 69.18 -15.29 13.33
CA TYR B 505 69.75 -14.16 14.06
C TYR B 505 70.13 -13.00 13.13
N GLN B 506 70.02 -13.18 11.81
CA GLN B 506 70.32 -12.05 10.95
C GLN B 506 69.28 -10.94 11.14
N PRO B 507 69.65 -9.69 10.95
CA PRO B 507 68.65 -8.62 11.09
C PRO B 507 67.52 -8.77 10.10
N TYR B 508 66.31 -8.50 10.57
CA TYR B 508 65.11 -8.50 9.75
C TYR B 508 64.40 -7.18 9.96
N ARG B 509 64.12 -6.49 8.86
CA ARG B 509 63.36 -5.25 8.91
C ARG B 509 61.89 -5.60 8.86
N VAL B 510 61.13 -5.11 9.85
CA VAL B 510 59.72 -5.43 10.02
C VAL B 510 58.92 -4.15 9.87
N VAL B 511 57.86 -4.23 9.07
CA VAL B 511 56.90 -3.15 8.87
C VAL B 511 55.53 -3.71 9.18
N VAL B 512 54.87 -3.15 10.20
CA VAL B 512 53.55 -3.58 10.61
C VAL B 512 52.57 -2.51 10.17
N LEU B 513 51.69 -2.85 9.24
CA LEU B 513 50.65 -1.94 8.78
C LEU B 513 49.37 -2.26 9.54
N SER B 514 48.69 -1.21 9.99
CA SER B 514 47.38 -1.35 10.61
C SER B 514 46.43 -0.33 9.99
N PHE B 515 45.17 -0.69 9.86
CA PHE B 515 44.16 0.16 9.26
C PHE B 515 43.03 0.37 10.25
N GLU B 516 42.74 1.63 10.56
CA GLU B 516 41.70 1.96 11.53
C GLU B 516 40.58 2.74 10.85
N LEU B 517 39.35 2.29 11.09
CA LEU B 517 38.16 2.89 10.51
C LEU B 517 37.21 3.23 11.65
N LEU B 518 37.23 4.48 12.09
CA LEU B 518 36.37 4.97 13.15
C LEU B 518 35.09 5.54 12.56
N HIS B 519 34.25 6.10 13.42
CA HIS B 519 32.97 6.69 12.99
C HIS B 519 33.21 8.07 12.37
N ALA B 520 34.06 8.09 11.35
CA ALA B 520 34.41 9.30 10.64
C ALA B 520 34.61 8.96 9.16
N PRO B 521 34.50 9.94 8.28
CA PRO B 521 34.78 9.68 6.86
C PRO B 521 36.21 9.21 6.68
N ALA B 522 36.41 8.33 5.71
CA ALA B 522 37.69 7.68 5.50
C ALA B 522 38.53 8.50 4.51
N THR B 523 39.66 9.02 4.98
CA THR B 523 40.56 9.80 4.15
C THR B 523 41.41 8.95 3.23
N VAL B 524 41.85 7.78 3.67
CA VAL B 524 42.80 6.95 2.94
C VAL B 524 41.98 5.95 2.13
N CYS B 525 41.88 6.21 0.84
CA CYS B 525 41.18 5.34 -0.10
C CYS B 525 42.17 4.78 -1.11
N GLY B 526 41.73 3.77 -1.84
CA GLY B 526 42.55 3.18 -2.87
C GLY B 526 42.50 3.98 -4.15
N PRO B 527 43.29 3.53 -5.13
CA PRO B 527 43.31 4.22 -6.42
C PRO B 527 41.97 4.10 -7.14
N LYS B 528 41.69 5.10 -7.97
CA LYS B 528 40.45 5.14 -8.75
C LYS B 528 40.80 5.31 -10.21
N LYS B 529 39.99 4.68 -11.06
CA LYS B 529 40.23 4.66 -12.50
C LYS B 529 39.73 5.95 -13.15
N SER B 530 40.05 6.09 -14.43
CA SER B 530 39.63 7.23 -15.22
C SER B 530 39.81 6.91 -16.69
N THR B 531 38.83 7.28 -17.50
CA THR B 531 38.82 6.99 -18.93
C THR B 531 38.91 8.29 -19.71
N ASN B 532 39.08 8.15 -21.02
CA ASN B 532 39.17 9.31 -21.89
C ASN B 532 37.81 9.97 -22.05
N LEU B 533 37.84 11.26 -22.38
CA LEU B 533 36.63 12.06 -22.51
C LEU B 533 36.28 12.25 -23.98
N VAL B 534 35.00 12.11 -24.30
CA VAL B 534 34.50 12.21 -25.67
C VAL B 534 33.51 13.36 -25.74
N LYS B 535 33.72 14.28 -26.66
CA LYS B 535 32.87 15.44 -26.84
C LYS B 535 31.98 15.28 -28.06
N ASN B 536 30.87 16.02 -28.08
CA ASN B 536 29.97 16.09 -29.23
C ASN B 536 29.43 14.73 -29.63
N LYS B 537 29.12 13.89 -28.64
CA LYS B 537 28.49 12.61 -28.89
C LYS B 537 27.70 12.18 -27.66
N CYS B 538 26.62 11.44 -27.88
CA CYS B 538 25.75 11.04 -26.79
C CYS B 538 26.42 9.91 -26.00
N VAL B 539 26.70 10.17 -24.72
CA VAL B 539 27.42 9.23 -23.87
C VAL B 539 26.72 9.14 -22.52
N ASN B 540 27.05 8.09 -21.79
CA ASN B 540 26.55 7.86 -20.43
C ASN B 540 27.71 8.10 -19.48
N PHE B 541 27.74 9.28 -18.87
CA PHE B 541 28.89 9.76 -18.14
C PHE B 541 28.73 9.60 -16.63
N ASN B 542 29.87 9.65 -15.94
CA ASN B 542 29.95 9.60 -14.49
C ASN B 542 31.14 10.45 -14.06
N PHE B 543 30.86 11.69 -13.65
CA PHE B 543 31.88 12.63 -13.20
C PHE B 543 31.82 12.74 -11.69
N ASN B 544 32.85 12.24 -11.01
CA ASN B 544 32.97 12.39 -9.55
C ASN B 544 31.78 11.78 -8.84
N GLY B 545 31.20 10.73 -9.43
CA GLY B 545 30.05 10.07 -8.86
C GLY B 545 28.72 10.63 -9.30
N LEU B 546 28.70 11.78 -9.98
CA LEU B 546 27.48 12.31 -10.59
C LEU B 546 27.28 11.61 -11.93
N THR B 547 26.22 10.81 -12.03
CA THR B 547 25.95 10.03 -13.22
C THR B 547 24.88 10.70 -14.06
N GLY B 548 24.92 10.43 -15.35
CA GLY B 548 23.93 11.01 -16.25
C GLY B 548 24.17 10.56 -17.67
N THR B 549 23.34 11.09 -18.56
CA THR B 549 23.42 10.80 -19.98
C THR B 549 23.26 12.10 -20.76
N GLY B 550 24.02 12.25 -21.83
CA GLY B 550 23.89 13.46 -22.63
C GLY B 550 25.05 13.63 -23.57
N VAL B 551 25.09 14.79 -24.20
CA VAL B 551 26.16 15.18 -25.12
C VAL B 551 26.99 16.25 -24.42
N LEU B 552 28.30 16.04 -24.38
CA LEU B 552 29.22 16.95 -23.71
C LEU B 552 29.85 17.87 -24.74
N THR B 553 29.69 19.18 -24.56
CA THR B 553 30.24 20.16 -25.48
C THR B 553 31.03 21.20 -24.70
N GLU B 554 31.96 21.85 -25.38
CA GLU B 554 32.71 22.92 -24.74
C GLU B 554 31.78 24.08 -24.41
N SER B 555 32.15 24.84 -23.37
CA SER B 555 31.28 25.89 -22.86
C SER B 555 32.10 27.12 -22.52
N ASN B 556 31.41 28.25 -22.40
CA ASN B 556 32.02 29.52 -22.05
C ASN B 556 31.51 30.02 -20.71
N LYS B 557 31.06 29.12 -19.84
CA LYS B 557 30.58 29.47 -18.52
C LYS B 557 31.77 29.54 -17.58
N LYS B 558 31.96 30.69 -16.94
CA LYS B 558 33.11 30.90 -16.05
C LYS B 558 32.75 30.42 -14.66
N PHE B 559 33.00 29.15 -14.40
CA PHE B 559 32.80 28.60 -13.05
C PHE B 559 33.77 29.27 -12.08
N LEU B 560 33.31 29.48 -10.86
CA LEU B 560 34.22 29.94 -9.83
C LEU B 560 35.09 28.78 -9.35
N PRO B 561 36.24 29.06 -8.74
CA PRO B 561 37.16 27.97 -8.37
C PRO B 561 36.53 26.90 -7.50
N PHE B 562 35.66 27.27 -6.56
CA PHE B 562 35.13 26.30 -5.61
C PHE B 562 33.87 25.61 -6.09
N GLN B 563 33.33 25.99 -7.23
CA GLN B 563 32.13 25.35 -7.78
C GLN B 563 32.53 24.12 -8.57
N GLN B 564 31.61 23.16 -8.66
CA GLN B 564 31.92 21.87 -9.27
C GLN B 564 30.87 21.38 -10.25
N PHE B 565 29.66 21.91 -10.21
CA PHE B 565 28.60 21.53 -11.13
C PHE B 565 27.87 22.77 -11.63
N GLY B 566 26.84 22.56 -12.43
CA GLY B 566 25.94 23.61 -12.83
C GLY B 566 24.50 23.15 -12.73
N ARG B 567 23.55 24.07 -12.70
CA ARG B 567 22.14 23.70 -12.67
C ARG B 567 21.30 24.76 -13.34
N ASP B 568 20.14 24.35 -13.83
CA ASP B 568 19.17 25.22 -14.46
C ASP B 568 18.03 25.51 -13.49
N ILE B 569 16.97 26.15 -14.00
CA ILE B 569 15.83 26.47 -13.16
C ILE B 569 15.23 25.20 -12.56
N ALA B 570 15.18 24.12 -13.34
CA ALA B 570 14.58 22.88 -12.89
C ALA B 570 15.50 22.07 -11.99
N ASP B 571 16.69 22.57 -11.68
CA ASP B 571 17.67 21.91 -10.83
C ASP B 571 18.35 20.73 -11.52
N THR B 572 18.06 20.49 -12.79
CA THR B 572 18.73 19.42 -13.50
C THR B 572 20.12 19.87 -13.95
N THR B 573 21.01 18.90 -14.11
CA THR B 573 22.39 19.21 -14.46
C THR B 573 22.44 19.93 -15.80
N ASP B 574 23.25 20.99 -15.87
CA ASP B 574 23.42 21.76 -17.10
C ASP B 574 24.87 21.86 -17.52
N ALA B 575 25.80 21.87 -16.57
CA ALA B 575 27.22 21.92 -16.89
C ALA B 575 27.98 21.16 -15.81
N VAL B 576 29.19 20.75 -16.15
CA VAL B 576 30.06 20.05 -15.20
C VAL B 576 31.50 20.38 -15.52
N ARG B 577 32.32 20.43 -14.47
CA ARG B 577 33.75 20.70 -14.63
C ARG B 577 34.51 19.40 -14.65
N ASP B 578 35.28 19.18 -15.71
CA ASP B 578 36.08 17.97 -15.84
C ASP B 578 37.03 17.87 -14.66
N PRO B 579 37.01 16.79 -13.87
CA PRO B 579 37.89 16.73 -12.70
C PRO B 579 39.37 16.81 -13.04
N GLN B 580 39.81 16.25 -14.16
CA GLN B 580 41.23 16.20 -14.48
C GLN B 580 41.75 17.47 -15.10
N THR B 581 40.99 18.10 -15.99
CA THR B 581 41.34 19.38 -16.59
C THR B 581 40.28 20.39 -16.21
N LEU B 582 40.70 21.53 -15.68
CA LEU B 582 39.76 22.53 -15.17
C LEU B 582 39.07 23.24 -16.34
N GLU B 583 38.19 22.49 -17.00
CA GLU B 583 37.39 23.01 -18.10
C GLU B 583 35.92 22.73 -17.84
N ILE B 584 35.07 23.56 -18.40
CA ILE B 584 33.63 23.48 -18.18
C ILE B 584 32.98 22.89 -19.42
N LEU B 585 32.21 21.82 -19.24
CA LEU B 585 31.52 21.14 -20.32
C LEU B 585 30.02 21.23 -20.11
N ASP B 586 29.32 21.78 -21.09
CA ASP B 586 27.87 21.81 -21.05
C ASP B 586 27.32 20.44 -21.44
N ILE B 587 26.20 20.07 -20.81
CA ILE B 587 25.54 18.81 -21.04
C ILE B 587 24.21 19.11 -21.73
N THR B 588 24.06 18.61 -22.95
CA THR B 588 22.79 18.73 -23.68
C THR B 588 22.13 17.36 -23.73
N PRO B 589 20.92 17.18 -23.21
CA PRO B 589 20.31 15.84 -23.23
C PRO B 589 20.23 15.31 -24.65
N CYS B 590 20.48 14.01 -24.78
CA CYS B 590 20.59 13.41 -26.12
C CYS B 590 19.28 13.60 -26.88
N SER B 591 19.41 13.88 -28.17
CA SER B 591 18.25 14.28 -28.97
C SER B 591 17.16 13.22 -28.91
N PHE B 592 15.93 13.68 -28.75
CA PHE B 592 14.76 12.82 -28.81
C PHE B 592 13.63 13.62 -29.42
N GLY B 593 12.66 12.92 -30.00
CA GLY B 593 11.55 13.59 -30.62
C GLY B 593 10.49 12.65 -31.15
N GLY B 594 9.73 13.12 -32.13
CA GLY B 594 8.64 12.34 -32.68
C GLY B 594 8.82 12.11 -34.16
N VAL B 595 8.50 10.90 -34.58
CA VAL B 595 8.54 10.50 -35.98
C VAL B 595 7.12 10.56 -36.49
N SER B 596 6.87 11.48 -37.42
CA SER B 596 5.59 11.64 -38.06
C SER B 596 5.72 11.31 -39.54
N VAL B 597 4.63 10.90 -40.15
CA VAL B 597 4.62 10.49 -41.55
C VAL B 597 3.79 11.48 -42.33
N ILE B 598 4.40 12.08 -43.36
CA ILE B 598 3.70 12.96 -44.28
C ILE B 598 3.32 12.14 -45.49
N THR B 599 2.01 11.97 -45.72
CA THR B 599 1.55 11.09 -46.75
C THR B 599 0.44 11.75 -47.55
N PRO B 600 0.53 11.75 -48.88
CA PRO B 600 -0.66 12.07 -49.68
C PRO B 600 -1.70 10.98 -49.53
N GLY B 601 -2.95 11.35 -49.80
CA GLY B 601 -4.02 10.39 -49.65
C GLY B 601 -3.74 9.10 -50.39
N THR B 602 -3.93 7.98 -49.69
CA THR B 602 -3.60 6.68 -50.26
C THR B 602 -4.38 6.40 -51.55
N ASN B 603 -5.50 7.07 -51.77
CA ASN B 603 -6.19 6.96 -53.05
C ASN B 603 -5.39 7.57 -54.19
N THR B 604 -4.33 8.33 -53.89
CA THR B 604 -3.49 8.94 -54.90
C THR B 604 -2.18 8.20 -55.11
N SER B 605 -1.42 7.98 -54.04
CA SER B 605 -0.14 7.28 -54.15
C SER B 605 0.24 6.74 -52.79
N ASN B 606 1.19 5.82 -52.78
CA ASN B 606 1.70 5.22 -51.55
C ASN B 606 3.06 5.78 -51.15
N GLN B 607 3.56 6.79 -51.86
CA GLN B 607 4.83 7.39 -51.52
C GLN B 607 4.65 8.38 -50.37
N VAL B 608 5.54 8.31 -49.39
CA VAL B 608 5.44 9.13 -48.19
C VAL B 608 6.82 9.63 -47.79
N ALA B 609 6.82 10.61 -46.89
CA ALA B 609 8.05 11.14 -46.31
C ALA B 609 7.96 11.06 -44.79
N VAL B 610 9.10 11.17 -44.12
CA VAL B 610 9.19 11.01 -42.68
C VAL B 610 9.80 12.25 -42.08
N LEU B 611 9.14 12.80 -41.06
CA LEU B 611 9.62 13.99 -40.37
C LEU B 611 10.00 13.61 -38.95
N TYR B 612 11.27 13.76 -38.61
CA TYR B 612 11.76 13.60 -37.24
C TYR B 612 11.82 14.98 -36.63
N GLN B 613 10.90 15.27 -35.71
CA GLN B 613 10.81 16.61 -35.16
C GLN B 613 11.89 16.84 -34.12
N ASP B 614 12.44 18.06 -34.11
CA ASP B 614 13.33 18.49 -33.04
C ASP B 614 14.56 17.59 -32.92
N VAL B 615 15.08 17.15 -34.06
CA VAL B 615 16.36 16.45 -34.10
C VAL B 615 17.17 16.98 -35.27
N ASN B 616 18.48 16.80 -35.17
CA ASN B 616 19.40 17.14 -36.25
C ASN B 616 19.47 15.99 -37.24
N CYS B 617 19.90 16.32 -38.46
CA CYS B 617 20.10 15.30 -39.50
C CYS B 617 21.49 14.68 -39.38
N THR B 618 21.82 14.27 -38.16
CA THR B 618 23.04 13.54 -37.89
C THR B 618 22.71 12.19 -37.28
N GLU B 619 21.85 12.20 -36.27
CA GLU B 619 21.52 10.97 -35.54
C GLU B 619 20.70 10.01 -36.39
N VAL B 620 19.77 10.54 -37.18
CA VAL B 620 18.89 9.70 -37.96
C VAL B 620 19.71 8.83 -38.92
N ASN B 641 19.07 11.94 -49.87
CA ASN B 641 17.92 12.82 -49.99
C ASN B 641 17.34 13.15 -48.62
N VAL B 642 17.90 14.17 -47.98
CA VAL B 642 17.48 14.61 -46.66
C VAL B 642 17.45 16.13 -46.66
N PHE B 643 16.56 16.70 -45.85
CA PHE B 643 16.38 18.15 -45.79
C PHE B 643 16.32 18.55 -44.32
N GLN B 644 17.09 19.57 -43.96
CA GLN B 644 17.05 20.11 -42.60
C GLN B 644 16.17 21.35 -42.60
N THR B 645 15.25 21.41 -41.64
CA THR B 645 14.37 22.57 -41.49
C THR B 645 14.19 22.86 -40.00
N ARG B 646 13.68 24.04 -39.68
CA ARG B 646 13.42 24.35 -38.29
C ARG B 646 12.35 23.46 -37.69
N ALA B 647 11.60 22.74 -38.51
CA ALA B 647 10.67 21.72 -38.04
C ALA B 647 11.37 20.44 -37.64
N GLY B 648 12.52 20.13 -38.23
CA GLY B 648 13.27 18.94 -37.93
C GLY B 648 13.93 18.38 -39.17
N CYS B 649 14.18 17.07 -39.15
CA CYS B 649 14.86 16.38 -40.24
C CYS B 649 13.81 15.69 -41.10
N LEU B 650 13.78 16.02 -42.38
CA LEU B 650 12.77 15.52 -43.31
C LEU B 650 13.45 14.59 -44.31
N ILE B 651 12.91 13.39 -44.45
CA ILE B 651 13.45 12.36 -45.32
C ILE B 651 12.40 12.00 -46.36
N GLY B 652 12.80 11.99 -47.62
CA GLY B 652 11.92 11.63 -48.72
C GLY B 652 11.28 12.80 -49.43
N ALA B 653 11.60 14.02 -49.02
CA ALA B 653 11.00 15.23 -49.58
C ALA B 653 12.05 16.02 -50.34
N GLU B 654 11.72 16.43 -51.57
CA GLU B 654 12.61 17.25 -52.36
C GLU B 654 12.29 18.72 -52.14
N HIS B 655 13.26 19.46 -51.61
CA HIS B 655 13.07 20.88 -51.32
C HIS B 655 12.88 21.64 -52.63
N VAL B 656 11.92 22.56 -52.65
CA VAL B 656 11.59 23.33 -53.85
C VAL B 656 11.76 24.81 -53.53
N ASN B 657 12.53 25.50 -54.39
CA ASN B 657 12.73 26.93 -54.20
C ASN B 657 11.44 27.71 -54.35
N ASN B 658 10.60 27.34 -55.32
CA ASN B 658 9.35 28.06 -55.56
C ASN B 658 8.42 27.91 -54.36
N SER B 659 7.55 28.89 -54.17
CA SER B 659 6.57 28.85 -53.10
C SER B 659 5.18 28.64 -53.66
N TYR B 660 4.33 28.01 -52.87
CA TYR B 660 2.95 27.71 -53.27
C TYR B 660 2.05 27.91 -52.05
N GLU B 661 0.81 27.45 -52.17
CA GLU B 661 -0.13 27.55 -51.07
C GLU B 661 -0.03 26.31 -50.18
N CYS B 662 -0.14 26.52 -48.87
CA CYS B 662 0.01 25.42 -47.93
C CYS B 662 -1.01 24.32 -48.23
N ASP B 663 -0.53 23.08 -48.29
CA ASP B 663 -1.38 21.94 -48.57
C ASP B 663 -1.41 20.99 -47.38
N ILE B 664 -0.24 20.55 -46.94
CA ILE B 664 -0.10 19.70 -45.76
C ILE B 664 0.86 20.41 -44.79
N PRO B 665 0.37 21.09 -43.77
CA PRO B 665 1.26 21.87 -42.91
C PRO B 665 2.27 20.97 -42.21
N ILE B 666 3.50 21.45 -42.13
CA ILE B 666 4.57 20.78 -41.40
C ILE B 666 4.95 21.59 -40.16
N GLY B 667 5.21 22.88 -40.34
CA GLY B 667 5.52 23.75 -39.22
C GLY B 667 6.67 24.69 -39.56
N ALA B 668 6.83 25.70 -38.71
CA ALA B 668 7.84 26.73 -38.93
C ALA B 668 7.67 27.37 -40.30
N GLY B 669 6.42 27.50 -40.73
CA GLY B 669 6.11 28.08 -42.02
C GLY B 669 6.30 27.17 -43.19
N ILE B 670 6.64 25.90 -42.96
CA ILE B 670 6.92 24.94 -44.03
C ILE B 670 5.69 24.06 -44.22
N CYS B 671 5.26 23.91 -45.47
CA CYS B 671 4.19 23.01 -45.85
C CYS B 671 4.65 22.17 -47.03
N ALA B 672 4.12 20.96 -47.14
CA ALA B 672 4.50 20.02 -48.18
C ALA B 672 3.27 19.58 -48.98
N SER B 673 3.51 19.20 -50.22
CA SER B 673 2.44 18.81 -51.12
C SER B 673 2.98 17.83 -52.16
N TYR B 674 2.06 17.11 -52.79
CA TYR B 674 2.38 16.10 -53.79
C TYR B 674 2.26 16.71 -55.18
N GLN B 675 3.39 16.87 -55.87
CA GLN B 675 3.41 17.46 -57.20
C GLN B 675 4.64 16.95 -57.93
N THR B 676 4.68 17.20 -59.24
CA THR B 676 5.83 16.80 -60.05
C THR B 676 7.04 17.67 -59.74
N SER B 689 6.66 10.47 -62.04
CA SER B 689 7.20 11.82 -62.09
C SER B 689 6.78 12.63 -60.86
N GLN B 690 5.58 12.34 -60.35
CA GLN B 690 5.05 13.03 -59.20
C GLN B 690 5.73 12.55 -57.93
N SER B 691 5.98 13.49 -57.01
CA SER B 691 6.68 13.18 -55.77
C SER B 691 6.28 14.22 -54.73
N ILE B 692 6.70 13.98 -53.49
CA ILE B 692 6.41 14.88 -52.39
C ILE B 692 7.47 15.97 -52.35
N ILE B 693 7.04 17.21 -52.19
CA ILE B 693 7.94 18.35 -52.08
C ILE B 693 7.54 19.18 -50.87
N ALA B 694 8.49 19.97 -50.37
CA ALA B 694 8.28 20.85 -49.23
C ALA B 694 8.71 22.25 -49.60
N TYR B 695 8.08 23.24 -48.99
CA TYR B 695 8.34 24.63 -49.36
C TYR B 695 7.80 25.54 -48.26
N THR B 696 7.97 26.84 -48.48
CA THR B 696 7.41 27.84 -47.59
C THR B 696 6.11 28.36 -48.19
N MET B 697 5.03 28.34 -47.42
CA MET B 697 3.72 28.66 -47.99
C MET B 697 3.67 30.12 -48.44
N SER B 698 2.67 30.43 -49.26
CA SER B 698 2.62 31.69 -49.99
C SER B 698 1.74 32.74 -49.31
N LEU B 699 0.74 32.29 -48.54
CA LEU B 699 -0.20 33.20 -47.88
C LEU B 699 -1.11 33.87 -48.89
N GLY B 700 -1.19 33.34 -50.10
CA GLY B 700 -2.07 33.86 -51.12
C GLY B 700 -1.33 34.77 -52.09
N ALA B 701 -1.94 34.93 -53.25
CA ALA B 701 -1.34 35.75 -54.30
C ALA B 701 -1.29 37.20 -53.85
N GLU B 702 -0.22 37.89 -54.23
CA GLU B 702 -0.04 39.30 -53.87
C GLU B 702 -0.72 40.17 -54.91
N ASN B 703 -1.48 41.16 -54.45
CA ASN B 703 -2.33 41.96 -55.33
C ASN B 703 -2.36 43.38 -54.80
N SER B 704 -1.57 44.27 -55.39
CA SER B 704 -1.62 45.68 -55.03
C SER B 704 -2.92 46.29 -55.54
N VAL B 705 -3.38 47.32 -54.84
CA VAL B 705 -4.61 48.03 -55.19
C VAL B 705 -4.24 49.39 -55.76
N ALA B 706 -4.77 49.72 -56.93
CA ALA B 706 -4.42 50.96 -57.62
C ALA B 706 -5.10 52.15 -56.94
N TYR B 707 -4.66 52.41 -55.71
CA TYR B 707 -5.20 53.51 -54.92
C TYR B 707 -4.72 54.85 -55.46
N SER B 708 -5.60 55.84 -55.42
CA SER B 708 -5.25 57.19 -55.84
C SER B 708 -6.34 58.14 -55.35
N ASN B 709 -5.94 59.33 -54.93
CA ASN B 709 -6.80 60.25 -54.21
C ASN B 709 -7.99 60.74 -55.04
N ASN B 710 -8.12 60.31 -56.29
CA ASN B 710 -9.27 60.73 -57.10
C ASN B 710 -9.80 59.59 -57.96
N SER B 711 -9.71 58.35 -57.46
CA SER B 711 -10.22 57.19 -58.17
C SER B 711 -11.08 56.36 -57.23
N ILE B 712 -12.21 55.88 -57.72
CA ILE B 712 -13.09 54.99 -56.97
C ILE B 712 -13.55 53.87 -57.88
N ALA B 713 -13.49 52.64 -57.40
CA ALA B 713 -13.89 51.47 -58.18
C ALA B 713 -15.25 51.00 -57.69
N ILE B 714 -16.27 51.16 -58.52
CA ILE B 714 -17.65 50.89 -58.17
C ILE B 714 -18.09 49.65 -58.92
N PRO B 715 -18.80 48.71 -58.29
CA PRO B 715 -19.28 47.54 -59.03
C PRO B 715 -20.46 47.90 -59.91
N THR B 716 -20.55 47.21 -61.04
CA THR B 716 -21.67 47.35 -61.97
C THR B 716 -22.54 46.10 -62.04
N ASN B 717 -22.19 45.04 -61.33
CA ASN B 717 -22.92 43.80 -61.39
C ASN B 717 -22.72 43.05 -60.08
N PHE B 718 -23.57 42.07 -59.83
CA PHE B 718 -23.54 41.36 -58.55
C PHE B 718 -23.72 39.88 -58.79
N THR B 719 -23.49 39.10 -57.74
CA THR B 719 -23.74 37.67 -57.74
C THR B 719 -24.28 37.26 -56.39
N ILE B 720 -25.31 36.41 -56.40
CA ILE B 720 -25.92 35.89 -55.19
C ILE B 720 -25.31 34.53 -54.91
N SER B 721 -24.54 34.43 -53.84
CA SER B 721 -23.85 33.21 -53.48
C SER B 721 -24.56 32.55 -52.32
N VAL B 722 -24.34 31.25 -52.16
CA VAL B 722 -24.89 30.47 -51.06
C VAL B 722 -23.75 29.72 -50.39
N THR B 723 -23.53 30.01 -49.12
CA THR B 723 -22.49 29.36 -48.35
C THR B 723 -23.11 28.43 -47.32
N THR B 724 -22.37 27.39 -46.95
CA THR B 724 -22.84 26.40 -45.98
C THR B 724 -21.99 26.53 -44.73
N GLU B 725 -22.65 26.65 -43.58
CA GLU B 725 -21.97 26.76 -42.30
C GLU B 725 -22.53 25.70 -41.36
N ILE B 726 -21.66 24.85 -40.82
CA ILE B 726 -22.07 23.68 -40.07
C ILE B 726 -21.62 23.85 -38.62
N LEU B 727 -22.54 23.66 -37.69
CA LEU B 727 -22.27 23.87 -36.27
C LEU B 727 -22.79 22.71 -35.44
N PRO B 728 -21.94 22.09 -34.60
CA PRO B 728 -22.47 21.10 -33.66
C PRO B 728 -23.39 21.75 -32.65
N VAL B 729 -24.40 20.99 -32.21
CA VAL B 729 -25.39 21.48 -31.26
C VAL B 729 -25.40 20.68 -29.97
N SER B 730 -25.29 19.35 -30.06
CA SER B 730 -25.37 18.51 -28.88
C SER B 730 -24.51 17.28 -29.06
N MET B 731 -24.18 16.64 -27.95
CA MET B 731 -23.39 15.42 -27.93
C MET B 731 -24.23 14.29 -27.35
N THR B 732 -23.81 13.06 -27.62
CA THR B 732 -24.56 11.89 -27.17
C THR B 732 -24.74 11.92 -25.66
N LYS B 733 -25.97 11.67 -25.22
CA LYS B 733 -26.31 11.70 -23.80
C LYS B 733 -25.95 10.36 -23.17
N THR B 734 -24.68 10.20 -22.84
CA THR B 734 -24.24 8.99 -22.16
C THR B 734 -24.53 9.08 -20.67
N SER B 735 -24.53 7.90 -20.03
CA SER B 735 -24.76 7.82 -18.59
C SER B 735 -24.17 6.50 -18.11
N VAL B 736 -23.33 6.56 -17.09
CA VAL B 736 -22.59 5.39 -16.61
C VAL B 736 -23.02 5.09 -15.19
N ASP B 737 -23.31 3.82 -14.93
CA ASP B 737 -23.64 3.35 -13.58
C ASP B 737 -22.34 3.05 -12.85
N CYS B 738 -21.94 3.95 -11.95
CA CYS B 738 -20.66 3.79 -11.28
C CYS B 738 -20.51 2.43 -10.64
N THR B 739 -21.53 1.99 -9.88
CA THR B 739 -21.42 0.73 -9.16
C THR B 739 -21.27 -0.44 -10.11
N MET B 740 -22.08 -0.48 -11.17
CA MET B 740 -21.99 -1.60 -12.11
C MET B 740 -20.65 -1.60 -12.84
N TYR B 741 -20.19 -0.43 -13.29
CA TYR B 741 -18.94 -0.37 -14.02
C TYR B 741 -17.77 -0.81 -13.15
N ILE B 742 -17.63 -0.19 -11.98
CA ILE B 742 -16.49 -0.50 -11.12
C ILE B 742 -16.61 -1.90 -10.53
N CYS B 743 -17.82 -2.28 -10.12
CA CYS B 743 -18.03 -3.52 -9.37
C CYS B 743 -19.10 -4.38 -10.01
N GLY B 744 -19.03 -4.60 -11.32
CA GLY B 744 -20.05 -5.35 -12.01
C GLY B 744 -20.30 -6.71 -11.39
N ASP B 745 -21.49 -6.87 -10.79
CA ASP B 745 -21.92 -8.16 -10.24
C ASP B 745 -20.90 -8.70 -9.23
N SER B 746 -20.58 -7.88 -8.23
CA SER B 746 -19.66 -8.27 -7.16
C SER B 746 -20.07 -7.56 -5.88
N THR B 747 -20.53 -8.34 -4.89
CA THR B 747 -20.94 -7.75 -3.63
C THR B 747 -19.74 -7.23 -2.84
N GLU B 748 -18.65 -7.99 -2.83
CA GLU B 748 -17.47 -7.57 -2.08
C GLU B 748 -16.90 -6.27 -2.65
N CYS B 749 -16.83 -6.18 -3.97
CA CYS B 749 -16.34 -4.96 -4.60
C CYS B 749 -17.23 -3.78 -4.25
N SER B 750 -18.54 -3.97 -4.26
CA SER B 750 -19.45 -2.88 -3.90
C SER B 750 -19.24 -2.46 -2.45
N ASN B 751 -19.08 -3.43 -1.55
CA ASN B 751 -18.85 -3.09 -0.15
C ASN B 751 -17.57 -2.29 0.02
N LEU B 752 -16.50 -2.70 -0.67
CA LEU B 752 -15.24 -1.97 -0.60
C LEU B 752 -15.40 -0.56 -1.18
N LEU B 753 -16.13 -0.44 -2.28
CA LEU B 753 -16.30 0.88 -2.89
C LEU B 753 -17.14 1.79 -2.00
N LEU B 754 -17.99 1.22 -1.17
CA LEU B 754 -18.84 2.04 -0.30
C LEU B 754 -18.00 2.91 0.65
N GLN B 755 -16.74 2.58 0.85
CA GLN B 755 -15.87 3.37 1.71
C GLN B 755 -15.46 4.71 1.09
N TYR B 756 -15.62 4.87 -0.22
CA TYR B 756 -15.18 6.07 -0.92
C TYR B 756 -16.25 7.16 -0.95
N GLY B 757 -17.40 6.93 -0.32
CA GLY B 757 -18.40 7.98 -0.21
C GLY B 757 -19.03 8.29 -1.56
N SER B 758 -19.03 9.57 -1.92
CA SER B 758 -19.78 10.06 -3.06
C SER B 758 -19.05 9.88 -4.39
N PHE B 759 -17.84 9.32 -4.39
CA PHE B 759 -17.11 9.14 -5.64
C PHE B 759 -17.90 8.28 -6.62
N CYS B 760 -18.84 7.48 -6.12
CA CYS B 760 -19.73 6.75 -7.00
C CYS B 760 -20.85 7.65 -7.52
N THR B 761 -21.40 8.49 -6.64
CA THR B 761 -22.62 9.22 -6.99
C THR B 761 -22.31 10.53 -7.72
N GLN B 762 -21.32 11.29 -7.27
CA GLN B 762 -21.08 12.60 -7.87
C GLN B 762 -20.77 12.48 -9.36
N LEU B 763 -20.14 11.40 -9.79
CA LEU B 763 -19.96 11.18 -11.22
C LEU B 763 -21.31 11.08 -11.92
N ASN B 764 -22.25 10.35 -11.32
CA ASN B 764 -23.58 10.25 -11.89
C ASN B 764 -24.26 11.61 -11.95
N ARG B 765 -24.07 12.43 -10.91
CA ARG B 765 -24.68 13.76 -10.92
C ARG B 765 -24.10 14.62 -12.03
N ALA B 766 -22.78 14.56 -12.22
CA ALA B 766 -22.15 15.34 -13.29
C ALA B 766 -22.65 14.89 -14.66
N LEU B 767 -22.71 13.58 -14.88
CA LEU B 767 -23.17 13.09 -16.17
C LEU B 767 -24.64 13.42 -16.40
N THR B 768 -25.46 13.38 -15.36
CA THR B 768 -26.86 13.79 -15.50
C THR B 768 -26.95 15.27 -15.84
N GLY B 769 -26.10 16.09 -15.23
CA GLY B 769 -26.07 17.50 -15.59
C GLY B 769 -25.75 17.71 -17.06
N ILE B 770 -24.75 16.98 -17.56
CA ILE B 770 -24.43 17.05 -18.99
C ILE B 770 -25.63 16.63 -19.82
N ALA B 771 -26.29 15.54 -19.41
CA ALA B 771 -27.43 15.04 -20.18
C ALA B 771 -28.53 16.08 -20.27
N VAL B 772 -28.84 16.75 -19.16
CA VAL B 772 -29.85 17.81 -19.18
C VAL B 772 -29.39 18.95 -20.07
N GLU B 773 -28.12 19.34 -19.97
CA GLU B 773 -27.60 20.42 -20.79
C GLU B 773 -27.74 20.14 -22.27
N GLN B 774 -27.64 18.88 -22.70
CA GLN B 774 -27.80 18.59 -24.12
C GLN B 774 -29.20 18.94 -24.61
N ASP B 775 -30.24 18.52 -23.88
CA ASP B 775 -31.60 18.89 -24.28
C ASP B 775 -31.81 20.38 -24.18
N LYS B 776 -31.20 21.04 -23.20
CA LYS B 776 -31.30 22.50 -23.11
C LYS B 776 -30.70 23.14 -24.36
N ASN B 777 -29.56 22.63 -24.83
CA ASN B 777 -28.95 23.17 -26.05
C ASN B 777 -29.87 23.00 -27.24
N THR B 778 -30.40 21.79 -27.43
CA THR B 778 -31.27 21.59 -28.59
C THR B 778 -32.49 22.49 -28.52
N GLN B 779 -33.09 22.62 -27.33
CA GLN B 779 -34.24 23.50 -27.18
C GLN B 779 -33.89 24.94 -27.54
N GLU B 780 -32.77 25.44 -27.02
CA GLU B 780 -32.39 26.81 -27.34
C GLU B 780 -32.16 26.99 -28.83
N VAL B 781 -31.49 26.05 -29.47
CA VAL B 781 -31.13 26.21 -30.87
C VAL B 781 -32.38 26.22 -31.75
N PHE B 782 -33.27 25.24 -31.55
CA PHE B 782 -34.37 25.05 -32.49
C PHE B 782 -35.71 25.57 -32.01
N ALA B 783 -36.00 25.51 -30.71
CA ALA B 783 -37.32 25.88 -30.20
C ALA B 783 -37.44 27.39 -30.05
N GLN B 784 -37.28 28.09 -31.16
CA GLN B 784 -37.38 29.54 -31.21
C GLN B 784 -38.62 30.02 -31.94
N VAL B 785 -39.47 29.12 -32.39
CA VAL B 785 -40.70 29.46 -33.09
C VAL B 785 -41.88 28.99 -32.25
N LYS B 786 -42.78 29.91 -31.92
CA LYS B 786 -43.89 29.58 -31.03
C LYS B 786 -44.93 28.69 -31.70
N GLN B 787 -45.16 28.86 -33.00
CA GLN B 787 -46.13 28.07 -33.73
C GLN B 787 -45.43 27.32 -34.86
N ILE B 788 -46.17 26.42 -35.48
CA ILE B 788 -45.64 25.61 -36.57
C ILE B 788 -46.31 26.06 -37.87
N TYR B 789 -45.60 26.86 -38.65
CA TYR B 789 -46.10 27.34 -39.92
C TYR B 789 -45.90 26.28 -40.99
N LYS B 790 -46.43 26.56 -42.18
CA LYS B 790 -46.23 25.68 -43.32
C LYS B 790 -46.46 26.47 -44.60
N THR B 791 -45.66 26.17 -45.61
CA THR B 791 -45.74 26.90 -46.87
C THR B 791 -47.07 26.63 -47.55
N PRO B 792 -47.56 27.57 -48.35
CA PRO B 792 -48.79 27.33 -49.09
C PRO B 792 -48.57 26.29 -50.18
N PRO B 793 -49.63 25.63 -50.65
CA PRO B 793 -49.45 24.63 -51.71
C PRO B 793 -48.91 25.20 -53.00
N ILE B 794 -49.03 26.50 -53.23
CA ILE B 794 -48.56 27.13 -54.46
C ILE B 794 -47.22 27.79 -54.16
N LYS B 795 -46.20 27.42 -54.93
CA LYS B 795 -44.84 27.95 -54.76
C LYS B 795 -44.59 29.08 -55.76
N ASP B 796 -45.37 30.16 -55.61
CA ASP B 796 -45.23 31.34 -56.46
C ASP B 796 -44.35 32.38 -55.75
N PHE B 797 -43.05 32.06 -55.69
CA PHE B 797 -42.08 32.90 -55.01
C PHE B 797 -41.29 33.78 -55.98
N GLY B 798 -41.94 34.28 -57.03
CA GLY B 798 -41.28 35.19 -57.93
C GLY B 798 -40.08 34.60 -58.65
N GLY B 799 -40.06 33.30 -58.89
CA GLY B 799 -38.99 32.64 -59.59
C GLY B 799 -37.98 31.94 -58.71
N PHE B 800 -37.93 32.28 -57.43
CA PHE B 800 -37.02 31.59 -56.51
C PHE B 800 -37.56 30.20 -56.24
N ASN B 801 -36.72 29.19 -56.41
CA ASN B 801 -37.13 27.79 -56.26
C ASN B 801 -36.57 27.22 -54.97
N PHE B 802 -37.47 26.83 -54.06
CA PHE B 802 -37.08 26.28 -52.77
C PHE B 802 -37.36 24.80 -52.64
N SER B 803 -37.51 24.08 -53.76
CA SER B 803 -37.84 22.66 -53.68
C SER B 803 -36.75 21.86 -52.99
N GLN B 804 -35.53 22.38 -52.91
CA GLN B 804 -34.41 21.62 -52.37
C GLN B 804 -34.14 21.89 -50.89
N ILE B 805 -34.94 22.73 -50.24
CA ILE B 805 -34.81 22.95 -48.81
C ILE B 805 -36.11 22.77 -48.06
N LEU B 806 -37.26 22.90 -48.71
CA LEU B 806 -38.54 22.72 -48.04
C LEU B 806 -38.84 21.24 -47.87
N PRO B 807 -39.79 20.90 -47.01
CA PRO B 807 -40.08 19.48 -46.74
C PRO B 807 -40.54 18.75 -48.00
N ASP B 808 -40.18 17.46 -48.06
CA ASP B 808 -40.64 16.59 -49.12
C ASP B 808 -41.75 15.70 -48.56
N PRO B 809 -43.01 15.89 -48.96
CA PRO B 809 -44.08 15.06 -48.38
C PRO B 809 -43.91 13.57 -48.63
N SER B 810 -43.22 13.18 -49.70
CA SER B 810 -43.12 11.77 -50.07
C SER B 810 -42.27 10.96 -49.11
N LYS B 811 -41.31 11.58 -48.42
CA LYS B 811 -40.43 10.82 -47.55
C LYS B 811 -41.16 10.41 -46.28
N PRO B 812 -40.77 9.29 -45.66
CA PRO B 812 -41.39 8.91 -44.39
C PRO B 812 -41.23 9.96 -43.32
N SER B 813 -40.08 10.63 -43.27
CA SER B 813 -39.87 11.78 -42.39
C SER B 813 -39.80 13.01 -43.28
N LYS B 814 -40.58 14.04 -42.95
CA LYS B 814 -40.70 15.21 -43.82
C LYS B 814 -39.41 16.01 -43.74
N ARG B 815 -38.36 15.43 -44.33
CA ARG B 815 -37.05 16.06 -44.40
C ARG B 815 -36.74 16.44 -45.84
N SER B 816 -36.16 17.63 -45.99
CA SER B 816 -35.86 18.17 -47.30
C SER B 816 -34.69 17.42 -47.92
N PHE B 817 -34.52 17.62 -49.23
CA PHE B 817 -33.51 16.88 -49.97
C PHE B 817 -32.12 17.10 -49.37
N ILE B 818 -31.77 18.35 -49.08
CA ILE B 818 -30.45 18.64 -48.53
C ILE B 818 -30.31 18.02 -47.16
N GLU B 819 -31.39 18.00 -46.37
CA GLU B 819 -31.33 17.33 -45.08
C GLU B 819 -31.02 15.85 -45.25
N ASP B 820 -31.67 15.21 -46.22
CA ASP B 820 -31.37 13.80 -46.48
C ASP B 820 -29.92 13.61 -46.88
N LEU B 821 -29.39 14.50 -47.73
CA LEU B 821 -27.99 14.39 -48.10
C LEU B 821 -27.09 14.50 -46.87
N LEU B 822 -27.41 15.42 -45.96
CA LEU B 822 -26.61 15.57 -44.76
C LEU B 822 -26.68 14.33 -43.88
N PHE B 823 -27.87 13.74 -43.75
CA PHE B 823 -28.04 12.59 -42.87
C PHE B 823 -27.30 11.35 -43.38
N ASN B 824 -27.00 11.28 -44.66
CA ASN B 824 -26.31 10.14 -45.24
C ASN B 824 -24.80 10.33 -45.33
N LYS B 825 -24.28 11.47 -44.88
CA LYS B 825 -22.85 11.71 -44.84
C LYS B 825 -22.25 11.57 -43.46
N VAL B 826 -23.06 11.72 -42.42
CA VAL B 826 -22.59 11.58 -41.04
C VAL B 826 -22.89 10.16 -40.57
N THR B 827 -21.90 9.50 -39.98
CA THR B 827 -22.07 8.13 -39.50
C THR B 827 -21.38 7.95 -38.15
N LYS B 854 -20.96 0.60 -23.63
CA LYS B 854 -21.72 -0.45 -24.27
C LYS B 854 -22.78 -1.01 -23.31
N PHE B 855 -22.41 -2.03 -22.54
CA PHE B 855 -23.32 -2.72 -21.64
C PHE B 855 -22.65 -3.04 -20.31
N ASN B 856 -21.58 -2.31 -19.99
CA ASN B 856 -20.82 -2.51 -18.76
C ASN B 856 -21.15 -1.44 -17.73
N GLY B 857 -22.43 -1.08 -17.63
CA GLY B 857 -22.84 0.09 -16.88
C GLY B 857 -22.91 1.36 -17.69
N LEU B 858 -22.49 1.31 -18.96
CA LEU B 858 -22.60 2.43 -19.87
C LEU B 858 -23.92 2.33 -20.61
N THR B 859 -24.64 3.44 -20.71
CA THR B 859 -25.91 3.47 -21.43
C THR B 859 -25.99 4.79 -22.18
N VAL B 860 -26.81 4.80 -23.23
CA VAL B 860 -27.02 5.99 -24.04
C VAL B 860 -28.50 6.35 -23.96
N LEU B 861 -28.77 7.50 -23.45
CA LEU B 861 -30.16 7.94 -23.36
C LEU B 861 -30.62 8.51 -24.71
N PRO B 862 -31.92 8.45 -25.00
CA PRO B 862 -32.40 9.04 -26.24
C PRO B 862 -32.63 10.53 -26.09
N PRO B 863 -32.45 11.30 -27.15
CA PRO B 863 -32.70 12.75 -27.05
C PRO B 863 -34.18 13.04 -26.84
N LEU B 864 -34.44 14.16 -26.16
CA LEU B 864 -35.83 14.53 -25.88
C LEU B 864 -36.61 14.79 -27.17
N LEU B 865 -36.00 15.48 -28.12
CA LEU B 865 -36.64 15.78 -29.40
C LEU B 865 -36.10 14.82 -30.45
N THR B 866 -36.99 14.03 -31.05
CA THR B 866 -36.59 13.12 -32.10
C THR B 866 -36.33 13.88 -33.39
N ASP B 867 -35.57 13.25 -34.29
CA ASP B 867 -35.19 13.92 -35.53
C ASP B 867 -36.41 14.41 -36.29
N GLU B 868 -37.55 13.73 -36.13
CA GLU B 868 -38.77 14.19 -36.77
C GLU B 868 -39.15 15.59 -36.28
N MET B 869 -39.08 15.81 -34.98
CA MET B 869 -39.47 17.12 -34.44
C MET B 869 -38.44 18.18 -34.78
N ILE B 870 -37.16 17.83 -34.84
CA ILE B 870 -36.16 18.77 -35.31
C ILE B 870 -36.46 19.17 -36.75
N ALA B 871 -36.82 18.20 -37.59
CA ALA B 871 -37.18 18.52 -38.97
C ALA B 871 -38.40 19.42 -39.02
N GLN B 872 -39.39 19.15 -38.17
CA GLN B 872 -40.58 20.00 -38.15
C GLN B 872 -40.22 21.42 -37.74
N TYR B 873 -39.35 21.57 -36.74
CA TYR B 873 -38.95 22.91 -36.30
C TYR B 873 -38.21 23.65 -37.39
N THR B 874 -37.26 22.98 -38.05
CA THR B 874 -36.53 23.64 -39.12
C THR B 874 -37.46 24.02 -40.27
N SER B 875 -38.39 23.15 -40.62
CA SER B 875 -39.35 23.49 -41.67
C SER B 875 -40.21 24.67 -41.25
N ALA B 876 -40.62 24.72 -39.98
CA ALA B 876 -41.42 25.85 -39.51
C ALA B 876 -40.64 27.15 -39.62
N LEU B 877 -39.37 27.15 -39.18
CA LEU B 877 -38.56 28.35 -39.30
C LEU B 877 -38.40 28.75 -40.75
N LEU B 878 -38.13 27.79 -41.62
CA LEU B 878 -37.93 28.10 -43.03
C LEU B 878 -39.19 28.67 -43.67
N ALA B 879 -40.35 28.07 -43.38
CA ALA B 879 -41.59 28.57 -43.94
C ALA B 879 -41.92 29.96 -43.42
N GLY B 880 -41.69 30.19 -42.13
CA GLY B 880 -41.90 31.52 -41.59
C GLY B 880 -41.00 32.56 -42.25
N THR B 881 -39.72 32.22 -42.44
CA THR B 881 -38.81 33.14 -43.11
C THR B 881 -39.25 33.42 -44.53
N ILE B 882 -39.69 32.38 -45.25
CA ILE B 882 -40.07 32.56 -46.65
C ILE B 882 -41.31 33.43 -46.76
N THR B 883 -42.31 33.20 -45.91
CA THR B 883 -43.60 33.86 -46.07
C THR B 883 -43.70 35.20 -45.36
N SER B 884 -42.84 35.48 -44.37
CA SER B 884 -43.03 36.65 -43.53
C SER B 884 -41.74 37.38 -43.20
N GLY B 885 -40.62 37.00 -43.81
CA GLY B 885 -39.38 37.69 -43.53
C GLY B 885 -39.00 37.57 -42.08
N TRP B 886 -38.70 38.70 -41.44
CA TRP B 886 -38.35 38.73 -40.03
C TRP B 886 -39.51 39.10 -39.14
N THR B 887 -40.64 39.50 -39.70
CA THR B 887 -41.76 39.93 -38.87
C THR B 887 -42.20 38.84 -37.90
N PHE B 888 -42.00 37.58 -38.26
CA PHE B 888 -42.41 36.50 -37.38
C PHE B 888 -41.45 36.32 -36.22
N GLY B 889 -40.23 36.84 -36.33
CA GLY B 889 -39.33 36.81 -35.20
C GLY B 889 -39.78 37.73 -34.08
N ALA B 890 -40.29 38.91 -34.43
CA ALA B 890 -40.66 39.90 -33.42
C ALA B 890 -41.99 39.55 -32.77
N GLY B 891 -43.07 39.53 -33.54
CA GLY B 891 -44.39 39.22 -33.01
C GLY B 891 -45.07 38.16 -33.84
N ALA B 892 -46.31 38.41 -34.23
CA ALA B 892 -47.04 37.47 -35.08
C ALA B 892 -46.52 37.54 -36.51
N ALA B 893 -46.55 36.39 -37.18
CA ALA B 893 -46.04 36.29 -38.54
C ALA B 893 -46.96 37.05 -39.48
N LEU B 894 -46.39 37.91 -40.31
CA LEU B 894 -47.14 38.73 -41.27
C LEU B 894 -46.75 38.31 -42.67
N GLN B 895 -47.73 37.93 -43.48
CA GLN B 895 -47.43 37.55 -44.85
C GLN B 895 -46.85 38.74 -45.60
N ILE B 896 -46.07 38.46 -46.63
CA ILE B 896 -45.54 39.50 -47.51
C ILE B 896 -44.97 38.81 -48.74
N PRO B 897 -45.24 39.31 -49.95
CA PRO B 897 -44.71 38.63 -51.13
C PRO B 897 -43.19 38.52 -51.07
N PHE B 898 -42.67 37.37 -51.49
CA PHE B 898 -41.23 37.15 -51.37
C PHE B 898 -40.45 38.23 -52.11
N ALA B 899 -40.95 38.69 -53.24
CA ALA B 899 -40.23 39.72 -53.99
C ALA B 899 -40.06 40.98 -53.15
N MET B 900 -41.12 41.42 -52.47
CA MET B 900 -40.99 42.61 -51.64
C MET B 900 -40.11 42.33 -50.44
N GLN B 901 -40.10 41.09 -49.94
CA GLN B 901 -39.18 40.76 -48.86
C GLN B 901 -37.74 40.95 -49.31
N MET B 902 -37.39 40.45 -50.50
CA MET B 902 -36.04 40.67 -50.99
C MET B 902 -35.78 42.13 -51.30
N ALA B 903 -36.82 42.89 -51.66
CA ALA B 903 -36.62 44.33 -51.81
C ALA B 903 -36.22 44.96 -50.48
N TYR B 904 -36.89 44.59 -49.40
CA TYR B 904 -36.48 45.07 -48.09
C TYR B 904 -35.05 44.64 -47.78
N ARG B 905 -34.72 43.39 -48.07
CA ARG B 905 -33.38 42.89 -47.76
C ARG B 905 -32.32 43.66 -48.52
N PHE B 906 -32.54 43.92 -49.80
CA PHE B 906 -31.60 44.72 -50.57
C PHE B 906 -31.49 46.12 -50.01
N ASN B 907 -32.62 46.72 -49.63
CA ASN B 907 -32.56 48.01 -48.94
C ASN B 907 -31.67 47.93 -47.71
N GLY B 908 -31.70 46.78 -47.02
CA GLY B 908 -30.92 46.61 -45.81
C GLY B 908 -29.42 46.60 -46.00
N ILE B 909 -28.94 46.45 -47.24
CA ILE B 909 -27.51 46.49 -47.53
C ILE B 909 -27.17 47.66 -48.44
N GLY B 910 -27.89 48.77 -48.33
CA GLY B 910 -27.53 49.97 -49.04
C GLY B 910 -27.58 49.85 -50.55
N VAL B 911 -28.58 49.17 -51.09
CA VAL B 911 -28.78 49.06 -52.53
C VAL B 911 -30.22 49.43 -52.82
N THR B 912 -30.40 50.40 -53.71
CA THR B 912 -31.74 50.86 -54.04
C THR B 912 -32.59 49.68 -54.48
N GLN B 913 -33.81 49.60 -53.94
CA GLN B 913 -34.63 48.42 -54.16
C GLN B 913 -35.04 48.26 -55.61
N ASN B 914 -34.93 49.30 -56.42
CA ASN B 914 -35.22 49.15 -57.84
C ASN B 914 -34.26 48.15 -58.49
N VAL B 915 -33.08 47.96 -57.92
CA VAL B 915 -32.11 47.02 -58.48
C VAL B 915 -32.70 45.62 -58.50
N LEU B 916 -33.33 45.20 -57.41
CA LEU B 916 -33.91 43.86 -57.37
C LEU B 916 -34.97 43.69 -58.44
N TYR B 917 -35.95 44.60 -58.48
CA TYR B 917 -37.06 44.42 -59.41
C TYR B 917 -36.58 44.46 -60.86
N GLU B 918 -35.65 45.35 -61.18
CA GLU B 918 -35.16 45.39 -62.55
C GLU B 918 -34.35 44.15 -62.89
N ASN B 919 -33.85 43.43 -61.89
CA ASN B 919 -33.03 42.24 -62.09
C ASN B 919 -33.57 41.02 -61.35
N GLN B 920 -34.89 40.82 -61.35
CA GLN B 920 -35.45 39.72 -60.57
C GLN B 920 -35.11 38.37 -61.19
N LYS B 921 -35.25 38.24 -62.51
CA LYS B 921 -35.00 36.96 -63.14
C LYS B 921 -33.54 36.54 -62.99
N LEU B 922 -32.61 37.48 -63.14
CA LEU B 922 -31.20 37.17 -62.97
C LEU B 922 -30.93 36.68 -61.55
N ILE B 923 -31.50 37.35 -60.56
CA ILE B 923 -31.30 36.96 -59.16
C ILE B 923 -31.87 35.57 -58.91
N ALA B 924 -33.06 35.31 -59.43
CA ALA B 924 -33.66 33.99 -59.24
C ALA B 924 -32.79 32.90 -59.86
N ASN B 925 -32.31 33.14 -61.08
CA ASN B 925 -31.47 32.13 -61.72
C ASN B 925 -30.18 31.90 -60.94
N GLN B 926 -29.55 32.98 -60.49
CA GLN B 926 -28.32 32.81 -59.71
C GLN B 926 -28.57 32.05 -58.43
N PHE B 927 -29.68 32.34 -57.74
CA PHE B 927 -29.98 31.66 -56.49
C PHE B 927 -30.25 30.17 -56.74
N ASN B 928 -30.99 29.85 -57.80
CA ASN B 928 -31.25 28.45 -58.10
C ASN B 928 -29.95 27.72 -58.44
N SER B 929 -29.08 28.35 -59.23
CA SER B 929 -27.79 27.73 -59.54
C SER B 929 -26.97 27.53 -58.27
N ALA B 930 -27.01 28.48 -57.35
CA ALA B 930 -26.28 28.32 -56.10
C ALA B 930 -26.82 27.16 -55.29
N ILE B 931 -28.14 27.00 -55.24
CA ILE B 931 -28.70 25.87 -54.52
C ILE B 931 -28.27 24.56 -55.16
N GLY B 932 -28.29 24.50 -56.50
CA GLY B 932 -27.83 23.30 -57.17
C GLY B 932 -26.36 22.99 -56.88
N LYS B 933 -25.53 24.02 -56.88
CA LYS B 933 -24.12 23.82 -56.55
C LYS B 933 -23.95 23.32 -55.13
N ILE B 934 -24.75 23.83 -54.18
CA ILE B 934 -24.67 23.32 -52.82
C ILE B 934 -25.05 21.84 -52.78
N GLN B 935 -26.12 21.48 -53.48
CA GLN B 935 -26.52 20.07 -53.54
C GLN B 935 -25.38 19.21 -54.06
N ASP B 936 -24.72 19.66 -55.13
CA ASP B 936 -23.61 18.90 -55.69
C ASP B 936 -22.44 18.82 -54.71
N SER B 937 -22.13 19.93 -54.04
CA SER B 937 -20.99 19.96 -53.13
C SER B 937 -21.19 19.00 -51.97
N LEU B 938 -22.39 19.01 -51.35
CA LEU B 938 -22.63 18.13 -50.23
C LEU B 938 -22.57 16.67 -50.63
N SER B 939 -23.13 16.32 -51.80
CA SER B 939 -23.21 14.93 -52.22
C SER B 939 -21.86 14.31 -52.55
N SER B 940 -20.79 15.11 -52.66
CA SER B 940 -19.49 14.60 -53.06
C SER B 940 -18.39 14.77 -52.04
N THR B 941 -18.36 15.87 -51.29
CA THR B 941 -17.28 16.15 -50.35
C THR B 941 -17.78 15.83 -48.94
N ALA B 942 -17.33 14.69 -48.41
CA ALA B 942 -17.69 14.32 -47.04
C ALA B 942 -17.02 15.26 -46.03
N SER B 943 -15.81 15.73 -46.34
CA SER B 943 -15.06 16.55 -45.40
C SER B 943 -15.81 17.80 -44.98
N ALA B 944 -16.74 18.30 -45.80
CA ALA B 944 -17.50 19.47 -45.42
C ALA B 944 -18.23 19.27 -44.10
N LEU B 945 -18.61 18.02 -43.79
CA LEU B 945 -19.35 17.71 -42.57
C LEU B 945 -18.42 17.40 -41.40
N GLY B 946 -17.12 17.62 -41.56
CA GLY B 946 -16.19 17.22 -40.53
C GLY B 946 -16.58 17.74 -39.16
N LYS B 947 -16.95 19.01 -39.08
CA LYS B 947 -17.25 19.62 -37.78
C LYS B 947 -18.24 18.79 -36.99
N LEU B 948 -19.19 18.15 -37.67
CA LEU B 948 -20.08 17.22 -37.00
C LEU B 948 -19.45 15.84 -36.83
N GLN B 949 -18.94 15.26 -37.91
CA GLN B 949 -18.44 13.89 -37.82
C GLN B 949 -17.42 13.77 -36.71
N ASP B 950 -16.41 14.63 -36.70
CA ASP B 950 -15.40 14.56 -35.65
C ASP B 950 -16.03 14.49 -34.28
N VAL B 951 -16.99 15.38 -33.98
CA VAL B 951 -17.65 15.34 -32.68
C VAL B 951 -18.00 13.91 -32.33
N VAL B 952 -18.82 13.26 -33.17
CA VAL B 952 -19.25 11.91 -32.86
C VAL B 952 -18.05 11.04 -32.54
N ASN B 953 -17.06 11.01 -33.43
CA ASN B 953 -15.92 10.13 -33.22
C ASN B 953 -15.34 10.32 -31.83
N GLN B 954 -15.10 11.58 -31.44
CA GLN B 954 -14.47 11.81 -30.15
C GLN B 954 -15.24 11.09 -29.06
N ASN B 955 -16.55 11.31 -28.98
CA ASN B 955 -17.32 10.64 -27.94
C ASN B 955 -17.14 9.14 -28.02
N ALA B 956 -17.37 8.57 -29.21
CA ALA B 956 -17.18 7.13 -29.35
C ALA B 956 -15.82 6.73 -28.82
N GLN B 957 -14.77 7.45 -29.24
CA GLN B 957 -13.43 7.09 -28.81
C GLN B 957 -13.39 6.96 -27.30
N ALA B 958 -13.85 7.98 -26.58
CA ALA B 958 -13.80 7.93 -25.13
C ALA B 958 -14.43 6.64 -24.62
N LEU B 959 -15.65 6.34 -25.06
CA LEU B 959 -16.30 5.12 -24.60
C LEU B 959 -15.39 3.92 -24.84
N ASN B 960 -14.89 3.75 -26.06
CA ASN B 960 -14.01 2.62 -26.33
C ASN B 960 -12.85 2.61 -25.33
N THR B 961 -12.17 3.75 -25.19
CA THR B 961 -11.08 3.79 -24.24
C THR B 961 -11.55 3.33 -22.87
N LEU B 962 -12.66 3.88 -22.40
CA LEU B 962 -13.17 3.48 -21.08
C LEU B 962 -13.36 1.98 -21.03
N VAL B 963 -13.96 1.40 -22.05
CA VAL B 963 -14.19 -0.05 -22.03
C VAL B 963 -12.86 -0.79 -21.94
N LYS B 964 -11.86 -0.35 -22.70
CA LYS B 964 -10.57 -1.03 -22.66
C LYS B 964 -9.98 -0.97 -21.26
N GLN B 965 -10.27 0.08 -20.50
CA GLN B 965 -9.74 0.18 -19.15
C GLN B 965 -10.22 -0.96 -18.26
N LEU B 966 -11.30 -1.64 -18.66
CA LEU B 966 -11.75 -2.79 -17.88
C LEU B 966 -10.80 -3.97 -18.00
N SER B 967 -10.03 -4.06 -19.08
CA SER B 967 -9.13 -5.19 -19.27
C SER B 967 -7.76 -4.98 -18.65
N SER B 968 -7.46 -3.80 -18.13
CA SER B 968 -6.15 -3.53 -17.57
C SER B 968 -6.08 -4.00 -16.12
N ASN B 969 -4.86 -4.32 -15.68
CA ASN B 969 -4.65 -4.86 -14.34
C ASN B 969 -4.49 -3.79 -13.27
N PHE B 970 -3.86 -2.67 -13.60
CA PHE B 970 -3.59 -1.61 -12.62
C PHE B 970 -2.81 -2.13 -11.44
N GLY B 971 -1.89 -3.06 -11.67
CA GLY B 971 -1.09 -3.66 -10.63
C GLY B 971 -1.71 -4.88 -9.98
N ALA B 972 -2.96 -5.19 -10.29
CA ALA B 972 -3.59 -6.37 -9.74
C ALA B 972 -3.10 -7.63 -10.44
N ILE B 973 -3.39 -8.77 -9.84
CA ILE B 973 -2.99 -10.05 -10.43
C ILE B 973 -3.70 -10.30 -11.75
N SER B 974 -4.97 -9.91 -11.87
CA SER B 974 -5.71 -10.11 -13.10
C SER B 974 -6.78 -9.03 -13.21
N SER B 975 -7.13 -8.68 -14.45
CA SER B 975 -8.14 -7.65 -14.66
C SER B 975 -9.56 -8.17 -14.47
N VAL B 976 -9.75 -9.48 -14.39
CA VAL B 976 -11.07 -10.07 -14.23
C VAL B 976 -11.38 -10.15 -12.74
N LEU B 977 -12.47 -9.51 -12.32
CA LEU B 977 -12.80 -9.46 -10.89
C LEU B 977 -13.13 -10.84 -10.35
N ASN B 978 -13.85 -11.65 -11.12
CA ASN B 978 -14.23 -12.98 -10.65
C ASN B 978 -13.01 -13.86 -10.42
N ASP B 979 -11.99 -13.75 -11.27
CA ASP B 979 -10.77 -14.55 -11.07
C ASP B 979 -10.12 -14.23 -9.73
N ILE B 980 -10.02 -12.94 -9.38
CA ILE B 980 -9.50 -12.57 -8.07
C ILE B 980 -10.41 -13.12 -6.98
N LEU B 981 -11.72 -12.95 -7.14
CA LEU B 981 -12.66 -13.48 -6.15
C LEU B 981 -12.59 -14.99 -6.06
N SER B 982 -12.47 -15.68 -7.20
CA SER B 982 -12.53 -17.13 -7.23
C SER B 982 -11.20 -17.79 -6.89
N ARG B 983 -10.12 -17.03 -6.75
CA ARG B 983 -8.80 -17.60 -6.48
C ARG B 983 -8.20 -17.18 -5.16
N LEU B 984 -8.48 -15.97 -4.68
CA LEU B 984 -7.86 -15.45 -3.47
C LEU B 984 -8.89 -15.35 -2.35
N ASP B 985 -8.43 -15.56 -1.11
CA ASP B 985 -9.28 -15.40 0.05
C ASP B 985 -9.50 -13.91 0.32
N PRO B 986 -10.50 -13.58 1.13
CA PRO B 986 -10.83 -12.16 1.35
C PRO B 986 -9.63 -11.35 1.81
N PRO B 987 -8.75 -11.90 2.65
CA PRO B 987 -7.60 -11.10 3.12
C PRO B 987 -6.76 -10.52 2.00
N GLU B 988 -6.56 -11.24 0.90
CA GLU B 988 -5.81 -10.73 -0.24
C GLU B 988 -6.70 -10.26 -1.38
N ALA B 989 -7.85 -10.91 -1.57
CA ALA B 989 -8.81 -10.45 -2.55
C ALA B 989 -9.21 -9.01 -2.28
N GLU B 990 -9.28 -8.62 -1.01
CA GLU B 990 -9.62 -7.24 -0.68
C GLU B 990 -8.55 -6.27 -1.16
N VAL B 991 -7.27 -6.61 -0.99
CA VAL B 991 -6.21 -5.73 -1.47
C VAL B 991 -6.24 -5.64 -2.98
N GLN B 992 -6.40 -6.77 -3.66
CA GLN B 992 -6.46 -6.76 -5.12
C GLN B 992 -7.65 -5.94 -5.60
N ILE B 993 -8.80 -6.10 -4.95
CA ILE B 993 -9.98 -5.35 -5.33
C ILE B 993 -9.78 -3.86 -5.05
N ASP B 994 -9.05 -3.52 -3.98
CA ASP B 994 -8.75 -2.12 -3.73
C ASP B 994 -7.91 -1.53 -4.85
N ARG B 995 -6.90 -2.26 -5.30
CA ARG B 995 -6.11 -1.78 -6.43
C ARG B 995 -6.97 -1.59 -7.67
N LEU B 996 -7.78 -2.60 -8.01
CA LEU B 996 -8.61 -2.49 -9.20
C LEU B 996 -9.63 -1.36 -9.07
N ILE B 997 -10.20 -1.18 -7.88
CA ILE B 997 -11.18 -0.12 -7.67
C ILE B 997 -10.53 1.23 -7.83
N THR B 998 -9.33 1.41 -7.27
CA THR B 998 -8.63 2.67 -7.45
C THR B 998 -8.39 2.95 -8.92
N GLY B 999 -7.90 1.95 -9.65
CA GLY B 999 -7.64 2.15 -11.07
C GLY B 999 -8.90 2.52 -11.84
N ARG B 1000 -9.98 1.76 -11.63
CA ARG B 1000 -11.19 1.99 -12.40
C ARG B 1000 -11.86 3.30 -12.01
N LEU B 1001 -11.82 3.68 -10.74
CA LEU B 1001 -12.35 4.98 -10.34
C LEU B 1001 -11.54 6.10 -10.95
N GLN B 1002 -10.22 5.95 -11.02
CA GLN B 1002 -9.41 6.96 -11.70
C GLN B 1002 -9.79 7.08 -13.16
N SER B 1003 -10.00 5.94 -13.83
CA SER B 1003 -10.40 5.97 -15.22
C SER B 1003 -11.76 6.65 -15.38
N LEU B 1004 -12.71 6.34 -14.50
CA LEU B 1004 -14.02 6.95 -14.60
C LEU B 1004 -13.94 8.45 -14.39
N GLN B 1005 -13.13 8.90 -13.43
CA GLN B 1005 -12.97 10.33 -13.23
C GLN B 1005 -12.36 11.00 -14.46
N THR B 1006 -11.37 10.34 -15.07
CA THR B 1006 -10.80 10.90 -16.29
C THR B 1006 -11.86 11.05 -17.36
N TYR B 1007 -12.66 10.01 -17.57
CA TYR B 1007 -13.71 10.09 -18.60
C TYR B 1007 -14.70 11.19 -18.28
N VAL B 1008 -15.10 11.32 -17.01
CA VAL B 1008 -16.07 12.34 -16.64
C VAL B 1008 -15.51 13.73 -16.88
N THR B 1009 -14.24 13.96 -16.52
CA THR B 1009 -13.65 15.27 -16.75
C THR B 1009 -13.59 15.59 -18.24
N GLN B 1010 -13.18 14.61 -19.06
CA GLN B 1010 -13.17 14.85 -20.49
C GLN B 1010 -14.56 15.18 -21.00
N GLN B 1011 -15.57 14.46 -20.54
CA GLN B 1011 -16.94 14.74 -20.97
C GLN B 1011 -17.37 16.13 -20.55
N LEU B 1012 -17.02 16.56 -19.33
CA LEU B 1012 -17.41 17.89 -18.90
C LEU B 1012 -16.77 18.96 -19.78
N ILE B 1013 -15.47 18.82 -20.08
CA ILE B 1013 -14.81 19.83 -20.90
C ILE B 1013 -15.42 19.85 -22.30
N ARG B 1014 -15.63 18.67 -22.89
CA ARG B 1014 -16.19 18.63 -24.24
C ARG B 1014 -17.61 19.18 -24.25
N ALA B 1015 -18.36 18.95 -23.17
CA ALA B 1015 -19.71 19.49 -23.08
C ALA B 1015 -19.68 21.01 -22.97
N ALA B 1016 -18.69 21.56 -22.27
CA ALA B 1016 -18.55 23.01 -22.26
C ALA B 1016 -18.27 23.54 -23.66
N GLU B 1017 -17.38 22.88 -24.40
CA GLU B 1017 -17.12 23.29 -25.77
C GLU B 1017 -18.39 23.24 -26.61
N ILE B 1018 -19.15 22.15 -26.48
CA ILE B 1018 -20.37 22.00 -27.28
C ILE B 1018 -21.40 23.04 -26.87
N ARG B 1019 -21.45 23.39 -25.59
CA ARG B 1019 -22.37 24.44 -25.16
C ARG B 1019 -21.99 25.78 -25.78
N ALA B 1020 -20.69 26.06 -25.86
CA ALA B 1020 -20.27 27.29 -26.53
C ALA B 1020 -20.69 27.28 -27.98
N SER B 1021 -20.47 26.16 -28.67
CA SER B 1021 -20.87 26.09 -30.08
C SER B 1021 -22.38 26.19 -30.23
N ALA B 1022 -23.15 25.61 -29.31
CA ALA B 1022 -24.59 25.67 -29.39
C ALA B 1022 -25.10 27.07 -29.13
N ASN B 1023 -24.47 27.81 -28.22
CA ASN B 1023 -24.83 29.20 -28.02
C ASN B 1023 -24.55 30.02 -29.27
N LEU B 1024 -23.41 29.75 -29.93
CA LEU B 1024 -23.16 30.41 -31.21
C LEU B 1024 -24.22 30.05 -32.23
N ALA B 1025 -24.63 28.78 -32.27
CA ALA B 1025 -25.65 28.35 -33.22
C ALA B 1025 -26.97 29.04 -32.95
N ALA B 1026 -27.35 29.17 -31.68
CA ALA B 1026 -28.60 29.85 -31.34
C ALA B 1026 -28.52 31.33 -31.69
N THR B 1027 -27.37 31.95 -31.44
CA THR B 1027 -27.22 33.35 -31.82
C THR B 1027 -27.37 33.54 -33.31
N LYS B 1028 -26.78 32.63 -34.11
CA LYS B 1028 -26.98 32.71 -35.56
C LYS B 1028 -28.44 32.48 -35.91
N MET B 1029 -29.07 31.46 -35.34
CA MET B 1029 -30.47 31.19 -35.64
C MET B 1029 -31.32 32.42 -35.37
N SER B 1030 -30.94 33.21 -34.37
CA SER B 1030 -31.74 34.38 -34.01
C SER B 1030 -31.44 35.57 -34.93
N GLU B 1031 -30.17 35.92 -35.10
CA GLU B 1031 -29.79 37.18 -35.74
C GLU B 1031 -29.41 36.99 -37.20
N CYS B 1032 -29.64 35.81 -37.75
CA CYS B 1032 -29.19 35.46 -39.09
C CYS B 1032 -30.36 34.93 -39.88
N VAL B 1033 -31.26 34.21 -39.22
CA VAL B 1033 -32.43 33.62 -39.87
C VAL B 1033 -33.65 34.50 -39.65
N LEU B 1034 -33.94 34.85 -38.40
CA LEU B 1034 -35.11 35.63 -38.06
C LEU B 1034 -34.96 37.11 -38.39
N GLY B 1035 -33.80 37.54 -38.88
CA GLY B 1035 -33.57 38.92 -39.26
C GLY B 1035 -32.58 39.03 -40.40
N GLN B 1036 -31.90 40.17 -40.44
CA GLN B 1036 -30.80 40.39 -41.37
C GLN B 1036 -29.64 40.98 -40.58
N SER B 1037 -28.46 40.41 -40.75
CA SER B 1037 -27.32 40.77 -39.92
C SER B 1037 -26.48 41.83 -40.61
N LYS B 1038 -26.21 42.91 -39.90
CA LYS B 1038 -25.28 43.94 -40.35
C LYS B 1038 -23.85 43.65 -39.89
N ARG B 1039 -23.63 42.54 -39.20
CA ARG B 1039 -22.30 42.17 -38.74
C ARG B 1039 -21.54 41.52 -39.88
N VAL B 1040 -20.38 42.09 -40.22
CA VAL B 1040 -19.62 41.63 -41.37
C VAL B 1040 -19.04 40.26 -41.09
N ASP B 1041 -19.22 39.34 -42.04
CA ASP B 1041 -18.69 37.98 -42.01
C ASP B 1041 -19.22 37.15 -40.85
N PHE B 1042 -20.16 37.67 -40.06
CA PHE B 1042 -20.80 36.85 -39.05
C PHE B 1042 -21.80 35.89 -39.67
N CYS B 1043 -22.29 36.23 -40.86
CA CYS B 1043 -23.29 35.40 -41.54
C CYS B 1043 -22.91 35.20 -43.00
N GLY B 1044 -21.68 34.76 -43.24
CA GLY B 1044 -21.19 34.47 -44.57
C GLY B 1044 -20.36 35.59 -45.14
N LYS B 1045 -19.42 35.22 -46.01
CA LYS B 1045 -18.58 36.21 -46.66
C LYS B 1045 -19.40 37.01 -47.66
N GLY B 1046 -19.35 38.33 -47.53
CA GLY B 1046 -20.16 39.23 -48.33
C GLY B 1046 -21.31 39.79 -47.50
N TYR B 1047 -22.12 40.60 -48.18
CA TYR B 1047 -23.29 41.20 -47.55
C TYR B 1047 -24.35 40.14 -47.37
N HIS B 1048 -24.91 40.06 -46.17
CA HIS B 1048 -25.87 39.01 -45.87
C HIS B 1048 -27.26 39.40 -46.32
N LEU B 1049 -27.89 38.54 -47.10
CA LEU B 1049 -29.27 38.71 -47.51
C LEU B 1049 -30.22 37.89 -46.65
N MET B 1050 -29.96 36.59 -46.49
CA MET B 1050 -30.83 35.78 -45.65
C MET B 1050 -30.15 34.46 -45.35
N SER B 1051 -30.84 33.63 -44.58
CA SER B 1051 -30.31 32.31 -44.24
C SER B 1051 -31.46 31.33 -44.16
N PHE B 1052 -31.13 30.05 -44.36
CA PHE B 1052 -32.11 28.97 -44.26
C PHE B 1052 -31.49 27.89 -43.38
N PRO B 1053 -32.10 27.53 -42.25
CA PRO B 1053 -31.57 26.45 -41.45
C PRO B 1053 -31.90 25.08 -42.01
N GLN B 1054 -31.08 24.10 -41.66
CA GLN B 1054 -31.32 22.71 -41.97
C GLN B 1054 -30.75 21.88 -40.83
N SER B 1055 -31.32 20.71 -40.60
CA SER B 1055 -30.86 19.89 -39.50
C SER B 1055 -29.78 18.92 -39.98
N ALA B 1056 -29.07 18.34 -39.02
CA ALA B 1056 -28.11 17.28 -39.31
C ALA B 1056 -27.89 16.52 -38.01
N PRO B 1057 -27.39 15.29 -38.09
CA PRO B 1057 -27.21 14.51 -36.86
C PRO B 1057 -26.41 15.26 -35.82
N HIS B 1058 -27.05 15.62 -34.72
CA HIS B 1058 -26.38 16.35 -33.65
C HIS B 1058 -25.73 17.63 -34.16
N GLY B 1059 -26.44 18.38 -34.99
CA GLY B 1059 -25.89 19.64 -35.48
C GLY B 1059 -26.87 20.35 -36.38
N VAL B 1060 -26.50 21.57 -36.75
CA VAL B 1060 -27.32 22.41 -37.61
C VAL B 1060 -26.45 22.91 -38.76
N VAL B 1061 -27.08 23.21 -39.89
CA VAL B 1061 -26.39 23.62 -41.10
C VAL B 1061 -27.14 24.78 -41.72
N PHE B 1062 -26.50 25.93 -41.80
CA PHE B 1062 -27.11 27.14 -42.32
C PHE B 1062 -26.69 27.32 -43.78
N LEU B 1063 -27.67 27.61 -44.63
CA LEU B 1063 -27.41 28.06 -45.99
C LEU B 1063 -27.56 29.58 -45.99
N HIS B 1064 -26.44 30.28 -46.03
CA HIS B 1064 -26.43 31.74 -46.04
C HIS B 1064 -26.45 32.23 -47.47
N VAL B 1065 -27.51 32.93 -47.85
CA VAL B 1065 -27.61 33.59 -49.14
C VAL B 1065 -27.09 35.01 -48.98
N THR B 1066 -26.05 35.34 -49.74
CA THR B 1066 -25.33 36.60 -49.59
C THR B 1066 -25.11 37.24 -50.96
N TYR B 1067 -24.90 38.55 -50.94
CA TYR B 1067 -24.80 39.36 -52.15
C TYR B 1067 -23.36 39.87 -52.27
N VAL B 1068 -22.70 39.59 -53.39
CA VAL B 1068 -21.30 39.89 -53.59
C VAL B 1068 -21.15 40.66 -54.89
N PRO B 1069 -20.67 41.91 -54.88
CA PRO B 1069 -20.43 42.60 -56.15
C PRO B 1069 -19.41 41.82 -56.96
N ALA B 1070 -19.60 41.78 -58.28
CA ALA B 1070 -18.76 40.95 -59.13
C ALA B 1070 -17.87 41.75 -60.08
N GLN B 1071 -18.44 42.62 -60.90
CA GLN B 1071 -17.70 43.35 -61.91
C GLN B 1071 -17.48 44.76 -61.43
N GLU B 1072 -16.28 45.28 -61.65
CA GLU B 1072 -15.89 46.57 -61.11
C GLU B 1072 -15.50 47.50 -62.25
N LYS B 1073 -15.69 48.79 -62.03
CA LYS B 1073 -15.29 49.81 -62.99
C LYS B 1073 -14.63 50.97 -62.25
N ASN B 1074 -13.55 51.47 -62.82
CA ASN B 1074 -12.84 52.64 -62.29
C ASN B 1074 -13.60 53.89 -62.70
N PHE B 1075 -13.69 54.86 -61.80
CA PHE B 1075 -14.23 56.17 -62.11
C PHE B 1075 -13.41 57.23 -61.37
N THR B 1076 -13.46 58.45 -61.90
CA THR B 1076 -12.87 59.58 -61.19
C THR B 1076 -13.90 60.20 -60.28
N THR B 1077 -13.60 60.24 -58.99
CA THR B 1077 -14.55 60.70 -57.98
C THR B 1077 -14.09 62.05 -57.44
N ALA B 1078 -14.97 62.70 -56.68
CA ALA B 1078 -14.68 64.01 -56.13
C ALA B 1078 -15.57 64.20 -54.92
N PRO B 1079 -15.03 64.59 -53.77
CA PRO B 1079 -15.86 64.64 -52.56
C PRO B 1079 -17.02 65.62 -52.65
N ALA B 1080 -16.96 66.60 -53.54
CA ALA B 1080 -18.01 67.61 -53.60
C ALA B 1080 -18.02 68.25 -54.98
N ILE B 1081 -19.00 69.10 -55.21
CA ILE B 1081 -19.16 69.81 -56.48
C ILE B 1081 -19.59 71.24 -56.18
N CYS B 1082 -19.02 72.20 -56.91
CA CYS B 1082 -19.31 73.60 -56.70
C CYS B 1082 -20.10 74.20 -57.85
N HIS B 1083 -21.22 74.84 -57.51
CA HIS B 1083 -22.14 75.37 -58.52
C HIS B 1083 -22.02 76.88 -58.62
N ASP B 1084 -22.17 77.58 -57.49
CA ASP B 1084 -22.08 79.03 -57.45
C ASP B 1084 -21.34 79.52 -56.22
N GLY B 1085 -20.24 78.88 -55.85
CA GLY B 1085 -19.54 79.16 -54.63
C GLY B 1085 -19.99 78.30 -53.48
N LYS B 1086 -21.17 77.71 -53.57
CA LYS B 1086 -21.60 76.70 -52.63
C LYS B 1086 -20.91 75.38 -52.95
N ALA B 1087 -20.87 74.49 -51.98
CA ALA B 1087 -20.37 73.14 -52.17
C ALA B 1087 -21.51 72.16 -51.95
N HIS B 1088 -21.76 71.30 -52.93
CA HIS B 1088 -22.83 70.32 -52.86
C HIS B 1088 -22.25 68.96 -52.52
N PHE B 1089 -22.83 68.28 -51.54
CA PHE B 1089 -22.41 66.94 -51.18
C PHE B 1089 -23.54 65.96 -51.44
N PRO B 1090 -23.24 64.71 -51.79
CA PRO B 1090 -24.31 63.76 -52.11
C PRO B 1090 -25.07 63.34 -50.87
N ARG B 1091 -26.40 63.34 -50.96
CA ARG B 1091 -27.20 62.85 -49.85
C ARG B 1091 -26.95 61.37 -49.60
N GLU B 1092 -27.04 60.56 -50.66
CA GLU B 1092 -26.73 59.13 -50.57
C GLU B 1092 -25.96 58.75 -51.81
N GLY B 1093 -24.82 58.10 -51.61
CA GLY B 1093 -23.95 57.74 -52.70
C GLY B 1093 -22.78 58.70 -52.83
N VAL B 1094 -22.10 58.59 -53.97
CA VAL B 1094 -20.89 59.36 -54.23
C VAL B 1094 -20.92 59.90 -55.64
N PHE B 1095 -20.16 60.97 -55.85
CA PHE B 1095 -19.99 61.57 -57.17
C PHE B 1095 -18.92 60.81 -57.93
N VAL B 1096 -19.19 60.52 -59.20
CA VAL B 1096 -18.24 59.86 -60.08
C VAL B 1096 -18.29 60.55 -61.43
N SER B 1097 -17.31 60.22 -62.27
CA SER B 1097 -17.20 60.83 -63.59
C SER B 1097 -16.72 59.80 -64.58
N ASN B 1098 -17.43 59.69 -65.71
CA ASN B 1098 -17.03 58.82 -66.79
C ASN B 1098 -16.11 59.50 -67.80
N GLY B 1099 -15.57 60.67 -67.44
CA GLY B 1099 -14.65 61.40 -68.28
C GLY B 1099 -15.12 62.79 -68.69
N THR B 1100 -16.42 62.98 -68.86
CA THR B 1100 -16.94 64.25 -69.37
C THR B 1100 -18.06 64.81 -68.51
N HIS B 1101 -18.87 63.92 -67.92
CA HIS B 1101 -20.02 64.33 -67.12
C HIS B 1101 -19.89 63.76 -65.71
N TRP B 1102 -20.46 64.46 -64.75
CA TRP B 1102 -20.45 64.03 -63.36
C TRP B 1102 -21.81 63.48 -62.97
N PHE B 1103 -21.82 62.26 -62.45
CA PHE B 1103 -23.04 61.61 -62.00
C PHE B 1103 -22.93 61.33 -60.51
N VAL B 1104 -24.06 61.04 -59.88
CA VAL B 1104 -24.12 60.63 -58.48
C VAL B 1104 -24.69 59.23 -58.45
N THR B 1105 -23.93 58.29 -57.88
CA THR B 1105 -24.31 56.89 -57.92
C THR B 1105 -24.20 56.30 -56.53
N GLN B 1106 -25.11 55.38 -56.22
CA GLN B 1106 -25.03 54.66 -54.97
C GLN B 1106 -23.71 53.90 -54.88
N ARG B 1107 -23.29 53.61 -53.66
CA ARG B 1107 -21.94 53.09 -53.46
C ARG B 1107 -21.77 51.68 -54.01
N ASN B 1108 -22.73 50.79 -53.73
CA ASN B 1108 -22.55 49.37 -53.96
C ASN B 1108 -23.05 48.89 -55.32
N PHE B 1109 -23.50 49.80 -56.17
CA PHE B 1109 -23.98 49.38 -57.49
C PHE B 1109 -24.03 50.57 -58.44
N TYR B 1110 -23.32 50.49 -59.55
CA TYR B 1110 -23.28 51.59 -60.50
C TYR B 1110 -24.66 51.83 -61.06
N GLU B 1111 -25.14 53.06 -60.93
CA GLU B 1111 -26.47 53.45 -61.43
C GLU B 1111 -26.50 54.96 -61.53
N PRO B 1112 -25.86 55.52 -62.55
CA PRO B 1112 -25.66 56.98 -62.58
C PRO B 1112 -26.96 57.74 -62.67
N GLN B 1113 -26.97 58.93 -62.07
CA GLN B 1113 -28.08 59.86 -62.17
C GLN B 1113 -27.54 61.25 -62.41
N ILE B 1114 -28.35 62.09 -63.04
CA ILE B 1114 -27.97 63.49 -63.19
C ILE B 1114 -27.84 64.13 -61.82
N ILE B 1115 -26.88 65.03 -61.69
CA ILE B 1115 -26.67 65.71 -60.41
C ILE B 1115 -27.63 66.88 -60.33
N THR B 1116 -28.56 66.82 -59.38
CA THR B 1116 -29.56 67.86 -59.20
C THR B 1116 -29.55 68.30 -57.74
N THR B 1117 -30.52 69.15 -57.40
CA THR B 1117 -30.66 69.57 -56.01
C THR B 1117 -31.46 68.60 -55.16
N ASP B 1118 -32.03 67.56 -55.76
CA ASP B 1118 -32.67 66.50 -55.01
C ASP B 1118 -31.71 65.38 -54.63
N ASN B 1119 -30.53 65.34 -55.24
CA ASN B 1119 -29.50 64.38 -54.88
C ASN B 1119 -28.46 64.95 -53.94
N THR B 1120 -28.25 66.25 -53.98
CA THR B 1120 -27.15 66.89 -53.26
C THR B 1120 -27.70 67.93 -52.29
N PHE B 1121 -27.02 68.04 -51.16
CA PHE B 1121 -27.34 69.03 -50.15
C PHE B 1121 -26.16 69.99 -50.01
N VAL B 1122 -26.48 71.27 -49.85
CA VAL B 1122 -25.49 72.34 -49.82
C VAL B 1122 -24.92 72.44 -48.42
N SER B 1123 -23.67 72.85 -48.31
CA SER B 1123 -23.06 73.10 -47.01
C SER B 1123 -21.73 73.83 -47.22
N GLY B 1124 -21.54 74.94 -46.51
CA GLY B 1124 -20.28 75.66 -46.60
C GLY B 1124 -20.08 76.35 -47.93
N ASN B 1125 -18.81 76.55 -48.28
CA ASN B 1125 -18.44 77.17 -49.54
C ASN B 1125 -17.23 76.44 -50.10
N CYS B 1126 -16.76 76.89 -51.27
CA CYS B 1126 -15.80 76.13 -52.06
C CYS B 1126 -14.36 76.27 -51.58
N ASP B 1127 -14.08 77.14 -50.61
CA ASP B 1127 -12.71 77.38 -50.18
C ASP B 1127 -12.26 76.46 -49.06
N VAL B 1128 -13.09 75.50 -48.64
CA VAL B 1128 -12.79 74.67 -47.50
C VAL B 1128 -12.52 73.22 -47.90
N VAL B 1129 -13.34 72.66 -48.78
CA VAL B 1129 -13.23 71.26 -49.16
C VAL B 1129 -11.91 71.05 -49.90
N ILE B 1130 -11.39 69.83 -49.83
CA ILE B 1130 -10.17 69.47 -50.52
C ILE B 1130 -10.51 68.54 -51.68
N GLY B 1131 -10.01 68.85 -52.86
CA GLY B 1131 -10.28 68.05 -54.04
C GLY B 1131 -11.59 68.35 -54.72
N ILE B 1132 -12.30 69.40 -54.29
CA ILE B 1132 -13.59 69.73 -54.87
C ILE B 1132 -13.41 70.05 -56.35
N VAL B 1133 -14.44 69.71 -57.14
CA VAL B 1133 -14.39 69.89 -58.59
C VAL B 1133 -15.50 70.83 -59.02
N ASN B 1134 -15.31 71.45 -60.18
CA ASN B 1134 -16.26 72.40 -60.72
C ASN B 1134 -17.27 71.67 -61.61
N ASN B 1135 -18.52 72.10 -61.54
CA ASN B 1135 -19.56 71.55 -62.40
C ASN B 1135 -20.80 72.44 -62.27
N THR B 1136 -21.90 72.02 -62.90
CA THR B 1136 -23.18 72.69 -62.77
C THR B 1136 -24.20 71.71 -62.22
N VAL B 1137 -25.10 72.23 -61.39
CA VAL B 1137 -26.13 71.42 -60.74
C VAL B 1137 -27.46 71.75 -61.39
N TYR B 1138 -28.06 70.77 -62.06
CA TYR B 1138 -29.35 70.94 -62.70
C TYR B 1138 -30.42 71.16 -61.64
N ASP B 1139 -31.27 72.17 -61.84
CA ASP B 1139 -32.35 72.46 -60.91
C ASP B 1139 -33.68 72.09 -61.54
N PRO B 1140 -34.38 71.07 -61.07
CA PRO B 1140 -35.64 70.67 -61.72
C PRO B 1140 -36.68 71.78 -61.76
N LEU B 1141 -36.69 72.68 -60.77
CA LEU B 1141 -37.73 73.71 -60.71
C LEU B 1141 -37.54 74.78 -61.78
N GLN B 1142 -36.31 75.00 -62.24
CA GLN B 1142 -36.02 76.07 -63.18
C GLN B 1142 -36.83 75.93 -64.47
N PRO B 1143 -36.78 74.79 -65.14
CA PRO B 1143 -37.55 74.66 -66.40
C PRO B 1143 -39.04 74.85 -66.23
N GLU B 1144 -39.61 74.40 -65.10
CA GLU B 1144 -41.05 74.54 -64.91
C GLU B 1144 -41.49 75.98 -64.84
N LEU B 1145 -40.74 76.83 -64.13
CA LEU B 1145 -41.03 78.25 -64.05
C LEU B 1145 -40.64 79.00 -65.32
N ASP B 1146 -39.58 78.56 -66.00
CA ASP B 1146 -39.16 79.25 -67.22
C ASP B 1146 -40.23 79.19 -68.30
N SER B 1147 -40.86 78.03 -68.47
CA SER B 1147 -41.90 77.86 -69.47
C SER B 1147 -43.23 78.41 -68.97
N ALA C 27 28.78 42.47 25.83
CA ALA C 27 28.34 43.43 24.81
C ALA C 27 27.59 42.71 23.70
N TYR C 28 27.00 43.47 22.78
CA TYR C 28 26.32 42.92 21.62
C TYR C 28 26.43 43.89 20.46
N THR C 29 26.28 43.37 19.24
CA THR C 29 26.18 44.24 18.08
C THR C 29 25.25 43.61 17.05
N ASN C 30 25.03 44.35 15.96
CA ASN C 30 23.98 44.01 15.00
C ASN C 30 24.61 43.33 13.78
N SER C 31 24.10 42.12 13.47
CA SER C 31 24.52 41.42 12.27
C SER C 31 23.73 41.85 11.03
N PHE C 32 24.04 43.02 10.46
CA PHE C 32 23.20 43.60 9.42
C PHE C 32 22.82 42.60 8.34
N THR C 33 23.81 42.12 7.58
CA THR C 33 23.54 41.20 6.48
C THR C 33 24.63 40.15 6.32
N ARG C 34 25.57 40.07 7.26
CA ARG C 34 26.66 39.12 7.15
C ARG C 34 26.16 37.70 7.34
N GLY C 35 26.99 36.74 6.95
CA GLY C 35 26.73 35.35 7.22
C GLY C 35 26.08 34.58 6.10
N VAL C 36 26.20 35.02 4.85
CA VAL C 36 25.66 34.30 3.71
C VAL C 36 26.83 33.61 3.01
N TYR C 37 26.77 32.28 2.92
CA TYR C 37 27.82 31.49 2.33
C TYR C 37 27.21 30.58 1.27
N TYR C 38 28.02 30.22 0.29
CA TYR C 38 27.53 29.36 -0.77
C TYR C 38 27.17 28.00 -0.19
N PRO C 39 25.90 27.67 -0.02
CA PRO C 39 25.56 26.46 0.74
C PRO C 39 26.10 25.18 0.13
N ASP C 40 26.36 25.16 -1.16
CA ASP C 40 26.84 23.95 -1.82
C ASP C 40 27.82 24.36 -2.92
N LYS C 41 28.18 23.40 -3.78
CA LYS C 41 29.16 23.61 -4.82
C LYS C 41 28.53 23.60 -6.20
N VAL C 42 27.37 24.22 -6.35
CA VAL C 42 26.62 24.24 -7.59
C VAL C 42 26.71 25.63 -8.21
N PHE C 43 26.67 25.69 -9.54
CA PHE C 43 26.75 26.95 -10.25
C PHE C 43 25.38 27.34 -10.77
N ARG C 44 24.89 28.50 -10.31
CA ARG C 44 23.62 29.04 -10.78
C ARG C 44 23.85 30.47 -11.23
N SER C 45 23.21 30.85 -12.34
CA SER C 45 23.46 32.15 -12.95
C SER C 45 22.14 32.89 -13.13
N SER C 46 22.14 34.15 -12.69
CA SER C 46 21.01 35.06 -12.87
C SER C 46 19.70 34.38 -12.48
N VAL C 47 19.63 33.92 -11.24
CA VAL C 47 18.46 33.18 -10.77
C VAL C 47 18.35 33.32 -9.26
N LEU C 48 17.13 33.25 -8.77
CA LEU C 48 16.84 33.35 -7.34
C LEU C 48 16.48 31.95 -6.83
N HIS C 49 17.27 31.45 -5.88
CA HIS C 49 17.08 30.11 -5.34
C HIS C 49 16.67 30.20 -3.89
N SER C 50 15.59 29.53 -3.53
CA SER C 50 15.09 29.50 -2.15
C SER C 50 15.58 28.23 -1.49
N THR C 51 16.57 28.37 -0.60
CA THR C 51 17.25 27.24 0.00
C THR C 51 17.16 27.32 1.51
N GLN C 52 16.94 26.18 2.14
CA GLN C 52 16.86 26.07 3.59
C GLN C 52 18.16 25.49 4.10
N ASP C 53 18.81 26.20 5.02
CA ASP C 53 20.09 25.74 5.56
C ASP C 53 20.41 26.57 6.79
N LEU C 54 21.54 26.27 7.41
CA LEU C 54 21.99 26.97 8.61
C LEU C 54 22.62 28.28 8.21
N PHE C 55 21.92 29.39 8.49
CA PHE C 55 22.43 30.72 8.21
C PHE C 55 22.37 31.56 9.47
N LEU C 56 23.15 32.64 9.48
CA LEU C 56 23.08 33.60 10.57
C LEU C 56 21.89 34.52 10.32
N PRO C 57 20.87 34.54 11.19
CA PRO C 57 19.69 35.36 10.90
C PRO C 57 20.07 36.83 10.75
N PHE C 58 19.43 37.49 9.80
CA PHE C 58 19.71 38.89 9.54
C PHE C 58 19.28 39.74 10.73
N PHE C 59 20.06 40.78 11.01
CA PHE C 59 19.75 41.75 12.05
C PHE C 59 19.66 41.11 13.44
N SER C 60 20.23 39.91 13.60
CA SER C 60 20.29 39.30 14.91
C SER C 60 21.50 39.83 15.68
N ASN C 61 21.48 39.61 16.99
CA ASN C 61 22.54 40.07 17.86
C ASN C 61 23.70 39.09 17.82
N VAL C 62 24.90 39.61 17.60
CA VAL C 62 26.13 38.81 17.66
C VAL C 62 26.95 39.31 18.84
N THR C 63 27.44 38.36 19.65
CA THR C 63 28.20 38.69 20.83
C THR C 63 29.53 39.29 20.42
N TRP C 64 30.02 40.23 21.23
CA TRP C 64 31.22 41.00 20.93
C TRP C 64 32.18 40.83 22.10
N PHE C 65 33.43 40.49 21.81
CA PHE C 65 34.45 40.33 22.84
C PHE C 65 35.68 41.15 22.48
N HIS C 66 36.42 41.56 23.51
CA HIS C 66 37.60 42.39 23.34
C HIS C 66 38.85 41.61 23.76
N ALA C 67 40.00 42.07 23.26
CA ALA C 67 41.30 41.52 23.63
C ALA C 67 42.28 42.66 23.89
N ILE C 68 41.80 43.69 24.62
CA ILE C 68 42.59 44.87 24.93
C ILE C 68 42.70 45.00 26.44
N HIS C 69 43.79 45.61 26.88
CA HIS C 69 44.05 45.82 28.30
C HIS C 69 43.98 44.51 29.07
N ASP C 80 39.71 37.53 28.23
CA ASP C 80 38.46 37.58 27.46
C ASP C 80 38.48 36.56 26.32
N ASN C 81 38.83 35.33 26.65
CA ASN C 81 38.81 34.22 25.68
C ASN C 81 38.09 33.03 26.32
N PRO C 82 36.81 33.17 26.63
CA PRO C 82 36.09 32.10 27.31
C PRO C 82 35.66 31.01 26.34
N VAL C 83 35.14 29.93 26.91
CA VAL C 83 34.59 28.82 26.14
C VAL C 83 33.15 29.16 25.77
N LEU C 84 32.86 29.13 24.48
CA LEU C 84 31.53 29.46 23.98
C LEU C 84 30.80 28.19 23.53
N PRO C 85 29.48 28.19 23.51
CA PRO C 85 28.76 27.05 22.96
C PRO C 85 28.98 26.90 21.46
N PHE C 86 28.63 25.72 20.95
CA PHE C 86 28.67 25.42 19.53
C PHE C 86 27.37 24.80 19.03
N ASN C 87 26.22 25.39 19.38
CA ASN C 87 24.92 24.75 19.22
C ASN C 87 24.75 24.05 17.87
N ASP C 88 24.81 24.80 16.77
CA ASP C 88 24.59 24.24 15.45
C ASP C 88 25.54 24.80 14.40
N GLY C 89 26.51 25.59 14.79
CA GLY C 89 27.44 26.19 13.84
C GLY C 89 27.70 27.61 14.27
N VAL C 90 28.92 28.08 14.04
CA VAL C 90 29.37 29.36 14.56
C VAL C 90 29.79 30.25 13.41
N TYR C 91 29.25 31.45 13.36
CA TYR C 91 29.79 32.51 12.52
C TYR C 91 30.76 33.31 13.37
N PHE C 92 32.03 33.28 12.98
CA PHE C 92 33.07 34.00 13.70
C PHE C 92 33.51 35.16 12.82
N ALA C 93 33.83 36.28 13.44
CA ALA C 93 34.30 37.42 12.67
C ALA C 93 35.35 38.15 13.49
N SER C 94 36.26 38.82 12.81
CA SER C 94 37.29 39.56 13.54
C SER C 94 37.77 40.72 12.70
N THR C 95 38.00 41.85 13.38
CA THR C 95 38.63 43.01 12.78
C THR C 95 40.09 43.00 13.20
N GLU C 96 40.98 42.91 12.22
CA GLU C 96 42.38 42.67 12.49
C GLU C 96 43.26 43.66 11.74
N LYS C 97 44.37 44.00 12.40
CA LYS C 97 45.42 44.84 11.83
C LYS C 97 46.81 44.27 12.01
N SER C 98 47.03 43.34 12.95
CA SER C 98 48.35 42.76 13.17
C SER C 98 48.29 41.26 13.41
N ASN C 99 47.15 40.63 13.15
CA ASN C 99 47.00 39.18 13.29
C ASN C 99 47.31 38.71 14.71
N ILE C 100 46.45 39.13 15.65
CA ILE C 100 46.60 38.69 17.03
C ILE C 100 45.93 37.34 17.24
N ILE C 101 44.69 37.18 16.80
CA ILE C 101 44.01 35.90 16.87
C ILE C 101 44.71 34.94 15.93
N ARG C 102 45.03 33.75 16.42
CA ARG C 102 45.78 32.79 15.62
C ARG C 102 45.33 31.35 15.77
N GLY C 103 44.13 31.10 16.28
CA GLY C 103 43.75 29.70 16.41
C GLY C 103 42.30 29.53 16.84
N TRP C 104 41.93 28.27 16.96
CA TRP C 104 40.63 27.84 17.46
C TRP C 104 40.78 26.47 18.07
N ILE C 105 39.87 26.13 18.97
CA ILE C 105 39.82 24.83 19.60
C ILE C 105 38.37 24.39 19.65
N PHE C 106 38.12 23.12 19.31
CA PHE C 106 36.77 22.59 19.27
C PHE C 106 36.74 21.25 19.97
N GLY C 107 35.71 21.04 20.80
CA GLY C 107 35.55 19.77 21.48
C GLY C 107 34.46 19.88 22.53
N THR C 108 34.28 18.79 23.27
CA THR C 108 33.29 18.72 24.33
C THR C 108 33.88 18.99 25.71
N THR C 109 35.14 18.61 25.94
CA THR C 109 35.80 18.84 27.21
C THR C 109 37.09 19.64 27.09
N LEU C 110 37.84 19.49 26.00
CA LEU C 110 39.07 20.25 25.79
C LEU C 110 40.03 20.07 26.96
N ASP C 111 40.15 18.83 27.43
CA ASP C 111 41.07 18.52 28.51
C ASP C 111 41.78 17.19 28.28
N SER C 112 42.00 16.83 27.02
CA SER C 112 42.66 15.59 26.60
C SER C 112 41.84 14.36 26.91
N LYS C 113 40.64 14.50 27.47
CA LYS C 113 39.79 13.37 27.78
C LYS C 113 39.03 12.83 26.57
N THR C 114 38.96 13.60 25.49
CA THR C 114 38.28 13.18 24.27
C THR C 114 38.94 13.85 23.08
N GLN C 115 38.44 13.54 21.89
CA GLN C 115 38.96 14.14 20.67
C GLN C 115 38.65 15.63 20.66
N SER C 116 39.64 16.43 20.30
CA SER C 116 39.51 17.88 20.36
C SER C 116 40.25 18.49 19.17
N LEU C 117 39.50 18.89 18.16
CA LEU C 117 40.08 19.56 17.00
C LEU C 117 40.79 20.83 17.44
N LEU C 118 41.95 21.09 16.85
CA LEU C 118 42.75 22.27 17.15
C LEU C 118 43.24 22.85 15.83
N ILE C 119 42.99 24.12 15.61
CA ILE C 119 43.41 24.81 14.39
C ILE C 119 44.33 25.93 14.81
N VAL C 120 45.50 26.02 14.18
CA VAL C 120 46.52 26.99 14.56
C VAL C 120 47.14 27.58 13.30
N ASN C 121 47.32 28.89 13.28
CA ASN C 121 47.95 29.57 12.16
C ASN C 121 49.25 30.19 12.66
N ASN C 122 50.37 29.86 12.01
CA ASN C 122 51.63 30.54 12.28
C ASN C 122 52.13 31.18 10.98
N ALA C 123 51.56 32.34 10.65
CA ALA C 123 52.20 33.43 9.92
C ALA C 123 52.62 33.05 8.51
N THR C 124 52.72 31.76 8.23
CA THR C 124 52.85 31.24 6.86
C THR C 124 52.15 29.91 6.70
N ASN C 125 51.81 29.22 7.80
CA ASN C 125 51.35 27.84 7.73
C ASN C 125 50.08 27.67 8.53
N VAL C 126 49.08 27.04 7.93
CA VAL C 126 47.89 26.59 8.64
C VAL C 126 48.18 25.18 9.13
N VAL C 127 47.69 24.86 10.32
CA VAL C 127 47.88 23.55 10.93
C VAL C 127 46.55 23.12 11.56
N ILE C 128 46.17 21.88 11.34
CA ILE C 128 44.93 21.33 11.87
C ILE C 128 45.24 19.96 12.45
N LYS C 129 44.77 19.70 13.66
CA LYS C 129 45.02 18.42 14.33
C LYS C 129 43.77 18.00 15.07
N VAL C 130 43.65 16.71 15.33
CA VAL C 130 42.51 16.20 16.10
C VAL C 130 43.00 15.27 17.20
N CYS C 131 44.23 15.46 17.63
CA CYS C 131 44.74 14.69 18.75
C CYS C 131 44.05 15.14 20.04
N GLU C 132 44.04 14.26 21.04
CA GLU C 132 43.45 14.59 22.34
C GLU C 132 44.42 15.47 23.12
N PHE C 133 44.48 16.74 22.72
CA PHE C 133 45.44 17.66 23.28
C PHE C 133 45.15 17.91 24.76
N GLN C 134 46.19 18.28 25.50
CA GLN C 134 46.06 18.70 26.88
C GLN C 134 46.15 20.22 26.93
N PHE C 135 45.00 20.89 26.92
CA PHE C 135 44.96 22.33 26.91
C PHE C 135 45.18 22.90 28.30
N CYS C 136 45.92 24.00 28.37
CA CYS C 136 46.15 24.68 29.63
C CYS C 136 44.83 25.20 30.19
N ASN C 137 44.90 25.73 31.42
CA ASN C 137 43.72 26.34 32.01
C ASN C 137 43.24 27.53 31.20
N ASP C 138 44.17 28.37 30.73
CA ASP C 138 43.84 29.53 29.89
C ASP C 138 44.75 29.46 28.67
N PRO C 139 44.43 28.57 27.72
CA PRO C 139 45.37 28.32 26.62
C PRO C 139 45.69 29.57 25.83
N PHE C 140 46.95 29.69 25.44
CA PHE C 140 47.39 30.78 24.58
C PHE C 140 48.69 30.38 23.92
N LEU C 141 49.04 31.12 22.87
CA LEU C 141 50.24 30.87 22.07
C LEU C 141 51.22 32.00 22.31
N GLY C 142 52.51 31.66 22.45
CA GLY C 142 53.52 32.65 22.76
C GLY C 142 54.09 33.31 21.51
N VAL C 143 54.22 34.63 21.58
CA VAL C 143 54.81 35.40 20.49
C VAL C 143 56.32 35.27 20.52
N ASN C 165 47.17 9.98 20.34
CA ASN C 165 45.95 9.48 19.72
C ASN C 165 45.39 10.51 18.74
N CYS C 166 45.89 10.49 17.51
CA CYS C 166 45.45 11.42 16.49
C CYS C 166 44.69 10.68 15.39
N THR C 167 43.57 11.25 14.99
CA THR C 167 42.76 10.71 13.91
C THR C 167 42.69 11.63 12.70
N PHE C 168 43.56 12.63 12.63
CA PHE C 168 43.66 13.53 11.49
C PHE C 168 44.83 14.47 11.71
N GLU C 169 45.38 15.00 10.62
CA GLU C 169 46.30 16.12 10.70
C GLU C 169 46.50 16.67 9.30
N TYR C 170 46.55 18.00 9.20
CA TYR C 170 46.74 18.66 7.92
C TYR C 170 47.61 19.90 8.12
N VAL C 171 48.37 20.24 7.09
CA VAL C 171 49.18 21.44 7.06
C VAL C 171 49.08 22.05 5.67
N SER C 172 48.94 23.37 5.61
CA SER C 172 48.89 24.07 4.32
C SER C 172 50.29 24.33 3.78
N PHE C 186 40.55 48.94 12.53
CA PHE C 186 41.37 47.90 11.90
C PHE C 186 41.38 48.06 10.39
N LYS C 187 42.11 47.18 9.70
CA LYS C 187 42.23 47.22 8.26
C LYS C 187 41.55 46.06 7.55
N ASN C 188 41.50 44.88 8.17
CA ASN C 188 40.94 43.70 7.52
C ASN C 188 39.77 43.18 8.34
N LEU C 189 38.69 42.81 7.66
CA LEU C 189 37.61 42.06 8.27
C LEU C 189 37.70 40.63 7.79
N ARG C 190 37.89 39.70 8.72
CA ARG C 190 38.01 38.28 8.40
C ARG C 190 36.77 37.59 8.96
N GLU C 191 35.99 36.97 8.09
CA GLU C 191 34.80 36.25 8.50
C GLU C 191 35.01 34.76 8.26
N PHE C 192 34.51 33.94 9.18
CA PHE C 192 34.59 32.50 9.09
C PHE C 192 33.24 31.93 9.46
N VAL C 193 32.93 30.76 8.93
CA VAL C 193 31.73 30.02 9.29
C VAL C 193 32.12 28.57 9.46
N PHE C 194 31.98 28.05 10.68
CA PHE C 194 32.31 26.67 10.99
C PHE C 194 31.01 25.92 11.23
N LYS C 195 30.86 24.75 10.61
CA LYS C 195 29.70 23.92 10.93
C LYS C 195 29.99 22.45 10.66
N ASN C 196 29.45 21.59 11.54
CA ASN C 196 29.57 20.14 11.42
C ASN C 196 28.31 19.62 10.75
N ILE C 197 28.47 18.73 9.78
CA ILE C 197 27.35 18.02 9.16
C ILE C 197 27.80 16.59 8.87
N ASP C 198 27.14 15.62 9.50
CA ASP C 198 27.37 14.20 9.23
C ASP C 198 28.85 13.86 9.35
N GLY C 199 29.51 14.42 10.37
CA GLY C 199 30.89 14.12 10.62
C GLY C 199 31.89 14.88 9.79
N TYR C 200 31.44 15.83 8.97
CA TYR C 200 32.32 16.68 8.18
C TYR C 200 32.33 18.09 8.79
N PHE C 201 33.53 18.61 9.05
CA PHE C 201 33.69 19.94 9.60
C PHE C 201 33.97 20.90 8.45
N LYS C 202 32.97 21.68 8.06
CA LYS C 202 33.08 22.60 6.94
C LYS C 202 33.47 23.97 7.45
N ILE C 203 34.57 24.50 6.91
CA ILE C 203 35.08 25.81 7.24
C ILE C 203 34.99 26.67 5.99
N TYR C 204 34.17 27.72 6.04
CA TYR C 204 34.11 28.74 5.01
C TYR C 204 34.78 29.98 5.55
N SER C 205 35.36 30.79 4.66
CA SER C 205 36.10 31.95 5.09
C SER C 205 36.00 33.04 4.03
N LYS C 206 36.28 34.27 4.46
CA LYS C 206 36.28 35.42 3.55
C LYS C 206 37.06 36.55 4.19
N HIS C 207 38.13 36.98 3.53
CA HIS C 207 38.95 38.10 3.98
C HIS C 207 38.63 39.31 3.11
N THR C 208 38.23 40.42 3.74
CA THR C 208 37.89 41.60 2.96
C THR C 208 38.59 42.82 3.54
N PRO C 209 38.91 43.81 2.71
CA PRO C 209 39.48 45.05 3.25
C PRO C 209 38.39 45.99 3.74
N ILE C 210 38.67 46.66 4.85
CA ILE C 210 37.73 47.60 5.45
C ILE C 210 38.49 48.77 6.05
N ASN C 211 37.76 49.85 6.30
CA ASN C 211 38.26 51.00 7.04
C ASN C 211 37.23 51.33 8.12
N LEU C 212 37.32 50.62 9.25
CA LEU C 212 36.39 50.79 10.35
C LEU C 212 36.89 49.99 11.53
N VAL C 213 36.92 50.61 12.72
CA VAL C 213 37.43 49.99 13.92
C VAL C 213 36.34 49.77 14.96
N ARG C 214 35.19 50.45 14.80
CA ARG C 214 34.18 50.42 15.85
C ARG C 214 33.34 49.14 15.80
N ASP C 215 32.66 48.89 14.70
CA ASP C 215 31.64 47.84 14.67
C ASP C 215 31.67 47.15 13.30
N LEU C 216 30.78 46.18 13.12
CA LEU C 216 30.74 45.43 11.88
C LEU C 216 30.43 46.37 10.71
N PRO C 217 31.26 46.42 9.67
CA PRO C 217 30.89 47.16 8.48
C PRO C 217 29.59 46.61 7.90
N GLN C 218 28.74 47.51 7.43
CA GLN C 218 27.44 47.14 6.89
C GLN C 218 27.53 46.96 5.38
N GLY C 219 27.13 45.79 4.92
CA GLY C 219 27.21 45.45 3.52
C GLY C 219 26.95 43.97 3.34
N PHE C 220 27.10 43.52 2.11
CA PHE C 220 26.84 42.13 1.76
C PHE C 220 28.05 41.54 1.07
N SER C 221 28.46 40.35 1.50
CA SER C 221 29.60 39.65 0.91
C SER C 221 29.46 38.17 1.21
N ALA C 222 29.57 37.34 0.17
CA ALA C 222 29.41 35.90 0.31
C ALA C 222 30.70 35.25 0.76
N LEU C 223 30.57 34.09 1.40
CA LEU C 223 31.70 33.33 1.90
C LEU C 223 31.79 32.01 1.15
N GLU C 224 32.96 31.76 0.54
CA GLU C 224 33.14 30.54 -0.24
C GLU C 224 33.88 29.48 0.57
N PRO C 225 33.54 28.21 0.41
CA PRO C 225 34.16 27.17 1.23
C PRO C 225 35.66 27.12 1.05
N LEU C 226 36.37 26.82 2.14
CA LEU C 226 37.81 26.60 2.11
C LEU C 226 38.21 25.20 2.51
N VAL C 227 37.52 24.57 3.46
CA VAL C 227 37.92 23.23 3.87
C VAL C 227 36.70 22.41 4.24
N ASP C 228 36.81 21.09 3.99
CA ASP C 228 35.83 20.11 4.46
C ASP C 228 36.63 19.01 5.14
N LEU C 229 36.92 19.20 6.43
CA LEU C 229 37.73 18.25 7.18
C LEU C 229 36.90 17.02 7.51
N PRO C 230 37.38 15.80 7.22
CA PRO C 230 36.67 14.60 7.67
C PRO C 230 37.11 14.15 9.07
N ILE C 231 36.69 14.89 10.09
CA ILE C 231 37.13 14.60 11.44
C ILE C 231 36.12 13.71 12.16
N GLY C 232 34.82 13.95 11.96
CA GLY C 232 33.81 13.12 12.59
C GLY C 232 33.77 13.22 14.11
N ILE C 233 33.83 14.43 14.65
CA ILE C 233 33.83 14.65 16.09
C ILE C 233 32.51 15.28 16.50
N ASN C 234 31.94 14.78 17.59
CA ASN C 234 30.82 15.45 18.24
C ASN C 234 31.34 16.73 18.90
N ILE C 235 31.08 17.88 18.28
CA ILE C 235 31.54 19.16 18.77
C ILE C 235 30.36 19.87 19.42
N THR C 236 30.56 20.32 20.66
CA THR C 236 29.55 21.08 21.38
C THR C 236 30.07 22.35 22.02
N ARG C 237 31.37 22.64 21.92
CA ARG C 237 31.95 23.85 22.46
C ARG C 237 33.16 24.24 21.61
N PHE C 238 33.67 25.45 21.85
CA PHE C 238 34.91 25.86 21.20
C PHE C 238 35.53 27.00 21.99
N GLN C 239 36.57 27.59 21.41
CA GLN C 239 37.31 28.67 22.04
C GLN C 239 38.07 29.43 20.97
N THR C 240 38.77 30.49 21.38
CA THR C 240 39.73 31.15 20.51
C THR C 240 41.11 31.13 21.15
N LEU C 241 42.12 31.45 20.34
CA LEU C 241 43.51 31.43 20.76
C LEU C 241 44.17 32.72 20.33
N LEU C 242 44.85 33.38 21.25
CA LEU C 242 45.47 34.67 21.03
C LEU C 242 46.97 34.59 21.30
N ALA C 243 47.75 35.17 20.39
CA ALA C 243 49.20 35.24 20.54
C ALA C 243 49.55 36.43 21.41
N LEU C 244 50.10 36.16 22.60
CA LEU C 244 50.38 37.20 23.58
C LEU C 244 51.86 37.55 23.57
N HIS C 245 52.14 38.84 23.48
CA HIS C 245 53.52 39.34 23.49
C HIS C 245 54.12 39.16 24.88
N ALA C 263 42.61 42.86 20.16
CA ALA C 263 41.84 42.50 18.98
C ALA C 263 40.51 41.86 19.37
N ALA C 264 39.43 42.59 19.12
CA ALA C 264 38.09 42.09 19.41
C ALA C 264 37.64 41.09 18.34
N TYR C 265 36.64 40.29 18.69
CA TYR C 265 36.04 39.37 17.73
C TYR C 265 34.58 39.16 18.08
N TYR C 266 33.80 38.82 17.06
CA TYR C 266 32.37 38.66 17.17
C TYR C 266 31.99 37.21 16.93
N VAL C 267 31.04 36.73 17.71
CA VAL C 267 30.58 35.34 17.64
C VAL C 267 29.07 35.35 17.47
N GLY C 268 28.57 34.63 16.47
CA GLY C 268 27.15 34.46 16.27
C GLY C 268 26.82 33.01 16.02
N TYR C 269 25.55 32.67 16.19
CA TYR C 269 25.10 31.29 16.08
C TYR C 269 24.11 31.16 14.94
N LEU C 270 24.30 30.15 14.11
CA LEU C 270 23.46 29.92 12.96
C LEU C 270 22.17 29.24 13.39
N GLN C 271 21.15 29.37 12.55
CA GLN C 271 19.87 28.71 12.74
C GLN C 271 19.39 28.17 11.40
N PRO C 272 18.51 27.17 11.41
CA PRO C 272 17.99 26.63 10.15
C PRO C 272 16.97 27.55 9.49
N ARG C 273 17.45 28.53 8.74
CA ARG C 273 16.57 29.49 8.08
C ARG C 273 16.42 29.18 6.61
N THR C 274 15.38 29.74 6.00
CA THR C 274 15.12 29.63 4.58
C THR C 274 15.42 30.98 3.91
N PHE C 275 16.45 31.00 3.08
CA PHE C 275 16.93 32.23 2.45
C PHE C 275 16.71 32.16 0.96
N LEU C 276 16.29 33.28 0.38
CA LEU C 276 16.22 33.46 -1.06
C LEU C 276 17.50 34.16 -1.51
N LEU C 277 18.34 33.45 -2.25
CA LEU C 277 19.65 33.95 -2.65
C LEU C 277 19.63 34.28 -4.14
N LYS C 278 20.17 35.43 -4.50
CA LYS C 278 20.23 35.89 -5.88
C LYS C 278 21.62 35.64 -6.43
N TYR C 279 21.70 34.82 -7.48
CA TYR C 279 22.96 34.57 -8.19
C TYR C 279 22.98 35.39 -9.47
N ASN C 280 24.04 36.16 -9.65
CA ASN C 280 24.20 36.99 -10.84
C ASN C 280 24.72 36.11 -11.98
N GLU C 281 25.17 36.74 -13.08
CA GLU C 281 25.58 35.97 -14.25
C GLU C 281 26.78 35.07 -13.97
N ASN C 282 27.79 35.57 -13.25
CA ASN C 282 29.02 34.83 -13.03
C ASN C 282 28.90 33.77 -11.95
N GLY C 283 27.73 33.62 -11.34
CA GLY C 283 27.56 32.62 -10.30
C GLY C 283 27.91 33.10 -8.91
N THR C 284 28.02 34.41 -8.71
CA THR C 284 28.38 34.99 -7.43
C THR C 284 27.14 35.56 -6.75
N ILE C 285 26.89 35.14 -5.53
CA ILE C 285 25.75 35.63 -4.77
C ILE C 285 25.93 37.12 -4.53
N THR C 286 24.92 37.91 -4.86
CA THR C 286 24.96 39.35 -4.67
C THR C 286 23.91 39.88 -3.71
N ASP C 287 22.91 39.09 -3.36
CA ASP C 287 21.86 39.56 -2.47
C ASP C 287 21.15 38.36 -1.85
N ALA C 288 20.58 38.56 -0.67
CA ALA C 288 19.89 37.50 0.04
C ALA C 288 18.74 38.09 0.84
N VAL C 289 17.66 37.32 0.94
CA VAL C 289 16.46 37.73 1.66
C VAL C 289 16.10 36.63 2.64
N ASP C 290 15.82 37.02 3.89
CA ASP C 290 15.50 36.05 4.94
C ASP C 290 13.99 35.92 5.05
N CYS C 291 13.47 34.73 4.80
CA CYS C 291 12.04 34.50 4.69
C CYS C 291 11.31 34.56 6.01
N ALA C 292 11.93 34.98 7.12
CA ALA C 292 11.19 35.17 8.36
C ALA C 292 11.49 36.51 9.01
N LEU C 293 12.25 37.38 8.35
CA LEU C 293 12.65 38.65 8.96
C LEU C 293 11.44 39.54 9.25
N ASP C 294 10.50 39.60 8.32
CA ASP C 294 9.31 40.45 8.45
C ASP C 294 8.41 40.18 7.26
N PRO C 295 7.15 40.65 7.31
CA PRO C 295 6.20 40.28 6.26
C PRO C 295 6.68 40.59 4.85
N LEU C 296 7.39 41.70 4.65
CA LEU C 296 7.90 41.99 3.32
C LEU C 296 8.79 40.86 2.80
N SER C 297 9.63 40.31 3.68
CA SER C 297 10.50 39.21 3.26
C SER C 297 9.69 37.96 2.94
N GLU C 298 8.64 37.68 3.71
CA GLU C 298 7.78 36.56 3.39
C GLU C 298 7.17 36.75 2.01
N THR C 299 6.71 37.95 1.70
CA THR C 299 6.15 38.23 0.39
C THR C 299 7.19 38.00 -0.71
N LYS C 300 8.40 38.49 -0.50
CA LYS C 300 9.45 38.30 -1.48
C LYS C 300 9.74 36.83 -1.73
N CYS C 301 9.83 36.05 -0.65
CA CYS C 301 10.10 34.62 -0.81
C CYS C 301 8.94 33.92 -1.52
N THR C 302 7.71 34.29 -1.19
CA THR C 302 6.56 33.68 -1.86
C THR C 302 6.59 33.98 -3.35
N LEU C 303 6.90 35.21 -3.73
CA LEU C 303 6.94 35.60 -5.14
C LEU C 303 8.20 35.13 -5.85
N LYS C 304 9.19 34.64 -5.14
CA LYS C 304 10.47 34.26 -5.74
C LYS C 304 11.05 35.44 -6.53
N SER C 305 10.94 36.63 -5.95
CA SER C 305 11.45 37.83 -6.60
C SER C 305 11.84 38.84 -5.55
N PHE C 306 12.75 39.74 -5.93
CA PHE C 306 13.21 40.82 -5.05
C PHE C 306 12.41 42.10 -5.24
N THR C 307 11.56 42.18 -6.26
CA THR C 307 10.73 43.35 -6.49
C THR C 307 9.28 42.95 -6.35
N VAL C 308 8.56 43.64 -5.48
CA VAL C 308 7.16 43.37 -5.19
C VAL C 308 6.34 44.48 -5.80
N GLU C 309 5.38 44.12 -6.65
CA GLU C 309 4.58 45.12 -7.33
C GLU C 309 3.43 45.58 -6.46
N LYS C 310 3.01 46.82 -6.69
CA LYS C 310 1.92 47.41 -5.92
C LYS C 310 0.70 46.50 -5.96
N GLY C 311 0.33 45.96 -4.80
CA GLY C 311 -0.78 45.04 -4.72
C GLY C 311 -0.79 44.35 -3.36
N ILE C 312 -1.72 43.41 -3.22
CA ILE C 312 -1.89 42.64 -2.00
C ILE C 312 -1.57 41.18 -2.30
N TYR C 313 -0.64 40.60 -1.56
CA TYR C 313 -0.19 39.24 -1.76
C TYR C 313 -0.46 38.42 -0.51
N GLN C 314 -0.76 37.13 -0.70
CA GLN C 314 -0.92 36.21 0.41
C GLN C 314 0.39 35.49 0.65
N THR C 315 0.86 35.50 1.89
CA THR C 315 2.13 34.89 2.26
C THR C 315 1.96 33.51 2.87
N SER C 316 1.14 33.40 3.91
CA SER C 316 0.99 32.15 4.65
C SER C 316 -0.40 32.07 5.26
N ASN C 317 -0.69 30.93 5.87
CA ASN C 317 -1.90 30.74 6.65
C ASN C 317 -1.60 30.94 8.13
N PHE C 318 -2.64 30.95 8.94
CA PHE C 318 -2.43 31.16 10.37
C PHE C 318 -3.64 30.65 11.14
N ARG C 319 -3.35 30.06 12.31
CA ARG C 319 -4.38 29.47 13.16
C ARG C 319 -4.10 29.85 14.61
N VAL C 320 -5.17 30.06 15.38
CA VAL C 320 -5.02 30.32 16.80
C VAL C 320 -5.01 29.00 17.56
N GLN C 321 -3.97 28.78 18.35
CA GLN C 321 -3.86 27.53 19.07
C GLN C 321 -4.54 27.63 20.44
N PRO C 322 -5.26 26.60 20.86
CA PRO C 322 -5.98 26.68 22.14
C PRO C 322 -5.02 26.89 23.30
N THR C 323 -5.47 27.68 24.27
CA THR C 323 -4.65 28.05 25.41
C THR C 323 -4.71 27.03 26.53
N GLU C 324 -5.87 26.42 26.76
CA GLU C 324 -6.04 25.50 27.88
C GLU C 324 -7.10 24.49 27.53
N SER C 325 -7.10 23.38 28.26
CA SER C 325 -8.09 22.32 28.08
C SER C 325 -9.12 22.38 29.21
N ILE C 326 -10.36 22.04 28.86
CA ILE C 326 -11.47 22.05 29.81
C ILE C 326 -12.10 20.66 29.78
N VAL C 327 -12.34 20.11 30.98
CA VAL C 327 -12.98 18.81 31.14
C VAL C 327 -14.21 19.00 32.01
N ARG C 328 -15.36 18.54 31.52
CA ARG C 328 -16.64 18.69 32.21
C ARG C 328 -17.30 17.33 32.31
N PHE C 329 -17.76 16.99 33.52
CA PHE C 329 -18.55 15.80 33.75
C PHE C 329 -19.59 16.09 34.82
N PRO C 330 -20.72 15.37 34.81
CA PRO C 330 -21.72 15.59 35.86
C PRO C 330 -21.13 15.31 37.23
N ASN C 331 -21.51 16.13 38.21
CA ASN C 331 -21.04 15.93 39.59
C ASN C 331 -21.69 14.69 40.17
N ILE C 332 -20.88 13.89 40.88
CA ILE C 332 -21.37 12.69 41.55
C ILE C 332 -22.55 13.06 42.42
N THR C 333 -23.64 12.30 42.31
CA THR C 333 -24.84 12.53 43.10
C THR C 333 -25.22 11.28 43.87
N ASN C 334 -25.05 10.12 43.25
CA ASN C 334 -25.36 8.84 43.87
C ASN C 334 -24.06 8.13 44.18
N LEU C 335 -23.60 8.28 45.42
CA LEU C 335 -22.38 7.62 45.87
C LEU C 335 -22.72 6.28 46.49
N CYS C 336 -21.94 5.27 46.15
CA CYS C 336 -22.23 3.93 46.64
C CYS C 336 -22.18 3.92 48.17
N PRO C 337 -23.19 3.36 48.83
CA PRO C 337 -23.32 3.50 50.29
C PRO C 337 -22.34 2.60 51.06
N PHE C 338 -21.05 2.82 50.85
CA PHE C 338 -20.05 2.16 51.67
C PHE C 338 -20.16 2.59 53.13
N GLY C 339 -20.75 3.75 53.39
CA GLY C 339 -20.82 4.23 54.77
C GLY C 339 -21.63 3.31 55.66
N GLU C 340 -22.80 2.89 55.19
CA GLU C 340 -23.68 2.05 56.00
C GLU C 340 -23.14 0.63 56.18
N VAL C 341 -22.20 0.20 55.35
CA VAL C 341 -21.60 -1.13 55.51
C VAL C 341 -20.46 -1.10 56.50
N PHE C 342 -19.58 -0.11 56.38
CA PHE C 342 -18.47 0.02 57.31
C PHE C 342 -18.93 0.57 58.66
N ASN C 343 -19.98 1.41 58.64
CA ASN C 343 -20.53 1.99 59.87
C ASN C 343 -21.83 1.32 60.30
N ALA C 344 -22.05 0.07 59.91
CA ALA C 344 -23.26 -0.64 60.32
C ALA C 344 -23.28 -0.80 61.83
N THR C 345 -24.46 -0.60 62.43
CA THR C 345 -24.60 -0.73 63.87
C THR C 345 -24.28 -2.15 64.32
N ARG C 346 -24.78 -3.15 63.60
CA ARG C 346 -24.59 -4.54 63.98
C ARG C 346 -24.31 -5.37 62.73
N PHE C 347 -23.64 -6.49 62.93
CA PHE C 347 -23.32 -7.44 61.87
C PHE C 347 -23.91 -8.80 62.21
N ALA C 348 -23.75 -9.73 61.28
CA ALA C 348 -24.27 -11.08 61.42
C ALA C 348 -23.16 -12.05 61.78
N SER C 349 -23.55 -13.32 61.92
CA SER C 349 -22.59 -14.36 62.25
C SER C 349 -21.79 -14.78 61.01
N VAL C 350 -20.71 -15.51 61.24
CA VAL C 350 -19.88 -15.98 60.14
C VAL C 350 -20.67 -16.90 59.22
N TYR C 351 -21.48 -17.80 59.81
CA TYR C 351 -22.32 -18.66 58.97
C TYR C 351 -23.38 -17.84 58.24
N ALA C 352 -23.94 -16.83 58.91
CA ALA C 352 -24.90 -15.94 58.28
C ALA C 352 -24.20 -14.70 57.76
N TRP C 353 -23.18 -14.89 56.92
CA TRP C 353 -22.43 -13.75 56.41
C TRP C 353 -23.33 -12.86 55.57
N ASN C 354 -23.62 -11.67 56.08
CA ASN C 354 -24.53 -10.75 55.41
C ASN C 354 -23.91 -10.31 54.09
N ARG C 355 -24.76 -10.04 53.10
CA ARG C 355 -24.31 -9.56 51.81
C ARG C 355 -25.01 -8.26 51.47
N LYS C 356 -24.27 -7.33 50.88
CA LYS C 356 -24.80 -6.08 50.35
C LYS C 356 -24.41 -5.97 48.90
N ARG C 357 -25.28 -5.38 48.08
CA ARG C 357 -25.05 -5.25 46.65
C ARG C 357 -24.81 -3.78 46.30
N ILE C 358 -23.92 -3.54 45.34
CA ILE C 358 -23.58 -2.20 44.91
C ILE C 358 -23.57 -2.20 43.39
N SER C 359 -24.41 -1.36 42.81
CA SER C 359 -24.50 -1.20 41.36
C SER C 359 -25.25 0.09 41.07
N ASN C 360 -24.93 0.72 39.95
CA ASN C 360 -25.55 1.98 39.54
C ASN C 360 -25.24 3.08 40.55
N CYS C 361 -23.95 3.27 40.80
CA CYS C 361 -23.47 4.32 41.69
C CYS C 361 -21.98 4.49 41.49
N VAL C 362 -21.47 5.68 41.81
CA VAL C 362 -20.03 5.91 41.73
C VAL C 362 -19.39 5.50 43.05
N ALA C 363 -18.43 4.58 42.96
CA ALA C 363 -17.80 4.00 44.15
C ALA C 363 -16.66 4.90 44.60
N ASP C 364 -16.84 5.57 45.72
CA ASP C 364 -15.80 6.41 46.33
C ASP C 364 -14.95 5.51 47.21
N TYR C 365 -13.71 5.26 46.78
CA TYR C 365 -12.78 4.42 47.50
C TYR C 365 -11.92 5.20 48.48
N SER C 366 -12.16 6.50 48.64
CA SER C 366 -11.40 7.30 49.59
C SER C 366 -11.59 6.84 51.03
N VAL C 367 -12.70 6.15 51.33
CA VAL C 367 -12.91 5.63 52.68
C VAL C 367 -11.88 4.58 53.04
N LEU C 368 -11.55 3.66 52.13
CA LEU C 368 -10.53 2.67 52.39
C LEU C 368 -9.15 3.29 52.54
N TYR C 369 -8.95 4.48 51.99
CA TYR C 369 -7.63 5.10 52.03
C TYR C 369 -7.44 5.93 53.30
N ASN C 370 -8.35 6.89 53.54
CA ASN C 370 -8.17 7.81 54.66
C ASN C 370 -8.23 7.06 55.99
N SER C 371 -9.16 6.13 56.13
CA SER C 371 -9.37 5.42 57.40
C SER C 371 -8.23 4.44 57.62
N ALA C 372 -7.33 4.78 58.53
CA ALA C 372 -6.18 3.93 58.86
C ALA C 372 -6.43 3.02 60.04
N SER C 373 -7.67 2.95 60.54
CA SER C 373 -8.00 2.13 61.70
C SER C 373 -8.19 0.65 61.35
N PHE C 374 -7.69 0.22 60.20
CA PHE C 374 -7.87 -1.15 59.74
C PHE C 374 -6.73 -2.02 60.21
N SER C 375 -7.05 -3.09 60.94
CA SER C 375 -6.04 -4.02 61.41
C SER C 375 -5.47 -4.84 60.28
N THR C 376 -6.32 -5.32 59.37
CA THR C 376 -5.90 -6.09 58.22
C THR C 376 -6.53 -5.50 56.97
N PHE C 377 -5.74 -5.40 55.90
CA PHE C 377 -6.22 -4.88 54.62
C PHE C 377 -5.43 -5.62 53.55
N LYS C 378 -6.02 -6.69 53.00
CA LYS C 378 -5.32 -7.52 52.03
C LYS C 378 -6.14 -7.59 50.75
N CYS C 379 -5.55 -7.17 49.64
CA CYS C 379 -6.21 -7.21 48.35
C CYS C 379 -5.62 -8.31 47.50
N TYR C 380 -6.49 -9.02 46.79
CA TYR C 380 -6.09 -10.13 45.94
C TYR C 380 -6.55 -9.84 44.53
N GLY C 381 -5.69 -10.16 43.56
CA GLY C 381 -6.01 -10.01 42.16
C GLY C 381 -6.05 -8.59 41.65
N VAL C 382 -6.14 -7.60 42.53
CA VAL C 382 -6.20 -6.20 42.14
C VAL C 382 -5.73 -5.36 43.33
N SER C 383 -5.24 -4.15 43.04
CA SER C 383 -4.75 -3.26 44.07
C SER C 383 -5.88 -2.43 44.65
N PRO C 384 -5.73 -1.92 45.88
CA PRO C 384 -6.77 -1.03 46.42
C PRO C 384 -6.62 0.41 45.95
N THR C 385 -5.38 0.81 45.66
CA THR C 385 -5.11 2.19 45.27
C THR C 385 -5.52 2.49 43.84
N LYS C 386 -5.52 1.49 42.95
CA LYS C 386 -5.86 1.70 41.55
C LYS C 386 -7.35 1.55 41.29
N LEU C 387 -8.12 1.17 42.31
CA LEU C 387 -9.56 1.00 42.18
C LEU C 387 -10.30 2.34 42.11
N ASN C 388 -9.66 3.44 42.51
CA ASN C 388 -10.30 4.74 42.42
C ASN C 388 -10.57 5.15 40.97
N ASP C 389 -9.86 4.56 40.00
CA ASP C 389 -10.08 4.81 38.59
C ASP C 389 -10.22 3.46 37.91
N LEU C 390 -11.43 2.92 37.92
CA LEU C 390 -11.74 1.66 37.27
C LEU C 390 -13.26 1.51 37.25
N CYS C 391 -13.74 0.47 36.56
CA CYS C 391 -15.16 0.24 36.43
C CYS C 391 -15.47 -1.24 36.67
N PHE C 392 -16.62 -1.50 37.28
CA PHE C 392 -17.05 -2.86 37.57
C PHE C 392 -18.55 -2.96 37.34
N THR C 393 -18.97 -4.08 36.74
CA THR C 393 -20.40 -4.30 36.51
C THR C 393 -21.15 -4.36 37.83
N ASN C 394 -20.59 -5.06 38.82
CA ASN C 394 -21.25 -5.12 40.12
C ASN C 394 -20.20 -5.28 41.21
N VAL C 395 -20.58 -4.88 42.43
CA VAL C 395 -19.73 -5.01 43.60
C VAL C 395 -20.52 -5.67 44.72
N TYR C 396 -19.92 -6.64 45.38
CA TYR C 396 -20.53 -7.34 46.50
C TYR C 396 -19.74 -7.02 47.76
N ALA C 397 -20.44 -6.56 48.80
CA ALA C 397 -19.84 -6.25 50.09
C ALA C 397 -20.38 -7.26 51.10
N ASP C 398 -19.63 -8.32 51.33
CA ASP C 398 -19.95 -9.28 52.38
C ASP C 398 -19.48 -8.71 53.71
N SER C 399 -20.23 -8.96 54.77
CA SER C 399 -19.91 -8.42 56.08
C SER C 399 -20.28 -9.43 57.15
N PHE C 400 -19.41 -9.59 58.14
CA PHE C 400 -19.68 -10.48 59.26
C PHE C 400 -18.66 -10.23 60.37
N VAL C 401 -18.67 -11.10 61.38
CA VAL C 401 -17.76 -11.02 62.52
C VAL C 401 -17.17 -12.40 62.76
N ILE C 402 -15.84 -12.46 62.95
CA ILE C 402 -15.14 -13.69 63.26
C ILE C 402 -14.12 -13.41 64.35
N ARG C 403 -13.28 -14.40 64.66
CA ARG C 403 -12.21 -14.23 65.61
C ARG C 403 -10.87 -14.05 64.89
N GLY C 404 -9.91 -13.49 65.61
CA GLY C 404 -8.64 -13.14 64.98
C GLY C 404 -7.94 -14.31 64.35
N ASP C 405 -7.87 -15.44 65.07
CA ASP C 405 -7.17 -16.61 64.54
C ASP C 405 -7.75 -17.09 63.22
N GLU C 406 -9.05 -16.89 63.00
CA GLU C 406 -9.70 -17.30 61.78
C GLU C 406 -9.58 -16.26 60.66
N VAL C 407 -9.06 -15.08 60.96
CA VAL C 407 -8.97 -14.04 59.94
C VAL C 407 -8.13 -14.52 58.76
N ARG C 408 -7.00 -15.17 59.06
CA ARG C 408 -6.14 -15.69 57.99
C ARG C 408 -6.89 -16.67 57.10
N GLN C 409 -7.94 -17.32 57.61
CA GLN C 409 -8.72 -18.23 56.80
C GLN C 409 -9.55 -17.51 55.75
N ILE C 410 -9.66 -16.18 55.82
CA ILE C 410 -10.40 -15.41 54.83
C ILE C 410 -9.46 -15.06 53.68
N ALA C 411 -9.31 -15.99 52.74
CA ALA C 411 -8.45 -15.80 51.58
C ALA C 411 -8.59 -17.02 50.69
N PRO C 412 -8.34 -16.89 49.39
CA PRO C 412 -8.46 -18.05 48.50
C PRO C 412 -7.51 -19.16 48.92
N GLY C 413 -7.95 -20.40 48.73
CA GLY C 413 -7.10 -21.54 49.02
C GLY C 413 -6.84 -21.78 50.49
N GLN C 414 -7.72 -21.30 51.37
CA GLN C 414 -7.58 -21.49 52.81
C GLN C 414 -8.48 -22.64 53.27
N THR C 415 -8.02 -23.33 54.30
CA THR C 415 -8.75 -24.46 54.87
C THR C 415 -8.94 -24.22 56.36
N GLY C 416 -10.04 -24.74 56.88
CA GLY C 416 -10.38 -24.56 58.28
C GLY C 416 -11.88 -24.55 58.46
N LYS C 417 -12.29 -24.41 59.72
CA LYS C 417 -13.71 -24.40 60.03
C LYS C 417 -14.44 -23.31 59.25
N ILE C 418 -13.95 -22.08 59.33
CA ILE C 418 -14.58 -20.99 58.59
C ILE C 418 -14.45 -21.22 57.09
N ALA C 419 -13.28 -21.67 56.64
CA ALA C 419 -13.07 -21.86 55.22
C ALA C 419 -14.02 -22.91 54.64
N ASP C 420 -14.27 -23.99 55.38
CA ASP C 420 -15.03 -25.11 54.85
C ASP C 420 -16.52 -25.02 55.11
N TYR C 421 -16.93 -24.46 56.26
CA TYR C 421 -18.31 -24.57 56.72
C TYR C 421 -19.07 -23.26 56.77
N ASN C 422 -18.40 -22.11 56.85
CA ASN C 422 -19.09 -20.85 57.09
C ASN C 422 -18.87 -19.85 55.97
N TYR C 423 -17.64 -19.76 55.46
CA TYR C 423 -17.31 -18.74 54.45
C TYR C 423 -16.11 -19.21 53.64
N LYS C 424 -16.33 -19.45 52.35
CA LYS C 424 -15.28 -19.88 51.44
C LYS C 424 -15.18 -18.89 50.29
N LEU C 425 -13.95 -18.62 49.86
CA LEU C 425 -13.74 -17.75 48.71
C LEU C 425 -13.06 -18.49 47.58
N PRO C 426 -13.41 -18.22 46.33
CA PRO C 426 -12.86 -19.00 45.22
C PRO C 426 -11.39 -18.72 45.00
N ASP C 427 -10.72 -19.69 44.38
CA ASP C 427 -9.29 -19.56 44.11
C ASP C 427 -9.00 -18.38 43.19
N ASP C 428 -9.94 -18.01 42.32
CA ASP C 428 -9.78 -16.89 41.41
C ASP C 428 -10.40 -15.61 41.97
N PHE C 429 -10.44 -15.49 43.29
CA PHE C 429 -11.04 -14.30 43.90
C PHE C 429 -10.25 -13.05 43.53
N THR C 430 -10.99 -11.96 43.29
CA THR C 430 -10.39 -10.68 42.92
C THR C 430 -11.12 -9.58 43.68
N GLY C 431 -10.54 -9.13 44.78
CA GLY C 431 -11.19 -8.12 45.59
C GLY C 431 -10.27 -7.62 46.68
N CYS C 432 -10.87 -7.01 47.69
CA CYS C 432 -10.13 -6.52 48.84
C CYS C 432 -10.84 -6.91 50.13
N VAL C 433 -10.13 -7.63 50.98
CA VAL C 433 -10.63 -8.04 52.28
C VAL C 433 -10.15 -7.03 53.29
N ILE C 434 -11.06 -6.49 54.09
CA ILE C 434 -10.74 -5.54 55.14
C ILE C 434 -11.24 -6.13 56.45
N ALA C 435 -10.50 -5.91 57.52
CA ALA C 435 -10.91 -6.44 58.81
C ALA C 435 -10.35 -5.55 59.90
N TRP C 436 -11.16 -5.29 60.92
CA TRP C 436 -10.65 -4.56 62.08
C TRP C 436 -11.32 -5.05 63.34
N ASN C 437 -10.55 -5.01 64.43
CA ASN C 437 -11.01 -5.54 65.71
C ASN C 437 -12.25 -4.78 66.18
N SER C 438 -13.21 -5.52 66.71
CA SER C 438 -14.44 -4.95 67.26
C SER C 438 -14.61 -5.36 68.72
N ASN C 439 -13.49 -5.51 69.44
CA ASN C 439 -13.56 -5.90 70.84
C ASN C 439 -14.34 -4.90 71.67
N ASN C 440 -14.39 -3.64 71.24
CA ASN C 440 -15.16 -2.63 71.94
C ASN C 440 -16.65 -2.73 71.64
N LEU C 441 -17.03 -3.45 70.58
CA LEU C 441 -18.42 -3.53 70.14
C LEU C 441 -19.03 -4.92 70.29
N ASP C 442 -18.33 -5.96 69.86
CA ASP C 442 -18.85 -7.32 69.84
C ASP C 442 -18.30 -8.16 71.00
N SER C 443 -18.12 -7.55 72.17
CA SER C 443 -17.71 -8.27 73.36
C SER C 443 -18.48 -7.72 74.56
N LYS C 444 -18.96 -8.63 75.40
CA LYS C 444 -19.73 -8.28 76.58
C LYS C 444 -19.01 -8.79 77.82
N VAL C 445 -19.26 -8.11 78.95
CA VAL C 445 -18.63 -8.52 80.21
C VAL C 445 -18.99 -9.96 80.53
N GLY C 446 -20.24 -10.36 80.31
CA GLY C 446 -20.68 -11.72 80.50
C GLY C 446 -20.48 -12.62 79.31
N GLY C 447 -19.84 -12.12 78.25
CA GLY C 447 -19.62 -12.91 77.05
C GLY C 447 -20.71 -12.73 76.03
N ASN C 448 -20.34 -12.24 74.83
CA ASN C 448 -21.30 -12.04 73.76
C ASN C 448 -21.41 -13.35 72.97
N TYR C 449 -22.60 -13.97 73.00
CA TYR C 449 -22.84 -15.24 72.32
C TYR C 449 -23.83 -15.10 71.18
N ASN C 450 -24.13 -13.87 70.76
CA ASN C 450 -25.07 -13.65 69.66
C ASN C 450 -24.53 -14.15 68.33
N TYR C 451 -23.21 -14.21 68.17
CA TYR C 451 -22.60 -14.64 66.92
C TYR C 451 -22.30 -16.13 66.99
N LEU C 452 -22.64 -16.86 65.93
CA LEU C 452 -22.45 -18.30 65.85
C LEU C 452 -21.54 -18.66 64.70
N TYR C 453 -21.34 -19.96 64.52
CA TYR C 453 -20.56 -20.48 63.41
C TYR C 453 -20.85 -21.96 63.26
N ARG C 454 -20.92 -22.42 62.01
CA ARG C 454 -21.15 -23.83 61.74
C ARG C 454 -19.93 -24.63 62.14
N LEU C 455 -20.16 -25.70 62.92
CA LEU C 455 -19.08 -26.55 63.41
C LEU C 455 -18.99 -27.87 62.66
N PHE C 456 -20.12 -28.40 62.20
CA PHE C 456 -20.16 -29.65 61.47
C PHE C 456 -20.95 -29.49 60.18
N ARG C 457 -20.55 -30.25 59.16
CA ARG C 457 -21.28 -30.28 57.89
C ARG C 457 -20.79 -31.48 57.10
N LYS C 458 -21.73 -32.16 56.44
CA LYS C 458 -21.41 -33.37 55.70
C LYS C 458 -20.48 -33.09 54.52
N SER C 459 -20.40 -31.86 54.06
CA SER C 459 -19.52 -31.51 52.95
C SER C 459 -19.09 -30.05 53.07
N ASN C 460 -17.99 -29.72 52.42
CA ASN C 460 -17.48 -28.36 52.43
C ASN C 460 -18.35 -27.46 51.58
N LEU C 461 -18.53 -26.22 52.02
CA LEU C 461 -19.34 -25.26 51.29
C LEU C 461 -18.71 -24.95 49.93
N LYS C 462 -19.56 -24.74 48.93
CA LYS C 462 -19.10 -24.23 47.67
C LYS C 462 -18.75 -22.75 47.81
N PRO C 463 -17.97 -22.19 46.88
CA PRO C 463 -17.57 -20.78 47.02
C PRO C 463 -18.78 -19.87 47.11
N PHE C 464 -18.67 -18.88 48.00
CA PHE C 464 -19.74 -17.90 48.21
C PHE C 464 -21.08 -18.57 48.51
N GLU C 465 -21.03 -19.66 49.27
CA GLU C 465 -22.22 -20.40 49.66
C GLU C 465 -22.63 -19.99 51.06
N ARG C 466 -23.95 -19.86 51.27
CA ARG C 466 -24.51 -19.45 52.55
C ARG C 466 -25.42 -20.57 53.05
N ASP C 467 -24.98 -21.25 54.10
CA ASP C 467 -25.74 -22.34 54.71
C ASP C 467 -26.19 -21.91 56.10
N ILE C 468 -27.48 -22.02 56.37
CA ILE C 468 -28.07 -21.63 57.64
C ILE C 468 -28.91 -22.73 58.25
N SER C 469 -28.90 -23.93 57.67
CA SER C 469 -29.71 -25.03 58.18
C SER C 469 -29.23 -25.44 59.56
N THR C 470 -30.18 -25.85 60.41
CA THR C 470 -29.90 -26.30 61.77
C THR C 470 -30.14 -27.80 61.94
N GLU C 471 -29.99 -28.56 60.86
CA GLU C 471 -30.19 -30.00 60.93
C GLU C 471 -29.17 -30.63 61.86
N ILE C 472 -29.62 -31.60 62.64
CA ILE C 472 -28.74 -32.28 63.59
C ILE C 472 -27.70 -33.07 62.81
N TYR C 473 -26.43 -32.86 63.14
CA TYR C 473 -25.36 -33.53 62.43
C TYR C 473 -25.23 -34.98 62.92
N GLN C 474 -25.13 -35.90 61.96
CA GLN C 474 -24.96 -37.32 62.26
C GLN C 474 -23.48 -37.65 62.22
N ALA C 475 -22.88 -37.88 63.40
CA ALA C 475 -21.47 -38.20 63.49
C ALA C 475 -21.19 -39.70 63.58
N GLY C 476 -22.20 -40.51 63.88
CA GLY C 476 -22.01 -41.94 64.01
C GLY C 476 -22.93 -42.74 63.10
N SER C 477 -22.95 -44.06 63.30
CA SER C 477 -23.79 -44.92 62.47
C SER C 477 -25.27 -44.70 62.76
N THR C 478 -25.63 -44.43 64.01
CA THR C 478 -27.03 -44.28 64.37
C THR C 478 -27.60 -43.01 63.74
N PRO C 479 -28.64 -43.10 62.91
CA PRO C 479 -29.24 -41.88 62.35
C PRO C 479 -29.82 -41.01 63.44
N CYS C 480 -29.70 -39.69 63.25
CA CYS C 480 -30.27 -38.71 64.17
C CYS C 480 -31.57 -38.19 63.58
N ASN C 481 -32.70 -38.63 64.14
CA ASN C 481 -34.02 -38.23 63.66
C ASN C 481 -34.44 -36.89 64.23
N GLY C 482 -33.60 -35.87 64.05
CA GLY C 482 -33.87 -34.56 64.58
C GLY C 482 -33.62 -34.42 66.07
N VAL C 483 -33.05 -35.43 66.72
CA VAL C 483 -32.80 -35.42 68.15
C VAL C 483 -31.30 -35.45 68.40
N GLU C 484 -30.88 -34.75 69.44
CA GLU C 484 -29.48 -34.68 69.83
C GLU C 484 -29.16 -35.73 70.89
N GLY C 485 -27.89 -36.03 71.03
CA GLY C 485 -27.44 -37.04 71.96
C GLY C 485 -26.19 -37.72 71.44
N PHE C 486 -26.16 -39.05 71.57
CA PHE C 486 -25.02 -39.84 71.13
C PHE C 486 -24.79 -39.67 69.64
N ASN C 487 -23.66 -39.05 69.27
CA ASN C 487 -23.34 -38.80 67.86
C ASN C 487 -24.42 -37.98 67.17
N CYS C 488 -25.04 -37.06 67.90
CA CYS C 488 -26.07 -36.17 67.35
C CYS C 488 -25.87 -34.81 68.03
N TYR C 489 -25.11 -33.94 67.36
CA TYR C 489 -24.73 -32.64 67.90
C TYR C 489 -25.29 -31.53 67.03
N PHE C 490 -25.57 -30.39 67.66
CA PHE C 490 -26.07 -29.24 66.91
C PHE C 490 -24.96 -28.68 66.04
N PRO C 491 -25.20 -28.48 64.73
CA PRO C 491 -24.10 -28.07 63.85
C PRO C 491 -23.51 -26.71 64.17
N LEU C 492 -24.25 -25.83 64.85
CA LEU C 492 -23.81 -24.47 65.09
C LEU C 492 -23.33 -24.31 66.52
N GLN C 493 -22.18 -23.64 66.69
CA GLN C 493 -21.61 -23.35 67.99
C GLN C 493 -21.45 -21.84 68.14
N SER C 494 -21.61 -21.35 69.36
CA SER C 494 -21.56 -19.93 69.66
C SER C 494 -20.17 -19.53 70.10
N TYR C 495 -19.71 -18.38 69.62
CA TYR C 495 -18.42 -17.85 70.04
C TYR C 495 -18.48 -17.29 71.45
N GLY C 496 -17.34 -17.32 72.13
CA GLY C 496 -17.20 -16.62 73.40
C GLY C 496 -16.42 -15.34 73.23
N PHE C 497 -17.11 -14.21 73.21
CA PHE C 497 -16.50 -12.89 73.00
C PHE C 497 -16.55 -12.12 74.31
N GLN C 498 -15.39 -11.93 74.92
CA GLN C 498 -15.24 -11.20 76.17
C GLN C 498 -14.13 -10.16 76.05
N PRO C 499 -14.15 -9.11 76.87
CA PRO C 499 -13.08 -8.11 76.79
C PRO C 499 -11.70 -8.68 77.02
N THR C 500 -11.57 -9.72 77.85
CA THR C 500 -10.28 -10.31 78.19
C THR C 500 -9.86 -11.42 77.25
N ASN C 501 -10.64 -11.71 76.21
CA ASN C 501 -10.26 -12.74 75.27
C ASN C 501 -8.98 -12.35 74.53
N GLY C 502 -8.20 -13.37 74.16
CA GLY C 502 -6.97 -13.12 73.45
C GLY C 502 -7.22 -12.49 72.09
N VAL C 503 -6.18 -11.80 71.60
CA VAL C 503 -6.31 -11.06 70.34
C VAL C 503 -6.80 -11.98 69.23
N GLY C 504 -6.31 -13.23 69.20
CA GLY C 504 -6.81 -14.20 68.25
C GLY C 504 -8.26 -14.55 68.45
N TYR C 505 -8.74 -14.55 69.70
CA TYR C 505 -10.14 -14.84 70.00
C TYR C 505 -10.97 -13.57 70.14
N GLN C 506 -10.35 -12.39 70.06
CA GLN C 506 -11.16 -11.18 70.13
C GLN C 506 -11.96 -11.00 68.85
N PRO C 507 -13.14 -10.38 68.93
CA PRO C 507 -13.95 -10.22 67.72
C PRO C 507 -13.31 -9.30 66.71
N TYR C 508 -13.55 -9.60 65.43
CA TYR C 508 -13.07 -8.83 64.31
C TYR C 508 -14.20 -8.70 63.31
N ARG C 509 -14.53 -7.46 62.95
CA ARG C 509 -15.51 -7.19 61.90
C ARG C 509 -14.80 -7.26 60.55
N VAL C 510 -15.30 -8.13 59.68
CA VAL C 510 -14.70 -8.41 58.38
C VAL C 510 -15.66 -7.95 57.30
N VAL C 511 -15.14 -7.14 56.37
CA VAL C 511 -15.88 -6.66 55.22
C VAL C 511 -15.08 -7.02 53.98
N VAL C 512 -15.65 -7.82 53.11
CA VAL C 512 -14.99 -8.29 51.90
C VAL C 512 -15.67 -7.60 50.73
N LEU C 513 -14.89 -6.88 49.91
CA LEU C 513 -15.40 -6.30 48.69
C LEU C 513 -14.92 -7.12 47.52
N SER C 514 -15.85 -7.65 46.74
CA SER C 514 -15.52 -8.39 45.53
C SER C 514 -16.12 -7.65 44.34
N PHE C 515 -15.36 -7.59 43.25
CA PHE C 515 -15.75 -6.83 42.06
C PHE C 515 -15.92 -7.79 40.90
N GLU C 516 -17.11 -7.83 40.33
CA GLU C 516 -17.42 -8.74 39.23
C GLU C 516 -17.73 -7.95 37.97
N LEU C 517 -17.14 -8.39 36.86
CA LEU C 517 -17.26 -7.73 35.56
C LEU C 517 -17.59 -8.80 34.52
N LEU C 518 -18.85 -8.83 34.07
CA LEU C 518 -19.32 -9.79 33.09
C LEU C 518 -19.33 -9.15 31.70
N HIS C 519 -19.91 -9.87 30.74
CA HIS C 519 -20.02 -9.39 29.36
C HIS C 519 -21.18 -8.38 29.25
N ALA C 520 -21.08 -7.33 30.04
CA ALA C 520 -22.06 -6.26 30.07
C ALA C 520 -21.35 -4.96 30.42
N PRO C 521 -21.95 -3.82 30.11
CA PRO C 521 -21.32 -2.54 30.47
C PRO C 521 -21.25 -2.37 31.97
N ALA C 522 -20.25 -1.61 32.42
CA ALA C 522 -19.97 -1.44 33.83
C ALA C 522 -20.65 -0.18 34.35
N THR C 523 -21.42 -0.33 35.44
CA THR C 523 -22.10 0.80 36.06
C THR C 523 -21.28 1.46 37.16
N VAL C 524 -20.58 0.70 37.97
CA VAL C 524 -19.87 1.22 39.13
C VAL C 524 -18.46 1.59 38.67
N CYS C 525 -18.22 2.89 38.55
CA CYS C 525 -16.91 3.42 38.26
C CYS C 525 -16.50 4.40 39.35
N GLY C 526 -15.27 4.86 39.29
CA GLY C 526 -14.78 5.85 40.23
C GLY C 526 -15.24 7.24 39.85
N PRO C 527 -14.98 8.19 40.74
CA PRO C 527 -15.33 9.58 40.45
C PRO C 527 -14.51 10.13 39.29
N LYS C 528 -15.09 11.10 38.59
CA LYS C 528 -14.45 11.76 37.45
C LYS C 528 -14.33 13.24 37.78
N LYS C 529 -13.20 13.62 38.37
CA LYS C 529 -12.99 15.01 38.72
C LYS C 529 -13.03 15.89 37.48
N SER C 530 -13.64 17.06 37.61
CA SER C 530 -13.84 17.98 36.51
C SER C 530 -13.19 19.32 36.81
N THR C 531 -12.69 19.95 35.76
CA THR C 531 -12.03 21.24 35.86
C THR C 531 -13.05 22.36 35.68
N ASN C 532 -12.61 23.58 35.96
CA ASN C 532 -13.47 24.74 35.77
C ASN C 532 -13.67 25.01 34.28
N LEU C 533 -14.75 25.72 33.97
CA LEU C 533 -15.11 26.03 32.59
C LEU C 533 -14.74 27.48 32.28
N VAL C 534 -14.27 27.71 31.06
CA VAL C 534 -13.84 29.03 30.61
C VAL C 534 -14.59 29.36 29.33
N LYS C 535 -15.12 30.59 29.26
CA LYS C 535 -15.91 31.05 28.13
C LYS C 535 -15.14 32.11 27.35
N ASN C 536 -15.52 32.27 26.07
CA ASN C 536 -14.98 33.32 25.22
C ASN C 536 -13.48 33.20 25.01
N LYS C 537 -12.96 31.97 25.01
CA LYS C 537 -11.55 31.73 24.73
C LYS C 537 -11.41 30.41 24.00
N CYS C 538 -10.39 30.33 23.15
CA CYS C 538 -10.15 29.12 22.36
C CYS C 538 -9.55 28.04 23.25
N VAL C 539 -10.36 27.04 23.59
CA VAL C 539 -9.96 25.97 24.50
C VAL C 539 -10.22 24.62 23.83
N ASN C 540 -9.50 23.61 24.33
CA ASN C 540 -9.72 22.22 23.94
C ASN C 540 -10.67 21.62 24.96
N PHE C 541 -11.90 21.35 24.54
CA PHE C 541 -12.96 20.92 25.43
C PHE C 541 -13.20 19.43 25.32
N ASN C 542 -13.72 18.86 26.42
CA ASN C 542 -14.09 17.46 26.50
C ASN C 542 -15.33 17.37 27.40
N PHE C 543 -16.51 17.23 26.78
CA PHE C 543 -17.77 17.12 27.50
C PHE C 543 -18.29 15.69 27.36
N ASN C 544 -18.29 14.95 28.46
CA ASN C 544 -18.84 13.59 28.48
C ASN C 544 -18.22 12.72 27.40
N GLY C 545 -16.90 12.86 27.22
CA GLY C 545 -16.17 12.09 26.25
C GLY C 545 -16.18 12.66 24.84
N LEU C 546 -17.04 13.63 24.57
CA LEU C 546 -17.03 14.33 23.29
C LEU C 546 -15.92 15.37 23.32
N THR C 547 -14.89 15.15 22.52
CA THR C 547 -13.72 16.01 22.50
C THR C 547 -13.76 16.93 21.29
N GLY C 548 -13.11 18.08 21.42
CA GLY C 548 -13.02 19.01 20.32
C GLY C 548 -12.24 20.24 20.73
N THR C 549 -12.11 21.16 19.78
CA THR C 549 -11.42 22.41 20.00
C THR C 549 -12.31 23.56 19.52
N GLY C 550 -12.37 24.63 20.28
CA GLY C 550 -13.16 25.76 19.86
C GLY C 550 -13.35 26.75 20.99
N VAL C 551 -14.19 27.74 20.70
CA VAL C 551 -14.59 28.74 21.67
C VAL C 551 -16.00 28.41 22.13
N LEU C 552 -16.17 28.30 23.44
CA LEU C 552 -17.47 28.03 24.04
C LEU C 552 -18.09 29.37 24.44
N THR C 553 -19.29 29.64 23.92
CA THR C 553 -19.95 30.91 24.16
C THR C 553 -21.36 30.66 24.66
N GLU C 554 -21.85 31.55 25.51
CA GLU C 554 -23.21 31.43 26.00
C GLU C 554 -24.19 31.59 24.84
N SER C 555 -25.25 30.79 24.87
CA SER C 555 -26.16 30.67 23.75
C SER C 555 -27.58 30.94 24.19
N ASN C 556 -28.50 30.91 23.23
CA ASN C 556 -29.91 31.10 23.47
C ASN C 556 -30.75 29.98 22.84
N LYS C 557 -30.10 28.91 22.41
CA LYS C 557 -30.79 27.77 21.81
C LYS C 557 -31.45 26.98 22.93
N LYS C 558 -32.65 26.47 22.66
CA LYS C 558 -33.42 25.74 23.66
C LYS C 558 -33.41 24.26 23.32
N PHE C 559 -32.45 23.53 23.88
CA PHE C 559 -32.46 22.08 23.76
C PHE C 559 -33.69 21.50 24.43
N LEU C 560 -34.02 20.26 24.09
CA LEU C 560 -35.05 19.56 24.82
C LEU C 560 -34.46 18.92 26.07
N PRO C 561 -35.29 18.55 27.05
CA PRO C 561 -34.75 18.01 28.30
C PRO C 561 -33.85 16.81 28.11
N PHE C 562 -34.12 15.97 27.12
CA PHE C 562 -33.35 14.74 26.93
C PHE C 562 -32.21 14.88 25.92
N GLN C 563 -32.10 16.02 25.24
CA GLN C 563 -31.08 16.20 24.23
C GLN C 563 -29.83 16.76 24.86
N GLN C 564 -28.69 16.14 24.56
CA GLN C 564 -27.43 16.45 25.22
C GLN C 564 -26.41 17.12 24.32
N PHE C 565 -26.62 17.13 23.01
CA PHE C 565 -25.69 17.73 22.06
C PHE C 565 -26.46 18.33 20.89
N GLY C 566 -25.76 19.18 20.14
CA GLY C 566 -26.29 19.71 18.90
C GLY C 566 -25.37 19.41 17.74
N ARG C 567 -25.88 19.49 16.51
CA ARG C 567 -25.07 19.23 15.34
C ARG C 567 -25.53 20.12 14.19
N ASP C 568 -24.64 20.28 13.21
CA ASP C 568 -24.88 21.12 12.05
C ASP C 568 -25.17 20.23 10.83
N ILE C 569 -25.32 20.87 9.67
CA ILE C 569 -25.61 20.12 8.45
C ILE C 569 -24.51 19.12 8.16
N ALA C 570 -23.26 19.50 8.41
CA ALA C 570 -22.13 18.60 8.21
C ALA C 570 -22.00 17.57 9.32
N ASP C 571 -22.93 17.54 10.28
CA ASP C 571 -22.91 16.64 11.42
C ASP C 571 -21.82 16.98 12.42
N THR C 572 -21.17 18.13 12.27
CA THR C 572 -20.16 18.55 13.22
C THR C 572 -20.80 19.15 14.46
N THR C 573 -20.13 18.96 15.60
CA THR C 573 -20.65 19.48 16.85
C THR C 573 -20.78 21.00 16.77
N ASP C 574 -21.93 21.51 17.20
CA ASP C 574 -22.18 22.95 17.22
C ASP C 574 -22.51 23.47 18.60
N ALA C 575 -23.38 22.77 19.34
CA ALA C 575 -23.76 23.21 20.67
C ALA C 575 -23.67 22.03 21.61
N VAL C 576 -23.39 22.32 22.87
CA VAL C 576 -23.29 21.30 23.91
C VAL C 576 -23.88 21.88 25.19
N ARG C 577 -24.47 20.99 25.99
CA ARG C 577 -25.06 21.39 27.26
C ARG C 577 -24.10 21.01 28.37
N ASP C 578 -23.71 22.00 29.17
CA ASP C 578 -22.80 21.76 30.29
C ASP C 578 -23.44 20.76 31.25
N PRO C 579 -22.89 19.55 31.39
CA PRO C 579 -23.58 18.54 32.22
C PRO C 579 -23.80 18.97 33.66
N GLN C 580 -22.87 19.70 34.27
CA GLN C 580 -23.01 20.10 35.67
C GLN C 580 -24.06 21.18 35.85
N THR C 581 -24.07 22.20 34.99
CA THR C 581 -25.09 23.24 34.99
C THR C 581 -25.79 23.21 33.65
N LEU C 582 -27.11 22.96 33.67
CA LEU C 582 -27.86 22.69 32.45
C LEU C 582 -28.10 23.99 31.69
N GLU C 583 -27.06 24.40 30.96
CA GLU C 583 -27.12 25.54 30.05
C GLU C 583 -26.53 25.13 28.71
N ILE C 584 -26.86 25.88 27.66
CA ILE C 584 -26.47 25.55 26.30
C ILE C 584 -25.34 26.48 25.88
N LEU C 585 -24.23 25.90 25.43
CA LEU C 585 -23.07 26.64 24.97
C LEU C 585 -22.85 26.34 23.49
N ASP C 586 -22.75 27.39 22.69
CA ASP C 586 -22.40 27.24 21.29
C ASP C 586 -20.90 27.08 21.16
N ILE C 587 -20.49 26.18 20.27
CA ILE C 587 -19.08 25.89 20.03
C ILE C 587 -18.71 26.42 18.66
N THR C 588 -17.83 27.43 18.63
CA THR C 588 -17.39 28.02 17.38
C THR C 588 -15.93 27.67 17.15
N PRO C 589 -15.56 27.01 16.05
CA PRO C 589 -14.15 26.63 15.86
C PRO C 589 -13.24 27.84 15.93
N CYS C 590 -12.05 27.64 16.49
CA CYS C 590 -11.16 28.75 16.78
C CYS C 590 -10.78 29.49 15.50
N SER C 591 -10.66 30.81 15.62
CA SER C 591 -10.45 31.66 14.45
C SER C 591 -9.18 31.26 13.73
N PHE C 592 -9.25 31.27 12.40
CA PHE C 592 -8.10 30.98 11.56
C PHE C 592 -8.31 31.67 10.22
N GLY C 593 -7.23 31.81 9.46
CA GLY C 593 -7.34 32.39 8.15
C GLY C 593 -6.01 32.54 7.44
N GLY C 594 -5.89 33.61 6.64
CA GLY C 594 -4.69 33.83 5.87
C GLY C 594 -4.11 35.19 6.19
N VAL C 595 -2.80 35.29 5.98
CA VAL C 595 -2.07 36.53 6.19
C VAL C 595 -1.72 37.09 4.82
N SER C 596 -2.18 38.31 4.55
CA SER C 596 -1.88 38.98 3.30
C SER C 596 -1.03 40.21 3.61
N VAL C 597 -0.18 40.58 2.66
CA VAL C 597 0.72 41.72 2.81
C VAL C 597 0.33 42.76 1.78
N ILE C 598 -0.22 43.87 2.25
CA ILE C 598 -0.57 45.00 1.40
C ILE C 598 0.66 45.87 1.29
N THR C 599 1.22 45.96 0.08
CA THR C 599 2.49 46.64 -0.11
C THR C 599 2.44 47.51 -1.36
N PRO C 600 2.76 48.80 -1.24
CA PRO C 600 3.02 49.58 -2.44
C PRO C 600 4.28 49.09 -3.12
N GLY C 601 4.39 49.35 -4.42
CA GLY C 601 5.52 48.86 -5.17
C GLY C 601 6.83 49.20 -4.49
N THR C 602 7.69 48.20 -4.34
CA THR C 602 8.95 48.41 -3.65
C THR C 602 9.81 49.47 -4.30
N ASN C 603 9.57 49.79 -5.58
CA ASN C 603 10.22 50.91 -6.22
C ASN C 603 9.84 52.24 -5.57
N THR C 604 8.78 52.26 -4.77
CA THR C 604 8.34 53.47 -4.07
C THR C 604 8.70 53.45 -2.59
N SER C 605 8.31 52.42 -1.85
CA SER C 605 8.60 52.35 -0.43
C SER C 605 8.55 50.91 0.03
N ASN C 606 9.27 50.63 1.11
CA ASN C 606 9.33 49.29 1.69
C ASN C 606 8.37 49.10 2.84
N GLN C 607 7.59 50.11 3.19
CA GLN C 607 6.63 49.99 4.27
C GLN C 607 5.39 49.25 3.78
N VAL C 608 4.87 48.34 4.60
CA VAL C 608 3.74 47.51 4.23
C VAL C 608 2.79 47.39 5.41
N ALA C 609 1.64 46.77 5.14
CA ALA C 609 0.66 46.47 6.16
C ALA C 609 0.28 45.00 6.06
N VAL C 610 -0.20 44.44 7.16
CA VAL C 610 -0.52 43.01 7.24
C VAL C 610 -2.00 42.86 7.54
N LEU C 611 -2.68 42.03 6.76
CA LEU C 611 -4.11 41.79 6.91
C LEU C 611 -4.31 40.32 7.30
N TYR C 612 -4.82 40.10 8.50
CA TYR C 612 -5.22 38.77 8.95
C TYR C 612 -6.69 38.61 8.63
N GLN C 613 -7.00 37.75 7.66
CA GLN C 613 -8.37 37.67 7.17
C GLN C 613 -9.25 36.94 8.18
N ASP C 614 -10.48 37.44 8.33
CA ASP C 614 -11.54 36.70 9.01
C ASP C 614 -11.17 36.36 10.45
N VAL C 615 -10.52 37.30 11.13
CA VAL C 615 -10.20 37.15 12.54
C VAL C 615 -10.54 38.44 13.27
N ASN C 616 -10.66 38.34 14.58
CA ASN C 616 -10.84 39.50 15.45
C ASN C 616 -9.47 40.09 15.81
N CYS C 617 -9.46 41.38 16.13
CA CYS C 617 -8.23 42.07 16.54
C CYS C 617 -7.97 41.87 18.03
N THR C 618 -8.02 40.62 18.46
CA THR C 618 -7.68 40.25 19.82
C THR C 618 -6.55 39.22 19.80
N GLU C 619 -6.70 38.19 18.97
CA GLU C 619 -5.76 37.08 18.96
C GLU C 619 -4.41 37.48 18.38
N VAL C 620 -4.40 38.38 17.40
CA VAL C 620 -3.16 38.76 16.75
C VAL C 620 -2.20 39.34 17.78
N ASN C 641 -2.07 50.97 16.43
CA ASN C 641 -2.45 51.16 15.03
C ASN C 641 -3.05 49.89 14.45
N VAL C 642 -4.29 49.60 14.82
CA VAL C 642 -5.00 48.39 14.38
C VAL C 642 -6.39 48.80 13.90
N PHE C 643 -6.86 48.15 12.84
CA PHE C 643 -8.14 48.46 12.22
C PHE C 643 -8.94 47.17 12.12
N GLN C 644 -10.18 47.20 12.58
CA GLN C 644 -11.07 46.05 12.47
C GLN C 644 -12.07 46.30 11.36
N THR C 645 -11.84 45.68 10.20
CA THR C 645 -12.73 45.85 9.05
C THR C 645 -13.38 44.52 8.75
N ARG C 646 -14.38 44.55 7.88
CA ARG C 646 -15.07 43.32 7.51
C ARG C 646 -14.19 42.39 6.69
N ALA C 647 -13.03 42.87 6.23
CA ALA C 647 -12.05 42.00 5.61
C ALA C 647 -11.16 41.28 6.61
N GLY C 648 -11.18 41.70 7.87
CA GLY C 648 -10.37 41.07 8.90
C GLY C 648 -9.74 42.12 9.80
N CYS C 649 -8.53 41.80 10.26
CA CYS C 649 -7.76 42.69 11.11
C CYS C 649 -6.60 43.25 10.29
N LEU C 650 -6.57 44.56 10.13
CA LEU C 650 -5.53 45.23 9.34
C LEU C 650 -4.58 45.93 10.30
N ILE C 651 -3.29 45.73 10.08
CA ILE C 651 -2.25 46.23 10.98
C ILE C 651 -1.23 47.00 10.16
N GLY C 652 -0.91 48.21 10.59
CA GLY C 652 0.05 49.06 9.93
C GLY C 652 -0.56 50.07 8.99
N ALA C 653 -1.89 50.06 8.82
CA ALA C 653 -2.57 50.96 7.92
C ALA C 653 -3.42 51.96 8.71
N GLU C 654 -3.28 53.23 8.38
CA GLU C 654 -4.06 54.27 9.03
C GLU C 654 -5.42 54.40 8.38
N HIS C 655 -6.46 54.46 9.18
CA HIS C 655 -7.82 54.59 8.67
C HIS C 655 -8.09 56.04 8.32
N VAL C 656 -8.63 56.28 7.13
CA VAL C 656 -8.88 57.63 6.63
C VAL C 656 -10.38 57.83 6.51
N ASN C 657 -10.88 58.91 7.10
CA ASN C 657 -12.30 59.24 6.96
C ASN C 657 -12.66 59.55 5.52
N ASN C 658 -11.82 60.32 4.83
CA ASN C 658 -12.12 60.71 3.46
C ASN C 658 -12.06 59.49 2.54
N SER C 659 -12.98 59.43 1.59
CA SER C 659 -13.01 58.35 0.62
C SER C 659 -12.22 58.72 -0.61
N TYR C 660 -11.70 57.70 -1.29
CA TYR C 660 -10.92 57.89 -2.50
C TYR C 660 -11.25 56.76 -3.47
N GLU C 661 -10.61 56.80 -4.63
CA GLU C 661 -10.77 55.73 -5.60
C GLU C 661 -10.00 54.49 -5.14
N CYS C 662 -10.60 53.32 -5.35
CA CYS C 662 -9.94 52.08 -4.96
C CYS C 662 -8.60 51.95 -5.67
N ASP C 663 -7.56 51.63 -4.91
CA ASP C 663 -6.21 51.54 -5.45
C ASP C 663 -5.67 50.13 -5.31
N ILE C 664 -5.72 49.60 -4.09
CA ILE C 664 -5.32 48.23 -3.79
C ILE C 664 -6.53 47.53 -3.16
N PRO C 665 -7.17 46.58 -3.84
CA PRO C 665 -8.43 46.05 -3.32
C PRO C 665 -8.21 45.06 -2.19
N ILE C 666 -8.64 45.43 -1.00
CA ILE C 666 -8.67 44.55 0.14
C ILE C 666 -9.92 43.68 0.12
N GLY C 667 -11.07 44.29 0.19
CA GLY C 667 -12.34 43.57 0.17
C GLY C 667 -13.37 44.24 1.06
N ALA C 668 -14.61 43.78 0.93
CA ALA C 668 -15.72 44.33 1.71
C ALA C 668 -15.82 45.84 1.54
N GLY C 669 -15.56 46.32 0.33
CA GLY C 669 -15.64 47.72 0.03
C GLY C 669 -14.44 48.53 0.48
N ILE C 670 -13.40 47.89 1.01
CA ILE C 670 -12.23 48.57 1.54
C ILE C 670 -11.06 48.36 0.59
N CYS C 671 -10.37 49.44 0.25
CA CYS C 671 -9.14 49.39 -0.52
C CYS C 671 -8.09 50.25 0.16
N ALA C 672 -6.82 49.91 -0.08
CA ALA C 672 -5.71 50.61 0.54
C ALA C 672 -4.90 51.33 -0.53
N SER C 673 -4.07 52.26 -0.07
CA SER C 673 -3.21 53.03 -0.96
C SER C 673 -2.06 53.61 -0.15
N TYR C 674 -1.15 54.29 -0.84
CA TYR C 674 0.04 54.88 -0.22
C TYR C 674 -0.02 56.39 -0.42
N GLN C 675 -0.22 57.13 0.67
CA GLN C 675 -0.36 58.58 0.59
C GLN C 675 0.07 59.19 1.91
N THR C 676 0.14 60.52 1.94
CA THR C 676 0.50 61.25 3.15
C THR C 676 -0.69 61.33 4.11
N SER C 689 6.70 61.36 5.75
CA SER C 689 5.36 61.88 5.91
C SER C 689 4.32 60.96 5.26
N GLN C 690 4.79 60.08 4.38
CA GLN C 690 3.92 59.17 3.66
C GLN C 690 3.73 57.88 4.44
N SER C 691 2.57 57.25 4.23
CA SER C 691 2.24 56.00 4.90
C SER C 691 1.07 55.36 4.16
N ILE C 692 0.75 54.13 4.57
CA ILE C 692 -0.33 53.38 3.95
C ILE C 692 -1.65 53.72 4.63
N ILE C 693 -2.70 53.88 3.84
CA ILE C 693 -4.02 54.19 4.33
C ILE C 693 -5.02 53.18 3.76
N ALA C 694 -6.11 52.98 4.50
CA ALA C 694 -7.21 52.11 4.08
C ALA C 694 -8.50 52.89 4.16
N TYR C 695 -9.37 52.70 3.17
CA TYR C 695 -10.56 53.54 3.05
C TYR C 695 -11.63 52.80 2.28
N THR C 696 -12.86 53.30 2.40
CA THR C 696 -13.98 52.77 1.63
C THR C 696 -14.02 53.46 0.27
N MET C 697 -14.04 52.68 -0.80
CA MET C 697 -13.94 53.25 -2.14
C MET C 697 -15.22 53.96 -2.54
N SER C 698 -15.08 54.99 -3.36
CA SER C 698 -16.17 55.90 -3.67
C SER C 698 -16.86 55.56 -4.99
N LEU C 699 -16.20 54.75 -5.82
CA LEU C 699 -16.73 54.33 -7.12
C LEU C 699 -16.60 55.41 -8.18
N GLY C 700 -16.11 56.59 -7.79
CA GLY C 700 -15.91 57.69 -8.72
C GLY C 700 -16.69 58.92 -8.32
N ALA C 701 -16.36 60.01 -8.99
CA ALA C 701 -16.96 61.30 -8.67
C ALA C 701 -18.45 61.31 -9.01
N GLU C 702 -19.21 62.11 -8.27
CA GLU C 702 -20.65 62.23 -8.48
C GLU C 702 -20.91 63.32 -9.51
N ASN C 703 -21.83 63.05 -10.43
CA ASN C 703 -22.16 64.01 -11.48
C ASN C 703 -23.66 63.88 -11.77
N SER C 704 -24.47 64.72 -11.13
CA SER C 704 -25.89 64.78 -11.45
C SER C 704 -26.07 65.44 -12.80
N VAL C 705 -27.03 64.92 -13.58
CA VAL C 705 -27.32 65.42 -14.91
C VAL C 705 -28.37 66.50 -14.80
N ALA C 706 -28.12 67.66 -15.41
CA ALA C 706 -29.05 68.77 -15.36
C ALA C 706 -30.24 68.50 -16.28
N TYR C 707 -31.01 67.48 -15.89
CA TYR C 707 -32.13 67.02 -16.71
C TYR C 707 -33.35 67.91 -16.51
N SER C 708 -33.93 68.34 -17.63
CA SER C 708 -35.17 69.11 -17.61
C SER C 708 -35.96 68.73 -18.86
N ASN C 709 -37.26 68.91 -18.79
CA ASN C 709 -38.14 68.41 -19.83
C ASN C 709 -38.03 69.17 -21.14
N ASN C 710 -37.32 70.29 -21.17
CA ASN C 710 -37.23 71.08 -22.39
C ASN C 710 -35.82 71.60 -22.61
N SER C 711 -34.80 70.85 -22.18
CA SER C 711 -33.41 71.24 -22.38
C SER C 711 -32.64 70.05 -22.92
N ILE C 712 -31.90 70.27 -24.00
CA ILE C 712 -31.11 69.23 -24.66
C ILE C 712 -29.69 69.75 -24.84
N ALA C 713 -28.71 68.92 -24.56
CA ALA C 713 -27.31 69.28 -24.72
C ALA C 713 -26.78 68.64 -25.99
N ILE C 714 -26.22 69.46 -26.87
CA ILE C 714 -25.72 69.02 -28.17
C ILE C 714 -24.23 69.31 -28.23
N PRO C 715 -23.40 68.42 -28.75
CA PRO C 715 -21.98 68.74 -28.88
C PRO C 715 -21.72 69.62 -30.08
N THR C 716 -20.79 70.56 -29.91
CA THR C 716 -20.35 71.43 -30.99
C THR C 716 -18.99 71.05 -31.55
N ASN C 717 -18.33 70.06 -30.96
CA ASN C 717 -16.99 69.66 -31.37
C ASN C 717 -16.84 68.17 -31.14
N PHE C 718 -15.62 67.67 -31.28
CA PHE C 718 -15.39 66.25 -31.13
C PHE C 718 -13.91 65.99 -30.91
N THR C 719 -13.59 64.73 -30.61
CA THR C 719 -12.22 64.28 -30.52
C THR C 719 -12.13 62.86 -31.03
N ILE C 720 -11.13 62.60 -31.88
CA ILE C 720 -10.86 61.28 -32.41
C ILE C 720 -9.84 60.62 -31.51
N SER C 721 -10.27 59.62 -30.75
CA SER C 721 -9.43 58.96 -29.77
C SER C 721 -9.10 57.54 -30.23
N VAL C 722 -7.86 57.13 -30.02
CA VAL C 722 -7.37 55.82 -30.41
C VAL C 722 -7.10 55.01 -29.14
N THR C 723 -7.76 53.87 -29.02
CA THR C 723 -7.61 52.99 -27.87
C THR C 723 -6.93 51.70 -28.30
N THR C 724 -6.30 51.04 -27.34
CA THR C 724 -5.58 49.79 -27.59
C THR C 724 -6.29 48.67 -26.86
N GLU C 725 -6.57 47.59 -27.57
CA GLU C 725 -7.26 46.42 -27.01
C GLU C 725 -6.47 45.17 -27.34
N ILE C 726 -6.11 44.39 -26.32
CA ILE C 726 -5.18 43.28 -26.46
C ILE C 726 -5.91 41.98 -26.19
N LEU C 727 -5.75 41.00 -27.08
CA LEU C 727 -6.43 39.73 -26.96
C LEU C 727 -5.46 38.58 -27.19
N PRO C 728 -5.37 37.60 -26.29
CA PRO C 728 -4.61 36.39 -26.60
C PRO C 728 -5.27 35.62 -27.73
N VAL C 729 -4.46 34.94 -28.54
CA VAL C 729 -4.95 34.15 -29.65
C VAL C 729 -4.51 32.69 -29.55
N SER C 730 -3.26 32.45 -29.18
CA SER C 730 -2.74 31.09 -29.13
C SER C 730 -1.77 30.96 -27.97
N MET C 731 -1.51 29.72 -27.58
CA MET C 731 -0.59 29.42 -26.49
C MET C 731 0.47 28.45 -26.98
N THR C 732 1.49 28.25 -26.16
CA THR C 732 2.60 27.37 -26.52
C THR C 732 2.10 25.96 -26.83
N LYS C 733 2.58 25.41 -27.95
CA LYS C 733 2.16 24.08 -28.39
C LYS C 733 3.03 23.03 -27.71
N THR C 734 2.81 22.85 -26.41
CA THR C 734 3.57 21.86 -25.66
C THR C 734 3.10 20.45 -25.98
N SER C 735 3.99 19.49 -25.78
CA SER C 735 3.66 18.09 -26.00
C SER C 735 4.55 17.25 -25.09
N VAL C 736 3.95 16.32 -24.35
CA VAL C 736 4.65 15.54 -23.34
C VAL C 736 4.59 14.08 -23.72
N ASP C 737 5.73 13.41 -23.71
CA ASP C 737 5.81 11.98 -23.96
C ASP C 737 5.56 11.27 -22.63
N CYS C 738 4.37 10.67 -22.49
CA CYS C 738 3.99 10.06 -21.22
C CYS C 738 5.00 9.00 -20.78
N THR C 739 5.38 8.10 -21.68
CA THR C 739 6.28 7.02 -21.30
C THR C 739 7.61 7.55 -20.83
N MET C 740 8.19 8.52 -21.55
CA MET C 740 9.47 9.07 -21.16
C MET C 740 9.37 9.81 -19.83
N TYR C 741 8.31 10.60 -19.64
CA TYR C 741 8.20 11.38 -18.41
C TYR C 741 8.03 10.47 -17.20
N ILE C 742 7.07 9.56 -17.25
CA ILE C 742 6.80 8.71 -16.09
C ILE C 742 7.92 7.70 -15.89
N CYS C 743 8.42 7.12 -16.98
CA CYS C 743 9.35 6.00 -16.91
C CYS C 743 10.60 6.27 -17.73
N GLY C 744 11.21 7.45 -17.56
CA GLY C 744 12.36 7.79 -18.37
C GLY C 744 13.47 6.78 -18.32
N ASP C 745 13.70 6.09 -19.45
CA ASP C 745 14.83 5.17 -19.59
C ASP C 745 14.82 4.11 -18.49
N SER C 746 13.70 3.40 -18.35
CA SER C 746 13.56 2.32 -17.39
C SER C 746 12.63 1.27 -17.98
N THR C 747 13.20 0.13 -18.38
CA THR C 747 12.38 -0.92 -18.97
C THR C 747 11.38 -1.48 -17.96
N GLU C 748 11.81 -1.67 -16.71
CA GLU C 748 10.91 -2.18 -15.69
C GLU C 748 9.75 -1.22 -15.46
N CYS C 749 10.04 0.07 -15.39
CA CYS C 749 8.99 1.06 -15.22
C CYS C 749 8.04 1.04 -16.41
N SER C 750 8.57 0.91 -17.62
CA SER C 750 7.70 0.83 -18.79
C SER C 750 6.79 -0.39 -18.72
N ASN C 751 7.33 -1.53 -18.33
CA ASN C 751 6.51 -2.73 -18.20
C ASN C 751 5.42 -2.54 -17.17
N LEU C 752 5.76 -1.95 -16.02
CA LEU C 752 4.76 -1.72 -14.98
C LEU C 752 3.69 -0.75 -15.48
N LEU C 753 4.09 0.30 -16.19
CA LEU C 753 3.12 1.26 -16.71
C LEU C 753 2.21 0.63 -17.76
N LEU C 754 2.72 -0.34 -18.50
CA LEU C 754 1.88 -1.01 -19.50
C LEU C 754 0.66 -1.66 -18.88
N GLN C 755 0.70 -1.94 -17.58
CA GLN C 755 -0.46 -2.49 -16.88
C GLN C 755 -1.60 -1.49 -16.77
N TYR C 756 -1.35 -0.21 -17.02
CA TYR C 756 -2.37 0.82 -16.91
C TYR C 756 -3.10 1.07 -18.22
N GLY C 757 -2.82 0.29 -19.25
CA GLY C 757 -3.56 0.41 -20.49
C GLY C 757 -3.31 1.72 -21.20
N SER C 758 -4.38 2.45 -21.47
CA SER C 758 -4.35 3.63 -22.32
C SER C 758 -4.06 4.93 -21.57
N PHE C 759 -3.77 4.86 -20.27
CA PHE C 759 -3.51 6.08 -19.51
C PHE C 759 -2.33 6.84 -20.08
N CYS C 760 -1.49 6.17 -20.87
CA CYS C 760 -0.35 6.83 -21.49
C CYS C 760 -0.77 7.55 -22.77
N THR C 761 -1.52 6.87 -23.63
CA THR C 761 -1.79 7.40 -24.97
C THR C 761 -2.82 8.52 -24.95
N GLN C 762 -3.85 8.42 -24.11
CA GLN C 762 -4.90 9.44 -24.13
C GLN C 762 -4.34 10.83 -23.83
N LEU C 763 -3.34 10.93 -22.97
CA LEU C 763 -2.70 12.23 -22.74
C LEU C 763 -2.06 12.75 -24.03
N ASN C 764 -1.41 11.88 -24.79
CA ASN C 764 -0.84 12.29 -26.06
C ASN C 764 -1.92 12.78 -27.00
N ARG C 765 -3.05 12.07 -27.06
CA ARG C 765 -4.13 12.49 -27.95
C ARG C 765 -4.67 13.86 -27.53
N ALA C 766 -4.87 14.07 -26.23
CA ALA C 766 -5.41 15.35 -25.77
C ALA C 766 -4.45 16.49 -26.09
N LEU C 767 -3.15 16.29 -25.82
CA LEU C 767 -2.19 17.34 -26.12
C LEU C 767 -2.09 17.59 -27.61
N THR C 768 -2.20 16.56 -28.44
CA THR C 768 -2.22 16.76 -29.88
C THR C 768 -3.43 17.59 -30.29
N GLY C 769 -4.58 17.30 -29.69
CA GLY C 769 -5.77 18.10 -30.00
C GLY C 769 -5.58 19.56 -29.65
N ILE C 770 -5.01 19.84 -28.47
CA ILE C 770 -4.75 21.22 -28.09
C ILE C 770 -3.80 21.87 -29.09
N ALA C 771 -2.75 21.16 -29.47
CA ALA C 771 -1.77 21.73 -30.39
C ALA C 771 -2.42 22.06 -31.73
N VAL C 772 -3.29 21.18 -32.22
CA VAL C 772 -3.99 21.46 -33.47
C VAL C 772 -4.89 22.69 -33.33
N GLU C 773 -5.62 22.77 -32.22
CA GLU C 773 -6.52 23.89 -32.04
C GLU C 773 -5.77 25.21 -31.94
N GLN C 774 -4.52 25.21 -31.49
CA GLN C 774 -3.75 26.46 -31.49
C GLN C 774 -3.56 27.00 -32.91
N ASP C 775 -3.13 26.14 -33.84
CA ASP C 775 -2.99 26.57 -35.21
C ASP C 775 -4.35 26.95 -35.80
N LYS C 776 -5.40 26.23 -35.44
CA LYS C 776 -6.73 26.60 -35.91
C LYS C 776 -7.08 28.01 -35.45
N ASN C 777 -6.80 28.34 -34.19
CA ASN C 777 -7.11 29.67 -33.67
C ASN C 777 -6.34 30.75 -34.41
N THR C 778 -5.03 30.56 -34.59
CA THR C 778 -4.26 31.57 -35.30
C THR C 778 -4.76 31.75 -36.73
N GLN C 779 -5.04 30.64 -37.41
CA GLN C 779 -5.53 30.71 -38.78
C GLN C 779 -6.84 31.48 -38.83
N GLU C 780 -7.79 31.16 -37.94
CA GLU C 780 -9.07 31.85 -37.95
C GLU C 780 -8.91 33.34 -37.67
N VAL C 781 -8.07 33.70 -36.70
CA VAL C 781 -7.95 35.10 -36.32
C VAL C 781 -7.33 35.92 -37.44
N PHE C 782 -6.25 35.42 -38.04
CA PHE C 782 -5.52 36.22 -39.02
C PHE C 782 -5.85 35.89 -40.47
N ALA C 783 -6.00 34.62 -40.83
CA ALA C 783 -6.19 34.24 -42.22
C ALA C 783 -7.63 34.47 -42.68
N GLN C 784 -8.04 35.74 -42.58
CA GLN C 784 -9.37 36.15 -43.02
C GLN C 784 -9.35 36.98 -44.29
N VAL C 785 -8.17 37.15 -44.91
CA VAL C 785 -8.04 37.91 -46.14
C VAL C 785 -7.52 36.97 -47.21
N LYS C 786 -8.24 36.89 -48.34
CA LYS C 786 -7.88 35.94 -49.38
C LYS C 786 -6.55 36.29 -50.06
N GLN C 787 -6.32 37.56 -50.36
CA GLN C 787 -5.13 37.99 -51.08
C GLN C 787 -4.30 38.89 -50.18
N ILE C 788 -3.04 39.06 -50.56
CA ILE C 788 -2.10 39.87 -49.78
C ILE C 788 -1.97 41.22 -50.47
N TYR C 789 -2.76 42.19 -50.03
CA TYR C 789 -2.68 43.54 -50.56
C TYR C 789 -1.46 44.25 -50.00
N LYS C 790 -1.13 45.39 -50.59
CA LYS C 790 -0.06 46.23 -50.10
C LYS C 790 -0.33 47.67 -50.48
N THR C 791 0.08 48.58 -49.59
CA THR C 791 -0.13 49.99 -49.84
C THR C 791 0.70 50.46 -51.02
N PRO C 792 0.23 51.45 -51.76
CA PRO C 792 1.02 51.98 -52.87
C PRO C 792 2.23 52.74 -52.36
N PRO C 793 3.23 52.96 -53.21
CA PRO C 793 4.42 53.69 -52.75
C PRO C 793 4.14 55.12 -52.35
N ILE C 794 3.02 55.69 -52.77
CA ILE C 794 2.67 57.07 -52.48
C ILE C 794 1.71 57.09 -51.29
N LYS C 795 2.12 57.75 -50.21
CA LYS C 795 1.32 57.79 -48.98
C LYS C 795 0.52 59.10 -48.90
N ASP C 796 -0.32 59.31 -49.92
CA ASP C 796 -1.20 60.47 -49.97
C ASP C 796 -2.61 60.07 -49.53
N PHE C 797 -2.76 59.91 -48.22
CA PHE C 797 -4.01 59.47 -47.61
C PHE C 797 -4.83 60.64 -47.07
N GLY C 798 -4.83 61.76 -47.78
CA GLY C 798 -5.63 62.89 -47.35
C GLY C 798 -5.13 63.58 -46.09
N GLY C 799 -3.85 63.42 -45.77
CA GLY C 799 -3.26 64.03 -44.60
C GLY C 799 -3.08 63.09 -43.42
N PHE C 800 -3.75 61.95 -43.41
CA PHE C 800 -3.58 60.98 -42.34
C PHE C 800 -2.21 60.34 -42.47
N ASN C 801 -1.59 60.00 -41.34
CA ASN C 801 -0.23 59.47 -41.32
C ASN C 801 -0.22 58.12 -40.62
N PHE C 802 0.01 57.05 -41.37
CA PHE C 802 0.05 55.70 -40.84
C PHE C 802 1.45 55.13 -40.79
N SER C 803 2.49 55.98 -40.82
CA SER C 803 3.85 55.45 -40.84
C SER C 803 4.19 54.68 -39.57
N GLN C 804 3.40 54.82 -38.51
CA GLN C 804 3.64 54.13 -37.26
C GLN C 804 3.05 52.73 -37.23
N ILE C 805 2.26 52.34 -38.23
CA ILE C 805 1.64 51.03 -38.23
C ILE C 805 1.89 50.25 -39.52
N LEU C 806 2.25 50.90 -40.61
CA LEU C 806 2.54 50.17 -41.83
C LEU C 806 3.90 49.47 -41.71
N PRO C 807 4.14 48.44 -42.51
CA PRO C 807 5.40 47.70 -42.39
C PRO C 807 6.60 48.59 -42.66
N ASP C 808 7.70 48.28 -41.98
CA ASP C 808 8.96 49.00 -42.18
C ASP C 808 9.88 48.13 -43.02
N PRO C 809 10.14 48.47 -44.28
CA PRO C 809 10.97 47.58 -45.12
C PRO C 809 12.37 47.36 -44.58
N SER C 810 12.91 48.31 -43.82
CA SER C 810 14.30 48.22 -43.36
C SER C 810 14.51 47.14 -42.32
N LYS C 811 13.47 46.69 -41.63
CA LYS C 811 13.63 45.66 -40.63
C LYS C 811 13.85 44.30 -41.28
N PRO C 812 14.57 43.40 -40.62
CA PRO C 812 14.71 42.03 -41.18
C PRO C 812 13.39 41.34 -41.37
N SER C 813 12.44 41.54 -40.46
CA SER C 813 11.06 41.09 -40.61
C SER C 813 10.20 42.35 -40.74
N LYS C 814 9.36 42.40 -41.77
CA LYS C 814 8.62 43.62 -42.09
C LYS C 814 7.54 43.83 -41.03
N ARG C 815 7.98 44.20 -39.84
CA ARG C 815 7.10 44.51 -38.73
C ARG C 815 7.12 46.00 -38.44
N SER C 816 5.93 46.58 -38.32
CA SER C 816 5.79 48.02 -38.15
C SER C 816 6.33 48.45 -36.80
N PHE C 817 6.33 49.77 -36.59
CA PHE C 817 6.94 50.33 -35.38
C PHE C 817 6.26 49.81 -34.13
N ILE C 818 4.93 49.92 -34.06
CA ILE C 818 4.21 49.53 -32.86
C ILE C 818 4.31 48.02 -32.65
N GLU C 819 4.31 47.25 -33.74
CA GLU C 819 4.52 45.82 -33.60
C GLU C 819 5.85 45.51 -32.93
N ASP C 820 6.91 46.20 -33.36
CA ASP C 820 8.22 45.99 -32.75
C ASP C 820 8.22 46.42 -31.28
N LEU C 821 7.55 47.52 -30.97
CA LEU C 821 7.45 47.92 -29.56
C LEU C 821 6.77 46.85 -28.75
N LEU C 822 5.70 46.25 -29.29
CA LEU C 822 5.02 45.18 -28.57
C LEU C 822 5.91 43.96 -28.38
N PHE C 823 6.68 43.59 -29.42
CA PHE C 823 7.52 42.41 -29.32
C PHE C 823 8.61 42.54 -28.26
N ASN C 824 8.99 43.76 -27.89
CA ASN C 824 10.05 43.97 -26.92
C ASN C 824 9.53 44.06 -25.49
N LYS C 825 8.22 44.03 -25.28
CA LYS C 825 7.64 44.07 -23.94
C LYS C 825 7.26 42.72 -23.40
N VAL C 826 6.82 41.80 -24.25
CA VAL C 826 6.43 40.46 -23.84
C VAL C 826 7.65 39.55 -23.94
N THR C 827 7.96 38.85 -22.85
CA THR C 827 9.12 37.97 -22.81
C THR C 827 8.70 36.56 -22.41
N LYS C 854 10.88 20.45 -19.90
CA LYS C 854 12.18 20.90 -20.37
C LYS C 854 12.80 19.89 -21.31
N PHE C 855 13.42 18.85 -20.76
CA PHE C 855 14.08 17.81 -21.54
C PHE C 855 13.76 16.42 -20.99
N ASN C 856 12.67 16.31 -20.22
CA ASN C 856 12.22 15.04 -19.66
C ASN C 856 11.01 14.49 -20.41
N GLY C 857 11.01 14.62 -21.73
CA GLY C 857 9.87 14.26 -22.54
C GLY C 857 8.97 15.41 -22.89
N LEU C 858 9.25 16.61 -22.39
CA LEU C 858 8.49 17.80 -22.73
C LEU C 858 9.13 18.45 -23.94
N THR C 859 8.30 18.80 -24.92
CA THR C 859 8.76 19.47 -26.12
C THR C 859 7.82 20.63 -26.43
N VAL C 860 8.35 21.62 -27.13
CA VAL C 860 7.58 22.78 -27.56
C VAL C 860 7.57 22.79 -29.09
N LEU C 861 6.48 22.42 -29.65
CA LEU C 861 6.39 22.38 -31.10
C LEU C 861 6.38 23.79 -31.67
N PRO C 862 6.93 23.99 -32.87
CA PRO C 862 6.93 25.33 -33.45
C PRO C 862 5.56 25.68 -34.00
N PRO C 863 5.17 26.96 -33.94
CA PRO C 863 3.89 27.35 -34.52
C PRO C 863 3.89 27.20 -36.04
N LEU C 864 2.71 26.91 -36.59
CA LEU C 864 2.63 26.70 -38.03
C LEU C 864 2.96 27.98 -38.79
N LEU C 865 2.45 29.12 -38.33
CA LEU C 865 2.70 30.41 -38.96
C LEU C 865 3.76 31.15 -38.17
N THR C 866 4.93 31.33 -38.75
CA THR C 866 5.99 32.07 -38.08
C THR C 866 5.61 33.55 -38.02
N ASP C 867 6.32 34.28 -37.15
CA ASP C 867 5.97 35.69 -36.93
C ASP C 867 6.03 36.48 -38.23
N GLU C 868 6.89 36.09 -39.16
CA GLU C 868 6.95 36.78 -40.44
C GLU C 868 5.62 36.72 -41.17
N MET C 869 5.00 35.54 -41.21
CA MET C 869 3.74 35.40 -41.91
C MET C 869 2.61 36.11 -41.18
N ILE C 870 2.63 36.13 -39.85
CA ILE C 870 1.62 36.88 -39.11
C ILE C 870 1.76 38.37 -39.40
N ALA C 871 3.00 38.87 -39.45
CA ALA C 871 3.19 40.27 -39.81
C ALA C 871 2.70 40.54 -41.22
N GLN C 872 2.94 39.61 -42.15
CA GLN C 872 2.43 39.80 -43.51
C GLN C 872 0.91 39.84 -43.52
N TYR C 873 0.26 38.97 -42.74
CA TYR C 873 -1.20 38.94 -42.73
C TYR C 873 -1.76 40.24 -42.16
N THR C 874 -1.23 40.70 -41.03
CA THR C 874 -1.73 41.96 -40.48
C THR C 874 -1.44 43.12 -41.41
N SER C 875 -0.30 43.10 -42.10
CA SER C 875 -0.01 44.14 -43.07
C SER C 875 -1.01 44.11 -44.21
N ALA C 876 -1.37 42.93 -44.69
CA ALA C 876 -2.37 42.83 -45.74
C ALA C 876 -3.71 43.38 -45.27
N LEU C 877 -4.14 43.00 -44.07
CA LEU C 877 -5.40 43.50 -43.55
C LEU C 877 -5.37 45.02 -43.45
N LEU C 878 -4.27 45.57 -42.93
CA LEU C 878 -4.18 47.01 -42.74
C LEU C 878 -4.15 47.75 -44.08
N ALA C 879 -3.42 47.22 -45.05
CA ALA C 879 -3.37 47.86 -46.37
C ALA C 879 -4.73 47.80 -47.04
N GLY C 880 -5.43 46.67 -46.93
CA GLY C 880 -6.77 46.60 -47.47
C GLY C 880 -7.70 47.60 -46.82
N THR C 881 -7.65 47.70 -45.49
CA THR C 881 -8.49 48.66 -44.79
C THR C 881 -8.18 50.08 -45.23
N ILE C 882 -6.90 50.39 -45.42
CA ILE C 882 -6.52 51.76 -45.74
C ILE C 882 -6.93 52.12 -47.16
N THR C 883 -6.77 51.20 -48.10
CA THR C 883 -6.98 51.54 -49.50
C THR C 883 -8.39 51.27 -50.01
N SER C 884 -9.17 50.43 -49.33
CA SER C 884 -10.47 50.02 -49.85
C SER C 884 -11.57 49.99 -48.79
N GLY C 885 -11.32 50.49 -47.59
CA GLY C 885 -12.36 50.52 -46.59
C GLY C 885 -12.74 49.11 -46.16
N TRP C 886 -14.03 48.80 -46.25
CA TRP C 886 -14.53 47.47 -45.91
C TRP C 886 -14.91 46.65 -47.12
N THR C 887 -14.97 47.24 -48.31
CA THR C 887 -15.40 46.49 -49.48
C THR C 887 -14.54 45.27 -49.70
N PHE C 888 -13.27 45.32 -49.31
CA PHE C 888 -12.42 44.15 -49.48
C PHE C 888 -12.84 43.01 -48.58
N GLY C 889 -13.53 43.32 -47.47
CA GLY C 889 -14.08 42.25 -46.65
C GLY C 889 -15.19 41.50 -47.35
N ALA C 890 -16.04 42.23 -48.08
CA ALA C 890 -17.18 41.60 -48.73
C ALA C 890 -16.76 40.80 -49.95
N GLY C 891 -16.11 41.44 -50.91
CA GLY C 891 -15.65 40.77 -52.10
C GLY C 891 -14.30 41.28 -52.56
N ALA C 892 -14.18 41.58 -53.85
CA ALA C 892 -12.94 42.12 -54.38
C ALA C 892 -12.70 43.51 -53.80
N ALA C 893 -11.43 43.79 -53.50
CA ALA C 893 -11.05 45.06 -52.90
C ALA C 893 -11.26 46.17 -53.92
N LEU C 894 -11.96 47.23 -53.51
CA LEU C 894 -12.26 48.36 -54.37
C LEU C 894 -11.55 49.58 -53.81
N GLN C 895 -10.69 50.20 -54.61
CA GLN C 895 -9.99 51.38 -54.17
C GLN C 895 -10.98 52.52 -53.92
N ILE C 896 -10.60 53.43 -53.04
CA ILE C 896 -11.46 54.58 -52.71
C ILE C 896 -10.63 55.59 -51.92
N PRO C 897 -10.69 56.88 -52.25
CA PRO C 897 -9.85 57.84 -51.53
C PRO C 897 -10.15 57.79 -50.04
N PHE C 898 -9.10 57.94 -49.23
CA PHE C 898 -9.28 57.79 -47.79
C PHE C 898 -10.25 58.83 -47.24
N ALA C 899 -10.26 60.03 -47.81
CA ALA C 899 -11.21 61.04 -47.35
C ALA C 899 -12.65 60.56 -47.56
N MET C 900 -12.93 59.94 -48.71
CA MET C 900 -14.27 59.44 -48.95
C MET C 900 -14.58 58.26 -48.04
N GLN C 901 -13.59 57.43 -47.72
CA GLN C 901 -13.82 56.37 -46.77
C GLN C 901 -14.20 56.92 -45.41
N MET C 902 -13.50 57.95 -44.95
CA MET C 902 -13.86 58.54 -43.67
C MET C 902 -15.20 59.23 -43.73
N ALA C 903 -15.58 59.79 -44.88
CA ALA C 903 -16.92 60.34 -45.01
C ALA C 903 -17.97 59.24 -44.86
N TYR C 904 -17.74 58.09 -45.48
CA TYR C 904 -18.64 56.96 -45.26
C TYR C 904 -18.70 56.60 -43.78
N ARG C 905 -17.55 56.57 -43.12
CA ARG C 905 -17.51 56.15 -41.73
C ARG C 905 -18.29 57.12 -40.85
N PHE C 906 -18.14 58.43 -41.10
CA PHE C 906 -18.91 59.41 -40.35
C PHE C 906 -20.40 59.28 -40.63
N ASN C 907 -20.79 59.12 -41.89
CA ASN C 907 -22.19 58.88 -42.18
C ASN C 907 -22.69 57.64 -41.45
N GLY C 908 -21.81 56.69 -41.19
CA GLY C 908 -22.20 55.49 -40.48
C GLY C 908 -22.59 55.72 -39.03
N ILE C 909 -22.11 56.79 -38.40
CA ILE C 909 -22.42 57.09 -37.01
C ILE C 909 -23.35 58.29 -36.87
N GLY C 910 -24.06 58.65 -37.93
CA GLY C 910 -25.08 59.67 -37.82
C GLY C 910 -24.58 61.09 -37.82
N VAL C 911 -23.36 61.33 -38.32
CA VAL C 911 -22.82 62.68 -38.47
C VAL C 911 -22.72 62.97 -39.95
N THR C 912 -23.37 64.03 -40.39
CA THR C 912 -23.39 64.36 -41.81
C THR C 912 -21.96 64.51 -42.32
N GLN C 913 -21.70 63.96 -43.51
CA GLN C 913 -20.33 63.87 -43.98
C GLN C 913 -19.68 65.22 -44.19
N ASN C 914 -20.47 66.27 -44.46
CA ASN C 914 -19.85 67.58 -44.69
C ASN C 914 -19.03 68.03 -43.49
N VAL C 915 -19.31 67.50 -42.31
CA VAL C 915 -18.50 67.80 -41.14
C VAL C 915 -17.06 67.37 -41.37
N LEU C 916 -16.86 66.18 -41.94
CA LEU C 916 -15.51 65.70 -42.18
C LEU C 916 -14.74 66.61 -43.12
N TYR C 917 -15.32 66.91 -44.28
CA TYR C 917 -14.60 67.71 -45.28
C TYR C 917 -14.39 69.13 -44.79
N GLU C 918 -15.36 69.70 -44.08
CA GLU C 918 -15.16 71.02 -43.52
C GLU C 918 -14.12 71.00 -42.41
N ASN C 919 -13.85 69.83 -41.82
CA ASN C 919 -12.88 69.69 -40.75
C ASN C 919 -11.87 68.58 -41.00
N GLN C 920 -11.36 68.46 -42.23
CA GLN C 920 -10.48 67.35 -42.55
C GLN C 920 -9.13 67.47 -41.85
N LYS C 921 -8.52 68.65 -41.91
CA LYS C 921 -7.18 68.81 -41.34
C LYS C 921 -7.19 68.63 -39.82
N LEU C 922 -8.21 69.16 -39.16
CA LEU C 922 -8.31 68.99 -37.72
C LEU C 922 -8.40 67.51 -37.35
N ILE C 923 -9.24 66.75 -38.07
CA ILE C 923 -9.37 65.33 -37.78
C ILE C 923 -8.05 64.62 -38.03
N ALA C 924 -7.38 64.95 -39.13
CA ALA C 924 -6.11 64.30 -39.43
C ALA C 924 -5.10 64.55 -38.32
N ASN C 925 -5.00 65.79 -37.86
CA ASN C 925 -4.05 66.11 -36.80
C ASN C 925 -4.42 65.40 -35.51
N GLN C 926 -5.71 65.34 -35.18
CA GLN C 926 -6.11 64.64 -33.96
C GLN C 926 -5.75 63.16 -34.05
N PHE C 927 -5.97 62.53 -35.21
CA PHE C 927 -5.65 61.12 -35.36
C PHE C 927 -4.14 60.89 -35.25
N ASN C 928 -3.35 61.76 -35.87
CA ASN C 928 -1.90 61.60 -35.78
C ASN C 928 -1.43 61.76 -34.34
N SER C 929 -1.97 62.75 -33.62
CA SER C 929 -1.59 62.92 -32.22
C SER C 929 -1.98 61.70 -31.39
N ALA C 930 -3.15 61.13 -31.64
CA ALA C 930 -3.56 59.94 -30.91
C ALA C 930 -2.62 58.77 -31.18
N ILE C 931 -2.21 58.60 -32.45
CA ILE C 931 -1.28 57.53 -32.76
C ILE C 931 0.05 57.73 -32.04
N GLY C 932 0.53 58.97 -32.02
CA GLY C 932 1.76 59.25 -31.28
C GLY C 932 1.62 58.96 -29.80
N LYS C 933 0.47 59.31 -29.21
CA LYS C 933 0.25 59.01 -27.81
C LYS C 933 0.23 57.51 -27.55
N ILE C 934 -0.36 56.72 -28.46
CA ILE C 934 -0.31 55.28 -28.32
C ILE C 934 1.13 54.78 -28.37
N GLN C 935 1.91 55.31 -29.32
CA GLN C 935 3.33 54.96 -29.37
C GLN C 935 4.00 55.21 -28.03
N ASP C 936 3.80 56.39 -27.46
CA ASP C 936 4.42 56.71 -26.18
C ASP C 936 3.94 55.78 -25.08
N SER C 937 2.64 55.50 -25.04
CA SER C 937 2.09 54.69 -23.96
C SER C 937 2.66 53.27 -24.01
N LEU C 938 2.75 52.68 -25.20
CA LEU C 938 3.30 51.33 -25.30
C LEU C 938 4.79 51.31 -25.03
N SER C 939 5.46 52.46 -25.11
CA SER C 939 6.91 52.52 -24.90
C SER C 939 7.30 52.67 -23.43
N SER C 940 6.34 52.91 -22.54
CA SER C 940 6.65 53.17 -21.14
C SER C 940 5.87 52.30 -20.15
N THR C 941 4.66 51.87 -20.49
CA THR C 941 3.80 51.12 -19.57
C THR C 941 3.85 49.65 -19.99
N ALA C 942 4.61 48.85 -19.25
CA ALA C 942 4.64 47.41 -19.51
C ALA C 942 3.28 46.78 -19.20
N SER C 943 2.61 47.26 -18.15
CA SER C 943 1.36 46.65 -17.72
C SER C 943 0.30 46.64 -18.80
N ALA C 944 0.41 47.50 -19.82
CA ALA C 944 -0.55 47.49 -20.90
C ALA C 944 -0.64 46.11 -21.55
N LEU C 945 0.46 45.35 -21.55
CA LEU C 945 0.51 44.03 -22.17
C LEU C 945 0.15 42.91 -21.21
N GLY C 946 -0.34 43.25 -20.02
CA GLY C 946 -0.56 42.22 -19.02
C GLY C 946 -1.35 41.04 -19.54
N LYS C 947 -2.47 41.31 -20.23
CA LYS C 947 -3.34 40.22 -20.68
C LYS C 947 -2.56 39.13 -21.39
N LEU C 948 -1.53 39.51 -22.16
CA LEU C 948 -0.68 38.52 -22.81
C LEU C 948 0.38 37.96 -21.87
N GLN C 949 1.14 38.82 -21.20
CA GLN C 949 2.24 38.33 -20.38
C GLN C 949 1.76 37.26 -19.41
N ASP C 950 0.71 37.56 -18.65
CA ASP C 950 0.17 36.59 -17.70
C ASP C 950 -0.02 35.24 -18.36
N VAL C 951 -0.69 35.20 -19.51
CA VAL C 951 -0.91 33.94 -20.20
C VAL C 951 0.39 33.14 -20.24
N VAL C 952 1.43 33.74 -20.83
CA VAL C 952 2.68 33.02 -20.98
C VAL C 952 3.16 32.51 -19.63
N ASN C 953 3.17 33.39 -18.62
CA ASN C 953 3.63 32.96 -17.31
C ASN C 953 2.91 31.70 -16.87
N GLN C 954 1.57 31.70 -16.97
CA GLN C 954 0.83 30.53 -16.52
C GLN C 954 1.37 29.28 -17.16
N ASN C 955 1.48 29.28 -18.50
CA ASN C 955 1.99 28.09 -19.17
C ASN C 955 3.35 27.72 -18.59
N ALA C 956 4.29 28.67 -18.57
CA ALA C 956 5.59 28.38 -18.00
C ALA C 956 5.45 27.79 -16.61
N GLN C 957 4.64 28.44 -15.76
CA GLN C 957 4.49 27.95 -14.40
C GLN C 957 4.14 26.47 -14.40
N ALA C 958 3.11 26.10 -15.18
CA ALA C 958 2.70 24.69 -15.18
C ALA C 958 3.90 23.80 -15.46
N LEU C 959 4.64 24.08 -16.53
CA LEU C 959 5.77 23.23 -16.86
C LEU C 959 6.70 23.09 -15.66
N ASN C 960 7.09 24.21 -15.05
CA ASN C 960 7.97 24.11 -13.90
C ASN C 960 7.36 23.19 -12.87
N THR C 961 6.11 23.44 -12.47
CA THR C 961 5.49 22.57 -11.49
C THR C 961 5.58 21.13 -11.93
N LEU C 962 5.23 20.86 -13.19
CA LEU C 962 5.29 19.49 -13.69
C LEU C 962 6.67 18.90 -13.45
N VAL C 963 7.72 19.61 -13.86
CA VAL C 963 9.07 19.07 -13.71
C VAL C 963 9.39 18.88 -12.23
N LYS C 964 8.93 19.81 -11.38
CA LYS C 964 9.21 19.67 -9.96
C LYS C 964 8.61 18.39 -9.40
N GLN C 965 7.52 17.92 -10.00
CA GLN C 965 6.90 16.69 -9.50
C GLN C 965 7.81 15.48 -9.67
N LEU C 966 8.86 15.60 -10.49
CA LEU C 966 9.81 14.50 -10.60
C LEU C 966 10.66 14.36 -9.33
N SER C 967 10.79 15.42 -8.53
CA SER C 967 11.59 15.35 -7.33
C SER C 967 10.82 14.78 -6.13
N SER C 968 9.50 14.63 -6.23
CA SER C 968 8.74 14.10 -5.13
C SER C 968 8.86 12.58 -5.05
N ASN C 969 8.78 12.06 -3.82
CA ASN C 969 8.88 10.63 -3.59
C ASN C 969 7.53 9.93 -3.64
N PHE C 970 6.44 10.64 -3.36
CA PHE C 970 5.10 10.07 -3.35
C PHE C 970 5.02 8.86 -2.43
N GLY C 971 5.72 8.93 -1.29
CA GLY C 971 5.78 7.83 -0.37
C GLY C 971 6.85 6.80 -0.67
N ALA C 972 7.53 6.94 -1.81
CA ALA C 972 8.61 6.02 -2.16
C ALA C 972 9.87 6.36 -1.38
N ILE C 973 10.82 5.42 -1.39
CA ILE C 973 12.07 5.64 -0.69
C ILE C 973 12.90 6.76 -1.31
N SER C 974 12.84 6.91 -2.63
CA SER C 974 13.61 7.95 -3.31
C SER C 974 12.87 8.38 -4.56
N SER C 975 12.92 9.68 -4.85
CA SER C 975 12.29 10.20 -6.07
C SER C 975 13.08 9.83 -7.31
N VAL C 976 14.29 9.28 -7.15
CA VAL C 976 15.11 8.89 -8.28
C VAL C 976 14.83 7.43 -8.61
N LEU C 977 14.43 7.17 -9.85
CA LEU C 977 14.05 5.81 -10.24
C LEU C 977 15.24 4.87 -10.19
N ASN C 978 16.41 5.33 -10.64
CA ASN C 978 17.58 4.46 -10.69
C ASN C 978 17.99 3.99 -9.30
N ASP C 979 17.94 4.88 -8.31
CA ASP C 979 18.32 4.49 -6.95
C ASP C 979 17.45 3.36 -6.44
N ILE C 980 16.14 3.44 -6.67
CA ILE C 980 15.26 2.32 -6.33
C ILE C 980 15.65 1.08 -7.12
N LEU C 981 15.92 1.25 -8.41
CA LEU C 981 16.30 0.12 -9.24
C LEU C 981 17.63 -0.47 -8.79
N SER C 982 18.58 0.36 -8.39
CA SER C 982 19.93 -0.10 -8.08
C SER C 982 20.10 -0.55 -6.64
N ARG C 983 19.06 -0.49 -5.82
CA ARG C 983 19.15 -0.87 -4.42
C ARG C 983 18.22 -1.99 -4.00
N LEU C 984 17.03 -2.09 -4.59
CA LEU C 984 16.01 -3.04 -4.16
C LEU C 984 15.78 -4.09 -5.23
N ASP C 985 15.45 -5.30 -4.78
CA ASP C 985 15.14 -6.39 -5.69
C ASP C 985 13.75 -6.18 -6.29
N PRO C 986 13.42 -6.90 -7.37
CA PRO C 986 12.15 -6.67 -8.06
C PRO C 986 10.96 -6.76 -7.12
N PRO C 987 10.95 -7.67 -6.15
CA PRO C 987 9.78 -7.78 -5.26
C PRO C 987 9.41 -6.48 -4.57
N GLU C 988 10.37 -5.67 -4.14
CA GLU C 988 10.10 -4.39 -3.52
C GLU C 988 10.26 -3.21 -4.48
N ALA C 989 11.19 -3.34 -5.43
CA ALA C 989 11.31 -2.32 -6.46
C ALA C 989 10.00 -2.13 -7.20
N GLU C 990 9.24 -3.21 -7.39
CA GLU C 990 7.95 -3.10 -8.04
C GLU C 990 6.97 -2.26 -7.25
N VAL C 991 6.91 -2.46 -5.93
CA VAL C 991 6.02 -1.65 -5.10
C VAL C 991 6.44 -0.19 -5.12
N GLN C 992 7.74 0.06 -4.98
CA GLN C 992 8.22 1.44 -4.99
C GLN C 992 7.94 2.11 -6.33
N ILE C 993 8.18 1.40 -7.43
CA ILE C 993 7.95 1.96 -8.75
C ILE C 993 6.46 2.15 -8.99
N ASP C 994 5.62 1.28 -8.42
CA ASP C 994 4.19 1.49 -8.54
C ASP C 994 3.77 2.76 -7.81
N ARG C 995 4.32 3.00 -6.62
CA ARG C 995 4.05 4.27 -5.94
C ARG C 995 4.46 5.45 -6.81
N LEU C 996 5.68 5.41 -7.34
CA LEU C 996 6.16 6.51 -8.17
C LEU C 996 5.30 6.69 -9.41
N ILE C 997 4.90 5.59 -10.05
CA ILE C 997 4.13 5.68 -11.27
C ILE C 997 2.75 6.24 -10.98
N THR C 998 2.12 5.81 -9.88
CA THR C 998 0.85 6.40 -9.50
C THR C 998 0.99 7.89 -9.31
N GLY C 999 2.00 8.32 -8.55
CA GLY C 999 2.18 9.75 -8.32
C GLY C 999 2.40 10.52 -9.60
N ARG C 1000 3.28 10.02 -10.47
CA ARG C 1000 3.60 10.77 -11.68
C ARG C 1000 2.47 10.75 -12.68
N LEU C 1001 1.73 9.64 -12.76
CA LEU C 1001 0.56 9.61 -13.65
C LEU C 1001 -0.51 10.56 -13.15
N GLN C 1002 -0.71 10.66 -11.84
CA GLN C 1002 -1.66 11.64 -11.31
C GLN C 1002 -1.19 13.05 -11.64
N SER C 1003 0.11 13.31 -11.53
CA SER C 1003 0.64 14.62 -11.90
C SER C 1003 0.39 14.93 -13.36
N LEU C 1004 0.64 13.95 -14.25
CA LEU C 1004 0.40 14.17 -15.67
C LEU C 1004 -1.08 14.43 -15.94
N GLN C 1005 -1.96 13.67 -15.29
CA GLN C 1005 -3.39 13.91 -15.49
C GLN C 1005 -3.76 15.32 -15.06
N THR C 1006 -3.23 15.78 -13.92
CA THR C 1006 -3.53 17.13 -13.46
C THR C 1006 -3.03 18.15 -14.48
N TYR C 1007 -1.82 17.97 -14.98
CA TYR C 1007 -1.27 18.93 -15.93
C TYR C 1007 -2.10 18.97 -17.20
N VAL C 1008 -2.52 17.80 -17.70
CA VAL C 1008 -3.29 17.76 -18.94
C VAL C 1008 -4.65 18.39 -18.75
N THR C 1009 -5.28 18.15 -17.59
CA THR C 1009 -6.56 18.79 -17.33
C THR C 1009 -6.42 20.30 -17.26
N GLN C 1010 -5.38 20.80 -16.59
CA GLN C 1010 -5.16 22.23 -16.54
C GLN C 1010 -4.94 22.79 -17.94
N GLN C 1011 -4.17 22.09 -18.77
CA GLN C 1011 -3.94 22.56 -20.13
C GLN C 1011 -5.23 22.57 -20.94
N LEU C 1012 -6.07 21.55 -20.78
CA LEU C 1012 -7.33 21.55 -21.51
C LEU C 1012 -8.20 22.73 -21.12
N ILE C 1013 -8.30 23.01 -19.82
CA ILE C 1013 -9.13 24.12 -19.38
C ILE C 1013 -8.55 25.45 -19.89
N ARG C 1014 -7.24 25.62 -19.77
CA ARG C 1014 -6.63 26.87 -20.22
C ARG C 1014 -6.77 27.02 -21.73
N ALA C 1015 -6.69 25.92 -22.47
CA ALA C 1015 -6.87 25.98 -23.91
C ALA C 1015 -8.31 26.31 -24.27
N ALA C 1016 -9.26 25.85 -23.48
CA ALA C 1016 -10.64 26.26 -23.70
C ALA C 1016 -10.81 27.76 -23.49
N GLU C 1017 -10.19 28.29 -22.44
CA GLU C 1017 -10.22 29.73 -22.22
C GLU C 1017 -9.60 30.47 -23.40
N ILE C 1018 -8.44 30.02 -23.87
CA ILE C 1018 -7.77 30.69 -24.97
C ILE C 1018 -8.58 30.55 -26.25
N ARG C 1019 -9.31 29.46 -26.41
CA ARG C 1019 -10.15 29.31 -27.59
C ARG C 1019 -11.31 30.28 -27.55
N ALA C 1020 -11.89 30.50 -26.37
CA ALA C 1020 -12.91 31.52 -26.25
C ALA C 1020 -12.35 32.89 -26.59
N SER C 1021 -11.15 33.19 -26.09
CA SER C 1021 -10.52 34.46 -26.42
C SER C 1021 -10.23 34.59 -27.91
N ALA C 1022 -9.80 33.49 -28.54
CA ALA C 1022 -9.50 33.54 -29.96
C ALA C 1022 -10.77 33.71 -30.80
N ASN C 1023 -11.88 33.10 -30.37
CA ASN C 1023 -13.14 33.34 -31.06
C ASN C 1023 -13.57 34.79 -30.93
N LEU C 1024 -13.42 35.38 -29.74
CA LEU C 1024 -13.74 36.79 -29.58
C LEU C 1024 -12.84 37.65 -30.46
N ALA C 1025 -11.55 37.30 -30.54
CA ALA C 1025 -10.62 38.06 -31.37
C ALA C 1025 -10.99 37.95 -32.85
N ALA C 1026 -11.39 36.75 -33.29
CA ALA C 1026 -11.79 36.58 -34.69
C ALA C 1026 -13.05 37.38 -34.98
N THR C 1027 -14.00 37.39 -34.05
CA THR C 1027 -15.20 38.20 -34.23
C THR C 1027 -14.85 39.67 -34.33
N LYS C 1028 -13.96 40.16 -33.47
CA LYS C 1028 -13.52 41.55 -33.57
C LYS C 1028 -12.84 41.81 -34.91
N MET C 1029 -11.97 40.91 -35.35
CA MET C 1029 -11.29 41.10 -36.61
C MET C 1029 -12.31 41.19 -37.75
N SER C 1030 -13.37 40.39 -37.68
CA SER C 1030 -14.34 40.37 -38.78
C SER C 1030 -15.24 41.59 -38.76
N GLU C 1031 -15.73 41.99 -37.59
CA GLU C 1031 -16.78 43.00 -37.50
C GLU C 1031 -16.27 44.34 -36.99
N CYS C 1032 -14.96 44.52 -36.90
CA CYS C 1032 -14.37 45.72 -36.31
C CYS C 1032 -13.36 46.30 -37.29
N VAL C 1033 -12.65 45.43 -38.00
CA VAL C 1033 -11.66 45.87 -38.99
C VAL C 1033 -12.24 45.80 -40.39
N LEU C 1034 -12.72 44.62 -40.79
CA LEU C 1034 -13.26 44.43 -42.13
C LEU C 1034 -14.53 45.22 -42.38
N GLY C 1035 -15.15 45.78 -41.35
CA GLY C 1035 -16.34 46.60 -41.49
C GLY C 1035 -16.34 47.72 -40.48
N GLN C 1036 -17.54 48.10 -40.06
CA GLN C 1036 -17.73 49.09 -39.01
C GLN C 1036 -18.73 48.53 -38.02
N SER C 1037 -18.52 48.78 -36.74
CA SER C 1037 -19.32 48.16 -35.69
C SER C 1037 -20.30 49.17 -35.11
N LYS C 1038 -21.58 48.80 -35.12
CA LYS C 1038 -22.62 49.57 -34.45
C LYS C 1038 -22.84 49.12 -33.01
N ARG C 1039 -22.05 48.17 -32.53
CA ARG C 1039 -22.23 47.60 -31.20
C ARG C 1039 -21.45 48.44 -30.19
N VAL C 1040 -22.16 49.01 -29.21
CA VAL C 1040 -21.54 49.95 -28.29
C VAL C 1040 -20.54 49.22 -27.40
N ASP C 1041 -19.41 49.88 -27.15
CA ASP C 1041 -18.33 49.39 -26.30
C ASP C 1041 -17.71 48.09 -26.80
N PHE C 1042 -18.17 47.57 -27.94
CA PHE C 1042 -17.57 46.35 -28.49
C PHE C 1042 -16.28 46.69 -29.23
N CYS C 1043 -16.20 47.90 -29.79
CA CYS C 1043 -15.03 48.30 -30.56
C CYS C 1043 -14.50 49.64 -30.06
N GLY C 1044 -14.34 49.76 -28.75
CA GLY C 1044 -13.79 50.95 -28.14
C GLY C 1044 -14.88 51.89 -27.67
N LYS C 1045 -14.63 52.54 -26.54
CA LYS C 1045 -15.59 53.48 -25.97
C LYS C 1045 -15.81 54.63 -26.94
N GLY C 1046 -17.08 54.97 -27.15
CA GLY C 1046 -17.46 56.00 -28.11
C GLY C 1046 -17.98 55.38 -29.39
N TYR C 1047 -18.28 56.25 -30.35
CA TYR C 1047 -18.73 55.84 -31.66
C TYR C 1047 -17.54 55.31 -32.44
N HIS C 1048 -17.63 54.09 -32.92
CA HIS C 1048 -16.50 53.45 -33.58
C HIS C 1048 -16.36 53.95 -35.01
N LEU C 1049 -15.16 54.37 -35.37
CA LEU C 1049 -14.86 54.76 -36.74
C LEU C 1049 -14.16 53.63 -37.49
N MET C 1050 -13.02 53.15 -37.00
CA MET C 1050 -12.32 52.08 -37.68
C MET C 1050 -11.35 51.40 -36.72
N SER C 1051 -10.69 50.37 -37.22
CA SER C 1051 -9.73 49.63 -36.40
C SER C 1051 -8.54 49.25 -37.25
N PHE C 1052 -7.41 49.05 -36.57
CA PHE C 1052 -6.17 48.63 -37.24
C PHE C 1052 -5.59 47.48 -36.43
N PRO C 1053 -5.40 46.31 -37.02
CA PRO C 1053 -4.80 45.21 -36.27
C PRO C 1053 -3.30 45.34 -36.18
N GLN C 1054 -2.73 44.63 -35.21
CA GLN C 1054 -1.28 44.49 -35.07
C GLN C 1054 -1.02 43.14 -34.42
N SER C 1055 0.06 42.50 -34.84
CA SER C 1055 0.44 41.24 -34.22
C SER C 1055 1.12 41.50 -32.89
N ALA C 1056 1.28 40.45 -32.10
CA ALA C 1056 2.07 40.52 -30.89
C ALA C 1056 2.33 39.11 -30.41
N PRO C 1057 3.35 38.90 -29.58
CA PRO C 1057 3.66 37.54 -29.15
C PRO C 1057 2.45 36.80 -28.62
N HIS C 1058 2.04 35.76 -29.34
CA HIS C 1058 0.90 34.94 -28.93
C HIS C 1058 -0.35 35.79 -28.69
N GLY C 1059 -0.61 36.73 -29.58
CA GLY C 1059 -1.83 37.52 -29.44
C GLY C 1059 -1.91 38.60 -30.49
N VAL C 1060 -3.01 39.35 -30.41
CA VAL C 1060 -3.27 40.43 -31.35
C VAL C 1060 -3.60 41.69 -30.54
N VAL C 1061 -3.34 42.84 -31.15
CA VAL C 1061 -3.57 44.15 -30.52
C VAL C 1061 -4.28 45.03 -31.53
N PHE C 1062 -5.47 45.48 -31.19
CA PHE C 1062 -6.26 46.34 -32.06
C PHE C 1062 -6.08 47.79 -31.63
N LEU C 1063 -5.91 48.67 -32.60
CA LEU C 1063 -5.98 50.11 -32.37
C LEU C 1063 -7.33 50.57 -32.91
N HIS C 1064 -8.25 50.88 -32.00
CA HIS C 1064 -9.59 51.32 -32.36
C HIS C 1064 -9.63 52.84 -32.42
N VAL C 1065 -9.87 53.38 -33.60
CA VAL C 1065 -10.07 54.81 -33.79
C VAL C 1065 -11.56 55.07 -33.67
N THR C 1066 -11.93 55.92 -32.71
CA THR C 1066 -13.32 56.19 -32.38
C THR C 1066 -13.53 57.69 -32.23
N TYR C 1067 -14.79 58.09 -32.34
CA TYR C 1067 -15.20 59.49 -32.28
C TYR C 1067 -15.89 59.72 -30.94
N VAL C 1068 -15.58 60.82 -30.27
CA VAL C 1068 -16.14 61.12 -28.97
C VAL C 1068 -16.54 62.59 -28.93
N PRO C 1069 -17.81 62.93 -28.70
CA PRO C 1069 -18.18 64.35 -28.60
C PRO C 1069 -17.40 65.02 -27.47
N ALA C 1070 -17.04 66.28 -27.68
CA ALA C 1070 -16.10 66.95 -26.79
C ALA C 1070 -16.71 68.09 -26.00
N GLN C 1071 -17.29 69.08 -26.66
CA GLN C 1071 -17.82 70.26 -25.98
C GLN C 1071 -19.32 70.29 -26.13
N GLU C 1072 -20.04 70.50 -25.03
CA GLU C 1072 -21.48 70.44 -25.03
C GLU C 1072 -22.05 71.83 -24.90
N LYS C 1073 -23.22 72.04 -25.47
CA LYS C 1073 -23.96 73.29 -25.32
C LYS C 1073 -25.40 72.98 -24.97
N ASN C 1074 -25.94 73.74 -24.02
CA ASN C 1074 -27.35 73.66 -23.66
C ASN C 1074 -28.18 74.29 -24.78
N PHE C 1075 -29.38 73.77 -24.99
CA PHE C 1075 -30.35 74.37 -25.88
C PHE C 1075 -31.75 74.06 -25.39
N THR C 1076 -32.70 74.89 -25.78
CA THR C 1076 -34.11 74.60 -25.53
C THR C 1076 -34.67 73.85 -26.74
N THR C 1077 -35.36 72.75 -26.47
CA THR C 1077 -35.83 71.86 -27.52
C THR C 1077 -37.36 71.85 -27.55
N ALA C 1078 -37.91 71.15 -28.52
CA ALA C 1078 -39.35 71.01 -28.67
C ALA C 1078 -39.60 69.91 -29.68
N PRO C 1079 -40.47 68.93 -29.39
CA PRO C 1079 -40.62 67.79 -30.28
C PRO C 1079 -41.34 68.12 -31.58
N ALA C 1080 -41.94 69.30 -31.70
CA ALA C 1080 -42.68 69.64 -32.92
C ALA C 1080 -42.79 71.15 -32.99
N ILE C 1081 -43.20 71.65 -34.16
CA ILE C 1081 -43.35 73.08 -34.40
C ILE C 1081 -44.64 73.30 -35.18
N CYS C 1082 -45.42 74.30 -34.76
CA CYS C 1082 -46.68 74.62 -35.42
C CYS C 1082 -46.54 75.89 -36.25
N HIS C 1083 -46.97 75.80 -37.51
CA HIS C 1083 -46.81 76.91 -38.45
C HIS C 1083 -48.18 77.49 -38.81
N ASP C 1084 -49.07 76.63 -39.29
CA ASP C 1084 -50.44 76.99 -39.64
C ASP C 1084 -51.45 76.00 -39.10
N GLY C 1085 -51.24 75.52 -37.87
CA GLY C 1085 -52.06 74.48 -37.27
C GLY C 1085 -51.53 73.09 -37.52
N LYS C 1086 -50.65 72.91 -38.50
CA LYS C 1086 -49.99 71.64 -38.71
C LYS C 1086 -48.90 71.46 -37.68
N ALA C 1087 -48.47 70.21 -37.50
CA ALA C 1087 -47.37 69.89 -36.60
C ALA C 1087 -46.20 69.40 -37.44
N HIS C 1088 -45.10 70.15 -37.43
CA HIS C 1088 -43.91 69.82 -38.19
C HIS C 1088 -42.93 69.08 -37.30
N PHE C 1089 -42.47 67.93 -37.76
CA PHE C 1089 -41.43 67.18 -37.06
C PHE C 1089 -40.17 67.16 -37.92
N PRO C 1090 -39.00 66.96 -37.35
CA PRO C 1090 -37.78 66.89 -38.16
C PRO C 1090 -37.64 65.54 -38.83
N ARG C 1091 -37.23 65.54 -40.10
CA ARG C 1091 -36.91 64.29 -40.77
C ARG C 1091 -35.72 63.62 -40.11
N GLU C 1092 -34.62 64.36 -39.95
CA GLU C 1092 -33.47 63.89 -39.19
C GLU C 1092 -32.95 65.05 -38.37
N GLY C 1093 -32.73 64.80 -37.09
CA GLY C 1093 -32.25 65.83 -36.20
C GLY C 1093 -33.33 66.36 -35.27
N VAL C 1094 -32.94 67.35 -34.48
CA VAL C 1094 -33.75 67.84 -33.39
C VAL C 1094 -33.93 69.35 -33.54
N PHE C 1095 -35.03 69.84 -32.99
CA PHE C 1095 -35.30 71.27 -32.94
C PHE C 1095 -34.61 71.87 -31.72
N VAL C 1096 -33.86 72.94 -31.93
CA VAL C 1096 -33.13 73.61 -30.87
C VAL C 1096 -33.36 75.10 -30.97
N SER C 1097 -33.10 75.79 -29.86
CA SER C 1097 -33.28 77.23 -29.80
C SER C 1097 -32.09 77.84 -29.07
N ASN C 1098 -31.48 78.84 -29.67
CA ASN C 1098 -30.43 79.60 -29.02
C ASN C 1098 -31.00 80.71 -28.15
N GLY C 1099 -32.33 80.78 -28.02
CA GLY C 1099 -33.00 81.78 -27.22
C GLY C 1099 -34.05 82.58 -27.98
N THR C 1100 -33.81 82.90 -29.25
CA THR C 1100 -34.71 83.77 -30.00
C THR C 1100 -35.20 83.11 -31.28
N HIS C 1101 -34.41 82.19 -31.83
CA HIS C 1101 -34.73 81.53 -33.08
C HIS C 1101 -34.71 80.02 -32.91
N TRP C 1102 -35.42 79.32 -33.79
CA TRP C 1102 -35.45 77.87 -33.79
C TRP C 1102 -34.72 77.34 -35.02
N PHE C 1103 -33.88 76.33 -34.80
CA PHE C 1103 -33.18 75.65 -35.87
C PHE C 1103 -33.43 74.16 -35.76
N VAL C 1104 -33.12 73.43 -36.83
CA VAL C 1104 -33.14 71.98 -36.84
C VAL C 1104 -31.72 71.50 -37.10
N THR C 1105 -31.18 70.71 -36.18
CA THR C 1105 -29.77 70.34 -36.24
C THR C 1105 -29.60 68.86 -35.97
N GLN C 1106 -28.65 68.24 -36.67
CA GLN C 1106 -28.32 66.85 -36.42
C GLN C 1106 -27.98 66.66 -34.96
N ARG C 1107 -28.03 65.41 -34.50
CA ARG C 1107 -27.99 65.14 -33.07
C ARG C 1107 -26.56 65.08 -32.53
N ASN C 1108 -25.62 64.60 -33.32
CA ASN C 1108 -24.26 64.34 -32.83
C ASN C 1108 -23.29 65.46 -33.12
N PHE C 1109 -23.74 66.56 -33.71
CA PHE C 1109 -22.85 67.68 -33.97
C PHE C 1109 -23.66 68.94 -34.26
N TYR C 1110 -23.46 69.98 -33.48
CA TYR C 1110 -24.26 71.19 -33.63
C TYR C 1110 -24.02 71.80 -35.01
N GLU C 1111 -25.08 71.86 -35.82
CA GLU C 1111 -25.00 72.45 -37.15
C GLU C 1111 -26.37 73.03 -37.49
N PRO C 1112 -26.71 74.17 -36.89
CA PRO C 1112 -28.08 74.68 -37.03
C PRO C 1112 -28.40 75.07 -38.47
N GLN C 1113 -29.68 74.90 -38.82
CA GLN C 1113 -30.18 75.21 -40.15
C GLN C 1113 -31.55 75.86 -40.02
N ILE C 1114 -31.98 76.52 -41.09
CA ILE C 1114 -33.31 77.11 -41.12
C ILE C 1114 -34.35 76.01 -41.25
N ILE C 1115 -35.46 76.18 -40.54
CA ILE C 1115 -36.51 75.16 -40.53
C ILE C 1115 -37.38 75.33 -41.76
N THR C 1116 -37.16 74.50 -42.78
CA THR C 1116 -37.94 74.56 -44.00
C THR C 1116 -38.69 73.26 -44.16
N THR C 1117 -39.56 73.21 -45.18
CA THR C 1117 -40.30 71.99 -45.46
C THR C 1117 -39.41 70.86 -45.96
N ASP C 1118 -38.18 71.16 -46.37
CA ASP C 1118 -37.22 70.13 -46.75
C ASP C 1118 -36.64 69.39 -45.55
N ASN C 1119 -36.61 70.04 -44.38
CA ASN C 1119 -36.11 69.43 -43.17
C ASN C 1119 -37.20 68.76 -42.34
N THR C 1120 -38.44 69.22 -42.45
CA THR C 1120 -39.52 68.78 -41.58
C THR C 1120 -40.66 68.21 -42.41
N PHE C 1121 -41.31 67.21 -41.83
CA PHE C 1121 -42.50 66.60 -42.42
C PHE C 1121 -43.69 66.82 -41.50
N VAL C 1122 -44.87 66.92 -42.10
CA VAL C 1122 -46.10 67.25 -41.40
C VAL C 1122 -46.79 65.96 -41.01
N SER C 1123 -47.46 65.97 -39.86
CA SER C 1123 -48.24 64.82 -39.42
C SER C 1123 -49.17 65.26 -38.30
N GLY C 1124 -50.47 65.10 -38.50
CA GLY C 1124 -51.41 65.44 -37.45
C GLY C 1124 -51.68 66.93 -37.38
N ASN C 1125 -52.11 67.36 -36.19
CA ASN C 1125 -52.39 68.77 -35.92
C ASN C 1125 -51.88 69.11 -34.53
N CYS C 1126 -52.00 70.39 -34.17
CA CYS C 1126 -51.32 70.93 -33.01
C CYS C 1126 -52.01 70.61 -31.68
N ASP C 1127 -53.13 69.90 -31.70
CA ASP C 1127 -53.87 69.61 -30.48
C ASP C 1127 -53.49 68.29 -29.83
N VAL C 1128 -52.49 67.59 -30.37
CA VAL C 1128 -52.17 66.23 -29.93
C VAL C 1128 -50.82 66.17 -29.24
N VAL C 1129 -49.76 66.66 -29.89
CA VAL C 1129 -48.41 66.52 -29.36
C VAL C 1129 -48.32 67.23 -28.02
N ILE C 1130 -47.41 66.77 -27.17
CA ILE C 1130 -47.15 67.41 -25.88
C ILE C 1130 -45.85 68.19 -25.98
N GLY C 1131 -45.89 69.45 -25.55
CA GLY C 1131 -44.72 70.30 -25.63
C GLY C 1131 -44.52 70.97 -26.96
N ILE C 1132 -45.46 70.80 -27.90
CA ILE C 1132 -45.34 71.44 -29.20
C ILE C 1132 -45.24 72.94 -29.02
N VAL C 1133 -44.44 73.59 -29.88
CA VAL C 1133 -44.14 75.01 -29.74
C VAL C 1133 -44.52 75.73 -31.03
N ASN C 1134 -44.25 77.04 -31.04
CA ASN C 1134 -44.71 77.90 -32.13
C ASN C 1134 -43.53 78.56 -32.84
N ASN C 1135 -43.57 78.54 -34.17
CA ASN C 1135 -42.63 79.29 -35.00
C ASN C 1135 -43.15 79.22 -36.43
N THR C 1136 -42.35 79.73 -37.38
CA THR C 1136 -42.70 79.70 -38.79
C THR C 1136 -41.70 78.84 -39.54
N VAL C 1137 -42.15 78.27 -40.65
CA VAL C 1137 -41.33 77.41 -41.50
C VAL C 1137 -41.15 78.11 -42.83
N TYR C 1138 -39.92 78.52 -43.13
CA TYR C 1138 -39.63 79.17 -44.40
C TYR C 1138 -39.82 78.18 -45.55
N ASP C 1139 -40.49 78.62 -46.60
CA ASP C 1139 -40.76 77.77 -47.76
C ASP C 1139 -39.88 78.20 -48.93
N PRO C 1140 -38.96 77.37 -49.42
CA PRO C 1140 -38.12 77.79 -50.55
C PRO C 1140 -38.90 78.15 -51.80
N LEU C 1141 -40.05 77.51 -52.05
CA LEU C 1141 -40.75 77.72 -53.31
C LEU C 1141 -41.43 79.07 -53.39
N GLN C 1142 -41.79 79.67 -52.25
CA GLN C 1142 -42.56 80.90 -52.25
C GLN C 1142 -41.84 82.03 -52.98
N PRO C 1143 -40.59 82.34 -52.64
CA PRO C 1143 -39.91 83.46 -53.32
C PRO C 1143 -39.77 83.28 -54.82
N GLU C 1144 -39.58 82.05 -55.29
CA GLU C 1144 -39.41 81.83 -56.73
C GLU C 1144 -40.66 82.23 -57.50
N LEU C 1145 -41.84 81.86 -57.02
CA LEU C 1145 -43.09 82.25 -57.66
C LEU C 1145 -43.47 83.70 -57.38
N ASP C 1146 -43.08 84.23 -56.23
CA ASP C 1146 -43.41 85.61 -55.91
C ASP C 1146 -42.76 86.57 -56.89
N SER C 1147 -41.50 86.33 -57.23
CA SER C 1147 -40.77 87.18 -58.17
C SER C 1147 -41.16 86.86 -59.61
N GLU D 1 -15.44 -23.89 11.99
CA GLU D 1 -16.64 -24.45 12.70
C GLU D 1 -17.27 -25.56 11.88
N VAL D 2 -16.99 -26.81 12.27
CA VAL D 2 -17.58 -27.99 11.64
C VAL D 2 -18.04 -28.92 12.74
N GLN D 3 -19.27 -29.42 12.64
CA GLN D 3 -19.85 -30.28 13.65
C GLN D 3 -20.29 -31.61 13.06
N LEU D 4 -20.03 -32.68 13.79
CA LEU D 4 -20.44 -34.03 13.41
C LEU D 4 -20.94 -34.75 14.66
N VAL D 5 -22.18 -35.20 14.62
CA VAL D 5 -22.84 -35.82 15.78
C VAL D 5 -23.23 -37.24 15.40
N GLU D 6 -22.83 -38.21 16.22
CA GLU D 6 -23.12 -39.61 15.97
C GLU D 6 -24.28 -40.08 16.86
N SER D 7 -25.02 -41.06 16.36
CA SER D 7 -26.15 -41.60 17.11
C SER D 7 -26.45 -43.00 16.59
N GLY D 8 -27.20 -43.76 17.40
CA GLY D 8 -27.59 -45.10 17.05
C GLY D 8 -26.76 -46.19 17.69
N GLY D 9 -25.69 -45.84 18.40
CA GLY D 9 -24.87 -46.86 19.03
C GLY D 9 -25.53 -47.46 20.25
N GLY D 10 -25.11 -48.68 20.58
CA GLY D 10 -25.66 -49.34 21.75
C GLY D 10 -25.11 -50.74 21.90
N VAL D 11 -25.80 -51.53 22.72
CA VAL D 11 -25.44 -52.92 22.98
C VAL D 11 -26.33 -53.80 22.13
N VAL D 12 -25.72 -54.78 21.46
CA VAL D 12 -26.45 -55.68 20.59
C VAL D 12 -25.79 -57.05 20.64
N GLN D 13 -26.59 -58.09 20.53
CA GLN D 13 -26.08 -59.45 20.58
C GLN D 13 -25.37 -59.81 19.29
N PRO D 14 -24.50 -60.83 19.33
CA PRO D 14 -23.81 -61.25 18.11
C PRO D 14 -24.79 -61.71 17.03
N GLY D 15 -24.43 -61.43 15.78
CA GLY D 15 -25.24 -61.84 14.65
C GLY D 15 -26.40 -60.92 14.34
N ARG D 16 -26.57 -59.83 15.08
CA ARG D 16 -27.67 -58.91 14.86
C ARG D 16 -27.26 -57.80 13.91
N SER D 17 -28.14 -56.82 13.74
CA SER D 17 -27.92 -55.69 12.85
C SER D 17 -28.13 -54.38 13.60
N LEU D 18 -27.35 -53.37 13.21
CA LEU D 18 -27.43 -52.05 13.82
C LEU D 18 -27.33 -51.00 12.72
N ARG D 19 -27.81 -49.80 13.03
CA ARG D 19 -27.77 -48.68 12.09
C ARG D 19 -27.25 -47.45 12.81
N LEU D 20 -26.08 -46.98 12.42
CA LEU D 20 -25.52 -45.76 12.96
C LEU D 20 -25.78 -44.59 12.01
N SER D 21 -26.03 -43.42 12.59
CA SER D 21 -26.35 -42.23 11.82
C SER D 21 -25.49 -41.08 12.30
N CYS D 22 -24.89 -40.37 11.35
CA CYS D 22 -24.07 -39.20 11.62
C CYS D 22 -24.69 -37.98 10.95
N ALA D 23 -24.79 -36.90 11.72
CA ALA D 23 -25.35 -35.63 11.25
C ALA D 23 -24.21 -34.63 11.16
N ALA D 24 -24.00 -34.08 9.97
CA ALA D 24 -22.98 -33.08 9.72
C ALA D 24 -23.60 -31.69 9.66
N SER D 25 -22.81 -30.69 10.07
CA SER D 25 -23.31 -29.33 10.11
C SER D 25 -22.14 -28.35 9.99
N ALA D 26 -22.44 -27.18 9.42
CA ALA D 26 -21.49 -26.09 9.29
C ALA D 26 -20.46 -26.34 8.20
N PHE D 27 -20.85 -27.06 7.14
CA PHE D 27 -20.03 -27.20 5.95
C PHE D 27 -20.84 -27.95 4.90
N THR D 28 -20.31 -27.96 3.67
CA THR D 28 -20.99 -28.63 2.57
C THR D 28 -20.83 -30.14 2.69
N PHE D 29 -21.83 -30.80 3.28
CA PHE D 29 -21.78 -32.25 3.44
C PHE D 29 -21.76 -32.96 2.08
N SER D 30 -22.30 -32.33 1.04
CA SER D 30 -22.45 -32.98 -0.26
C SER D 30 -21.19 -32.89 -1.12
N SER D 31 -20.16 -32.16 -0.69
CA SER D 31 -18.95 -31.97 -1.49
C SER D 31 -17.71 -32.45 -0.74
N TYR D 32 -17.86 -33.42 0.16
CA TYR D 32 -16.74 -33.98 0.87
C TYR D 32 -17.02 -35.43 1.19
N ASP D 33 -16.08 -36.31 0.84
CA ASP D 33 -16.23 -37.73 1.12
C ASP D 33 -16.14 -37.98 2.61
N MET D 34 -17.00 -38.87 3.11
CA MET D 34 -17.12 -39.12 4.54
C MET D 34 -16.58 -40.50 4.88
N HIS D 35 -15.92 -40.58 6.03
CA HIS D 35 -15.24 -41.79 6.47
C HIS D 35 -15.81 -42.23 7.82
N TRP D 36 -15.98 -43.54 7.97
CA TRP D 36 -16.33 -44.15 9.24
C TRP D 36 -15.08 -44.82 9.80
N VAL D 37 -14.72 -44.44 11.02
CA VAL D 37 -13.50 -44.90 11.67
C VAL D 37 -13.86 -45.44 13.04
N ARG D 38 -13.39 -46.65 13.37
CA ARG D 38 -13.71 -47.26 14.64
C ARG D 38 -12.45 -47.41 15.48
N GLN D 39 -12.62 -47.27 16.80
CA GLN D 39 -11.54 -47.42 17.77
C GLN D 39 -12.00 -48.42 18.82
N ALA D 40 -11.31 -49.55 18.92
CA ALA D 40 -11.68 -50.55 19.91
C ALA D 40 -11.29 -50.08 21.31
N PRO D 41 -11.97 -50.58 22.34
CA PRO D 41 -11.62 -50.17 23.71
C PRO D 41 -10.19 -50.56 24.06
N GLY D 42 -9.36 -49.55 24.32
CA GLY D 42 -7.99 -49.75 24.71
C GLY D 42 -7.02 -49.86 23.57
N LYS D 43 -7.50 -50.08 22.35
CA LYS D 43 -6.63 -50.20 21.18
C LYS D 43 -6.53 -48.84 20.49
N GLY D 44 -5.89 -48.81 19.33
CA GLY D 44 -5.78 -47.61 18.53
C GLY D 44 -6.96 -47.43 17.60
N LEU D 45 -6.84 -46.47 16.70
CA LEU D 45 -7.87 -46.22 15.70
C LEU D 45 -7.80 -47.27 14.61
N GLU D 46 -8.86 -47.34 13.80
CA GLU D 46 -8.90 -48.27 12.67
C GLU D 46 -9.92 -47.77 11.67
N TRP D 47 -9.47 -47.56 10.44
CA TRP D 47 -10.35 -47.12 9.36
C TRP D 47 -11.35 -48.22 9.02
N VAL D 48 -12.59 -47.81 8.76
CA VAL D 48 -13.67 -48.77 8.52
C VAL D 48 -14.22 -48.63 7.11
N ALA D 49 -14.73 -47.45 6.75
CA ALA D 49 -15.42 -47.32 5.47
C ALA D 49 -15.28 -45.89 4.95
N VAL D 50 -15.54 -45.74 3.66
CA VAL D 50 -15.45 -44.45 2.97
C VAL D 50 -16.53 -44.38 1.92
N ILE D 51 -17.13 -43.19 1.80
CA ILE D 51 -18.14 -42.92 0.77
C ILE D 51 -17.82 -41.59 0.12
N SER D 52 -17.90 -41.55 -1.21
CA SER D 52 -17.55 -40.36 -1.96
C SER D 52 -18.58 -39.26 -1.71
N TYR D 53 -18.31 -38.09 -2.29
CA TYR D 53 -19.19 -36.94 -2.09
C TYR D 53 -20.55 -37.14 -2.75
N ASP D 54 -20.59 -37.81 -3.90
CA ASP D 54 -21.81 -37.96 -4.67
C ASP D 54 -22.62 -39.20 -4.29
N GLY D 55 -22.17 -39.96 -3.30
CA GLY D 55 -22.93 -41.13 -2.88
C GLY D 55 -23.00 -42.23 -3.91
N SER D 56 -22.04 -42.27 -4.84
CA SER D 56 -22.00 -43.30 -5.88
C SER D 56 -20.87 -44.30 -5.70
N ASN D 57 -19.91 -44.03 -4.80
CA ASN D 57 -18.77 -44.90 -4.59
C ASN D 57 -18.67 -45.24 -3.10
N LYS D 58 -18.46 -46.52 -2.81
CA LYS D 58 -18.35 -47.02 -1.45
C LYS D 58 -17.17 -47.97 -1.36
N TYR D 59 -16.34 -47.81 -0.34
CA TYR D 59 -15.18 -48.66 -0.16
C TYR D 59 -15.02 -49.02 1.31
N TYR D 60 -14.50 -50.22 1.56
CA TYR D 60 -14.40 -50.75 2.91
C TYR D 60 -13.10 -51.51 3.05
N ALA D 61 -12.62 -51.61 4.28
CA ALA D 61 -11.48 -52.45 4.59
C ALA D 61 -11.90 -53.92 4.54
N ASP D 62 -10.90 -54.79 4.35
CA ASP D 62 -11.20 -56.22 4.23
C ASP D 62 -11.89 -56.77 5.48
N SER D 63 -11.58 -56.24 6.66
CA SER D 63 -12.19 -56.74 7.89
C SER D 63 -13.70 -56.62 7.88
N VAL D 64 -14.26 -55.73 7.07
CA VAL D 64 -15.69 -55.48 7.04
C VAL D 64 -16.30 -55.60 5.66
N LYS D 65 -15.51 -55.93 4.64
CA LYS D 65 -16.05 -56.02 3.29
C LYS D 65 -17.10 -57.11 3.21
N GLY D 66 -18.22 -56.81 2.55
CA GLY D 66 -19.30 -57.76 2.45
C GLY D 66 -20.10 -57.95 3.72
N ARG D 67 -19.85 -57.13 4.73
CA ARG D 67 -20.54 -57.23 6.02
C ARG D 67 -21.21 -55.94 6.44
N PHE D 68 -20.59 -54.80 6.20
CA PHE D 68 -21.18 -53.49 6.48
C PHE D 68 -21.62 -52.82 5.18
N THR D 69 -22.40 -51.75 5.34
CA THR D 69 -22.85 -50.97 4.20
C THR D 69 -22.86 -49.50 4.58
N ILE D 70 -22.44 -48.64 3.66
CA ILE D 70 -22.32 -47.21 3.89
C ILE D 70 -23.16 -46.48 2.85
N SER D 71 -23.96 -45.52 3.30
CA SER D 71 -24.79 -44.72 2.41
C SER D 71 -24.85 -43.30 2.94
N ARG D 72 -25.39 -42.39 2.15
CA ARG D 72 -25.47 -41.00 2.54
C ARG D 72 -26.71 -40.37 1.94
N ASP D 73 -27.32 -39.46 2.71
CA ASP D 73 -28.44 -38.65 2.26
C ASP D 73 -27.98 -37.20 2.29
N ASN D 74 -27.60 -36.68 1.12
CA ASN D 74 -27.13 -35.30 1.04
C ASN D 74 -28.24 -34.31 1.35
N SER D 75 -29.49 -34.67 1.03
CA SER D 75 -30.60 -33.77 1.34
C SER D 75 -30.72 -33.53 2.84
N LYS D 76 -30.59 -34.59 3.64
CA LYS D 76 -30.61 -34.49 5.09
C LYS D 76 -29.23 -34.24 5.68
N ASN D 77 -28.18 -34.23 4.85
CA ASN D 77 -26.81 -34.08 5.32
C ASN D 77 -26.49 -35.15 6.38
N THR D 78 -26.81 -36.39 6.05
CA THR D 78 -26.65 -37.49 7.00
C THR D 78 -25.87 -38.62 6.35
N LEU D 79 -25.16 -39.36 7.19
CA LEU D 79 -24.35 -40.50 6.78
C LEU D 79 -24.81 -41.72 7.57
N TYR D 80 -25.17 -42.79 6.85
CA TYR D 80 -25.72 -43.98 7.47
C TYR D 80 -24.78 -45.16 7.29
N LEU D 81 -24.59 -45.91 8.38
CA LEU D 81 -23.74 -47.09 8.39
C LEU D 81 -24.57 -48.25 8.92
N GLN D 82 -24.94 -49.17 8.03
CA GLN D 82 -25.66 -50.37 8.43
C GLN D 82 -24.65 -51.49 8.70
N MET D 83 -24.57 -51.91 9.96
CA MET D 83 -23.65 -52.95 10.38
C MET D 83 -24.46 -54.20 10.66
N ASN D 84 -24.50 -55.11 9.68
CA ASN D 84 -25.23 -56.36 9.79
C ASN D 84 -24.28 -57.49 10.15
N SER D 85 -24.82 -58.49 10.87
CA SER D 85 -24.03 -59.63 11.31
C SER D 85 -22.82 -59.16 12.11
N LEU D 86 -23.11 -58.51 13.24
CA LEU D 86 -22.06 -57.95 14.08
C LEU D 86 -21.41 -59.05 14.91
N ARG D 87 -20.08 -59.01 14.98
CA ARG D 87 -19.30 -59.91 15.82
C ARG D 87 -18.75 -59.16 17.02
N ALA D 88 -18.15 -59.93 17.94
CA ALA D 88 -17.59 -59.33 19.15
C ALA D 88 -16.50 -58.32 18.82
N GLU D 89 -15.78 -58.52 17.71
CA GLU D 89 -14.71 -57.61 17.34
C GLU D 89 -15.23 -56.21 17.02
N ASP D 90 -16.51 -56.10 16.67
CA ASP D 90 -17.10 -54.81 16.30
C ASP D 90 -17.25 -53.87 17.49
N THR D 91 -17.05 -54.36 18.72
CA THR D 91 -17.19 -53.51 19.90
C THR D 91 -16.16 -52.39 19.86
N ALA D 92 -16.62 -51.17 19.63
CA ALA D 92 -15.72 -50.04 19.47
C ALA D 92 -16.53 -48.75 19.45
N VAL D 93 -15.82 -47.63 19.43
CA VAL D 93 -16.42 -46.31 19.30
C VAL D 93 -16.28 -45.89 17.84
N TYR D 94 -17.39 -45.52 17.22
CA TYR D 94 -17.44 -45.17 15.80
C TYR D 94 -17.50 -43.66 15.65
N TYR D 95 -16.69 -43.12 14.76
CA TYR D 95 -16.65 -41.71 14.44
C TYR D 95 -16.87 -41.52 12.95
N CYS D 96 -17.50 -40.40 12.60
CA CYS D 96 -17.61 -39.96 11.22
C CYS D 96 -16.68 -38.77 11.03
N ALA D 97 -15.94 -38.78 9.92
CA ALA D 97 -14.90 -37.78 9.68
C ALA D 97 -14.97 -37.29 8.25
N LYS D 98 -14.71 -35.99 8.08
CA LYS D 98 -14.60 -35.41 6.75
C LYS D 98 -13.23 -35.71 6.16
N ASP D 99 -13.16 -35.70 4.83
CA ASP D 99 -11.91 -35.96 4.15
C ASP D 99 -11.01 -34.72 4.13
N GLY D 100 -11.50 -33.65 3.52
CA GLY D 100 -10.71 -32.44 3.35
C GLY D 100 -10.30 -32.24 1.91
N GLY D 101 -9.91 -33.32 1.24
CA GLY D 101 -9.68 -33.29 -0.19
C GLY D 101 -8.59 -32.35 -0.65
N LYS D 102 -7.64 -31.99 0.21
CA LYS D 102 -6.53 -31.15 -0.22
C LYS D 102 -5.42 -31.92 -0.90
N LEU D 103 -5.44 -33.24 -0.82
CA LEU D 103 -4.42 -34.09 -1.43
C LEU D 103 -5.08 -35.15 -2.30
N TRP D 104 -4.24 -35.84 -3.09
CA TRP D 104 -4.73 -36.92 -3.93
C TRP D 104 -5.22 -38.11 -3.11
N VAL D 105 -4.91 -38.18 -1.83
CA VAL D 105 -5.21 -39.35 -1.01
C VAL D 105 -6.06 -38.91 0.18
N TYR D 106 -6.42 -39.90 1.00
CA TYR D 106 -7.36 -39.70 2.10
C TYR D 106 -6.63 -39.29 3.37
N TYR D 107 -7.04 -38.15 3.93
CA TYR D 107 -6.67 -37.73 5.27
C TYR D 107 -7.94 -37.30 5.99
N PHE D 108 -7.89 -37.24 7.31
CA PHE D 108 -9.05 -36.91 8.12
C PHE D 108 -8.87 -35.50 8.68
N ASP D 109 -9.81 -34.61 8.38
CA ASP D 109 -9.70 -33.23 8.81
C ASP D 109 -10.41 -32.99 10.13
N TYR D 110 -11.71 -33.27 10.20
CA TYR D 110 -12.51 -33.02 11.38
C TYR D 110 -13.16 -34.32 11.84
N TRP D 111 -13.33 -34.44 13.16
CA TRP D 111 -13.88 -35.64 13.77
C TRP D 111 -15.05 -35.26 14.67
N GLY D 112 -16.02 -36.16 14.78
CA GLY D 112 -17.08 -36.01 15.75
C GLY D 112 -16.71 -36.63 17.08
N GLN D 113 -17.64 -36.55 18.03
CA GLN D 113 -17.41 -37.16 19.33
C GLN D 113 -17.66 -38.66 19.33
N GLY D 114 -18.32 -39.18 18.30
CA GLY D 114 -18.47 -40.61 18.13
C GLY D 114 -19.57 -41.19 19.00
N THR D 115 -19.85 -42.46 18.75
CA THR D 115 -20.85 -43.21 19.52
C THR D 115 -20.33 -44.61 19.81
N LEU D 116 -20.61 -45.10 21.01
CA LEU D 116 -20.13 -46.42 21.42
C LEU D 116 -21.04 -47.50 20.87
N VAL D 117 -20.47 -48.65 20.51
CA VAL D 117 -21.23 -49.82 20.09
C VAL D 117 -20.57 -51.03 20.73
N THR D 118 -21.36 -51.82 21.45
CA THR D 118 -20.87 -53.01 22.15
C THR D 118 -21.59 -54.23 21.62
N VAL D 119 -20.83 -55.27 21.30
CA VAL D 119 -21.36 -56.55 20.85
C VAL D 119 -21.01 -57.58 21.92
N SER D 120 -22.03 -58.12 22.59
CA SER D 120 -21.82 -59.11 23.62
C SER D 120 -23.02 -60.04 23.68
N SER D 121 -22.80 -61.25 24.17
CA SER D 121 -23.83 -62.26 24.31
C SER D 121 -24.22 -62.46 25.78
N ALA D 122 -24.13 -61.38 26.56
CA ALA D 122 -24.47 -61.41 27.97
C ALA D 122 -25.53 -60.38 28.27
N SER D 123 -26.50 -60.76 29.09
CA SER D 123 -27.58 -59.87 29.49
C SER D 123 -27.12 -58.95 30.62
N THR D 124 -27.92 -57.92 30.88
CA THR D 124 -27.60 -56.97 31.94
C THR D 124 -27.70 -57.68 33.29
N LYS D 125 -26.69 -57.46 34.13
CA LYS D 125 -26.61 -58.09 35.44
C LYS D 125 -26.29 -57.05 36.51
N GLY D 126 -26.83 -57.26 37.71
CA GLY D 126 -26.57 -56.37 38.81
C GLY D 126 -25.18 -56.59 39.38
N PRO D 127 -24.45 -55.52 39.69
CA PRO D 127 -23.10 -55.68 40.24
C PRO D 127 -23.14 -56.30 41.62
N SER D 128 -22.07 -57.05 41.91
CA SER D 128 -21.85 -57.62 43.23
C SER D 128 -20.77 -56.81 43.94
N VAL D 129 -21.13 -56.19 45.06
CA VAL D 129 -20.22 -55.32 45.80
C VAL D 129 -19.67 -56.09 46.99
N PHE D 130 -18.35 -56.12 47.11
CA PHE D 130 -17.68 -56.79 48.22
C PHE D 130 -16.69 -55.83 48.86
N PRO D 131 -16.40 -56.00 50.15
CA PRO D 131 -15.46 -55.12 50.83
C PRO D 131 -14.01 -55.56 50.62
N LEU D 132 -13.10 -54.64 50.91
CA LEU D 132 -11.66 -54.89 50.94
C LEU D 132 -11.15 -54.15 52.17
N ALA D 133 -11.08 -54.85 53.28
CA ALA D 133 -10.78 -54.22 54.56
C ALA D 133 -9.27 -53.99 54.71
N PRO D 134 -8.85 -52.99 55.48
CA PRO D 134 -7.42 -52.80 55.73
C PRO D 134 -6.92 -53.61 56.91
N SER D 135 -5.63 -53.47 57.23
CA SER D 135 -5.05 -54.16 58.38
C SER D 135 -3.95 -53.29 58.96
N SER D 136 -3.35 -53.75 60.05
CA SER D 136 -2.28 -53.02 60.71
C SER D 136 -0.92 -53.46 60.16
N GLY D 142 2.62 -44.20 58.47
CA GLY D 142 2.03 -45.51 58.33
C GLY D 142 0.51 -45.48 58.29
N THR D 143 -0.03 -45.19 57.12
CA THR D 143 -1.48 -45.11 56.92
C THR D 143 -2.01 -46.48 56.50
N ALA D 144 -3.30 -46.53 56.17
CA ALA D 144 -3.94 -47.77 55.73
C ALA D 144 -4.73 -47.48 54.47
N ALA D 145 -5.13 -48.54 53.77
CA ALA D 145 -5.90 -48.41 52.54
C ALA D 145 -6.98 -49.48 52.51
N LEU D 146 -8.19 -49.07 52.15
CA LEU D 146 -9.33 -49.96 52.07
C LEU D 146 -9.99 -49.76 50.71
N GLY D 147 -11.04 -50.53 50.45
CA GLY D 147 -11.71 -50.37 49.17
C GLY D 147 -12.92 -51.24 49.02
N CYS D 148 -13.47 -51.21 47.81
CA CYS D 148 -14.61 -52.03 47.43
C CYS D 148 -14.37 -52.63 46.05
N LEU D 149 -14.97 -53.79 45.83
CA LEU D 149 -14.83 -54.55 44.58
C LEU D 149 -16.22 -54.71 43.98
N VAL D 150 -16.42 -54.13 42.80
CA VAL D 150 -17.69 -54.25 42.07
C VAL D 150 -17.45 -55.27 40.98
N LYS D 151 -17.79 -56.53 41.26
CA LYS D 151 -17.48 -57.65 40.39
C LYS D 151 -18.76 -58.19 39.77
N ASP D 152 -18.61 -58.81 38.60
CA ASP D 152 -19.73 -59.46 37.91
C ASP D 152 -20.84 -58.46 37.61
N TYR D 153 -20.55 -57.46 36.79
CA TYR D 153 -21.58 -56.52 36.36
C TYR D 153 -21.45 -56.30 34.85
N PHE D 154 -22.57 -55.94 34.24
CA PHE D 154 -22.62 -55.72 32.80
C PHE D 154 -23.95 -55.06 32.45
N PRO D 155 -23.98 -54.10 31.52
CA PRO D 155 -22.85 -53.49 30.82
C PRO D 155 -22.27 -52.28 31.55
N GLU D 156 -21.28 -51.63 30.94
CA GLU D 156 -20.71 -50.41 31.49
C GLU D 156 -21.68 -49.24 31.28
N PRO D 157 -21.55 -48.16 32.06
CA PRO D 157 -20.61 -47.94 33.17
C PRO D 157 -21.23 -48.15 34.55
N VAL D 158 -20.42 -48.02 35.59
CA VAL D 158 -20.87 -48.06 36.97
C VAL D 158 -20.23 -46.90 37.72
N THR D 159 -21.05 -46.18 38.49
CA THR D 159 -20.59 -45.02 39.24
C THR D 159 -20.33 -45.41 40.69
N VAL D 160 -19.12 -45.12 41.17
CA VAL D 160 -18.69 -45.49 42.52
C VAL D 160 -18.35 -44.22 43.27
N SER D 161 -18.88 -44.09 44.48
CA SER D 161 -18.61 -42.95 45.35
C SER D 161 -18.32 -43.45 46.75
N TRP D 162 -17.62 -42.62 47.53
CA TRP D 162 -17.28 -42.93 48.91
C TRP D 162 -17.96 -41.93 49.84
N ASN D 163 -18.66 -42.44 50.85
CA ASN D 163 -19.39 -41.61 51.80
C ASN D 163 -20.35 -40.67 51.08
N SER D 164 -21.04 -41.21 50.07
CA SER D 164 -21.99 -40.43 49.27
C SER D 164 -21.33 -39.20 48.68
N GLY D 165 -20.08 -39.36 48.24
CA GLY D 165 -19.34 -38.27 47.64
C GLY D 165 -18.60 -37.38 48.63
N ALA D 166 -18.77 -37.59 49.93
CA ALA D 166 -18.06 -36.79 50.91
C ALA D 166 -16.57 -37.04 50.87
N LEU D 167 -16.14 -38.29 50.69
CA LEU D 167 -14.74 -38.64 50.65
C LEU D 167 -14.25 -38.54 49.21
N THR D 168 -13.41 -37.54 48.93
CA THR D 168 -12.92 -37.29 47.57
C THR D 168 -11.43 -37.55 47.46
N SER D 169 -10.62 -36.92 48.30
CA SER D 169 -9.17 -37.04 48.20
C SER D 169 -8.73 -38.48 48.51
N GLY D 170 -7.70 -38.93 47.81
CA GLY D 170 -7.15 -40.25 48.04
C GLY D 170 -7.95 -41.39 47.45
N VAL D 171 -8.94 -41.10 46.61
CA VAL D 171 -9.82 -42.12 46.03
C VAL D 171 -9.36 -42.41 44.62
N HIS D 172 -9.12 -43.69 44.33
CA HIS D 172 -8.69 -44.16 43.01
C HIS D 172 -9.67 -45.21 42.53
N THR D 173 -10.29 -44.96 41.39
CA THR D 173 -11.22 -45.90 40.77
C THR D 173 -10.57 -46.44 39.49
N PHE D 174 -10.14 -47.69 39.53
CA PHE D 174 -9.45 -48.26 38.39
C PHE D 174 -10.43 -48.51 37.23
N PRO D 175 -9.96 -48.45 36.00
CA PRO D 175 -10.85 -48.77 34.86
C PRO D 175 -11.31 -50.21 34.92
N ALA D 176 -12.52 -50.45 34.42
CA ALA D 176 -13.10 -51.78 34.43
C ALA D 176 -12.31 -52.71 33.52
N VAL D 177 -12.29 -53.99 33.88
CA VAL D 177 -11.64 -55.03 33.10
C VAL D 177 -12.67 -56.09 32.75
N LEU D 178 -12.76 -56.44 31.47
CA LEU D 178 -13.73 -57.41 30.98
C LEU D 178 -13.16 -58.80 31.18
N GLN D 179 -13.65 -59.50 32.21
CA GLN D 179 -13.13 -60.82 32.53
C GLN D 179 -13.66 -61.86 31.56
N SER D 180 -13.08 -63.07 31.63
CA SER D 180 -13.43 -64.13 30.70
C SER D 180 -14.91 -64.50 30.75
N SER D 181 -15.58 -64.22 31.86
CA SER D 181 -17.00 -64.56 31.99
C SER D 181 -17.89 -63.68 31.12
N GLY D 182 -17.35 -62.62 30.53
CA GLY D 182 -18.13 -61.70 29.72
C GLY D 182 -18.68 -60.50 30.47
N LEU D 183 -18.56 -60.50 31.80
CA LEU D 183 -19.00 -59.38 32.60
C LEU D 183 -17.84 -58.41 32.81
N TYR D 184 -18.03 -57.46 33.72
CA TYR D 184 -17.01 -56.47 34.04
C TYR D 184 -16.70 -56.50 35.53
N SER D 185 -15.41 -56.32 35.85
CA SER D 185 -14.93 -56.25 37.22
C SER D 185 -14.22 -54.92 37.41
N LEU D 186 -14.53 -54.24 38.52
CA LEU D 186 -13.94 -52.94 38.82
C LEU D 186 -13.56 -52.90 40.29
N SER D 187 -12.55 -52.10 40.61
CA SER D 187 -12.08 -51.92 41.98
C SER D 187 -11.96 -50.45 42.29
N SER D 188 -12.41 -50.06 43.47
CA SER D 188 -12.23 -48.70 43.97
C SER D 188 -11.48 -48.78 45.29
N VAL D 189 -10.51 -47.89 45.48
CA VAL D 189 -9.67 -47.92 46.67
C VAL D 189 -9.57 -46.49 47.23
N VAL D 190 -9.30 -46.42 48.53
CA VAL D 190 -9.10 -45.14 49.20
C VAL D 190 -8.14 -45.36 50.35
N THR D 191 -7.18 -44.45 50.48
CA THR D 191 -6.17 -44.50 51.52
C THR D 191 -6.52 -43.47 52.59
N VAL D 192 -6.55 -43.90 53.84
CA VAL D 192 -6.87 -43.03 54.97
C VAL D 192 -5.84 -43.28 56.06
N PRO D 193 -5.63 -42.31 56.95
CA PRO D 193 -4.69 -42.52 58.06
C PRO D 193 -5.10 -43.72 58.91
N SER D 194 -4.10 -44.47 59.37
CA SER D 194 -4.36 -45.64 60.19
C SER D 194 -5.03 -45.29 61.51
N SER D 195 -4.82 -44.07 62.01
CA SER D 195 -5.44 -43.67 63.28
C SER D 195 -6.96 -43.65 63.16
N SER D 196 -7.47 -43.06 62.07
CA SER D 196 -8.91 -42.93 61.86
C SER D 196 -9.40 -44.17 61.11
N LEU D 197 -9.56 -45.27 61.87
CA LEU D 197 -10.04 -46.52 61.30
C LEU D 197 -11.23 -47.11 62.04
N GLY D 198 -11.55 -46.63 63.24
CA GLY D 198 -12.67 -47.14 63.99
C GLY D 198 -13.76 -46.11 64.21
N THR D 199 -13.37 -44.84 64.21
CA THR D 199 -14.34 -43.77 64.40
C THR D 199 -15.02 -43.39 63.09
N GLN D 200 -14.22 -43.05 62.07
CA GLN D 200 -14.78 -42.69 60.78
C GLN D 200 -15.41 -43.91 60.12
N THR D 201 -16.63 -43.76 59.62
CA THR D 201 -17.34 -44.83 58.95
C THR D 201 -17.22 -44.65 57.44
N TYR D 202 -16.78 -45.70 56.76
CA TYR D 202 -16.58 -45.67 55.31
C TYR D 202 -17.59 -46.61 54.66
N ILE D 203 -18.40 -46.06 53.76
CA ILE D 203 -19.40 -46.84 53.02
C ILE D 203 -19.28 -46.46 51.55
N CYS D 204 -19.12 -47.46 50.69
CA CYS D 204 -19.02 -47.22 49.25
C CYS D 204 -20.37 -47.43 48.59
N ASN D 205 -20.77 -46.45 47.78
CA ASN D 205 -22.05 -46.45 47.07
C ASN D 205 -21.77 -46.73 45.60
N VAL D 206 -22.39 -47.79 45.08
CA VAL D 206 -22.21 -48.21 43.69
C VAL D 206 -23.57 -48.17 43.00
N ASN D 207 -23.62 -47.49 41.86
CA ASN D 207 -24.85 -47.37 41.09
C ASN D 207 -24.60 -47.83 39.67
N HIS D 208 -25.46 -48.71 39.18
CA HIS D 208 -25.40 -49.27 37.84
C HIS D 208 -26.74 -48.98 37.17
N LYS D 209 -26.81 -47.86 36.46
CA LYS D 209 -28.05 -47.47 35.80
C LYS D 209 -28.50 -48.49 34.75
N PRO D 210 -27.63 -49.01 33.89
CA PRO D 210 -28.11 -50.03 32.92
C PRO D 210 -28.84 -51.18 33.58
N SER D 211 -28.37 -51.65 34.73
CA SER D 211 -29.08 -52.65 35.52
C SER D 211 -29.95 -52.04 36.61
N ASN D 212 -29.86 -50.74 36.84
CA ASN D 212 -30.61 -50.06 37.89
C ASN D 212 -30.39 -50.75 39.24
N THR D 213 -29.13 -50.77 39.66
CA THR D 213 -28.75 -51.42 40.91
C THR D 213 -27.95 -50.44 41.75
N LYS D 214 -28.48 -50.10 42.92
CA LYS D 214 -27.80 -49.23 43.88
C LYS D 214 -27.48 -50.02 45.13
N VAL D 215 -26.20 -50.03 45.52
CA VAL D 215 -25.73 -50.82 46.65
C VAL D 215 -24.82 -49.95 47.51
N ASP D 216 -25.08 -49.94 48.81
CA ASP D 216 -24.23 -49.27 49.79
C ASP D 216 -23.56 -50.32 50.66
N LYS D 217 -22.26 -50.47 50.52
CA LYS D 217 -21.51 -51.52 51.21
C LYS D 217 -20.59 -50.89 52.25
N ARG D 218 -20.69 -51.36 53.49
CA ARG D 218 -19.83 -50.90 54.56
C ARG D 218 -18.46 -51.55 54.44
N VAL D 219 -17.43 -50.84 54.87
CA VAL D 219 -16.06 -51.34 54.90
C VAL D 219 -15.53 -51.14 56.30
N GLU D 220 -15.10 -52.23 56.93
CA GLU D 220 -14.56 -52.19 58.28
C GLU D 220 -13.32 -53.07 58.37
N PRO D 221 -12.40 -52.77 59.29
CA PRO D 221 -11.18 -53.56 59.40
C PRO D 221 -11.46 -55.00 59.82
N LYS D 222 -10.60 -55.90 59.36
CA LYS D 222 -10.74 -57.30 59.70
C LYS D 222 -10.55 -57.51 61.20
N SER D 223 -11.34 -58.41 61.76
CA SER D 223 -11.28 -58.74 63.19
C SER D 223 -10.78 -60.16 63.34
N CYS D 224 -9.71 -60.33 64.11
CA CYS D 224 -9.14 -61.65 64.34
C CYS D 224 -8.08 -61.59 65.45
N ASP E 1 0.90 -56.20 4.39
CA ASP E 1 0.36 -54.81 4.43
C ASP E 1 1.42 -53.85 4.98
N ILE E 2 1.01 -52.64 5.33
CA ILE E 2 1.91 -51.61 5.83
C ILE E 2 1.78 -51.59 7.36
N GLN E 3 2.90 -51.82 8.05
CA GLN E 3 2.94 -51.74 9.50
C GLN E 3 3.70 -50.48 9.91
N MET E 4 3.11 -49.71 10.81
CA MET E 4 3.70 -48.46 11.29
C MET E 4 4.14 -48.66 12.73
N THR E 5 5.44 -48.52 12.97
CA THR E 5 6.01 -48.63 14.31
C THR E 5 6.31 -47.23 14.84
N GLN E 6 5.67 -46.88 15.95
CA GLN E 6 5.82 -45.57 16.55
C GLN E 6 6.63 -45.72 17.83
N SER E 7 7.69 -44.92 17.96
CA SER E 7 8.58 -44.98 19.11
C SER E 7 8.81 -43.59 19.67
N PRO E 8 9.13 -43.48 20.97
CA PRO E 8 9.16 -44.58 21.93
C PRO E 8 7.75 -44.99 22.34
N SER E 9 7.59 -46.19 22.91
CA SER E 9 6.27 -46.60 23.38
C SER E 9 5.69 -45.59 24.35
N SER E 10 6.54 -44.99 25.18
CA SER E 10 6.12 -43.93 26.09
C SER E 10 7.35 -43.23 26.65
N LEU E 11 7.32 -41.89 26.70
CA LEU E 11 8.45 -41.10 27.17
C LEU E 11 8.01 -40.17 28.28
N SER E 12 8.94 -39.86 29.17
CA SER E 12 8.73 -38.95 30.28
C SER E 12 9.48 -37.66 30.01
N ALA E 13 8.78 -36.53 30.08
CA ALA E 13 9.40 -35.24 29.83
C ALA E 13 8.69 -34.18 30.64
N SER E 14 9.38 -33.07 30.88
CA SER E 14 8.85 -31.94 31.61
C SER E 14 8.39 -30.86 30.65
N VAL E 15 7.70 -29.85 31.18
CA VAL E 15 7.19 -28.76 30.36
C VAL E 15 8.35 -27.96 29.79
N GLY E 16 8.23 -27.59 28.51
CA GLY E 16 9.24 -26.83 27.82
C GLY E 16 10.32 -27.64 27.15
N ASP E 17 10.33 -28.96 27.35
CA ASP E 17 11.32 -29.81 26.71
C ASP E 17 11.01 -29.98 25.24
N ARG E 18 12.06 -30.17 24.45
CA ARG E 18 11.92 -30.40 23.01
C ARG E 18 11.64 -31.89 22.78
N VAL E 19 10.37 -32.25 22.71
CA VAL E 19 9.95 -33.64 22.60
C VAL E 19 10.03 -34.07 21.14
N THR E 20 10.40 -35.33 20.92
CA THR E 20 10.48 -35.89 19.58
C THR E 20 9.92 -37.31 19.58
N ILE E 21 9.19 -37.65 18.53
CA ILE E 21 8.60 -38.99 18.37
C ILE E 21 8.85 -39.45 16.95
N THR E 22 9.27 -40.71 16.80
CA THR E 22 9.61 -41.28 15.50
C THR E 22 8.54 -42.27 15.07
N CYS E 23 8.36 -42.38 13.75
CA CYS E 23 7.39 -43.29 13.15
C CYS E 23 8.02 -43.89 11.90
N ARG E 24 8.10 -45.21 11.85
CA ARG E 24 8.73 -45.93 10.76
C ARG E 24 7.70 -46.81 10.05
N ALA E 25 7.89 -46.99 8.74
CA ALA E 25 6.98 -47.76 7.91
C ALA E 25 7.69 -48.98 7.35
N SER E 26 6.92 -50.05 7.13
CA SER E 26 7.49 -51.28 6.59
C SER E 26 8.05 -51.05 5.19
N GLN E 27 7.33 -50.32 4.34
CA GLN E 27 7.81 -49.98 3.01
C GLN E 27 7.88 -48.47 2.86
N SER E 28 8.27 -48.00 1.67
CA SER E 28 8.48 -46.58 1.46
C SER E 28 7.16 -45.89 1.13
N ILE E 29 6.90 -44.77 1.80
CA ILE E 29 5.75 -43.92 1.51
C ILE E 29 6.26 -42.51 1.26
N SER E 30 5.80 -41.90 0.17
CA SER E 30 6.42 -40.67 -0.30
C SER E 30 6.33 -39.55 0.74
N SER E 31 5.13 -39.02 0.96
CA SER E 31 4.93 -38.01 2.01
C SER E 31 3.59 -38.25 2.68
N TYR E 32 3.12 -39.49 2.67
CA TYR E 32 1.77 -39.83 3.12
C TYR E 32 1.78 -40.33 4.56
N LEU E 33 2.14 -39.43 5.47
CA LEU E 33 2.12 -39.71 6.90
C LEU E 33 1.44 -38.54 7.61
N ASN E 34 0.53 -38.84 8.52
CA ASN E 34 -0.21 -37.82 9.25
C ASN E 34 -0.18 -38.10 10.74
N TRP E 35 -0.14 -37.03 11.53
CA TRP E 35 -0.06 -37.11 12.98
C TRP E 35 -1.32 -36.54 13.59
N TYR E 36 -1.97 -37.36 14.43
CA TYR E 36 -3.17 -36.99 15.17
C TYR E 36 -2.87 -37.02 16.66
N GLN E 37 -3.61 -36.20 17.41
CA GLN E 37 -3.49 -36.13 18.86
C GLN E 37 -4.81 -36.54 19.49
N GLN E 38 -4.71 -37.25 20.62
CA GLN E 38 -5.89 -37.75 21.33
C GLN E 38 -5.60 -37.67 22.83
N LYS E 39 -6.43 -36.92 23.53
CA LYS E 39 -6.39 -36.88 24.99
C LYS E 39 -7.14 -38.08 25.56
N PRO E 40 -6.86 -38.45 26.80
CA PRO E 40 -7.61 -39.57 27.41
C PRO E 40 -9.10 -39.30 27.40
N GLY E 41 -9.85 -40.22 26.80
CA GLY E 41 -11.30 -40.13 26.71
C GLY E 41 -11.82 -39.29 25.56
N LYS E 42 -11.15 -38.17 25.28
CA LYS E 42 -11.59 -37.29 24.22
C LYS E 42 -11.31 -37.90 22.85
N ALA E 43 -11.95 -37.35 21.82
CA ALA E 43 -11.78 -37.84 20.47
C ALA E 43 -10.46 -37.36 19.88
N PRO E 44 -9.87 -38.12 18.96
CA PRO E 44 -8.64 -37.68 18.31
C PRO E 44 -8.84 -36.40 17.52
N LYS E 45 -7.76 -35.62 17.43
CA LYS E 45 -7.77 -34.35 16.71
C LYS E 45 -6.56 -34.30 15.79
N LEU E 46 -6.71 -33.63 14.65
CA LEU E 46 -5.65 -33.60 13.66
C LEU E 46 -4.59 -32.57 14.02
N LEU E 47 -3.33 -32.95 13.88
CA LEU E 47 -2.19 -32.05 14.08
C LEU E 47 -1.44 -31.79 12.78
N ILE E 48 -0.97 -32.82 12.11
CA ILE E 48 -0.10 -32.69 10.94
C ILE E 48 -0.64 -33.59 9.83
N TYR E 49 -0.59 -33.12 8.60
CA TYR E 49 -0.95 -33.91 7.43
C TYR E 49 0.15 -33.81 6.38
N ALA E 50 0.34 -34.90 5.63
CA ALA E 50 1.37 -34.99 4.59
C ALA E 50 2.78 -34.96 5.21
N ALA E 51 2.80 -35.01 6.54
CA ALA E 51 4.03 -35.12 7.32
C ALA E 51 4.86 -33.83 7.29
N SER E 52 4.45 -32.85 6.49
CA SER E 52 5.16 -31.58 6.43
C SER E 52 4.17 -30.42 6.30
N SER E 53 3.03 -30.53 6.96
CA SER E 53 2.00 -29.49 6.89
C SER E 53 1.32 -29.34 8.24
N LEU E 54 1.37 -28.15 8.80
CA LEU E 54 0.72 -27.87 10.07
C LEU E 54 -0.77 -27.59 9.84
N GLN E 55 -1.62 -28.36 10.50
CA GLN E 55 -3.06 -28.18 10.37
C GLN E 55 -3.47 -26.81 10.92
N SER E 56 -4.47 -26.21 10.29
CA SER E 56 -4.96 -24.91 10.73
C SER E 56 -5.44 -24.99 12.18
N GLY E 57 -5.10 -23.97 12.96
CA GLY E 57 -5.52 -23.90 14.35
C GLY E 57 -4.68 -24.68 15.32
N VAL E 58 -3.54 -25.21 14.89
CA VAL E 58 -2.64 -25.99 15.74
C VAL E 58 -1.49 -25.09 16.14
N PRO E 59 -0.96 -25.19 17.36
CA PRO E 59 0.20 -24.37 17.73
C PRO E 59 1.39 -24.66 16.82
N SER E 60 2.14 -23.59 16.53
CA SER E 60 3.29 -23.71 15.64
C SER E 60 4.41 -24.55 16.23
N ARG E 61 4.44 -24.76 17.54
CA ARG E 61 5.51 -25.53 18.16
C ARG E 61 5.56 -26.97 17.66
N PHE E 62 4.47 -27.49 17.09
CA PHE E 62 4.47 -28.82 16.51
C PHE E 62 5.01 -28.75 15.09
N SER E 63 5.85 -29.72 14.73
CA SER E 63 6.42 -29.74 13.39
C SER E 63 6.69 -31.19 12.98
N GLY E 64 6.25 -31.55 11.78
CA GLY E 64 6.53 -32.84 11.20
C GLY E 64 7.63 -32.75 10.16
N SER E 65 8.34 -33.86 10.01
CA SER E 65 9.47 -33.92 9.10
C SER E 65 9.72 -35.38 8.74
N GLY E 66 10.51 -35.59 7.70
CA GLY E 66 10.89 -36.92 7.27
C GLY E 66 10.20 -37.34 5.99
N SER E 67 10.85 -38.24 5.26
CA SER E 67 10.31 -38.76 4.02
C SER E 67 10.86 -40.17 3.81
N GLY E 68 10.17 -40.94 2.97
CA GLY E 68 10.59 -42.30 2.71
C GLY E 68 9.93 -43.29 3.66
N THR E 69 10.64 -43.68 4.70
CA THR E 69 10.12 -44.62 5.69
C THR E 69 10.12 -44.04 7.10
N ASP E 70 11.08 -43.16 7.42
CA ASP E 70 11.21 -42.62 8.77
C ASP E 70 10.63 -41.20 8.80
N PHE E 71 9.84 -40.92 9.82
CA PHE E 71 9.27 -39.60 10.02
C PHE E 71 9.37 -39.23 11.50
N THR E 72 9.38 -37.92 11.76
CA THR E 72 9.54 -37.41 13.11
C THR E 72 8.57 -36.27 13.35
N LEU E 73 7.99 -36.27 14.55
CA LEU E 73 7.16 -35.18 15.03
C LEU E 73 7.85 -34.56 16.24
N THR E 74 8.04 -33.24 16.19
CA THR E 74 8.83 -32.54 17.20
C THR E 74 8.00 -31.41 17.78
N ILE E 75 8.03 -31.29 19.11
CA ILE E 75 7.49 -30.16 19.84
C ILE E 75 8.69 -29.39 20.39
N SER E 76 8.88 -28.15 19.91
CA SER E 76 10.04 -27.37 20.33
C SER E 76 10.01 -27.10 21.83
N SER E 77 8.85 -26.67 22.34
CA SER E 77 8.69 -26.37 23.75
C SER E 77 7.43 -27.05 24.25
N LEU E 78 7.59 -28.07 25.09
CA LEU E 78 6.44 -28.80 25.60
C LEU E 78 5.61 -27.89 26.49
N GLN E 79 4.29 -28.11 26.48
CA GLN E 79 3.35 -27.34 27.29
C GLN E 79 2.46 -28.30 28.08
N PRO E 80 1.90 -27.84 29.19
CA PRO E 80 1.05 -28.73 30.00
C PRO E 80 -0.10 -29.33 29.21
N GLU E 81 -0.65 -28.59 28.25
CA GLU E 81 -1.76 -29.07 27.44
C GLU E 81 -1.31 -30.00 26.31
N ASP E 82 -0.06 -30.46 26.32
CA ASP E 82 0.48 -31.31 25.28
C ASP E 82 0.62 -32.76 25.71
N PHE E 83 0.35 -33.07 26.97
CA PHE E 83 0.45 -34.44 27.47
C PHE E 83 -0.74 -35.23 26.93
N ALA E 84 -0.50 -36.01 25.88
CA ALA E 84 -1.56 -36.76 25.22
C ALA E 84 -0.94 -37.94 24.49
N THR E 85 -1.75 -38.61 23.69
CA THR E 85 -1.30 -39.73 22.88
C THR E 85 -1.29 -39.32 21.41
N TYR E 86 -0.18 -39.58 20.72
CA TYR E 86 -0.01 -39.18 19.33
C TYR E 86 0.02 -40.42 18.45
N TYR E 87 -0.78 -40.41 17.39
CA TYR E 87 -0.84 -41.49 16.42
C TYR E 87 -0.33 -41.02 15.08
N CYS E 88 0.49 -41.87 14.45
CA CYS E 88 0.95 -41.64 13.09
C CYS E 88 0.28 -42.65 12.17
N GLN E 89 -0.35 -42.14 11.12
CA GLN E 89 -1.13 -42.96 10.20
C GLN E 89 -0.69 -42.68 8.78
N GLN E 90 -0.47 -43.74 8.00
CA GLN E 90 -0.08 -43.59 6.62
C GLN E 90 -1.30 -43.50 5.72
N SER E 91 -1.10 -42.98 4.51
CA SER E 91 -2.14 -42.86 3.52
C SER E 91 -1.74 -43.34 2.14
N TYR E 92 -0.49 -43.76 1.94
CA TYR E 92 -0.06 -44.22 0.63
C TYR E 92 -0.95 -45.34 0.12
N SER E 93 -1.16 -46.38 0.92
CA SER E 93 -2.06 -47.46 0.55
C SER E 93 -3.48 -46.99 0.90
N THR E 94 -4.14 -46.38 -0.09
CA THR E 94 -5.38 -45.65 0.18
C THR E 94 -6.41 -46.52 0.90
N LEU E 95 -6.72 -47.68 0.36
CA LEU E 95 -7.73 -48.54 0.95
C LEU E 95 -7.18 -49.49 2.00
N ALA E 96 -6.01 -49.20 2.57
CA ALA E 96 -5.49 -49.98 3.68
C ALA E 96 -4.96 -49.04 4.76
N LEU E 97 -5.71 -47.97 5.01
CA LEU E 97 -5.28 -46.99 6.00
C LEU E 97 -5.06 -47.66 7.35
N THR E 98 -3.89 -47.42 7.93
CA THR E 98 -3.51 -47.97 9.23
C THR E 98 -2.98 -46.85 10.12
N PHE E 99 -3.21 -46.99 11.42
CA PHE E 99 -2.79 -46.02 12.41
C PHE E 99 -1.70 -46.61 13.30
N GLY E 100 -0.84 -45.73 13.80
CA GLY E 100 0.31 -46.15 14.57
C GLY E 100 -0.04 -46.62 15.97
N GLY E 101 0.94 -47.27 16.60
CA GLY E 101 0.73 -47.79 17.94
C GLY E 101 0.46 -46.72 18.97
N GLY E 102 1.09 -45.57 18.84
CA GLY E 102 0.90 -44.49 19.78
C GLY E 102 2.08 -44.35 20.73
N THR E 103 2.31 -43.12 21.18
CA THR E 103 3.41 -42.80 22.10
C THR E 103 2.86 -41.87 23.17
N LYS E 104 2.49 -42.44 24.31
CA LYS E 104 2.00 -41.64 25.43
C LYS E 104 3.13 -40.85 26.05
N VAL E 105 2.90 -39.56 26.29
CA VAL E 105 3.88 -38.67 26.91
C VAL E 105 3.39 -38.36 28.31
N GLU E 106 4.15 -38.78 29.31
CA GLU E 106 3.80 -38.58 30.70
C GLU E 106 4.56 -37.39 31.28
N ILE E 107 4.13 -36.96 32.46
CA ILE E 107 4.77 -35.85 33.16
C ILE E 107 5.98 -36.40 33.91
N LYS E 108 7.16 -35.84 33.62
CA LYS E 108 8.39 -36.28 34.25
C LYS E 108 8.42 -35.81 35.70
N ARG E 109 8.83 -36.71 36.60
CA ARG E 109 8.95 -36.40 38.01
C ARG E 109 10.02 -37.28 38.63
N THR E 110 10.15 -37.20 39.94
CA THR E 110 11.11 -38.02 40.66
C THR E 110 10.56 -39.44 40.85
N VAL E 111 11.46 -40.37 41.10
CA VAL E 111 11.09 -41.77 41.31
C VAL E 111 10.37 -41.89 42.65
N ALA E 112 9.19 -42.51 42.63
CA ALA E 112 8.40 -42.71 43.83
C ALA E 112 8.33 -44.19 44.16
N ALA E 113 8.65 -44.54 45.40
CA ALA E 113 8.65 -45.93 45.83
C ALA E 113 7.22 -46.41 46.02
N PRO E 114 6.83 -47.52 45.38
CA PRO E 114 5.45 -48.00 45.54
C PRO E 114 5.16 -48.45 46.97
N SER E 115 3.91 -48.24 47.38
CA SER E 115 3.40 -48.80 48.63
C SER E 115 2.64 -50.07 48.28
N VAL E 116 3.05 -51.19 48.87
CA VAL E 116 2.52 -52.51 48.53
C VAL E 116 1.59 -52.98 49.64
N PHE E 117 0.36 -53.34 49.25
CA PHE E 117 -0.62 -53.88 50.19
C PHE E 117 -1.16 -55.18 49.62
N ILE E 118 -1.30 -56.18 50.48
CA ILE E 118 -1.82 -57.49 50.08
C ILE E 118 -3.10 -57.76 50.86
N PHE E 119 -4.18 -58.03 50.13
CA PHE E 119 -5.48 -58.27 50.72
C PHE E 119 -5.97 -59.66 50.35
N PRO E 120 -6.23 -60.54 51.32
CA PRO E 120 -6.72 -61.88 51.01
C PRO E 120 -8.17 -61.85 50.57
N PRO E 121 -8.68 -62.94 50.02
CA PRO E 121 -10.07 -62.96 49.59
C PRO E 121 -11.03 -62.74 50.76
N SER E 122 -12.10 -62.00 50.49
CA SER E 122 -13.12 -61.77 51.50
C SER E 122 -13.91 -63.05 51.75
N ASP E 123 -14.29 -63.25 53.00
CA ASP E 123 -15.08 -64.44 53.34
C ASP E 123 -16.39 -64.48 52.56
N GLU E 124 -16.96 -63.32 52.25
CA GLU E 124 -18.17 -63.29 51.44
C GLU E 124 -17.92 -63.85 50.05
N GLN E 125 -16.77 -63.50 49.45
CA GLN E 125 -16.43 -64.07 48.15
C GLN E 125 -16.16 -65.57 48.26
N LEU E 126 -15.48 -65.99 49.33
CA LEU E 126 -15.26 -67.42 49.53
C LEU E 126 -16.56 -68.18 49.67
N LYS E 127 -17.59 -67.55 50.23
CA LYS E 127 -18.90 -68.18 50.29
C LYS E 127 -19.44 -68.50 48.90
N SER E 128 -19.28 -67.57 47.95
CA SER E 128 -19.74 -67.83 46.59
C SER E 128 -19.00 -68.99 45.96
N GLY E 129 -17.69 -69.07 46.17
CA GLY E 129 -16.89 -70.15 45.61
C GLY E 129 -15.56 -69.69 45.07
N THR E 130 -15.50 -68.44 44.62
CA THR E 130 -14.28 -67.87 44.09
C THR E 130 -13.45 -67.22 45.20
N ALA E 131 -12.18 -66.96 44.88
CA ALA E 131 -11.27 -66.30 45.80
C ALA E 131 -10.36 -65.37 45.00
N SER E 132 -10.26 -64.12 45.44
CA SER E 132 -9.43 -63.12 44.78
C SER E 132 -8.47 -62.53 45.79
N VAL E 133 -7.18 -62.52 45.43
CA VAL E 133 -6.14 -61.88 46.23
C VAL E 133 -5.76 -60.59 45.53
N VAL E 134 -5.79 -59.48 46.26
CA VAL E 134 -5.59 -58.16 45.70
C VAL E 134 -4.23 -57.64 46.12
N CYS E 135 -3.37 -57.35 45.15
CA CYS E 135 -2.08 -56.72 45.39
C CYS E 135 -2.14 -55.29 44.85
N LEU E 136 -2.00 -54.32 45.75
CA LEU E 136 -2.14 -52.91 45.42
C LEU E 136 -0.79 -52.22 45.55
N LEU E 137 -0.30 -51.69 44.43
CA LEU E 137 0.87 -50.82 44.41
C LEU E 137 0.38 -49.38 44.25
N ASN E 138 0.76 -48.52 45.18
CA ASN E 138 0.22 -47.16 45.24
C ASN E 138 1.35 -46.14 45.17
N ASN E 139 1.10 -45.04 44.47
CA ASN E 139 1.98 -43.87 44.54
C ASN E 139 3.40 -44.21 44.14
N PHE E 140 3.60 -44.61 42.88
CA PHE E 140 4.91 -44.91 42.35
C PHE E 140 5.07 -44.28 40.97
N TYR E 141 6.31 -44.04 40.60
CA TYR E 141 6.64 -43.47 39.31
C TYR E 141 8.06 -43.87 38.93
N PRO E 142 8.30 -44.31 37.69
CA PRO E 142 7.33 -44.46 36.60
C PRO E 142 6.42 -45.67 36.78
N ARG E 143 5.48 -45.85 35.85
CA ARG E 143 4.50 -46.93 35.96
C ARG E 143 5.12 -48.31 35.80
N GLU E 144 6.37 -48.40 35.33
CA GLU E 144 6.98 -49.70 35.09
C GLU E 144 7.33 -50.37 36.42
N ALA E 145 6.43 -51.22 36.91
CA ALA E 145 6.66 -51.97 38.14
C ALA E 145 6.24 -53.41 37.89
N LYS E 146 7.17 -54.34 38.11
CA LYS E 146 6.91 -55.75 37.91
C LYS E 146 6.21 -56.31 39.15
N VAL E 147 5.06 -56.94 38.94
CA VAL E 147 4.27 -57.56 40.01
C VAL E 147 4.21 -59.05 39.73
N GLN E 148 4.67 -59.86 40.68
CA GLN E 148 4.71 -61.31 40.53
C GLN E 148 3.95 -61.96 41.67
N TRP E 149 3.23 -63.03 41.36
CA TRP E 149 2.49 -63.79 42.36
C TRP E 149 3.22 -65.08 42.68
N LYS E 150 3.36 -65.38 43.97
CA LYS E 150 3.97 -66.62 44.43
C LYS E 150 2.99 -67.36 45.32
N VAL E 151 2.81 -68.65 45.04
CA VAL E 151 1.97 -69.53 45.85
C VAL E 151 2.83 -70.72 46.26
N ASP E 152 3.06 -70.86 47.56
CA ASP E 152 3.94 -71.90 48.08
C ASP E 152 5.31 -71.84 47.40
N ASN E 153 5.81 -70.62 47.22
CA ASN E 153 7.10 -70.38 46.58
C ASN E 153 7.12 -70.83 45.13
N ALA E 154 5.96 -70.89 44.48
CA ALA E 154 5.84 -71.25 43.08
C ALA E 154 5.30 -70.05 42.31
N LEU E 155 5.99 -69.71 41.22
CA LEU E 155 5.57 -68.56 40.42
C LEU E 155 4.23 -68.84 39.74
N GLN E 156 3.39 -67.81 39.69
CA GLN E 156 2.09 -67.89 39.02
C GLN E 156 2.07 -66.90 37.87
N SER E 157 1.66 -67.38 36.68
CA SER E 157 1.57 -66.55 35.49
C SER E 157 0.25 -66.83 34.78
N GLY E 158 -0.47 -65.78 34.44
CA GLY E 158 -1.74 -65.90 33.75
C GLY E 158 -2.94 -66.10 34.65
N ASN E 159 -2.72 -66.32 35.95
CA ASN E 159 -3.82 -66.52 36.88
C ASN E 159 -4.45 -65.20 37.35
N SER E 160 -3.81 -64.07 37.06
CA SER E 160 -4.27 -62.77 37.51
C SER E 160 -4.39 -61.83 36.31
N GLN E 161 -4.81 -60.60 36.59
CA GLN E 161 -4.91 -59.55 35.58
C GLN E 161 -4.76 -58.21 36.27
N GLU E 162 -4.00 -57.31 35.64
CA GLU E 162 -3.67 -56.03 36.23
C GLU E 162 -4.46 -54.90 35.58
N SER E 163 -4.50 -53.76 36.27
CA SER E 163 -5.14 -52.56 35.76
C SER E 163 -4.45 -51.37 36.38
N VAL E 164 -4.05 -50.40 35.54
CA VAL E 164 -3.24 -49.27 35.96
C VAL E 164 -4.01 -47.98 35.72
N THR E 165 -4.06 -47.14 36.74
CA THR E 165 -4.70 -45.83 36.62
C THR E 165 -3.79 -44.87 35.85
N GLU E 166 -4.37 -43.77 35.39
CA GLU E 166 -3.60 -42.77 34.68
C GLU E 166 -2.67 -42.03 35.64
N GLN E 167 -1.74 -41.29 35.06
CA GLN E 167 -0.81 -40.50 35.87
C GLN E 167 -1.60 -39.51 36.73
N ASP E 168 -1.28 -39.48 38.02
CA ASP E 168 -2.07 -38.71 38.96
C ASP E 168 -1.99 -37.22 38.67
N SER E 169 -3.11 -36.51 38.90
CA SER E 169 -3.14 -35.07 38.71
C SER E 169 -2.46 -34.30 39.83
N LYS E 170 -2.29 -34.91 41.01
CA LYS E 170 -1.70 -34.24 42.16
C LYS E 170 -0.21 -34.51 42.26
N ASP E 171 0.19 -35.78 42.39
CA ASP E 171 1.59 -36.16 42.52
C ASP E 171 2.14 -36.86 41.29
N SER E 172 1.32 -37.07 40.26
CA SER E 172 1.75 -37.72 39.03
C SER E 172 2.38 -39.08 39.32
N THR E 173 1.74 -39.83 40.21
CA THR E 173 2.14 -41.19 40.53
C THR E 173 1.06 -42.16 40.07
N TYR E 174 1.42 -43.43 39.99
CA TYR E 174 0.56 -44.46 39.43
C TYR E 174 0.06 -45.41 40.52
N SER E 175 -1.01 -46.13 40.18
CA SER E 175 -1.57 -47.15 41.04
C SER E 175 -1.90 -48.38 40.20
N LEU E 176 -1.55 -49.54 40.73
CA LEU E 176 -1.75 -50.81 40.05
C LEU E 176 -2.46 -51.77 40.99
N SER E 177 -3.41 -52.52 40.46
CA SER E 177 -4.21 -53.48 41.23
C SER E 177 -4.17 -54.82 40.50
N SER E 178 -3.40 -55.77 41.05
CA SER E 178 -3.33 -57.11 40.50
C SER E 178 -4.29 -58.02 41.27
N THR E 179 -5.21 -58.64 40.55
CA THR E 179 -6.25 -59.49 41.14
C THR E 179 -5.98 -60.93 40.74
N LEU E 180 -5.40 -61.71 41.65
CA LEU E 180 -5.20 -63.14 41.44
C LEU E 180 -6.50 -63.85 41.79
N THR E 181 -7.21 -64.32 40.76
CA THR E 181 -8.52 -64.93 40.92
C THR E 181 -8.41 -66.44 40.70
N LEU E 182 -9.07 -67.20 41.54
CA LEU E 182 -9.04 -68.66 41.42
C LEU E 182 -10.27 -69.22 42.14
N SER E 183 -10.39 -70.55 42.11
CA SER E 183 -11.51 -71.22 42.74
C SER E 183 -11.21 -71.51 44.20
N LYS E 184 -12.24 -71.85 44.96
CA LYS E 184 -12.05 -72.17 46.37
C LYS E 184 -11.15 -73.39 46.55
N ALA E 185 -11.35 -74.43 45.72
CA ALA E 185 -10.56 -75.64 45.88
C ALA E 185 -9.08 -75.36 45.71
N ASP E 186 -8.71 -74.53 44.72
CA ASP E 186 -7.31 -74.16 44.54
C ASP E 186 -6.81 -73.23 45.63
N TYR E 187 -7.69 -72.55 46.35
CA TYR E 187 -7.27 -71.65 47.41
C TYR E 187 -6.82 -72.40 48.65
N GLU E 188 -7.53 -73.47 49.03
CA GLU E 188 -7.13 -74.26 50.18
C GLU E 188 -6.03 -75.25 49.85
N LYS E 189 -5.77 -75.51 48.56
CA LYS E 189 -4.69 -76.40 48.18
C LYS E 189 -3.32 -75.81 48.51
N HIS E 190 -3.25 -74.51 48.77
CA HIS E 190 -2.00 -73.83 49.05
C HIS E 190 -2.17 -72.94 50.29
N LYS E 191 -1.03 -72.63 50.92
CA LYS E 191 -1.03 -71.89 52.18
C LYS E 191 -0.49 -70.47 52.00
N VAL E 192 0.71 -70.32 51.45
CA VAL E 192 1.35 -69.01 51.36
C VAL E 192 0.96 -68.34 50.06
N TYR E 193 0.53 -67.08 50.15
CA TYR E 193 0.25 -66.25 48.98
C TYR E 193 1.05 -64.96 49.13
N ALA E 194 1.92 -64.68 48.16
CA ALA E 194 2.82 -63.54 48.22
C ALA E 194 2.77 -62.76 46.93
N CYS E 195 3.01 -61.45 47.06
CA CYS E 195 3.07 -60.53 45.92
C CYS E 195 4.43 -59.83 46.00
N GLU E 196 5.25 -60.05 44.98
CA GLU E 196 6.55 -59.41 44.88
C GLU E 196 6.49 -58.23 43.92
N VAL E 197 7.04 -57.10 44.34
CA VAL E 197 7.03 -55.86 43.57
C VAL E 197 8.47 -55.45 43.33
N THR E 198 8.80 -55.20 42.07
CA THR E 198 10.10 -54.70 41.67
C THR E 198 9.90 -53.39 40.93
N HIS E 199 10.45 -52.30 41.46
CA HIS E 199 10.27 -50.97 40.88
C HIS E 199 11.60 -50.24 40.87
N GLN E 200 11.73 -49.29 39.95
CA GLN E 200 12.96 -48.53 39.84
C GLN E 200 13.30 -47.82 41.14
N GLY E 201 12.31 -47.46 41.94
CA GLY E 201 12.51 -46.81 43.21
C GLY E 201 12.74 -47.74 44.38
N LEU E 202 12.83 -49.05 44.13
CA LEU E 202 13.07 -50.04 45.17
C LEU E 202 14.49 -50.58 45.01
N SER E 203 15.29 -50.49 46.07
CA SER E 203 16.63 -51.03 46.03
C SER E 203 16.63 -52.54 45.85
N SER E 204 15.56 -53.22 46.26
CA SER E 204 15.43 -54.66 46.10
C SER E 204 13.95 -54.98 46.03
N PRO E 205 13.58 -56.15 45.48
CA PRO E 205 12.16 -56.50 45.41
C PRO E 205 11.54 -56.54 46.81
N VAL E 206 10.29 -56.09 46.89
CA VAL E 206 9.55 -56.05 48.15
C VAL E 206 8.41 -57.06 48.07
N THR E 207 8.38 -57.99 49.01
CA THR E 207 7.41 -59.08 49.01
C THR E 207 6.44 -58.89 50.16
N LYS E 208 5.15 -58.86 49.84
CA LYS E 208 4.08 -58.83 50.84
C LYS E 208 3.36 -60.18 50.77
N SER E 209 3.44 -60.96 51.84
CA SER E 209 2.95 -62.32 51.84
C SER E 209 2.06 -62.56 53.04
N PHE E 210 1.19 -63.56 52.91
CA PHE E 210 0.32 -63.96 54.01
C PHE E 210 0.03 -65.45 53.91
N ASN E 211 -0.13 -66.07 55.07
CA ASN E 211 -0.51 -67.47 55.15
C ASN E 211 -2.03 -67.58 55.21
N ARG E 212 -2.57 -68.53 54.46
CA ARG E 212 -4.02 -68.69 54.37
C ARG E 212 -4.60 -69.04 55.74
N GLY E 213 -5.68 -68.36 56.10
CA GLY E 213 -6.43 -68.69 57.31
C GLY E 213 -5.61 -68.58 58.57
N GLU E 214 -4.82 -67.53 58.67
CA GLU E 214 -4.09 -67.22 59.89
C GLU E 214 -4.38 -65.81 60.39
N CYS E 215 -4.52 -64.85 59.49
CA CYS E 215 -4.86 -63.47 59.87
C CYS E 215 -3.90 -62.95 60.93
N GLU F 1 23.04 -20.53 -8.94
CA GLU F 1 23.61 -21.40 -10.01
C GLU F 1 25.02 -20.95 -10.38
N VAL F 2 26.02 -21.61 -9.81
CA VAL F 2 27.43 -21.36 -10.10
C VAL F 2 28.11 -22.71 -10.31
N GLN F 3 28.90 -22.81 -11.37
CA GLN F 3 29.56 -24.05 -11.74
C GLN F 3 31.06 -23.87 -11.84
N LEU F 4 31.80 -24.81 -11.29
CA LEU F 4 33.26 -24.86 -11.39
C LEU F 4 33.67 -26.28 -11.74
N VAL F 5 34.49 -26.42 -12.77
CA VAL F 5 34.90 -27.74 -13.27
C VAL F 5 36.43 -27.79 -13.28
N GLU F 6 37.00 -28.80 -12.64
CA GLU F 6 38.44 -28.98 -12.62
C GLU F 6 38.87 -30.02 -13.64
N SER F 7 40.07 -29.83 -14.18
CA SER F 7 40.60 -30.75 -15.19
C SER F 7 42.12 -30.63 -15.21
N GLY F 8 42.75 -31.60 -15.85
CA GLY F 8 44.19 -31.64 -15.96
C GLY F 8 44.89 -32.49 -14.92
N GLY F 9 44.17 -33.04 -13.95
CA GLY F 9 44.79 -33.89 -12.95
C GLY F 9 45.16 -35.25 -13.51
N GLY F 10 46.13 -35.87 -12.87
CA GLY F 10 46.57 -37.18 -13.31
C GLY F 10 47.69 -37.71 -12.45
N VAL F 11 48.43 -38.66 -13.02
CA VAL F 11 49.56 -39.30 -12.36
C VAL F 11 50.84 -38.77 -13.00
N VAL F 12 51.79 -38.33 -12.17
CA VAL F 12 53.04 -37.77 -12.64
C VAL F 12 54.14 -38.16 -11.68
N GLN F 13 55.35 -38.27 -12.20
CA GLN F 13 56.50 -38.65 -11.39
C GLN F 13 56.98 -37.48 -10.54
N PRO F 14 57.71 -37.74 -9.46
CA PRO F 14 58.22 -36.65 -8.63
C PRO F 14 59.16 -35.75 -9.40
N GLY F 15 59.11 -34.46 -9.08
CA GLY F 15 59.96 -33.47 -9.72
C GLY F 15 59.44 -32.96 -11.04
N ARG F 16 58.31 -33.48 -11.53
CA ARG F 16 57.77 -33.05 -12.80
C ARG F 16 56.85 -31.84 -12.61
N SER F 17 56.18 -31.44 -13.68
CA SER F 17 55.28 -30.31 -13.68
C SER F 17 53.92 -30.71 -14.22
N LEU F 18 52.88 -30.04 -13.74
CA LEU F 18 51.51 -30.29 -14.18
C LEU F 18 50.78 -28.97 -14.28
N ARG F 19 49.70 -28.96 -15.08
CA ARG F 19 48.89 -27.78 -15.30
C ARG F 19 47.42 -28.14 -15.06
N LEU F 20 46.85 -27.60 -13.99
CA LEU F 20 45.45 -27.80 -13.70
C LEU F 20 44.64 -26.61 -14.20
N SER F 21 43.48 -26.90 -14.79
CA SER F 21 42.62 -25.88 -15.37
C SER F 21 41.25 -25.95 -14.74
N CYS F 22 40.74 -24.81 -14.30
CA CYS F 22 39.43 -24.68 -13.72
C CYS F 22 38.57 -23.77 -14.60
N ALA F 23 37.39 -24.28 -14.96
CA ALA F 23 36.45 -23.57 -15.83
C ALA F 23 35.29 -23.09 -14.95
N ALA F 24 35.08 -21.79 -14.93
CA ALA F 24 34.01 -21.16 -14.18
C ALA F 24 32.84 -20.82 -15.10
N SER F 25 31.63 -20.92 -14.55
CA SER F 25 30.44 -20.65 -15.34
C SER F 25 29.32 -20.17 -14.42
N ALA F 26 28.49 -19.29 -14.98
CA ALA F 26 27.29 -18.78 -14.31
C ALA F 26 27.63 -17.78 -13.21
N PHE F 27 28.68 -16.99 -13.41
CA PHE F 27 28.98 -15.85 -12.55
C PHE F 27 30.16 -15.09 -13.15
N THR F 28 30.36 -13.88 -12.65
CA THR F 28 31.44 -13.02 -13.14
C THR F 28 32.79 -13.51 -12.60
N PHE F 29 33.49 -14.30 -13.42
CA PHE F 29 34.76 -14.87 -12.97
C PHE F 29 35.81 -13.79 -12.72
N SER F 30 35.81 -12.73 -13.54
CA SER F 30 36.85 -11.71 -13.46
C SER F 30 36.71 -10.80 -12.25
N SER F 31 35.57 -10.85 -11.54
CA SER F 31 35.30 -9.94 -10.44
C SER F 31 35.35 -10.66 -9.09
N TYR F 32 36.04 -11.79 -9.04
CA TYR F 32 36.17 -12.54 -7.79
C TYR F 32 37.53 -13.19 -7.74
N ASP F 33 38.22 -13.02 -6.61
CA ASP F 33 39.49 -13.68 -6.39
C ASP F 33 39.26 -15.19 -6.26
N MET F 34 40.17 -15.97 -6.83
CA MET F 34 40.03 -17.41 -6.87
C MET F 34 41.00 -18.06 -5.87
N HIS F 35 40.59 -19.22 -5.37
CA HIS F 35 41.37 -19.96 -4.39
C HIS F 35 41.55 -21.39 -4.87
N TRP F 36 42.74 -21.93 -4.67
CA TRP F 36 43.04 -23.33 -4.90
C TRP F 36 43.32 -23.98 -3.55
N VAL F 37 42.56 -25.03 -3.24
CA VAL F 37 42.67 -25.72 -1.97
C VAL F 37 42.72 -27.22 -2.23
N ARG F 38 43.66 -27.91 -1.60
CA ARG F 38 43.88 -29.32 -1.85
C ARG F 38 43.55 -30.13 -0.60
N GLN F 39 43.10 -31.37 -0.83
CA GLN F 39 42.82 -32.32 0.24
C GLN F 39 43.51 -33.62 -0.11
N ALA F 40 44.45 -34.04 0.73
CA ALA F 40 45.16 -35.28 0.47
C ALA F 40 44.27 -36.47 0.76
N PRO F 41 44.56 -37.63 0.18
CA PRO F 41 43.72 -38.81 0.42
C PRO F 41 43.68 -39.17 1.90
N GLY F 42 42.49 -39.05 2.49
CA GLY F 42 42.28 -39.38 3.88
C GLY F 42 42.57 -38.25 4.85
N LYS F 43 43.22 -37.19 4.40
CA LYS F 43 43.57 -36.08 5.28
C LYS F 43 42.50 -35.00 5.22
N GLY F 44 42.71 -33.90 5.92
CA GLY F 44 41.79 -32.79 5.92
C GLY F 44 42.09 -31.78 4.83
N LEU F 45 41.45 -30.62 4.93
CA LEU F 45 41.61 -29.57 3.94
C LEU F 45 42.82 -28.71 4.25
N GLU F 46 43.52 -28.29 3.20
CA GLU F 46 44.74 -27.49 3.33
C GLU F 46 44.73 -26.41 2.28
N TRP F 47 44.67 -25.15 2.73
CA TRP F 47 44.71 -24.03 1.81
C TRP F 47 46.04 -24.01 1.06
N VAL F 48 45.97 -23.70 -0.23
CA VAL F 48 47.16 -23.80 -1.09
C VAL F 48 47.52 -22.45 -1.69
N ALA F 49 46.63 -21.87 -2.48
CA ALA F 49 47.00 -20.67 -3.24
C ALA F 49 45.78 -19.77 -3.44
N VAL F 50 46.07 -18.50 -3.72
CA VAL F 50 45.04 -17.49 -3.96
C VAL F 50 45.53 -16.53 -5.03
N ILE F 51 44.61 -16.12 -5.90
CA ILE F 51 44.88 -15.15 -6.96
C ILE F 51 43.80 -14.08 -6.93
N SER F 52 44.21 -12.83 -7.10
CA SER F 52 43.28 -11.71 -7.05
C SER F 52 42.31 -11.78 -8.22
N TYR F 53 41.27 -10.94 -8.14
CA TYR F 53 40.26 -10.90 -9.20
C TYR F 53 40.87 -10.47 -10.52
N ASP F 54 41.77 -9.50 -10.50
CA ASP F 54 42.44 -9.03 -11.70
C ASP F 54 43.65 -9.88 -12.08
N GLY F 55 43.99 -10.88 -11.27
CA GLY F 55 45.13 -11.73 -11.57
C GLY F 55 46.47 -11.05 -11.38
N SER F 56 46.52 -10.01 -10.54
CA SER F 56 47.76 -9.28 -10.29
C SER F 56 48.48 -9.71 -9.02
N ASN F 57 47.75 -10.14 -7.99
CA ASN F 57 48.33 -10.57 -6.73
C ASN F 57 48.18 -12.07 -6.59
N LYS F 58 49.28 -12.74 -6.25
CA LYS F 58 49.33 -14.19 -6.13
C LYS F 58 49.98 -14.55 -4.80
N TYR F 59 49.26 -15.28 -3.96
CA TYR F 59 49.74 -15.65 -2.63
C TYR F 59 49.71 -17.15 -2.47
N TYR F 60 50.72 -17.68 -1.79
CA TYR F 60 50.85 -19.11 -1.55
C TYR F 60 51.22 -19.34 -0.10
N ALA F 61 50.88 -20.52 0.40
CA ALA F 61 51.31 -20.92 1.73
C ALA F 61 52.78 -21.32 1.71
N ASP F 62 53.37 -21.41 2.90
CA ASP F 62 54.79 -21.74 2.99
C ASP F 62 55.11 -23.12 2.43
N SER F 63 54.15 -24.04 2.46
CA SER F 63 54.40 -25.40 1.99
C SER F 63 54.69 -25.46 0.50
N VAL F 64 54.14 -24.54 -0.29
CA VAL F 64 54.27 -24.57 -1.75
C VAL F 64 54.81 -23.27 -2.31
N LYS F 65 55.14 -22.29 -1.48
CA LYS F 65 55.65 -21.03 -1.99
C LYS F 65 56.95 -21.24 -2.75
N GLY F 66 57.07 -20.55 -3.89
CA GLY F 66 58.23 -20.71 -4.74
C GLY F 66 58.26 -21.99 -5.53
N ARG F 67 57.19 -22.76 -5.51
CA ARG F 67 57.10 -24.02 -6.23
C ARG F 67 55.89 -24.11 -7.14
N PHE F 68 54.76 -23.53 -6.74
CA PHE F 68 53.56 -23.49 -7.56
C PHE F 68 53.33 -22.07 -8.08
N THR F 69 52.47 -21.97 -9.11
CA THR F 69 52.16 -20.69 -9.72
C THR F 69 50.68 -20.66 -10.05
N ILE F 70 50.05 -19.51 -9.88
CA ILE F 70 48.62 -19.34 -10.12
C ILE F 70 48.43 -18.19 -11.10
N SER F 71 47.58 -18.42 -12.11
CA SER F 71 47.26 -17.40 -13.09
C SER F 71 45.80 -17.56 -13.49
N ARG F 72 45.28 -16.59 -14.24
CA ARG F 72 43.89 -16.65 -14.65
C ARG F 72 43.72 -15.90 -15.96
N ASP F 73 42.81 -16.40 -16.79
CA ASP F 73 42.42 -15.76 -18.05
C ASP F 73 40.96 -15.36 -17.92
N ASN F 74 40.72 -14.07 -17.68
CA ASN F 74 39.34 -13.59 -17.54
C ASN F 74 38.59 -13.64 -18.85
N SER F 75 39.28 -13.48 -19.97
CA SER F 75 38.62 -13.56 -21.27
C SER F 75 38.00 -14.93 -21.48
N LYS F 76 38.73 -16.00 -21.14
CA LYS F 76 38.23 -17.36 -21.25
C LYS F 76 37.52 -17.83 -19.99
N ASN F 77 37.49 -17.01 -18.93
CA ASN F 77 36.92 -17.41 -17.65
C ASN F 77 37.53 -18.71 -17.16
N THR F 78 38.86 -18.74 -17.11
CA THR F 78 39.58 -19.93 -16.71
C THR F 78 40.64 -19.57 -15.67
N LEU F 79 40.97 -20.55 -14.85
CA LEU F 79 41.98 -20.40 -13.78
C LEU F 79 43.01 -21.50 -13.95
N TYR F 80 44.28 -21.12 -14.05
CA TYR F 80 45.36 -22.07 -14.29
C TYR F 80 46.26 -22.16 -13.06
N LEU F 81 46.60 -23.39 -12.71
CA LEU F 81 47.50 -23.67 -11.59
C LEU F 81 48.64 -24.54 -12.12
N GLN F 82 49.83 -23.95 -12.24
CA GLN F 82 50.99 -24.68 -12.70
C GLN F 82 51.79 -25.15 -11.49
N MET F 83 51.85 -26.46 -11.32
CA MET F 83 52.54 -27.09 -10.19
C MET F 83 53.82 -27.71 -10.73
N ASN F 84 54.93 -26.98 -10.59
CA ASN F 84 56.23 -27.44 -11.04
C ASN F 84 57.00 -28.04 -9.88
N SER F 85 57.90 -28.99 -10.19
CA SER F 85 58.68 -29.68 -9.19
C SER F 85 57.77 -30.33 -8.14
N LEU F 86 56.96 -31.26 -8.60
CA LEU F 86 55.97 -31.91 -7.75
C LEU F 86 56.64 -32.98 -6.89
N ARG F 87 56.27 -33.02 -5.61
CA ARG F 87 56.74 -34.02 -4.66
C ARG F 87 55.59 -34.94 -4.28
N ALA F 88 55.93 -35.99 -3.52
CA ALA F 88 54.91 -36.96 -3.10
C ALA F 88 53.85 -36.29 -2.22
N GLU F 89 54.19 -35.19 -1.55
CA GLU F 89 53.24 -34.51 -0.69
C GLU F 89 52.12 -33.86 -1.49
N ASP F 90 52.31 -33.67 -2.79
CA ASP F 90 51.32 -33.00 -3.63
C ASP F 90 50.18 -33.91 -4.07
N THR F 91 50.26 -35.21 -3.78
CA THR F 91 49.19 -36.13 -4.16
C THR F 91 47.92 -35.80 -3.39
N ALA F 92 46.93 -35.24 -4.07
CA ALA F 92 45.70 -34.79 -3.42
C ALA F 92 44.68 -34.45 -4.49
N VAL F 93 43.46 -34.15 -4.03
CA VAL F 93 42.40 -33.63 -4.88
C VAL F 93 42.35 -32.12 -4.71
N TYR F 94 42.47 -31.39 -5.81
CA TYR F 94 42.54 -29.95 -5.79
C TYR F 94 41.20 -29.37 -6.24
N TYR F 95 40.73 -28.34 -5.55
CA TYR F 95 39.48 -27.66 -5.85
C TYR F 95 39.74 -26.18 -6.05
N CYS F 96 38.98 -25.59 -6.97
CA CYS F 96 38.95 -24.16 -7.18
C CYS F 96 37.68 -23.60 -6.58
N ALA F 97 37.81 -22.47 -5.87
CA ALA F 97 36.70 -21.89 -5.13
C ALA F 97 36.67 -20.38 -5.33
N LYS F 98 35.46 -19.84 -5.39
CA LYS F 98 35.29 -18.39 -5.44
C LYS F 98 35.41 -17.80 -4.05
N ASP F 99 35.88 -16.55 -3.98
CA ASP F 99 36.04 -15.88 -2.71
C ASP F 99 34.69 -15.49 -2.11
N GLY F 100 33.93 -14.69 -2.83
CA GLY F 100 32.65 -14.18 -2.34
C GLY F 100 32.74 -12.73 -1.97
N GLY F 101 33.85 -12.34 -1.33
CA GLY F 101 34.12 -10.94 -1.07
C GLY F 101 33.15 -10.25 -0.15
N LYS F 102 32.33 -11.00 0.59
CA LYS F 102 31.38 -10.38 1.51
C LYS F 102 32.04 -9.94 2.81
N LEU F 103 33.26 -10.40 3.09
CA LEU F 103 33.96 -10.07 4.31
C LEU F 103 35.37 -9.57 3.97
N TRP F 104 35.98 -8.90 4.95
CA TRP F 104 37.37 -8.49 4.80
C TRP F 104 38.33 -9.68 4.81
N VAL F 105 37.85 -10.87 5.18
CA VAL F 105 38.66 -12.05 5.30
C VAL F 105 38.33 -12.99 4.14
N TYR F 106 39.23 -13.94 3.90
CA TYR F 106 39.04 -14.93 2.84
C TYR F 106 38.11 -16.03 3.31
N TYR F 107 37.04 -16.28 2.56
CA TYR F 107 36.14 -17.39 2.78
C TYR F 107 35.80 -18.01 1.43
N PHE F 108 35.35 -19.26 1.46
CA PHE F 108 35.08 -20.03 0.26
C PHE F 108 33.57 -20.09 0.05
N ASP F 109 33.12 -19.56 -1.10
CA ASP F 109 31.68 -19.49 -1.37
C ASP F 109 31.17 -20.79 -1.98
N TYR F 110 31.81 -21.26 -3.05
CA TYR F 110 31.39 -22.47 -3.74
C TYR F 110 32.59 -23.37 -3.96
N TRP F 111 32.34 -24.68 -3.98
CA TRP F 111 33.38 -25.68 -4.19
C TRP F 111 33.07 -26.48 -5.45
N GLY F 112 34.09 -26.66 -6.28
CA GLY F 112 33.97 -27.54 -7.42
C GLY F 112 34.18 -28.99 -7.03
N GLN F 113 33.93 -29.88 -8.00
CA GLN F 113 34.12 -31.31 -7.75
C GLN F 113 35.58 -31.68 -7.59
N GLY F 114 36.50 -30.85 -8.08
CA GLY F 114 37.91 -31.06 -7.89
C GLY F 114 38.49 -32.06 -8.87
N THR F 115 39.81 -32.08 -8.95
CA THR F 115 40.55 -32.99 -9.80
C THR F 115 41.66 -33.66 -9.00
N LEU F 116 41.83 -34.96 -9.22
CA LEU F 116 42.83 -35.73 -8.49
C LEU F 116 44.18 -35.62 -9.18
N VAL F 117 45.24 -35.44 -8.40
CA VAL F 117 46.61 -35.43 -8.89
C VAL F 117 47.39 -36.38 -8.00
N THR F 118 48.06 -37.36 -8.61
CA THR F 118 48.83 -38.36 -7.90
C THR F 118 50.30 -38.23 -8.27
N VAL F 119 51.16 -38.10 -7.27
CA VAL F 119 52.60 -38.02 -7.46
C VAL F 119 53.22 -39.29 -6.91
N SER F 120 53.79 -40.10 -7.80
CA SER F 120 54.44 -41.34 -7.40
C SER F 120 55.51 -41.69 -8.41
N SER F 121 56.48 -42.47 -7.97
CA SER F 121 57.60 -42.90 -8.80
C SER F 121 57.50 -44.38 -9.15
N ALA F 122 56.28 -44.86 -9.35
CA ALA F 122 56.03 -46.25 -9.70
C ALA F 122 55.23 -46.30 -10.99
N SER F 123 55.59 -47.24 -11.86
CA SER F 123 54.90 -47.41 -13.12
C SER F 123 53.63 -48.23 -12.92
N THR F 124 52.76 -48.19 -13.93
CA THR F 124 51.51 -48.94 -13.87
C THR F 124 51.82 -50.43 -13.82
N LYS F 125 51.14 -51.15 -12.92
CA LYS F 125 51.34 -52.58 -12.73
C LYS F 125 50.00 -53.29 -12.71
N GLY F 126 49.98 -54.51 -13.26
CA GLY F 126 48.79 -55.33 -13.24
C GLY F 126 48.54 -55.91 -11.85
N PRO F 127 47.30 -55.89 -11.39
CA PRO F 127 47.00 -56.43 -10.07
C PRO F 127 47.23 -57.93 -9.99
N SER F 128 47.60 -58.39 -8.79
CA SER F 128 47.72 -59.80 -8.49
C SER F 128 46.53 -60.20 -7.63
N VAL F 129 45.72 -61.13 -8.14
CA VAL F 129 44.51 -61.58 -7.45
C VAL F 129 44.80 -62.90 -6.77
N PHE F 130 44.51 -62.96 -5.47
CA PHE F 130 44.71 -64.18 -4.69
C PHE F 130 43.41 -64.53 -3.97
N PRO F 131 43.16 -65.81 -3.71
CA PRO F 131 41.94 -66.20 -3.01
C PRO F 131 42.08 -66.07 -1.49
N LEU F 132 40.94 -66.06 -0.83
CA LEU F 132 40.83 -66.10 0.63
C LEU F 132 39.69 -67.06 0.93
N ALA F 133 40.04 -68.33 1.11
CA ALA F 133 39.03 -69.39 1.23
C ALA F 133 38.44 -69.40 2.63
N PRO F 134 37.18 -69.87 2.79
CA PRO F 134 36.62 -70.00 4.13
C PRO F 134 36.95 -71.33 4.78
N SER F 135 36.45 -71.57 5.99
CA SER F 135 36.67 -72.83 6.68
C SER F 135 35.46 -73.12 7.56
N SER F 136 35.43 -74.32 8.11
CA SER F 136 34.32 -74.75 8.96
C SER F 136 34.56 -74.31 10.41
N GLY F 142 25.57 -69.64 12.07
CA GLY F 142 26.97 -69.95 11.79
C GLY F 142 27.27 -70.01 10.31
N THR F 143 27.50 -68.86 9.71
CA THR F 143 27.80 -68.75 8.29
C THR F 143 29.31 -68.73 8.09
N ALA F 144 29.75 -68.52 6.86
CA ALA F 144 31.16 -68.46 6.51
C ALA F 144 31.40 -67.21 5.68
N ALA F 145 32.68 -66.85 5.53
CA ALA F 145 33.06 -65.68 4.76
C ALA F 145 34.30 -66.01 3.94
N LEU F 146 34.27 -65.57 2.68
CA LEU F 146 35.38 -65.78 1.76
C LEU F 146 35.72 -64.45 1.12
N GLY F 147 36.75 -64.43 0.28
CA GLY F 147 37.10 -63.19 -0.36
C GLY F 147 38.23 -63.32 -1.34
N CYS F 148 38.67 -62.16 -1.84
CA CYS F 148 39.80 -62.06 -2.75
C CYS F 148 40.66 -60.88 -2.36
N LEU F 149 41.95 -60.99 -2.69
CA LEU F 149 42.96 -59.99 -2.36
C LEU F 149 43.58 -59.50 -3.66
N VAL F 150 43.38 -58.21 -3.97
CA VAL F 150 43.97 -57.59 -5.14
C VAL F 150 45.17 -56.80 -4.65
N LYS F 151 46.36 -57.42 -4.74
CA LYS F 151 47.58 -56.87 -4.16
C LYS F 151 48.54 -56.48 -5.28
N ASP F 152 49.41 -55.52 -4.96
CA ASP F 152 50.45 -55.07 -5.89
C ASP F 152 49.85 -54.57 -7.19
N TYR F 153 49.07 -53.50 -7.12
CA TYR F 153 48.52 -52.87 -8.31
C TYR F 153 48.68 -51.36 -8.19
N PHE F 154 48.77 -50.71 -9.34
CA PHE F 154 48.95 -49.27 -9.39
C PHE F 154 48.71 -48.78 -10.82
N PRO F 155 48.05 -47.63 -11.01
CA PRO F 155 47.45 -46.77 -9.99
C PRO F 155 46.00 -47.16 -9.69
N GLU F 156 45.33 -46.37 -8.84
CA GLU F 156 43.93 -46.59 -8.57
C GLU F 156 43.08 -46.12 -9.74
N PRO F 157 41.82 -46.60 -9.85
CA PRO F 157 41.16 -47.61 -9.01
C PRO F 157 41.10 -48.99 -9.65
N VAL F 158 40.54 -49.96 -8.92
CA VAL F 158 40.29 -51.30 -9.44
C VAL F 158 38.86 -51.68 -9.09
N THR F 159 38.13 -52.20 -10.08
CA THR F 159 36.74 -52.59 -9.90
C THR F 159 36.67 -54.07 -9.58
N VAL F 160 36.00 -54.42 -8.49
CA VAL F 160 35.89 -55.79 -8.02
C VAL F 160 34.41 -56.17 -7.97
N SER F 161 34.08 -57.32 -8.56
CA SER F 161 32.72 -57.83 -8.57
C SER F 161 32.73 -59.31 -8.23
N TRP F 162 31.58 -59.81 -7.78
CA TRP F 162 31.42 -61.21 -7.43
C TRP F 162 30.37 -61.84 -8.32
N ASN F 163 30.71 -62.99 -8.90
CA ASN F 163 29.81 -63.71 -9.81
C ASN F 163 29.33 -62.79 -10.93
N SER F 164 30.26 -62.01 -11.49
CA SER F 164 29.96 -61.08 -12.57
C SER F 164 28.82 -60.13 -12.18
N GLY F 165 28.82 -59.70 -10.91
CA GLY F 165 27.81 -58.81 -10.41
C GLY F 165 26.55 -59.47 -9.91
N ALA F 166 26.43 -60.79 -10.08
CA ALA F 166 25.25 -61.50 -9.58
C ALA F 166 25.17 -61.48 -8.06
N LEU F 167 26.31 -61.67 -7.39
CA LEU F 167 26.36 -61.67 -5.92
C LEU F 167 26.57 -60.24 -5.44
N THR F 168 25.52 -59.66 -4.86
CA THR F 168 25.55 -58.27 -4.40
C THR F 168 25.47 -58.19 -2.89
N SER F 169 24.46 -58.80 -2.26
CA SER F 169 24.28 -58.69 -0.83
C SER F 169 25.43 -59.36 -0.08
N GLY F 170 25.83 -58.75 1.03
CA GLY F 170 26.88 -59.31 1.86
C GLY F 170 28.29 -59.06 1.39
N VAL F 171 28.48 -58.23 0.37
CA VAL F 171 29.78 -57.96 -0.22
C VAL F 171 30.32 -56.66 0.35
N HIS F 172 31.55 -56.71 0.87
CA HIS F 172 32.23 -55.54 1.41
C HIS F 172 33.58 -55.40 0.72
N THR F 173 33.82 -54.25 0.11
CA THR F 173 35.06 -53.94 -0.58
C THR F 173 35.82 -52.92 0.25
N PHE F 174 36.90 -53.35 0.88
CA PHE F 174 37.67 -52.46 1.74
C PHE F 174 38.43 -51.44 0.90
N PRO F 175 38.57 -50.20 1.39
CA PRO F 175 39.36 -49.21 0.67
C PRO F 175 40.81 -49.68 0.50
N ALA F 176 41.39 -49.32 -0.64
CA ALA F 176 42.77 -49.70 -0.91
C ALA F 176 43.73 -48.96 0.01
N VAL F 177 44.85 -49.61 0.31
CA VAL F 177 45.89 -49.07 1.17
C VAL F 177 47.18 -49.00 0.37
N LEU F 178 47.83 -47.84 0.41
CA LEU F 178 49.09 -47.62 -0.32
C LEU F 178 50.22 -48.20 0.53
N GLN F 179 50.64 -49.41 0.20
CA GLN F 179 51.67 -50.09 0.97
C GLN F 179 53.04 -49.46 0.71
N SER F 180 54.00 -49.81 1.57
CA SER F 180 55.32 -49.19 1.51
C SER F 180 56.01 -49.39 0.16
N SER F 181 55.62 -50.41 -0.60
CA SER F 181 56.23 -50.66 -1.89
C SER F 181 55.83 -49.63 -2.94
N GLY F 182 54.87 -48.75 -2.64
CA GLY F 182 54.38 -47.78 -3.58
C GLY F 182 53.18 -48.23 -4.39
N LEU F 183 52.81 -49.50 -4.30
CA LEU F 183 51.64 -50.01 -4.99
C LEU F 183 50.42 -49.92 -4.08
N TYR F 184 49.32 -50.52 -4.50
CA TYR F 184 48.08 -50.51 -3.75
C TYR F 184 47.64 -51.94 -3.44
N SER F 185 47.10 -52.12 -2.23
CA SER F 185 46.58 -53.41 -1.79
C SER F 185 45.11 -53.21 -1.40
N LEU F 186 44.26 -54.10 -1.89
CA LEU F 186 42.82 -54.03 -1.63
C LEU F 186 42.31 -55.42 -1.31
N SER F 187 41.25 -55.48 -0.51
CA SER F 187 40.62 -56.74 -0.14
C SER F 187 39.12 -56.62 -0.31
N SER F 188 38.52 -57.64 -0.92
CA SER F 188 37.07 -57.74 -1.05
C SER F 188 36.63 -59.02 -0.36
N VAL F 189 35.51 -58.98 0.36
CA VAL F 189 35.01 -60.12 1.08
C VAL F 189 33.51 -60.24 0.87
N VAL F 190 33.01 -61.45 1.08
CA VAL F 190 31.57 -61.71 1.01
C VAL F 190 31.25 -62.84 1.98
N THR F 191 30.15 -62.68 2.71
CA THR F 191 29.70 -63.66 3.69
C THR F 191 28.53 -64.43 3.10
N VAL F 192 28.62 -65.76 3.12
CA VAL F 192 27.58 -66.61 2.60
C VAL F 192 27.31 -67.71 3.62
N PRO F 193 26.13 -68.32 3.58
CA PRO F 193 25.85 -69.42 4.50
C PRO F 193 26.83 -70.57 4.32
N SER F 194 27.20 -71.20 5.43
CA SER F 194 28.14 -72.32 5.37
C SER F 194 27.58 -73.50 4.58
N SER F 195 26.26 -73.64 4.52
CA SER F 195 25.67 -74.76 3.79
C SER F 195 25.99 -74.67 2.31
N SER F 196 25.81 -73.50 1.71
CA SER F 196 26.06 -73.30 0.28
C SER F 196 27.52 -72.94 0.08
N LEU F 197 28.37 -73.96 0.14
CA LEU F 197 29.81 -73.80 -0.05
C LEU F 197 30.40 -74.69 -1.13
N GLY F 198 29.71 -75.76 -1.54
CA GLY F 198 30.24 -76.65 -2.55
C GLY F 198 29.45 -76.60 -3.84
N THR F 199 28.15 -76.28 -3.73
CA THR F 199 27.30 -76.20 -4.91
C THR F 199 27.47 -74.84 -5.60
N GLN F 200 27.31 -73.76 -4.85
CA GLN F 200 27.46 -72.43 -5.43
C GLN F 200 28.92 -72.14 -5.73
N THR F 201 29.19 -71.65 -6.94
CA THR F 201 30.55 -71.32 -7.36
C THR F 201 30.76 -69.81 -7.23
N TYR F 202 31.84 -69.44 -6.53
CA TYR F 202 32.16 -68.04 -6.29
C TYR F 202 33.44 -67.69 -7.05
N ILE F 203 33.34 -66.71 -7.95
CA ILE F 203 34.47 -66.23 -8.73
C ILE F 203 34.49 -64.71 -8.63
N CYS F 204 35.63 -64.14 -8.24
CA CYS F 204 35.77 -62.71 -8.15
C CYS F 204 36.45 -62.16 -9.40
N ASN F 205 35.83 -61.13 -9.99
CA ASN F 205 36.30 -60.51 -11.22
C ASN F 205 36.90 -59.16 -10.83
N VAL F 206 38.18 -58.96 -11.18
CA VAL F 206 38.90 -57.74 -10.89
C VAL F 206 39.35 -57.11 -12.20
N ASN F 207 39.02 -55.83 -12.38
CA ASN F 207 39.39 -55.11 -13.59
C ASN F 207 40.18 -53.86 -13.20
N HIS F 208 41.33 -53.68 -13.86
CA HIS F 208 42.20 -52.53 -13.65
C HIS F 208 42.39 -51.88 -15.02
N LYS F 209 41.53 -50.91 -15.32
CA LYS F 209 41.60 -50.24 -16.62
C LYS F 209 42.92 -49.52 -16.83
N PRO F 210 43.47 -48.77 -15.87
CA PRO F 210 44.77 -48.13 -16.12
C PRO F 210 45.84 -49.10 -16.58
N SER F 211 45.87 -50.31 -16.02
CA SER F 211 46.76 -51.36 -16.50
C SER F 211 46.11 -52.29 -17.50
N ASN F 212 44.81 -52.13 -17.76
CA ASN F 212 44.07 -53.00 -18.67
C ASN F 212 44.30 -54.46 -18.32
N THR F 213 43.90 -54.82 -17.10
CA THR F 213 44.09 -56.18 -16.60
C THR F 213 42.76 -56.68 -16.03
N LYS F 214 42.22 -57.73 -16.65
CA LYS F 214 41.00 -58.37 -16.17
C LYS F 214 41.33 -59.78 -15.71
N VAL F 215 41.00 -60.10 -14.46
CA VAL F 215 41.34 -61.38 -13.87
C VAL F 215 40.11 -61.94 -13.17
N ASP F 216 39.75 -63.17 -13.49
CA ASP F 216 38.68 -63.89 -12.81
C ASP F 216 39.28 -65.00 -11.97
N LYS F 217 39.20 -64.86 -10.65
CA LYS F 217 39.83 -65.78 -9.72
C LYS F 217 38.76 -66.59 -9.00
N ARG F 218 38.88 -67.91 -9.08
CA ARG F 218 37.96 -68.80 -8.38
C ARG F 218 38.29 -68.83 -6.89
N VAL F 219 37.27 -69.00 -6.07
CA VAL F 219 37.42 -69.11 -4.62
C VAL F 219 36.74 -70.39 -4.18
N GLU F 220 37.49 -71.29 -3.55
CA GLU F 220 36.98 -72.55 -3.07
C GLU F 220 37.50 -72.81 -1.67
N PRO F 221 36.78 -73.59 -0.86
CA PRO F 221 37.23 -73.86 0.50
C PRO F 221 38.56 -74.62 0.53
N LYS F 222 39.33 -74.35 1.58
CA LYS F 222 40.61 -75.01 1.75
C LYS F 222 40.41 -76.51 1.96
N SER F 223 41.34 -77.30 1.44
CA SER F 223 41.32 -78.75 1.58
C SER F 223 42.48 -79.17 2.47
N CYS F 224 42.17 -79.93 3.52
CA CYS F 224 43.17 -80.39 4.47
C CYS F 224 42.83 -81.79 4.99
N ASP G 1 52.22 -21.31 14.69
CA ASP G 1 50.96 -20.98 13.94
C ASP G 1 49.75 -21.25 14.83
N ILE G 2 48.57 -21.34 14.22
CA ILE G 2 47.32 -21.56 14.94
C ILE G 2 46.89 -23.00 14.75
N GLN G 3 46.65 -23.68 15.86
CA GLN G 3 46.15 -25.06 15.84
C GLN G 3 44.70 -25.07 16.31
N MET G 4 43.86 -25.78 15.57
CA MET G 4 42.42 -25.85 15.83
C MET G 4 42.11 -27.25 16.35
N THR G 5 41.77 -27.35 17.63
CA THR G 5 41.39 -28.61 18.24
C THR G 5 39.87 -28.74 18.22
N GLN G 6 39.37 -29.72 17.48
CA GLN G 6 37.94 -29.94 17.32
C GLN G 6 37.54 -31.19 18.09
N SER G 7 36.54 -31.07 18.96
CA SER G 7 36.09 -32.16 19.79
C SER G 7 34.57 -32.29 19.71
N PRO G 8 34.04 -33.50 19.97
CA PRO G 8 34.78 -34.73 20.21
C PRO G 8 35.36 -35.32 18.92
N SER G 9 36.38 -36.17 19.03
CA SER G 9 36.95 -36.78 17.83
C SER G 9 35.90 -37.55 17.07
N SER G 10 34.96 -38.19 17.76
CA SER G 10 33.85 -38.89 17.13
C SER G 10 32.76 -39.17 18.15
N LEU G 11 31.53 -38.75 17.86
CA LEU G 11 30.41 -38.90 18.77
C LEU G 11 29.34 -39.77 18.13
N SER G 12 28.63 -40.51 18.97
CA SER G 12 27.53 -41.37 18.55
C SER G 12 26.23 -40.77 19.04
N ALA G 13 25.30 -40.56 18.12
CA ALA G 13 24.01 -39.97 18.45
C ALA G 13 22.95 -40.49 17.49
N SER G 14 21.70 -40.38 17.91
CA SER G 14 20.56 -40.84 17.12
C SER G 14 19.89 -39.64 16.46
N VAL G 15 18.92 -39.93 15.58
CA VAL G 15 18.22 -38.88 14.87
C VAL G 15 17.37 -38.08 15.84
N GLY G 16 17.36 -36.76 15.67
CA GLY G 16 16.59 -35.88 16.51
C GLY G 16 17.32 -35.39 17.75
N ASP G 17 18.50 -35.91 18.04
CA ASP G 17 19.27 -35.47 19.19
C ASP G 17 19.87 -34.09 18.94
N ARG G 18 20.05 -33.34 20.01
CA ARG G 18 20.66 -32.01 19.94
C ARG G 18 22.18 -32.18 20.01
N VAL G 19 22.84 -32.18 18.87
CA VAL G 19 24.26 -32.45 18.78
C VAL G 19 25.03 -31.14 18.97
N THR G 20 26.16 -31.19 19.65
CA THR G 20 27.01 -30.04 19.88
C THR G 20 28.46 -30.43 19.66
N ILE G 21 29.20 -29.61 18.92
CA ILE G 21 30.61 -29.84 18.62
C ILE G 21 31.39 -28.59 18.98
N THR G 22 32.50 -28.77 19.70
CA THR G 22 33.32 -27.67 20.18
C THR G 22 34.60 -27.56 19.34
N CYS G 23 35.08 -26.33 19.18
CA CYS G 23 36.29 -26.05 18.43
C CYS G 23 37.09 -24.98 19.18
N ARG G 24 38.32 -25.29 19.54
CA ARG G 24 39.18 -24.40 20.31
C ARG G 24 40.38 -23.99 19.46
N ALA G 25 40.80 -22.73 19.61
CA ALA G 25 41.92 -22.18 18.88
C ALA G 25 43.06 -21.87 19.84
N SER G 26 44.29 -22.02 19.34
CA SER G 26 45.46 -21.76 20.18
C SER G 26 45.51 -20.30 20.61
N GLN G 27 45.20 -19.37 19.71
CA GLN G 27 45.13 -17.96 20.05
C GLN G 27 43.74 -17.42 19.75
N SER G 28 43.55 -16.12 19.89
CA SER G 28 42.22 -15.53 19.78
C SER G 28 41.92 -15.09 18.36
N ILE G 29 40.75 -15.46 17.87
CA ILE G 29 40.23 -14.99 16.58
C ILE G 29 38.88 -14.34 16.84
N SER G 30 38.71 -13.12 16.37
CA SER G 30 37.57 -12.31 16.78
C SER G 30 36.23 -12.94 16.37
N SER G 31 35.95 -12.99 15.07
CA SER G 31 34.73 -13.64 14.59
C SER G 31 34.99 -14.35 13.27
N TYR G 32 36.25 -14.66 13.00
CA TYR G 32 36.65 -15.24 11.71
C TYR G 32 36.76 -16.76 11.79
N LEU G 33 35.66 -17.40 12.19
CA LEU G 33 35.58 -18.85 12.30
C LEU G 33 34.40 -19.35 11.47
N ASN G 34 34.61 -20.44 10.75
CA ASN G 34 33.59 -21.02 9.88
C ASN G 34 33.49 -22.51 10.11
N TRP G 35 32.34 -23.08 9.74
CA TRP G 35 32.08 -24.50 9.84
C TRP G 35 31.68 -25.04 8.47
N TYR G 36 32.29 -26.14 8.06
CA TYR G 36 32.01 -26.81 6.80
C TYR G 36 31.62 -28.26 7.05
N GLN G 37 30.91 -28.84 6.09
CA GLN G 37 30.46 -30.23 6.16
C GLN G 37 31.02 -31.01 4.99
N GLN G 38 31.32 -32.29 5.24
CA GLN G 38 31.88 -33.17 4.22
C GLN G 38 31.34 -34.57 4.46
N LYS G 39 30.60 -35.10 3.48
CA LYS G 39 30.17 -36.48 3.51
C LYS G 39 31.30 -37.39 3.03
N PRO G 40 31.25 -38.67 3.39
CA PRO G 40 32.29 -39.60 2.92
C PRO G 40 32.37 -39.61 1.39
N GLY G 41 33.55 -39.30 0.88
CA GLY G 41 33.81 -39.25 -0.55
C GLY G 41 33.43 -37.94 -1.20
N LYS G 42 32.30 -37.36 -0.79
CA LYS G 42 31.84 -36.11 -1.38
C LYS G 42 32.72 -34.95 -0.93
N ALA G 43 32.66 -33.86 -1.68
CA ALA G 43 33.47 -32.69 -1.40
C ALA G 43 32.88 -31.90 -0.24
N PRO G 44 33.70 -31.08 0.42
CA PRO G 44 33.20 -30.27 1.54
C PRO G 44 32.15 -29.27 1.08
N LYS G 45 31.25 -28.93 1.99
CA LYS G 45 30.19 -27.96 1.73
C LYS G 45 30.13 -26.98 2.89
N LEU G 46 29.96 -25.70 2.56
CA LEU G 46 29.94 -24.65 3.58
C LEU G 46 28.63 -24.70 4.37
N LEU G 47 28.74 -24.61 5.70
CA LEU G 47 27.58 -24.54 6.57
C LEU G 47 27.46 -23.16 7.22
N ILE G 48 28.49 -22.70 7.91
CA ILE G 48 28.44 -21.47 8.70
C ILE G 48 29.69 -20.65 8.38
N TYR G 49 29.54 -19.33 8.35
CA TYR G 49 30.66 -18.42 8.22
C TYR G 49 30.55 -17.33 9.27
N ALA G 50 31.71 -16.80 9.68
CA ALA G 50 31.80 -15.74 10.68
C ALA G 50 31.36 -16.24 12.06
N ALA G 51 31.15 -17.56 12.13
CA ALA G 51 30.80 -18.25 13.37
C ALA G 51 29.39 -17.93 13.85
N SER G 52 28.74 -16.96 13.23
CA SER G 52 27.38 -16.58 13.63
C SER G 52 26.56 -16.19 12.41
N SER G 53 26.85 -16.77 11.26
CA SER G 53 26.16 -16.47 10.01
C SER G 53 25.85 -17.76 9.27
N LEU G 54 24.56 -18.08 9.14
CA LEU G 54 24.16 -19.29 8.44
C LEU G 54 24.26 -19.07 6.93
N GLN G 55 24.94 -19.99 6.26
CA GLN G 55 25.07 -19.91 4.80
C GLN G 55 23.71 -20.09 4.15
N SER G 56 23.49 -19.39 3.04
CA SER G 56 22.23 -19.48 2.33
C SER G 56 21.98 -20.90 1.86
N GLY G 57 20.72 -21.34 1.96
CA GLY G 57 20.34 -22.66 1.50
C GLY G 57 20.61 -23.79 2.47
N VAL G 58 20.93 -23.48 3.71
CA VAL G 58 21.25 -24.48 4.73
C VAL G 58 20.06 -24.58 5.69
N PRO G 59 19.75 -25.77 6.22
CA PRO G 59 18.66 -25.86 7.19
C PRO G 59 18.95 -25.00 8.42
N SER G 60 17.89 -24.43 8.98
CA SER G 60 18.04 -23.54 10.13
C SER G 60 18.47 -24.28 11.39
N ARG G 61 18.37 -25.60 11.44
CA ARG G 61 18.74 -26.34 12.64
C ARG G 61 20.22 -26.23 12.97
N PHE G 62 21.06 -25.84 12.02
CA PHE G 62 22.47 -25.60 12.29
C PHE G 62 22.66 -24.20 12.83
N SER G 63 23.43 -24.08 13.91
CA SER G 63 23.68 -22.77 14.51
C SER G 63 25.09 -22.72 15.07
N GLY G 64 25.80 -21.65 14.76
CA GLY G 64 27.13 -21.42 15.30
C GLY G 64 27.10 -20.35 16.38
N SER G 65 28.02 -20.46 17.31
CA SER G 65 28.10 -19.54 18.44
C SER G 65 29.51 -19.55 18.97
N GLY G 66 29.82 -18.56 19.80
CA GLY G 66 31.12 -18.50 20.45
C GLY G 66 31.99 -17.40 19.88
N SER G 67 32.93 -16.93 20.69
CA SER G 67 33.86 -15.88 20.30
C SER G 67 35.15 -16.07 21.07
N GLY G 68 36.25 -15.53 20.53
CA GLY G 68 37.54 -15.63 21.19
C GLY G 68 38.32 -16.85 20.72
N THR G 69 38.29 -17.91 21.52
CA THR G 69 38.98 -19.15 21.21
C THR G 69 38.05 -20.35 21.11
N ASP G 70 37.00 -20.40 21.93
CA ASP G 70 36.08 -21.52 21.97
C ASP G 70 34.84 -21.17 21.15
N PHE G 71 34.47 -22.08 20.25
CA PHE G 71 33.28 -21.94 19.43
C PHE G 71 32.49 -23.24 19.44
N THR G 72 31.20 -23.14 19.20
CA THR G 72 30.31 -24.28 19.25
C THR G 72 29.40 -24.29 18.03
N LEU G 73 29.19 -25.48 17.49
CA LEU G 73 28.23 -25.73 16.43
C LEU G 73 27.18 -26.67 16.97
N THR G 74 25.91 -26.28 16.85
CA THR G 74 24.80 -27.01 17.46
C THR G 74 23.75 -27.33 16.40
N ILE G 75 23.32 -28.58 16.37
CA ILE G 75 22.18 -29.03 15.59
C ILE G 75 21.07 -29.34 16.59
N SER G 76 20.00 -28.55 16.55
CA SER G 76 18.92 -28.72 17.53
C SER G 76 18.29 -30.11 17.42
N SER G 77 18.03 -30.56 16.20
CA SER G 77 17.43 -31.85 15.95
C SER G 77 18.18 -32.54 14.83
N LEU G 78 18.87 -33.64 15.14
CA LEU G 78 19.63 -34.36 14.13
C LEU G 78 18.70 -35.00 13.12
N GLN G 79 19.19 -35.14 11.89
CA GLN G 79 18.44 -35.75 10.81
C GLN G 79 19.29 -36.82 10.14
N PRO G 80 18.65 -37.78 9.45
CA PRO G 80 19.44 -38.84 8.80
C PRO G 80 20.47 -38.32 7.82
N GLU G 81 20.19 -37.21 7.16
CA GLU G 81 21.12 -36.61 6.19
C GLU G 81 22.21 -35.77 6.85
N ASP G 82 22.20 -35.66 8.17
CA ASP G 82 23.16 -34.84 8.89
C ASP G 82 24.36 -35.64 9.38
N PHE G 83 24.42 -36.93 9.07
CA PHE G 83 25.54 -37.77 9.47
C PHE G 83 26.69 -37.54 8.50
N ALA G 84 27.65 -36.73 8.92
CA ALA G 84 28.80 -36.40 8.08
C ALA G 84 29.94 -35.95 8.99
N THR G 85 31.02 -35.51 8.37
CA THR G 85 32.17 -35.00 9.09
C THR G 85 32.17 -33.47 9.03
N TYR G 86 32.21 -32.82 10.19
CA TYR G 86 32.15 -31.38 10.28
C TYR G 86 33.52 -30.84 10.66
N TYR G 87 33.99 -29.85 9.91
CA TYR G 87 35.26 -29.20 10.15
C TYR G 87 35.05 -27.75 10.56
N CYS G 88 35.90 -27.29 11.47
CA CYS G 88 35.95 -25.88 11.85
C CYS G 88 37.25 -25.28 11.35
N GLN G 89 37.15 -24.11 10.72
CA GLN G 89 38.28 -23.47 10.05
C GLN G 89 38.32 -22.00 10.46
N GLN G 90 39.47 -21.57 10.98
CA GLN G 90 39.65 -20.17 11.33
C GLN G 90 40.20 -19.41 10.13
N SER G 91 39.75 -18.17 9.98
CA SER G 91 40.18 -17.30 8.89
C SER G 91 40.95 -16.08 9.37
N TYR G 92 41.20 -15.94 10.67
CA TYR G 92 41.87 -14.75 11.17
C TYR G 92 43.20 -14.52 10.47
N SER G 93 44.12 -15.47 10.60
CA SER G 93 45.42 -15.38 9.93
C SER G 93 45.15 -15.71 8.47
N THR G 94 44.72 -14.69 7.72
CA THR G 94 44.16 -14.91 6.40
C THR G 94 45.10 -15.72 5.51
N LEU G 95 46.39 -15.42 5.56
CA LEU G 95 47.37 -16.14 4.77
C LEU G 95 47.98 -17.33 5.51
N ALA G 96 47.35 -17.77 6.59
CA ALA G 96 47.78 -18.98 7.28
C ALA G 96 46.54 -19.80 7.62
N LEU G 97 45.59 -19.88 6.69
CA LEU G 97 44.32 -20.54 6.94
C LEU G 97 44.55 -21.95 7.44
N THR G 98 43.80 -22.34 8.47
CA THR G 98 43.90 -23.65 9.07
C THR G 98 42.52 -24.22 9.31
N PHE G 99 42.43 -25.55 9.33
CA PHE G 99 41.19 -26.27 9.51
C PHE G 99 41.25 -27.12 10.78
N GLY G 100 40.08 -27.42 11.33
CA GLY G 100 39.99 -28.22 12.53
C GLY G 100 40.16 -29.70 12.24
N GLY G 101 40.33 -30.47 13.33
CA GLY G 101 40.52 -31.90 13.19
C GLY G 101 39.33 -32.62 12.62
N GLY G 102 38.13 -32.19 12.98
CA GLY G 102 36.91 -32.82 12.51
C GLY G 102 36.26 -33.66 13.59
N THR G 103 34.95 -33.84 13.48
CA THR G 103 34.15 -34.61 14.43
C THR G 103 33.13 -35.42 13.64
N LYS G 104 33.48 -36.67 13.34
CA LYS G 104 32.56 -37.55 12.63
C LYS G 104 31.41 -37.96 13.54
N VAL G 105 30.19 -37.89 13.02
CA VAL G 105 28.99 -38.26 13.77
C VAL G 105 28.49 -39.58 13.18
N GLU G 106 28.47 -40.62 14.01
CA GLU G 106 28.01 -41.94 13.59
C GLU G 106 26.60 -42.18 14.10
N ILE G 107 25.98 -43.24 13.57
CA ILE G 107 24.63 -43.60 13.94
C ILE G 107 24.68 -44.40 15.24
N LYS G 108 24.00 -43.90 16.27
CA LYS G 108 24.00 -44.57 17.56
C LYS G 108 23.15 -45.83 17.51
N ARG G 109 23.68 -46.92 18.09
CA ARG G 109 22.98 -48.19 18.12
C ARG G 109 23.42 -48.96 19.36
N THR G 110 23.01 -50.21 19.44
CA THR G 110 23.42 -51.08 20.53
C THR G 110 24.82 -51.64 20.27
N VAL G 111 25.47 -52.06 21.36
CA VAL G 111 26.81 -52.62 21.27
C VAL G 111 26.74 -53.97 20.56
N ALA G 112 27.58 -54.15 19.55
CA ALA G 112 27.63 -55.39 18.78
C ALA G 112 28.96 -56.10 19.04
N ALA G 113 28.87 -57.38 19.39
CA ALA G 113 30.06 -58.16 19.67
C ALA G 113 30.76 -58.54 18.37
N PRO G 114 32.05 -58.25 18.22
CA PRO G 114 32.74 -58.60 16.97
C PRO G 114 32.83 -60.11 16.78
N SER G 115 32.77 -60.52 15.51
CA SER G 115 33.06 -61.89 15.11
C SER G 115 34.52 -61.93 14.64
N VAL G 116 35.33 -62.77 15.28
CA VAL G 116 36.76 -62.80 15.04
C VAL G 116 37.11 -64.03 14.21
N PHE G 117 37.84 -63.81 13.11
CA PHE G 117 38.30 -64.89 12.25
C PHE G 117 39.78 -64.70 11.97
N ILE G 118 40.52 -65.80 11.97
CA ILE G 118 41.96 -65.78 11.73
C ILE G 118 42.26 -66.64 10.51
N PHE G 119 42.93 -66.06 9.52
CA PHE G 119 43.27 -66.72 8.28
C PHE G 119 44.79 -66.75 8.11
N PRO G 120 45.40 -67.93 8.01
CA PRO G 120 46.85 -68.01 7.83
C PRO G 120 47.24 -67.67 6.40
N PRO G 121 48.53 -67.44 6.15
CA PRO G 121 48.95 -67.11 4.77
C PRO G 121 48.64 -68.26 3.82
N SER G 122 48.24 -67.90 2.60
CA SER G 122 47.99 -68.90 1.58
C SER G 122 49.29 -69.49 1.08
N ASP G 123 49.25 -70.77 0.71
CA ASP G 123 50.45 -71.43 0.20
C ASP G 123 50.95 -70.73 -1.06
N GLU G 124 50.05 -70.18 -1.86
CA GLU G 124 50.47 -69.44 -3.05
C GLU G 124 51.30 -68.22 -2.66
N GLN G 125 50.86 -67.50 -1.61
CA GLN G 125 51.66 -66.38 -1.13
C GLN G 125 52.99 -66.84 -0.56
N LEU G 126 52.99 -67.96 0.17
CA LEU G 126 54.25 -68.49 0.69
C LEU G 126 55.20 -68.86 -0.44
N LYS G 127 54.67 -69.27 -1.59
CA LYS G 127 55.53 -69.54 -2.73
C LYS G 127 56.29 -68.28 -3.17
N SER G 128 55.62 -67.13 -3.19
CA SER G 128 56.30 -65.89 -3.55
C SER G 128 57.40 -65.56 -2.56
N GLY G 129 57.14 -65.73 -1.26
CA GLY G 129 58.11 -65.44 -0.24
C GLY G 129 57.54 -64.71 0.97
N THR G 130 56.49 -63.94 0.74
CA THR G 130 55.83 -63.21 1.81
C THR G 130 54.78 -64.09 2.49
N ALA G 131 54.36 -63.67 3.68
CA ALA G 131 53.31 -64.34 4.43
C ALA G 131 52.47 -63.31 5.16
N SER G 132 51.16 -63.38 4.96
CA SER G 132 50.21 -62.45 5.57
C SER G 132 49.20 -63.23 6.39
N VAL G 133 49.05 -62.84 7.65
CA VAL G 133 48.02 -63.40 8.54
C VAL G 133 46.92 -62.36 8.66
N VAL G 134 45.69 -62.78 8.40
CA VAL G 134 44.55 -61.87 8.33
C VAL G 134 43.66 -62.09 9.54
N CYS G 135 43.48 -61.06 10.35
CA CYS G 135 42.55 -61.08 11.47
C CYS G 135 41.36 -60.18 11.15
N LEU G 136 40.18 -60.78 11.06
CA LEU G 136 38.97 -60.08 10.65
C LEU G 136 38.02 -59.98 11.83
N LEU G 137 37.67 -58.75 12.20
CA LEU G 137 36.62 -58.46 13.16
C LEU G 137 35.42 -57.95 12.37
N ASN G 138 34.26 -58.59 12.54
CA ASN G 138 33.09 -58.30 11.73
C ASN G 138 31.92 -57.92 12.62
N ASN G 139 31.10 -56.97 12.17
CA ASN G 139 29.80 -56.71 12.79
C ASN G 139 29.96 -56.34 14.26
N PHE G 140 30.62 -55.22 14.54
CA PHE G 140 30.79 -54.74 15.90
C PHE G 140 30.50 -53.24 15.95
N TYR G 141 30.15 -52.78 17.14
CA TYR G 141 29.88 -51.38 17.37
C TYR G 141 30.07 -51.05 18.85
N PRO G 142 30.73 -49.94 19.20
CA PRO G 142 31.34 -48.95 18.30
C PRO G 142 32.64 -49.45 17.67
N ARG G 143 33.27 -48.62 16.85
CA ARG G 143 34.47 -49.01 16.13
C ARG G 143 35.69 -49.16 17.03
N GLU G 144 35.63 -48.71 18.28
CA GLU G 144 36.78 -48.78 19.16
C GLU G 144 37.02 -50.22 19.60
N ALA G 145 37.86 -50.94 18.88
CA ALA G 145 38.21 -52.32 19.21
C ALA G 145 39.72 -52.46 19.11
N LYS G 146 40.33 -52.99 20.17
CA LYS G 146 41.77 -53.19 20.19
C LYS G 146 42.10 -54.56 19.60
N VAL G 147 42.97 -54.58 18.60
CA VAL G 147 43.43 -55.82 17.95
C VAL G 147 44.92 -55.94 18.21
N GLN G 148 45.33 -57.06 18.80
CA GLN G 148 46.72 -57.30 19.14
C GLN G 148 47.20 -58.59 18.50
N TRP G 149 48.43 -58.59 18.00
CA TRP G 149 49.03 -59.78 17.42
C TRP G 149 50.03 -60.39 18.40
N LYS G 150 49.96 -61.71 18.57
CA LYS G 150 50.87 -62.45 19.42
C LYS G 150 51.55 -63.54 18.61
N VAL G 151 52.86 -63.62 18.72
CA VAL G 151 53.66 -64.66 18.06
C VAL G 151 54.48 -65.33 19.15
N ASP G 152 54.21 -66.62 19.38
CA ASP G 152 54.85 -67.37 20.46
C ASP G 152 54.69 -66.63 21.79
N ASN G 153 53.48 -66.11 22.02
CA ASN G 153 53.14 -65.37 23.22
C ASN G 153 53.95 -64.08 23.37
N ALA G 154 54.44 -63.54 22.26
CA ALA G 154 55.18 -62.28 22.26
C ALA G 154 54.37 -61.24 21.49
N LEU G 155 54.19 -60.07 22.10
CA LEU G 155 53.40 -59.02 21.48
C LEU G 155 54.10 -58.49 20.23
N GLN G 156 53.32 -58.18 19.20
CA GLN G 156 53.83 -57.61 17.97
C GLN G 156 53.19 -56.25 17.75
N SER G 157 54.02 -55.24 17.50
CA SER G 157 53.55 -53.88 17.25
C SER G 157 54.28 -53.31 16.05
N GLY G 158 53.53 -52.76 15.10
CA GLY G 158 54.08 -52.17 13.90
C GLY G 158 54.30 -53.15 12.77
N ASN G 159 54.14 -54.44 13.03
CA ASN G 159 54.32 -55.45 11.98
C ASN G 159 53.09 -55.61 11.09
N SER G 160 51.97 -55.00 11.46
CA SER G 160 50.72 -55.11 10.73
C SER G 160 50.14 -53.73 10.47
N GLN G 161 49.01 -53.70 9.77
CA GLN G 161 48.29 -52.46 9.50
C GLN G 161 46.82 -52.80 9.36
N GLU G 162 45.97 -51.94 9.90
CA GLU G 162 44.54 -52.18 9.97
C GLU G 162 43.81 -51.38 8.90
N SER G 163 42.56 -51.79 8.63
CA SER G 163 41.69 -51.10 7.68
C SER G 163 40.26 -51.28 8.15
N VAL G 164 39.57 -50.17 8.39
CA VAL G 164 38.22 -50.19 8.95
C VAL G 164 37.29 -49.52 7.95
N THR G 165 36.17 -50.20 7.65
CA THR G 165 35.17 -49.66 6.76
C THR G 165 34.27 -48.68 7.50
N GLU G 166 33.49 -47.93 6.73
CA GLU G 166 32.55 -46.98 7.31
C GLU G 166 31.40 -47.72 7.98
N GLN G 167 30.61 -46.97 8.74
CA GLN G 167 29.47 -47.56 9.43
C GLN G 167 28.52 -48.18 8.41
N ASP G 168 28.12 -49.42 8.67
CA ASP G 168 27.32 -50.17 7.71
C ASP G 168 25.96 -49.52 7.52
N SER G 169 25.44 -49.59 6.29
CA SER G 169 24.13 -49.03 5.99
C SER G 169 22.99 -49.93 6.45
N LYS G 170 23.25 -51.20 6.73
CA LYS G 170 22.21 -52.14 7.13
C LYS G 170 22.09 -52.26 8.64
N ASP G 171 23.17 -52.67 9.31
CA ASP G 171 23.18 -52.85 10.76
C ASP G 171 24.03 -51.81 11.48
N SER G 172 24.65 -50.89 10.75
CA SER G 172 25.48 -49.84 11.36
C SER G 172 26.57 -50.45 12.25
N THR G 173 27.19 -51.51 11.75
CA THR G 173 28.31 -52.17 12.42
C THR G 173 29.55 -52.04 11.56
N TYR G 174 30.71 -52.22 12.19
CA TYR G 174 31.99 -51.99 11.53
C TYR G 174 32.71 -53.31 11.26
N SER G 175 33.70 -53.22 10.38
CA SER G 175 34.56 -54.35 10.05
C SER G 175 36.00 -53.88 9.98
N LEU G 176 36.89 -54.67 10.57
CA LEU G 176 38.31 -54.35 10.63
C LEU G 176 39.10 -55.55 10.14
N SER G 177 40.14 -55.29 9.35
CA SER G 177 41.00 -56.34 8.80
C SER G 177 42.45 -55.97 9.09
N SER G 178 43.05 -56.68 10.06
CA SER G 178 44.45 -56.49 10.40
C SER G 178 45.29 -57.50 9.64
N THR G 179 46.28 -57.01 8.89
CA THR G 179 47.13 -57.85 8.06
C THR G 179 48.55 -57.82 8.64
N LEU G 180 48.93 -58.91 9.29
CA LEU G 180 50.30 -59.07 9.79
C LEU G 180 51.14 -59.65 8.65
N THR G 181 51.98 -58.81 8.05
CA THR G 181 52.78 -59.19 6.90
C THR G 181 54.23 -59.35 7.31
N LEU G 182 54.86 -60.42 6.84
CA LEU G 182 56.26 -60.69 7.16
C LEU G 182 56.86 -61.56 6.07
N SER G 183 58.15 -61.84 6.21
CA SER G 183 58.86 -62.66 5.25
C SER G 183 58.68 -64.15 5.58
N LYS G 184 59.06 -65.01 4.64
CA LYS G 184 58.96 -66.45 4.89
C LYS G 184 59.86 -66.88 6.04
N ALA G 185 61.08 -66.35 6.11
CA ALA G 185 62.00 -66.75 7.17
C ALA G 185 61.42 -66.42 8.54
N ASP G 186 60.82 -65.24 8.68
CA ASP G 186 60.18 -64.87 9.94
C ASP G 186 58.92 -65.67 10.23
N TYR G 187 58.35 -66.32 9.22
CA TYR G 187 57.14 -67.12 9.41
C TYR G 187 57.44 -68.49 9.99
N GLU G 188 58.46 -69.18 9.50
CA GLU G 188 58.84 -70.47 10.03
C GLU G 188 59.61 -70.36 11.34
N LYS G 189 60.14 -69.18 11.66
CA LYS G 189 60.86 -68.99 12.92
C LYS G 189 59.93 -69.12 14.12
N HIS G 190 58.63 -68.99 13.93
CA HIS G 190 57.66 -69.03 15.02
C HIS G 190 56.55 -70.01 14.68
N LYS G 191 55.86 -70.49 15.71
CA LYS G 191 54.84 -71.51 15.57
C LYS G 191 53.43 -70.97 15.81
N VAL G 192 53.20 -70.34 16.95
CA VAL G 192 51.85 -69.91 17.32
C VAL G 192 51.63 -68.49 16.82
N TYR G 193 50.52 -68.27 16.13
CA TYR G 193 50.10 -66.94 15.69
C TYR G 193 48.69 -66.72 16.21
N ALA G 194 48.49 -65.67 17.01
CA ALA G 194 47.23 -65.40 17.65
C ALA G 194 46.83 -63.94 17.46
N CYS G 195 45.51 -63.71 17.44
CA CYS G 195 44.93 -62.38 17.33
C CYS G 195 43.98 -62.21 18.50
N GLU G 196 44.28 -61.23 19.35
CA GLU G 196 43.43 -60.92 20.49
C GLU G 196 42.58 -59.69 20.19
N VAL G 197 41.29 -59.77 20.52
CA VAL G 197 40.33 -58.71 20.25
C VAL G 197 39.71 -58.30 21.57
N THR G 198 39.75 -56.99 21.85
CA THR G 198 39.11 -56.41 23.03
C THR G 198 38.11 -55.37 22.55
N HIS G 199 36.84 -55.55 22.90
CA HIS G 199 35.77 -54.67 22.46
C HIS G 199 34.83 -54.39 23.61
N GLN G 200 34.14 -53.25 23.53
CA GLN G 200 33.22 -52.86 24.59
C GLN G 200 32.14 -53.92 24.80
N GLY G 201 31.74 -54.63 23.75
CA GLY G 201 30.74 -55.66 23.83
C GLY G 201 31.28 -57.03 24.23
N LEU G 202 32.56 -57.14 24.54
CA LEU G 202 33.17 -58.40 24.95
C LEU G 202 33.45 -58.33 26.46
N SER G 203 32.92 -59.30 27.19
CA SER G 203 33.18 -59.37 28.63
C SER G 203 34.66 -59.59 28.92
N SER G 204 35.39 -60.24 28.02
CA SER G 204 36.81 -60.47 28.16
C SER G 204 37.43 -60.56 26.78
N PRO G 205 38.74 -60.34 26.65
CA PRO G 205 39.36 -60.44 25.33
C PRO G 205 39.17 -61.81 24.72
N VAL G 206 38.97 -61.84 23.40
CA VAL G 206 38.78 -63.07 22.65
C VAL G 206 40.00 -63.30 21.77
N THR G 207 40.62 -64.47 21.93
CA THR G 207 41.85 -64.78 21.21
C THR G 207 41.59 -65.90 20.22
N LYS G 208 41.94 -65.66 18.95
CA LYS G 208 41.88 -66.68 17.91
C LYS G 208 43.30 -66.98 17.49
N SER G 209 43.75 -68.22 17.71
CA SER G 209 45.15 -68.60 17.52
C SER G 209 45.22 -69.86 16.67
N PHE G 210 46.36 -70.01 15.99
CA PHE G 210 46.61 -71.20 15.19
C PHE G 210 48.10 -71.51 15.21
N ASN G 211 48.42 -72.79 15.08
CA ASN G 211 49.79 -73.25 14.98
C ASN G 211 50.17 -73.42 13.51
N ARG G 212 51.37 -72.94 13.17
CA ARG G 212 51.82 -72.99 11.79
C ARG G 212 51.90 -74.43 11.29
N GLY G 213 51.35 -74.67 10.10
CA GLY G 213 51.46 -75.96 9.45
C GLY G 213 50.82 -77.10 10.23
N GLU G 214 49.61 -76.89 10.72
CA GLU G 214 48.88 -77.94 11.43
C GLU G 214 47.43 -78.06 10.98
N CYS G 215 46.91 -77.06 10.27
CA CYS G 215 45.53 -77.09 9.81
C CYS G 215 44.58 -77.28 10.98
N GLU H 1 14.41 6.77 28.85
CA GLU H 1 15.25 7.66 29.71
C GLU H 1 14.45 8.12 30.94
N VAL H 2 14.64 7.41 32.06
CA VAL H 2 14.02 7.77 33.33
C VAL H 2 15.09 7.69 34.40
N GLN H 3 15.15 8.72 35.24
CA GLN H 3 16.19 8.82 36.26
C GLN H 3 15.57 8.93 37.65
N LEU H 4 16.10 8.16 38.59
CA LEU H 4 15.73 8.22 39.99
C LEU H 4 17.00 8.26 40.83
N VAL H 5 17.16 9.31 41.63
CA VAL H 5 18.37 9.54 42.40
C VAL H 5 18.00 9.52 43.87
N GLU H 6 18.67 8.68 44.65
CA GLU H 6 18.40 8.56 46.08
C GLU H 6 19.47 9.29 46.89
N SER H 7 19.04 9.87 48.00
CA SER H 7 19.95 10.61 48.86
C SER H 7 19.38 10.64 50.28
N GLY H 8 20.24 11.01 51.22
CA GLY H 8 19.86 11.10 52.62
C GLY H 8 20.26 9.91 53.47
N GLY H 9 20.84 8.87 52.88
CA GLY H 9 21.25 7.72 53.65
C GLY H 9 22.50 7.97 54.46
N GLY H 10 22.62 7.23 55.56
CA GLY H 10 23.78 7.37 56.41
C GLY H 10 23.73 6.43 57.59
N VAL H 11 24.51 6.76 58.62
CA VAL H 11 24.59 5.99 59.85
C VAL H 11 23.84 6.74 60.93
N VAL H 12 22.95 6.04 61.63
CA VAL H 12 22.14 6.64 62.68
C VAL H 12 21.94 5.60 63.78
N GLN H 13 21.84 6.08 65.02
CA GLN H 13 21.68 5.19 66.15
C GLN H 13 20.26 4.62 66.20
N PRO H 14 20.06 3.47 66.84
CA PRO H 14 18.72 2.91 66.97
C PRO H 14 17.78 3.86 67.69
N GLY H 15 16.52 3.87 67.25
CA GLY H 15 15.52 4.73 67.83
C GLY H 15 15.50 6.15 67.29
N ARG H 16 16.44 6.50 66.42
CA ARG H 16 16.49 7.84 65.85
C ARG H 16 15.59 7.93 64.63
N SER H 17 15.67 9.07 63.93
CA SER H 17 14.86 9.30 62.74
C SER H 17 15.77 9.73 61.59
N LEU H 18 15.32 9.42 60.36
CA LEU H 18 16.06 9.77 59.17
C LEU H 18 15.07 10.14 58.07
N ARG H 19 15.56 10.89 57.08
CA ARG H 19 14.74 11.37 55.97
C ARG H 19 15.47 11.09 54.67
N LEU H 20 14.94 10.15 53.88
CA LEU H 20 15.49 9.86 52.57
C LEU H 20 14.69 10.59 51.49
N SER H 21 15.41 11.02 50.45
CA SER H 21 14.80 11.79 49.37
C SER H 21 15.15 11.13 48.04
N CYS H 22 14.13 10.95 47.21
CA CYS H 22 14.27 10.43 45.87
C CYS H 22 13.83 11.49 44.86
N ALA H 23 14.72 11.78 43.92
CA ALA H 23 14.48 12.79 42.89
C ALA H 23 14.20 12.07 41.58
N ALA H 24 13.04 12.33 41.01
CA ALA H 24 12.61 11.74 39.75
C ALA H 24 12.81 12.72 38.61
N SER H 25 13.19 12.19 37.45
CA SER H 25 13.44 13.03 36.29
C SER H 25 13.18 12.24 35.02
N ALA H 26 12.75 12.96 33.98
CA ALA H 26 12.54 12.41 32.65
C ALA H 26 11.28 11.56 32.57
N PHE H 27 10.27 11.91 33.37
CA PHE H 27 8.94 11.31 33.25
C PHE H 27 7.99 12.04 34.20
N THR H 28 6.70 11.79 34.03
CA THR H 28 5.68 12.43 34.85
C THR H 28 5.65 11.80 36.24
N PHE H 29 6.36 12.42 37.19
CA PHE H 29 6.40 11.89 38.55
C PHE H 29 5.02 11.91 39.20
N SER H 30 4.22 12.94 38.93
CA SER H 30 2.94 13.13 39.60
C SER H 30 1.85 12.22 39.09
N SER H 31 2.08 11.47 38.01
CA SER H 31 1.06 10.64 37.39
C SER H 31 1.37 9.16 37.52
N TYR H 32 2.16 8.79 38.53
CA TYR H 32 2.51 7.39 38.75
C TYR H 32 2.75 7.17 40.23
N ASP H 33 2.36 6.00 40.71
CA ASP H 33 2.58 5.62 42.10
C ASP H 33 4.02 5.16 42.29
N MET H 34 4.63 5.58 43.39
CA MET H 34 6.02 5.26 43.67
C MET H 34 6.11 4.15 44.71
N HIS H 35 7.17 3.36 44.61
CA HIS H 35 7.42 2.26 45.53
C HIS H 35 8.77 2.44 46.20
N TRP H 36 8.82 2.17 47.50
CA TRP H 36 10.05 2.09 48.26
C TRP H 36 10.31 0.64 48.61
N VAL H 37 11.47 0.13 48.21
CA VAL H 37 11.85 -1.26 48.42
C VAL H 37 13.25 -1.30 49.01
N ARG H 38 13.43 -2.07 50.09
CA ARG H 38 14.71 -2.14 50.76
C ARG H 38 15.32 -3.52 50.59
N GLN H 39 16.65 -3.55 50.53
CA GLN H 39 17.40 -4.80 50.41
C GLN H 39 18.51 -4.75 51.46
N ALA H 40 18.46 -5.67 52.41
CA ALA H 40 19.46 -5.69 53.47
C ALA H 40 20.77 -6.26 52.92
N PRO H 41 21.90 -5.95 53.57
CA PRO H 41 23.19 -6.46 53.09
C PRO H 41 23.20 -7.98 53.04
N GLY H 42 23.30 -8.52 51.82
CA GLY H 42 23.35 -9.94 51.62
C GLY H 42 22.01 -10.64 51.54
N LYS H 43 20.92 -9.92 51.79
CA LYS H 43 19.59 -10.51 51.79
C LYS H 43 18.91 -10.23 50.44
N GLY H 44 17.65 -10.64 50.32
CA GLY H 44 16.88 -10.44 49.12
C GLY H 44 16.08 -9.16 49.16
N LEU H 45 15.08 -9.08 48.27
CA LEU H 45 14.25 -7.90 48.16
C LEU H 45 13.09 -7.97 49.13
N GLU H 46 12.66 -6.79 49.59
CA GLU H 46 11.57 -6.69 50.57
C GLU H 46 10.77 -5.44 50.26
N TRP H 47 9.53 -5.62 49.80
CA TRP H 47 8.64 -4.49 49.57
C TRP H 47 8.41 -3.74 50.88
N VAL H 48 8.52 -2.42 50.81
CA VAL H 48 8.43 -1.59 52.02
C VAL H 48 7.19 -0.71 51.98
N ALA H 49 7.09 0.18 50.99
CA ALA H 49 6.04 1.18 51.00
C ALA H 49 5.61 1.52 49.58
N VAL H 50 4.42 2.09 49.47
CA VAL H 50 3.88 2.57 48.19
C VAL H 50 3.09 3.85 48.45
N ILE H 51 3.18 4.79 47.52
CA ILE H 51 2.44 6.04 47.58
C ILE H 51 1.77 6.27 46.24
N SER H 52 0.53 6.75 46.29
CA SER H 52 -0.25 6.98 45.08
C SER H 52 0.32 8.14 44.28
N TYR H 53 -0.16 8.27 43.04
CA TYR H 53 0.30 9.35 42.17
C TYR H 53 -0.05 10.72 42.75
N ASP H 54 -1.25 10.86 43.32
CA ASP H 54 -1.69 12.13 43.88
C ASP H 54 -1.21 12.34 45.30
N GLY H 55 -0.52 11.38 45.90
CA GLY H 55 -0.06 11.53 47.26
C GLY H 55 -1.15 11.46 48.29
N SER H 56 -2.30 10.87 47.95
CA SER H 56 -3.42 10.76 48.87
C SER H 56 -3.50 9.40 49.56
N ASN H 57 -2.92 8.37 48.96
CA ASN H 57 -2.94 7.01 49.52
C ASN H 57 -1.53 6.59 49.85
N LYS H 58 -1.33 6.07 51.06
CA LYS H 58 -0.03 5.63 51.54
C LYS H 58 -0.18 4.25 52.15
N TYR H 59 0.69 3.32 51.74
CA TYR H 59 0.66 1.97 52.28
C TYR H 59 2.08 1.55 52.65
N TYR H 60 2.17 0.74 53.71
CA TYR H 60 3.45 0.27 54.22
C TYR H 60 3.34 -1.21 54.53
N ALA H 61 4.49 -1.89 54.50
CA ALA H 61 4.54 -3.28 54.89
C ALA H 61 4.37 -3.40 56.41
N ASP H 62 3.90 -4.56 56.84
CA ASP H 62 3.64 -4.77 58.26
C ASP H 62 4.90 -4.61 59.10
N SER H 63 6.08 -4.87 58.53
CA SER H 63 7.32 -4.74 59.27
C SER H 63 7.62 -3.30 59.66
N VAL H 64 7.06 -2.32 58.95
CA VAL H 64 7.31 -0.91 59.21
C VAL H 64 6.04 -0.11 59.37
N LYS H 65 4.86 -0.73 59.24
CA LYS H 65 3.61 0.00 59.37
C LYS H 65 3.52 0.64 60.75
N GLY H 66 3.10 1.90 60.79
CA GLY H 66 3.07 2.64 62.04
C GLY H 66 4.42 3.10 62.53
N ARG H 67 5.47 2.93 61.73
CA ARG H 67 6.82 3.33 62.09
C ARG H 67 7.48 4.21 61.04
N PHE H 68 7.17 4.01 59.77
CA PHE H 68 7.67 4.85 58.69
C PHE H 68 6.54 5.70 58.12
N THR H 69 6.92 6.59 57.20
CA THR H 69 5.96 7.45 56.52
C THR H 69 6.49 7.77 55.13
N ILE H 70 5.59 7.85 54.16
CA ILE H 70 5.93 8.13 52.77
C ILE H 70 5.09 9.31 52.30
N SER H 71 5.75 10.29 51.69
CA SER H 71 5.08 11.47 51.15
C SER H 71 5.73 11.83 49.82
N ARG H 72 5.10 12.74 49.09
CA ARG H 72 5.63 13.15 47.79
C ARG H 72 5.22 14.58 47.51
N ASP H 73 6.14 15.31 46.87
CA ASP H 73 5.90 16.68 46.42
C ASP H 73 5.94 16.66 44.89
N ASN H 74 4.76 16.77 44.28
CA ASN H 74 4.68 16.77 42.83
C ASN H 74 5.28 18.03 42.23
N SER H 75 5.18 19.16 42.93
CA SER H 75 5.77 20.39 42.43
C SER H 75 7.29 20.26 42.27
N LYS H 76 7.95 19.66 43.26
CA LYS H 76 9.38 19.43 43.22
C LYS H 76 9.74 18.09 42.59
N ASN H 77 8.75 17.27 42.24
CA ASN H 77 9.00 15.93 41.71
C ASN H 77 9.91 15.13 42.64
N THR H 78 9.57 15.15 43.92
CA THR H 78 10.39 14.49 44.94
C THR H 78 9.53 13.54 45.74
N LEU H 79 10.19 12.49 46.26
CA LEU H 79 9.55 11.48 47.08
C LEU H 79 10.31 11.39 48.40
N TYR H 80 9.63 11.65 49.51
CA TYR H 80 10.25 11.67 50.82
C TYR H 80 9.83 10.44 51.61
N LEU H 81 10.82 9.82 52.25
CA LEU H 81 10.60 8.65 53.09
C LEU H 81 11.16 8.96 54.48
N GLN H 82 10.26 9.19 55.43
CA GLN H 82 10.67 9.46 56.81
C GLN H 82 10.66 8.15 57.59
N MET H 83 11.80 7.81 58.18
CA MET H 83 11.94 6.58 58.96
C MET H 83 12.18 7.00 60.41
N ASN H 84 11.12 6.94 61.21
CA ASN H 84 11.18 7.29 62.62
C ASN H 84 11.23 6.03 63.46
N SER H 85 11.95 6.11 64.58
CA SER H 85 12.16 4.97 65.46
C SER H 85 12.80 3.82 64.69
N LEU H 86 14.01 4.08 64.21
CA LEU H 86 14.74 3.11 63.39
C LEU H 86 15.32 2.01 64.27
N ARG H 87 15.27 0.78 63.76
CA ARG H 87 15.86 -0.38 64.41
C ARG H 87 17.00 -0.92 63.57
N ALA H 88 17.75 -1.86 64.17
CA ALA H 88 18.88 -2.46 63.46
C ALA H 88 18.44 -3.18 62.19
N GLU H 89 17.21 -3.68 62.17
CA GLU H 89 16.71 -4.36 60.98
C GLU H 89 16.62 -3.43 59.78
N ASP H 90 16.52 -2.12 60.03
CA ASP H 90 16.38 -1.14 58.96
C ASP H 90 17.68 -0.94 58.17
N THR H 91 18.79 -1.50 58.64
CA THR H 91 20.06 -1.36 57.92
C THR H 91 19.97 -2.03 56.57
N ALA H 92 19.93 -1.25 55.50
CA ALA H 92 19.70 -1.79 54.17
C ALA H 92 19.89 -0.67 53.15
N VAL H 93 19.84 -1.03 51.87
CA VAL H 93 19.85 -0.08 50.77
C VAL H 93 18.41 0.06 50.28
N TYR H 94 17.92 1.30 50.24
CA TYR H 94 16.55 1.59 49.84
C TYR H 94 16.54 2.13 48.43
N TYR H 95 15.56 1.71 47.65
CA TYR H 95 15.39 2.11 46.26
C TYR H 95 13.97 2.60 46.03
N CYS H 96 13.85 3.63 45.19
CA CYS H 96 12.57 4.12 44.72
C CYS H 96 12.34 3.63 43.30
N ALA H 97 11.13 3.12 43.04
CA ALA H 97 10.82 2.47 41.79
C ALA H 97 9.48 2.97 41.26
N LYS H 98 9.36 3.06 39.95
CA LYS H 98 8.11 3.48 39.32
C LYS H 98 7.19 2.27 39.15
N ASP H 99 5.88 2.54 39.29
CA ASP H 99 4.88 1.48 39.15
C ASP H 99 4.75 1.03 37.71
N GLY H 100 4.33 1.95 36.84
CA GLY H 100 4.05 1.62 35.44
C GLY H 100 2.57 1.55 35.18
N GLY H 101 1.83 0.93 36.10
CA GLY H 101 0.38 0.95 36.04
C GLY H 101 -0.22 0.26 34.83
N LYS H 102 0.55 -0.55 34.11
CA LYS H 102 0.01 -1.25 32.95
C LYS H 102 -0.89 -2.41 33.34
N LEU H 103 -0.90 -2.82 34.61
CA LEU H 103 -1.69 -3.93 35.08
C LEU H 103 -2.57 -3.48 36.25
N TRP H 104 -3.56 -4.31 36.57
CA TRP H 104 -4.38 -4.06 37.74
C TRP H 104 -3.61 -4.20 39.05
N VAL H 105 -2.44 -4.82 39.01
CA VAL H 105 -1.66 -5.09 40.20
C VAL H 105 -0.35 -4.33 40.11
N TYR H 106 0.48 -4.46 41.15
CA TYR H 106 1.72 -3.73 41.24
C TYR H 106 2.85 -4.55 40.62
N TYR H 107 3.58 -3.93 39.69
CA TYR H 107 4.80 -4.47 39.13
C TYR H 107 5.85 -3.37 39.14
N PHE H 108 7.11 -3.76 38.96
CA PHE H 108 8.23 -2.82 39.07
C PHE H 108 8.87 -2.67 37.68
N ASP H 109 8.90 -1.43 37.19
CA ASP H 109 9.42 -1.16 35.86
C ASP H 109 10.89 -0.76 35.90
N TYR H 110 11.21 0.29 36.66
CA TYR H 110 12.57 0.81 36.76
C TYR H 110 13.02 0.82 38.21
N TRP H 111 14.33 0.69 38.41
CA TRP H 111 14.93 0.70 39.73
C TRP H 111 16.08 1.70 39.77
N GLY H 112 16.13 2.49 40.85
CA GLY H 112 17.23 3.42 41.03
C GLY H 112 18.45 2.78 41.65
N GLN H 113 19.51 3.56 41.74
CA GLN H 113 20.74 3.07 42.37
C GLN H 113 20.57 2.84 43.86
N GLY H 114 19.68 3.57 44.51
CA GLY H 114 19.40 3.38 45.92
C GLY H 114 20.40 4.11 46.80
N THR H 115 20.07 4.15 48.09
CA THR H 115 20.93 4.76 49.11
C THR H 115 21.02 3.85 50.31
N LEU H 116 22.22 3.76 50.89
CA LEU H 116 22.44 2.89 52.03
C LEU H 116 22.10 3.61 53.33
N VAL H 117 21.49 2.89 54.27
CA VAL H 117 21.20 3.40 55.60
C VAL H 117 21.66 2.32 56.58
N THR H 118 22.45 2.73 57.57
CA THR H 118 23.00 1.81 58.56
C THR H 118 22.52 2.22 59.95
N VAL H 119 21.96 1.26 60.68
CA VAL H 119 21.48 1.48 62.04
C VAL H 119 22.37 0.65 62.97
N SER H 120 23.13 1.34 63.82
CA SER H 120 24.01 0.67 64.76
C SER H 120 24.22 1.58 65.96
N SER H 121 24.58 0.96 67.09
CA SER H 121 24.80 1.65 68.35
C SER H 121 26.28 1.69 68.70
N ALA H 122 27.14 1.76 67.69
CA ALA H 122 28.58 1.81 67.87
C ALA H 122 29.14 3.05 67.19
N SER H 123 30.08 3.71 67.87
CA SER H 123 30.72 4.90 67.34
C SER H 123 31.80 4.52 66.33
N THR H 124 32.24 5.50 65.56
CA THR H 124 33.29 5.28 64.57
C THR H 124 34.58 4.90 65.29
N LYS H 125 35.25 3.86 64.81
CA LYS H 125 36.47 3.36 65.41
C LYS H 125 37.53 3.17 64.33
N GLY H 126 38.78 3.44 64.70
CA GLY H 126 39.90 3.26 63.79
C GLY H 126 40.23 1.80 63.62
N PRO H 127 40.49 1.36 62.39
CA PRO H 127 40.81 -0.06 62.17
C PRO H 127 42.12 -0.46 62.81
N SER H 128 42.18 -1.72 63.23
CA SER H 128 43.40 -2.33 63.75
C SER H 128 43.94 -3.27 62.69
N VAL H 129 45.16 -2.99 62.21
CA VAL H 129 45.79 -3.76 61.16
C VAL H 129 46.78 -4.73 61.79
N PHE H 130 46.65 -6.01 61.45
CA PHE H 130 47.56 -7.04 61.93
C PHE H 130 48.13 -7.82 60.75
N PRO H 131 49.34 -8.34 60.87
CA PRO H 131 49.92 -9.11 59.77
C PRO H 131 49.42 -10.54 59.75
N LEU H 132 49.64 -11.20 58.61
CA LEU H 132 49.39 -12.62 58.42
C LEU H 132 50.56 -13.12 57.59
N ALA H 133 51.60 -13.60 58.26
CA ALA H 133 52.84 -13.95 57.60
C ALA H 133 52.75 -15.33 56.96
N PRO H 134 53.50 -15.60 55.90
CA PRO H 134 53.51 -16.96 55.31
C PRO H 134 54.56 -17.85 55.96
N SER H 135 54.67 -19.08 55.48
CA SER H 135 55.68 -20.02 55.97
C SER H 135 56.13 -20.88 54.80
N SER H 136 57.11 -21.73 55.07
CA SER H 136 57.65 -22.63 54.05
C SER H 136 56.86 -23.92 53.99
N GLY H 142 54.95 -24.39 43.99
CA GLY H 142 54.90 -24.21 45.42
C GLY H 142 55.16 -22.78 45.85
N THR H 143 54.12 -21.95 45.79
CA THR H 143 54.20 -20.56 46.16
C THR H 143 53.78 -20.38 47.62
N ALA H 144 53.70 -19.13 48.06
CA ALA H 144 53.28 -18.81 49.42
C ALA H 144 52.21 -17.73 49.36
N ALA H 145 51.51 -17.53 50.48
CA ALA H 145 50.46 -16.54 50.54
C ALA H 145 50.53 -15.83 51.88
N LEU H 146 50.44 -14.50 51.85
CA LEU H 146 50.47 -13.67 53.04
C LEU H 146 49.28 -12.74 53.01
N GLY H 147 49.15 -11.92 54.04
CA GLY H 147 48.03 -10.99 54.04
C GLY H 147 48.01 -10.09 55.25
N CYS H 148 46.91 -9.34 55.36
CA CYS H 148 46.66 -8.44 56.48
C CYS H 148 45.22 -8.60 56.95
N LEU H 149 45.01 -8.29 58.22
CA LEU H 149 43.70 -8.40 58.87
C LEU H 149 43.34 -7.02 59.41
N VAL H 150 42.28 -6.44 58.85
CA VAL H 150 41.76 -5.15 59.31
C VAL H 150 40.57 -5.45 60.21
N LYS H 151 40.81 -5.51 61.51
CA LYS H 151 39.82 -5.93 62.48
C LYS H 151 39.41 -4.76 63.36
N ASP H 152 38.19 -4.83 63.90
CA ASP H 152 37.69 -3.82 64.83
C ASP H 152 37.66 -2.44 64.17
N TYR H 153 36.86 -2.29 63.12
CA TYR H 153 36.68 -0.99 62.49
C TYR H 153 35.20 -0.78 62.22
N PHE H 154 34.81 0.49 62.17
CA PHE H 154 33.43 0.86 61.94
C PHE H 154 33.35 2.36 61.64
N PRO H 155 32.50 2.79 60.69
CA PRO H 155 31.67 1.99 59.80
C PRO H 155 32.38 1.59 58.51
N GLU H 156 31.66 0.94 57.61
CA GLU H 156 32.20 0.61 56.30
C GLU H 156 32.23 1.85 55.42
N PRO H 157 33.06 1.86 54.36
CA PRO H 157 34.03 0.83 53.96
C PRO H 157 35.46 1.15 54.38
N VAL H 158 36.39 0.25 54.05
CA VAL H 158 37.81 0.47 54.25
C VAL H 158 38.54 0.07 52.97
N THR H 159 39.45 0.93 52.52
CA THR H 159 40.21 0.69 51.29
C THR H 159 41.54 0.08 51.64
N VAL H 160 41.86 -1.06 51.01
CA VAL H 160 43.07 -1.81 51.28
C VAL H 160 43.86 -1.93 49.97
N SER H 161 45.15 -1.62 50.03
CA SER H 161 46.03 -1.73 48.88
C SER H 161 47.33 -2.40 49.32
N TRP H 162 48.05 -2.96 48.35
CA TRP H 162 49.31 -3.62 48.60
C TRP H 162 50.42 -2.88 47.85
N ASN H 163 51.51 -2.58 48.57
CA ASN H 163 52.64 -1.85 48.00
C ASN H 163 52.17 -0.54 47.36
N SER H 164 51.28 0.16 48.05
CA SER H 164 50.73 1.43 47.57
C SER H 164 50.08 1.26 46.20
N GLY H 165 49.42 0.12 45.99
CA GLY H 165 48.77 -0.19 44.73
C GLY H 165 49.66 -0.79 43.68
N ALA H 166 50.97 -0.89 43.93
CA ALA H 166 51.87 -1.51 42.96
C ALA H 166 51.57 -2.99 42.78
N LEU H 167 51.27 -3.70 43.86
CA LEU H 167 50.98 -5.12 43.80
C LEU H 167 49.49 -5.29 43.51
N THR H 168 49.16 -5.71 42.29
CA THR H 168 47.77 -5.82 41.85
C THR H 168 47.37 -7.28 41.62
N SER H 169 48.10 -8.01 40.79
CA SER H 169 47.73 -9.39 40.48
C SER H 169 47.88 -10.28 41.70
N GLY H 170 46.96 -11.22 41.86
CA GLY H 170 47.00 -12.17 42.96
C GLY H 170 46.49 -11.65 44.28
N VAL H 171 45.85 -10.48 44.31
CA VAL H 171 45.35 -9.88 45.54
C VAL H 171 43.85 -10.15 45.64
N HIS H 172 43.43 -10.67 46.78
CA HIS H 172 42.02 -10.96 47.06
C HIS H 172 41.61 -10.26 48.33
N THR H 173 40.58 -9.42 48.25
CA THR H 173 40.03 -8.70 49.39
C THR H 173 38.63 -9.24 49.64
N PHE H 174 38.47 -9.98 50.74
CA PHE H 174 37.19 -10.61 51.04
C PHE H 174 36.20 -9.59 51.60
N PRO H 175 34.90 -9.79 51.39
CA PRO H 175 33.91 -8.86 51.95
C PRO H 175 33.99 -8.83 53.47
N ALA H 176 33.73 -7.65 54.02
CA ALA H 176 33.76 -7.48 55.46
C ALA H 176 32.60 -8.24 56.12
N VAL H 177 32.83 -8.66 57.36
CA VAL H 177 31.83 -9.38 58.14
C VAL H 177 31.57 -8.61 59.42
N LEU H 178 30.30 -8.41 59.73
CA LEU H 178 29.90 -7.67 60.92
C LEU H 178 29.89 -8.64 62.09
N GLN H 179 30.97 -8.61 62.88
CA GLN H 179 31.10 -9.53 64.00
C GLN H 179 30.15 -9.14 65.13
N SER H 180 30.02 -10.05 66.10
CA SER H 180 29.05 -9.86 67.18
C SER H 180 29.31 -8.58 67.97
N SER H 181 30.53 -8.07 67.96
CA SER H 181 30.84 -6.84 68.70
C SER H 181 30.22 -5.60 68.07
N GLY H 182 29.65 -5.71 66.87
CA GLY H 182 29.08 -4.58 66.17
C GLY H 182 30.02 -3.88 65.22
N LEU H 183 31.31 -4.21 65.26
CA LEU H 183 32.29 -3.66 64.35
C LEU H 183 32.38 -4.52 63.10
N TYR H 184 33.36 -4.23 62.26
CA TYR H 184 33.58 -4.96 61.02
C TYR H 184 34.97 -5.59 61.01
N SER H 185 35.06 -6.79 60.44
CA SER H 185 36.32 -7.49 60.29
C SER H 185 36.53 -7.79 58.81
N LEU H 186 37.74 -7.51 58.32
CA LEU H 186 38.07 -7.72 56.91
C LEU H 186 39.44 -8.37 56.82
N SER H 187 39.63 -9.18 55.79
CA SER H 187 40.89 -9.85 55.54
C SER H 187 41.29 -9.67 54.08
N SER H 188 42.54 -9.28 53.86
CA SER H 188 43.09 -9.15 52.52
C SER H 188 44.28 -10.09 52.42
N VAL H 189 44.42 -10.76 51.28
CA VAL H 189 45.48 -11.74 51.08
C VAL H 189 46.09 -11.52 49.70
N VAL H 190 47.32 -12.01 49.55
CA VAL H 190 48.02 -11.97 48.27
C VAL H 190 48.98 -13.15 48.22
N THR H 191 49.05 -13.79 47.06
CA THR H 191 49.90 -14.95 46.85
C THR H 191 51.11 -14.53 46.02
N VAL H 192 52.29 -14.87 46.49
CA VAL H 192 53.54 -14.53 45.80
C VAL H 192 54.42 -15.77 45.77
N PRO H 193 55.35 -15.84 44.84
CA PRO H 193 56.26 -16.99 44.79
C PRO H 193 57.05 -17.13 46.08
N SER H 194 57.30 -18.37 46.49
CA SER H 194 58.04 -18.62 47.72
C SER H 194 59.49 -18.16 47.62
N SER H 195 60.00 -17.96 46.41
CA SER H 195 61.38 -17.52 46.24
C SER H 195 61.58 -16.12 46.82
N SER H 196 60.80 -15.16 46.32
CA SER H 196 60.89 -13.76 46.77
C SER H 196 60.05 -13.58 48.02
N LEU H 197 60.60 -13.99 49.16
CA LEU H 197 59.91 -13.89 50.43
C LEU H 197 60.78 -13.42 51.59
N GLY H 198 62.09 -13.28 51.41
CA GLY H 198 62.96 -12.91 52.50
C GLY H 198 63.39 -11.46 52.48
N THR H 199 63.63 -10.92 51.28
CA THR H 199 64.12 -9.55 51.13
C THR H 199 63.00 -8.61 50.69
N GLN H 200 62.02 -9.13 49.96
CA GLN H 200 60.93 -8.27 49.47
C GLN H 200 60.14 -7.71 50.65
N THR H 201 59.84 -6.41 50.58
CA THR H 201 59.07 -5.73 51.60
C THR H 201 57.62 -5.62 51.13
N TYR H 202 56.72 -6.27 51.88
CA TYR H 202 55.30 -6.27 51.58
C TYR H 202 54.58 -5.46 52.66
N ILE H 203 54.03 -4.31 52.27
CA ILE H 203 53.33 -3.42 53.18
C ILE H 203 51.91 -3.23 52.68
N CYS H 204 50.94 -3.48 53.55
CA CYS H 204 49.54 -3.26 53.24
C CYS H 204 49.10 -1.92 53.79
N ASN H 205 48.49 -1.10 52.94
CA ASN H 205 48.02 0.24 53.28
C ASN H 205 46.50 0.16 53.43
N VAL H 206 46.01 0.51 54.62
CA VAL H 206 44.59 0.50 54.94
C VAL H 206 44.16 1.90 55.28
N ASN H 207 43.12 2.38 54.59
CA ASN H 207 42.59 3.72 54.81
C ASN H 207 41.11 3.63 55.14
N HIS H 208 40.72 4.29 56.23
CA HIS H 208 39.34 4.34 56.70
C HIS H 208 38.97 5.82 56.79
N LYS H 209 38.38 6.34 55.71
CA LYS H 209 38.01 7.75 55.68
C LYS H 209 36.99 8.12 56.75
N PRO H 210 35.92 7.34 56.98
CA PRO H 210 34.98 7.72 58.05
C PRO H 210 35.66 7.94 59.39
N SER H 211 36.65 7.12 59.73
CA SER H 211 37.45 7.34 60.93
C SER H 211 38.74 8.11 60.65
N ASN H 212 39.05 8.38 59.39
CA ASN H 212 40.27 9.09 59.00
C ASN H 212 41.49 8.42 59.63
N THR H 213 41.69 7.16 59.27
CA THR H 213 42.79 6.36 59.81
C THR H 213 43.53 5.71 58.65
N LYS H 214 44.80 6.07 58.48
CA LYS H 214 45.67 5.47 57.48
C LYS H 214 46.79 4.72 58.18
N VAL H 215 46.92 3.43 57.89
CA VAL H 215 47.89 2.56 58.53
C VAL H 215 48.62 1.75 57.47
N ASP H 216 49.95 1.78 57.52
CA ASP H 216 50.79 0.97 56.66
C ASP H 216 51.46 -0.11 57.51
N LYS H 217 51.07 -1.35 57.29
CA LYS H 217 51.53 -2.47 58.10
C LYS H 217 52.46 -3.36 57.27
N ARG H 218 53.67 -3.58 57.78
CA ARG H 218 54.62 -4.45 57.12
C ARG H 218 54.23 -5.90 57.31
N VAL H 219 54.55 -6.74 56.32
CA VAL H 219 54.30 -8.18 56.37
C VAL H 219 55.61 -8.88 56.05
N GLU H 220 56.09 -9.70 56.99
CA GLU H 220 57.33 -10.44 56.83
C GLU H 220 57.13 -11.87 57.30
N PRO H 221 57.93 -12.81 56.78
CA PRO H 221 57.75 -14.22 57.17
C PRO H 221 58.05 -14.43 58.65
N LYS H 222 57.36 -15.42 59.22
CA LYS H 222 57.54 -15.74 60.63
C LYS H 222 58.93 -16.32 60.87
N SER H 223 59.52 -15.95 61.99
CA SER H 223 60.82 -16.46 62.43
C SER H 223 60.62 -17.25 63.72
N CYS H 224 61.08 -18.50 63.72
CA CYS H 224 60.94 -19.36 64.89
C CYS H 224 62.11 -20.34 64.98
N ASP I 1 0.46 -16.10 55.14
CA ASP I 1 1.13 -15.36 54.02
C ASP I 1 1.54 -16.34 52.92
N ILE I 2 1.97 -15.80 51.78
CA ILE I 2 2.35 -16.61 50.63
C ILE I 2 3.87 -16.73 50.61
N GLN I 3 4.36 -17.96 50.54
CA GLN I 3 5.78 -18.25 50.40
C GLN I 3 6.07 -18.78 49.01
N MET I 4 7.12 -18.25 48.38
CA MET I 4 7.51 -18.62 47.03
C MET I 4 8.79 -19.43 47.11
N THR I 5 8.73 -20.71 46.73
CA THR I 5 9.89 -21.57 46.69
C THR I 5 10.44 -21.59 45.27
N GLN I 6 11.66 -21.08 45.11
CA GLN I 6 12.32 -21.00 43.80
C GLN I 6 13.41 -22.06 43.75
N SER I 7 13.38 -22.88 42.69
CA SER I 7 14.35 -23.95 42.52
C SER I 7 14.93 -23.91 41.12
N PRO I 8 16.17 -24.40 40.95
CA PRO I 8 17.05 -24.87 42.02
C PRO I 8 17.68 -23.70 42.78
N SER I 9 18.18 -23.95 43.98
CA SER I 9 18.82 -22.88 44.74
C SER I 9 19.98 -22.27 43.97
N SER I 10 20.74 -23.09 43.25
CA SER I 10 21.83 -22.61 42.41
C SER I 10 22.22 -23.69 41.42
N LEU I 11 22.24 -23.36 40.13
CA LEU I 11 22.52 -24.31 39.07
C LEU I 11 23.78 -23.90 38.32
N SER I 12 24.48 -24.90 37.79
CA SER I 12 25.69 -24.69 37.00
C SER I 12 25.39 -25.05 35.55
N ALA I 13 25.65 -24.12 34.64
CA ALA I 13 25.40 -24.34 33.23
C ALA I 13 26.37 -23.51 32.42
N SER I 14 26.57 -23.91 31.17
CA SER I 14 27.48 -23.23 30.25
C SER I 14 26.70 -22.33 29.31
N VAL I 15 27.43 -21.56 28.50
CA VAL I 15 26.80 -20.65 27.56
C VAL I 15 26.09 -21.46 26.47
N GLY I 16 24.89 -21.03 26.10
CA GLY I 16 24.11 -21.68 25.08
C GLY I 16 23.20 -22.78 25.57
N ASP I 17 23.29 -23.16 26.84
CA ASP I 17 22.43 -24.19 27.39
C ASP I 17 21.02 -23.64 27.61
N ARG I 18 20.04 -24.52 27.47
CA ARG I 18 18.64 -24.13 27.70
C ARG I 18 18.37 -24.22 29.19
N VAL I 19 18.39 -23.07 29.86
CA VAL I 19 18.25 -23.00 31.31
C VAL I 19 16.78 -22.93 31.66
N THR I 20 16.40 -23.58 32.76
CA THR I 20 15.01 -23.58 33.24
C THR I 20 15.01 -23.41 34.76
N ILE I 21 14.15 -22.52 35.25
CA ILE I 21 14.02 -22.25 36.68
C ILE I 21 12.54 -22.34 37.04
N THR I 22 12.25 -23.06 38.14
CA THR I 22 10.89 -23.28 38.58
C THR I 22 10.59 -22.45 39.83
N CYS I 23 9.33 -22.03 39.95
CA CYS I 23 8.88 -21.22 41.08
C CYS I 23 7.50 -21.72 41.49
N ARG I 24 7.37 -22.13 42.75
CA ARG I 24 6.13 -22.68 43.28
C ARG I 24 5.59 -21.76 44.36
N ALA I 25 4.26 -21.65 44.42
CA ALA I 25 3.58 -20.81 45.40
C ALA I 25 2.82 -21.68 46.39
N SER I 26 2.75 -21.21 47.62
CA SER I 26 2.03 -21.94 48.65
C SER I 26 0.54 -22.04 48.31
N GLN I 27 -0.04 -20.96 47.81
CA GLN I 27 -1.44 -20.96 47.39
C GLN I 27 -1.54 -20.67 45.89
N SER I 28 -2.75 -20.51 45.38
CA SER I 28 -2.95 -20.36 43.95
C SER I 28 -2.94 -18.89 43.55
N ILE I 29 -2.19 -18.58 42.50
CA ILE I 29 -2.19 -17.26 41.89
C ILE I 29 -2.45 -17.43 40.40
N SER I 30 -3.39 -16.66 39.86
CA SER I 30 -3.88 -16.93 38.51
C SER I 30 -2.78 -16.81 37.47
N SER I 31 -2.30 -15.58 37.23
CA SER I 31 -1.18 -15.37 36.32
C SER I 31 -0.28 -14.25 36.84
N TYR I 32 -0.33 -14.01 38.14
CA TYR I 32 0.36 -12.88 38.74
C TYR I 32 1.72 -13.29 39.32
N LEU I 33 2.56 -13.83 38.43
CA LEU I 33 3.92 -14.21 38.77
C LEU I 33 4.88 -13.47 37.84
N ASN I 34 5.89 -12.82 38.42
CA ASN I 34 6.84 -12.03 37.66
C ASN I 34 8.27 -12.50 37.95
N TRP I 35 9.15 -12.30 36.97
CA TRP I 35 10.54 -12.68 37.07
C TRP I 35 11.42 -11.45 36.91
N TYR I 36 12.34 -11.27 37.86
CA TYR I 36 13.32 -10.18 37.84
C TYR I 36 14.73 -10.76 37.80
N GLN I 37 15.65 -9.98 37.25
CA GLN I 37 17.07 -10.32 37.21
C GLN I 37 17.88 -9.30 38.00
N GLN I 38 18.91 -9.77 38.69
CA GLN I 38 19.76 -8.91 39.50
C GLN I 38 21.18 -9.44 39.42
N LYS I 39 22.10 -8.61 38.92
CA LYS I 39 23.51 -8.95 38.95
C LYS I 39 24.09 -8.67 40.33
N PRO I 40 25.22 -9.29 40.66
CA PRO I 40 25.85 -9.01 41.97
C PRO I 40 26.14 -7.52 42.12
N GLY I 41 25.57 -6.93 43.16
CA GLY I 41 25.75 -5.52 43.46
C GLY I 41 24.82 -4.59 42.72
N LYS I 42 24.55 -4.87 41.45
CA LYS I 42 23.68 -4.02 40.66
C LYS I 42 22.24 -4.17 41.11
N ALA I 43 21.40 -3.23 40.67
CA ALA I 43 20.00 -3.21 41.07
C ALA I 43 19.19 -4.22 40.26
N PRO I 44 18.08 -4.69 40.80
CA PRO I 44 17.24 -5.63 40.04
C PRO I 44 16.70 -5.00 38.77
N LYS I 45 16.48 -5.86 37.77
CA LYS I 45 15.95 -5.43 36.49
C LYS I 45 14.81 -6.36 36.10
N LEU I 46 13.67 -5.78 35.75
CA LEU I 46 12.49 -6.57 35.40
C LEU I 46 12.72 -7.34 34.11
N LEU I 47 12.30 -8.61 34.11
CA LEU I 47 12.38 -9.44 32.92
C LEU I 47 10.99 -9.82 32.41
N ILE I 48 10.15 -10.41 33.26
CA ILE I 48 8.86 -10.97 32.85
C ILE I 48 7.79 -10.51 33.81
N TYR I 49 6.63 -10.14 33.28
CA TYR I 49 5.47 -9.80 34.10
C TYR I 49 4.26 -10.58 33.60
N ALA I 50 3.34 -10.87 34.52
CA ALA I 50 2.13 -11.64 34.23
C ALA I 50 2.47 -13.09 33.86
N ALA I 51 3.75 -13.43 34.05
CA ALA I 51 4.24 -14.78 33.85
C ALA I 51 4.24 -15.20 32.39
N SER I 52 3.70 -14.37 31.51
CA SER I 52 3.65 -14.69 30.09
C SER I 52 3.84 -13.43 29.25
N SER I 53 4.59 -12.46 29.77
CA SER I 53 4.81 -11.19 29.08
C SER I 53 6.28 -10.81 29.19
N LEU I 54 6.94 -10.68 28.04
CA LEU I 54 8.33 -10.25 28.02
C LEU I 54 8.40 -8.73 28.17
N GLN I 55 9.17 -8.27 29.14
CA GLN I 55 9.31 -6.83 29.36
C GLN I 55 10.00 -6.19 28.16
N SER I 56 9.55 -4.99 27.81
CA SER I 56 10.12 -4.28 26.67
C SER I 56 11.61 -4.07 26.87
N GLY I 57 12.38 -4.28 25.80
CA GLY I 57 13.81 -4.10 25.85
C GLY I 57 14.60 -5.27 26.39
N VAL I 58 13.96 -6.41 26.59
CA VAL I 58 14.60 -7.61 27.12
C VAL I 58 14.83 -8.58 25.97
N PRO I 59 15.92 -9.35 25.96
CA PRO I 59 16.11 -10.31 24.88
C PRO I 59 14.98 -11.32 24.82
N SER I 60 14.64 -11.72 23.59
CA SER I 60 13.52 -12.65 23.38
C SER I 60 13.82 -14.06 23.90
N ARG I 61 15.09 -14.38 24.18
CA ARG I 61 15.43 -15.72 24.65
C ARG I 61 14.79 -16.06 25.99
N PHE I 62 14.39 -15.07 26.77
CA PHE I 62 13.68 -15.32 28.02
C PHE I 62 12.21 -15.58 27.72
N SER I 63 11.64 -16.58 28.40
CA SER I 63 10.23 -16.89 28.22
C SER I 63 9.66 -17.42 29.52
N GLY I 64 8.56 -16.83 29.97
CA GLY I 64 7.85 -17.27 31.15
C GLY I 64 6.61 -18.05 30.77
N SER I 65 6.26 -19.00 31.63
CA SER I 65 5.12 -19.88 31.38
C SER I 65 4.64 -20.43 32.72
N GLY I 66 3.48 -21.04 32.70
CA GLY I 66 2.91 -21.65 33.88
C GLY I 66 1.81 -20.80 34.49
N SER I 67 0.88 -21.47 35.17
CA SER I 67 -0.25 -20.80 35.79
C SER I 67 -0.60 -21.54 37.07
N GLY I 68 -1.25 -20.83 38.00
CA GLY I 68 -1.65 -21.43 39.26
C GLY I 68 -0.59 -21.26 40.33
N THR I 69 0.13 -22.33 40.61
CA THR I 69 1.19 -22.33 41.61
C THR I 69 2.58 -22.53 41.01
N ASP I 70 2.69 -23.36 39.97
CA ASP I 70 3.98 -23.68 39.36
C ASP I 70 4.18 -22.78 38.15
N PHE I 71 5.34 -22.13 38.09
CA PHE I 71 5.73 -21.28 36.98
C PHE I 71 7.17 -21.59 36.59
N THR I 72 7.48 -21.34 35.32
CA THR I 72 8.79 -21.67 34.79
C THR I 72 9.32 -20.50 33.97
N LEU I 73 10.61 -20.23 34.13
CA LEU I 73 11.34 -19.28 33.32
C LEU I 73 12.39 -20.04 32.54
N THR I 74 12.39 -19.89 31.22
CA THR I 74 13.25 -20.65 30.33
C THR I 74 14.05 -19.72 29.45
N ILE I 75 15.36 -19.97 29.39
CA ILE I 75 16.25 -19.30 28.46
C ILE I 75 16.66 -20.33 27.42
N SER I 76 16.29 -20.10 26.17
CA SER I 76 16.59 -21.07 25.12
C SER I 76 18.08 -21.24 24.93
N SER I 77 18.83 -20.13 24.93
CA SER I 77 20.27 -20.14 24.75
C SER I 77 20.90 -19.19 25.75
N LEU I 78 21.65 -19.73 26.71
CA LEU I 78 22.30 -18.91 27.70
C LEU I 78 23.39 -18.07 27.06
N GLN I 79 23.63 -16.88 27.62
CA GLN I 79 24.65 -15.97 27.15
C GLN I 79 25.51 -15.51 28.31
N PRO I 80 26.74 -15.05 28.03
CA PRO I 80 27.61 -14.62 29.13
C PRO I 80 26.99 -13.56 30.01
N GLU I 81 26.20 -12.65 29.45
CA GLU I 81 25.55 -11.61 30.21
C GLU I 81 24.30 -12.10 30.93
N ASP I 82 24.01 -13.40 30.90
CA ASP I 82 22.83 -13.96 31.53
C ASP I 82 23.13 -14.61 32.87
N PHE I 83 24.39 -14.60 33.30
CA PHE I 83 24.76 -15.18 34.59
C PHE I 83 24.46 -14.16 35.68
N ALA I 84 23.37 -14.39 36.41
CA ALA I 84 22.94 -13.47 37.46
C ALA I 84 22.03 -14.23 38.40
N THR I 85 21.38 -13.48 39.30
CA THR I 85 20.42 -14.05 40.23
C THR I 85 19.01 -13.68 39.77
N TYR I 86 18.17 -14.68 39.58
CA TYR I 86 16.80 -14.48 39.14
C TYR I 86 15.84 -14.69 40.31
N TYR I 87 14.94 -13.74 40.51
CA TYR I 87 13.92 -13.83 41.54
C TYR I 87 12.54 -13.92 40.92
N CYS I 88 11.68 -14.72 41.55
CA CYS I 88 10.28 -14.82 41.17
C CYS I 88 9.43 -14.23 42.27
N GLN I 89 8.50 -13.35 41.90
CA GLN I 89 7.69 -12.61 42.85
C GLN I 89 6.23 -12.77 42.47
N GLN I 90 5.40 -13.13 43.45
CA GLN I 90 3.97 -13.23 43.21
C GLN I 90 3.30 -11.90 43.50
N SER I 91 2.41 -11.49 42.60
CA SER I 91 1.71 -10.22 42.73
C SER I 91 0.23 -10.39 43.08
N TYR I 92 -0.26 -11.61 43.24
CA TYR I 92 -1.67 -11.81 43.53
C TYR I 92 -2.09 -11.06 44.78
N SER I 93 -1.36 -11.25 45.88
CA SER I 93 -1.63 -10.53 47.12
C SER I 93 -0.93 -9.18 47.04
N THR I 94 -1.67 -8.16 46.63
CA THR I 94 -1.06 -6.88 46.27
C THR I 94 -0.35 -6.24 47.45
N LEU I 95 -0.96 -6.27 48.62
CA LEU I 95 -0.39 -5.62 49.80
C LEU I 95 0.42 -6.57 50.66
N ALA I 96 0.77 -7.75 50.14
CA ALA I 96 1.64 -8.68 50.83
C ALA I 96 2.65 -9.24 49.84
N LEU I 97 3.20 -8.37 49.00
CA LEU I 97 4.12 -8.80 47.95
C LEU I 97 5.31 -9.51 48.55
N THR I 98 5.69 -10.64 47.95
CA THR I 98 6.83 -11.43 48.39
C THR I 98 7.64 -11.86 47.18
N PHE I 99 8.93 -12.07 47.40
CA PHE I 99 9.86 -12.47 46.36
C PHE I 99 10.35 -13.89 46.62
N GLY I 100 10.77 -14.55 45.54
CA GLY I 100 11.28 -15.90 45.64
C GLY I 100 12.67 -15.95 46.23
N GLY I 101 13.08 -17.18 46.59
CA GLY I 101 14.38 -17.36 47.20
C GLY I 101 15.54 -17.01 46.28
N GLY I 102 15.39 -17.25 45.00
CA GLY I 102 16.43 -16.94 44.04
C GLY I 102 17.14 -18.19 43.55
N THR I 103 17.66 -18.10 42.31
CA THR I 103 18.39 -19.20 41.68
C THR I 103 19.58 -18.59 40.96
N LYS I 104 20.72 -18.54 41.64
CA LYS I 104 21.93 -18.00 41.03
C LYS I 104 22.44 -18.95 39.97
N VAL I 105 22.79 -18.39 38.81
CA VAL I 105 23.31 -19.17 37.68
C VAL I 105 24.81 -18.92 37.60
N GLU I 106 25.59 -19.96 37.86
CA GLU I 106 27.04 -19.87 37.83
C GLU I 106 27.58 -20.46 36.53
N ILE I 107 28.85 -20.17 36.25
CA ILE I 107 29.49 -20.63 35.04
C ILE I 107 29.97 -22.06 35.25
N LYS I 108 29.48 -22.98 34.42
CA LYS I 108 29.85 -24.39 34.56
C LYS I 108 31.29 -24.61 34.12
N ARG I 109 32.02 -25.42 34.88
CA ARG I 109 33.40 -25.73 34.56
C ARG I 109 33.74 -27.10 35.15
N THR I 110 35.02 -27.45 35.11
CA THR I 110 35.48 -28.70 35.69
C THR I 110 35.64 -28.56 37.21
N VAL I 111 35.66 -29.70 37.89
CA VAL I 111 35.83 -29.72 39.33
C VAL I 111 37.24 -29.30 39.68
N ALA I 112 37.37 -28.34 40.60
CA ALA I 112 38.67 -27.84 41.03
C ALA I 112 38.91 -28.24 42.48
N ALA I 113 40.07 -28.84 42.74
CA ALA I 113 40.41 -29.29 44.08
C ALA I 113 40.83 -28.10 44.93
N PRO I 114 40.23 -27.89 46.10
CA PRO I 114 40.61 -26.74 46.93
C PRO I 114 42.03 -26.86 47.45
N SER I 115 42.68 -25.71 47.59
CA SER I 115 43.96 -25.60 48.28
C SER I 115 43.67 -25.12 49.70
N VAL I 116 44.09 -25.90 50.69
CA VAL I 116 43.75 -25.66 52.09
C VAL I 116 44.98 -25.11 52.81
N PHE I 117 44.81 -23.98 53.48
CA PHE I 117 45.87 -23.36 54.27
C PHE I 117 45.32 -23.02 55.64
N ILE I 118 46.12 -23.24 56.68
CA ILE I 118 45.74 -22.97 58.06
C ILE I 118 46.71 -21.97 58.65
N PHE I 119 46.17 -20.87 59.18
CA PHE I 119 46.96 -19.81 59.79
C PHE I 119 46.58 -19.67 61.25
N PRO I 120 47.52 -19.83 62.19
CA PRO I 120 47.20 -19.67 63.60
C PRO I 120 47.07 -18.21 63.96
N PRO I 121 46.54 -17.90 65.15
CA PRO I 121 46.40 -16.49 65.55
C PRO I 121 47.76 -15.81 65.64
N SER I 122 47.79 -14.55 65.22
CA SER I 122 49.02 -13.76 65.31
C SER I 122 49.29 -13.39 66.76
N ASP I 123 50.58 -13.31 67.10
CA ASP I 123 50.96 -12.90 68.45
C ASP I 123 50.42 -11.52 68.79
N GLU I 124 50.30 -10.64 67.79
CA GLU I 124 49.72 -9.32 68.03
C GLU I 124 48.26 -9.44 68.47
N GLN I 125 47.50 -10.32 67.82
CA GLN I 125 46.11 -10.54 68.23
C GLN I 125 46.05 -11.18 69.61
N LEU I 126 46.94 -12.14 69.88
CA LEU I 126 46.98 -12.76 71.21
C LEU I 126 47.29 -11.74 72.29
N LYS I 127 48.07 -10.71 71.96
CA LYS I 127 48.31 -9.63 72.92
C LYS I 127 47.02 -8.94 73.32
N SER I 128 46.13 -8.68 72.35
CA SER I 128 44.86 -8.03 72.66
C SER I 128 44.01 -8.89 73.57
N GLY I 129 43.97 -10.21 73.31
CA GLY I 129 43.18 -11.11 74.12
C GLY I 129 42.44 -12.15 73.30
N THR I 130 42.10 -11.80 72.07
CA THR I 130 41.38 -12.71 71.19
C THR I 130 42.36 -13.56 70.39
N ALA I 131 41.85 -14.63 69.81
CA ALA I 131 42.62 -15.52 68.95
C ALA I 131 41.75 -16.00 67.81
N SER I 132 42.24 -15.84 66.59
CA SER I 132 41.52 -16.24 65.38
C SER I 132 42.38 -17.22 64.60
N VAL I 133 41.78 -18.36 64.23
CA VAL I 133 42.41 -19.35 63.36
C VAL I 133 41.74 -19.24 62.00
N VAL I 134 42.54 -19.08 60.95
CA VAL I 134 42.03 -18.82 59.62
C VAL I 134 42.26 -20.07 58.77
N CYS I 135 41.17 -20.64 58.25
CA CYS I 135 41.23 -21.74 57.31
C CYS I 135 40.79 -21.25 55.94
N LEU I 136 41.70 -21.30 54.97
CA LEU I 136 41.48 -20.76 53.64
C LEU I 136 41.42 -21.91 52.65
N LEU I 137 40.29 -22.01 51.95
CA LEU I 137 40.14 -22.90 50.80
C LEU I 137 40.16 -22.04 49.55
N ASN I 138 41.06 -22.35 48.62
CA ASN I 138 41.29 -21.51 47.45
C ASN I 138 41.11 -22.33 46.18
N ASN I 139 40.53 -21.71 45.15
CA ASN I 139 40.53 -22.25 43.80
C ASN I 139 39.87 -23.63 43.76
N PHE I 140 38.58 -23.64 44.09
CA PHE I 140 37.77 -24.85 44.06
C PHE I 140 36.44 -24.58 43.37
N TYR I 141 35.87 -25.63 42.82
CA TYR I 141 34.59 -25.55 42.14
C TYR I 141 33.91 -26.91 42.14
N PRO I 142 32.61 -27.00 42.44
CA PRO I 142 31.72 -25.89 42.80
C PRO I 142 31.96 -25.38 44.21
N ARG I 143 31.20 -24.35 44.61
CA ARG I 143 31.39 -23.74 45.91
C ARG I 143 31.01 -24.64 47.07
N GLU I 144 30.33 -25.76 46.81
CA GLU I 144 29.89 -26.63 47.89
C GLU I 144 31.07 -27.38 48.49
N ALA I 145 31.63 -26.83 49.57
CA ALA I 145 32.75 -27.44 50.27
C ALA I 145 32.48 -27.36 51.77
N LYS I 146 32.48 -28.51 52.43
CA LYS I 146 32.25 -28.56 53.87
C LYS I 146 33.56 -28.30 54.61
N VAL I 147 33.54 -27.31 55.49
CA VAL I 147 34.69 -26.94 56.31
C VAL I 147 34.31 -27.19 57.77
N GLN I 148 35.10 -28.00 58.45
CA GLN I 148 34.85 -28.37 59.84
C GLN I 148 36.07 -28.03 60.68
N TRP I 149 35.84 -27.58 61.91
CA TRP I 149 36.92 -27.29 62.85
C TRP I 149 36.99 -28.37 63.91
N LYS I 150 38.21 -28.81 64.22
CA LYS I 150 38.45 -29.80 65.25
C LYS I 150 39.45 -29.24 66.26
N VAL I 151 39.13 -29.35 67.53
CA VAL I 151 39.99 -28.93 68.63
C VAL I 151 40.15 -30.12 69.55
N ASP I 152 41.38 -30.64 69.66
CA ASP I 152 41.65 -31.84 70.45
C ASP I 152 40.74 -32.98 70.02
N ASN I 153 40.55 -33.11 68.71
CA ASN I 153 39.71 -34.14 68.11
C ASN I 153 38.24 -34.00 68.50
N ALA I 154 37.82 -32.78 68.86
CA ALA I 154 36.44 -32.50 69.21
C ALA I 154 35.87 -31.53 68.17
N LEU I 155 34.71 -31.87 67.62
CA LEU I 155 34.09 -31.04 66.60
C LEU I 155 33.67 -29.70 67.19
N GLN I 156 33.82 -28.64 66.40
CA GLN I 156 33.41 -27.30 66.79
C GLN I 156 32.37 -26.79 65.79
N SER I 157 31.23 -26.33 66.30
CA SER I 157 30.16 -25.79 65.47
C SER I 157 29.66 -24.50 66.09
N GLY I 158 29.57 -23.45 65.27
CA GLY I 158 29.11 -22.15 65.71
C GLY I 158 30.18 -21.25 66.27
N ASN I 159 31.40 -21.77 66.47
CA ASN I 159 32.49 -20.95 66.99
C ASN I 159 33.17 -20.13 65.91
N SER I 160 32.87 -20.39 64.63
CA SER I 160 33.49 -19.70 63.51
C SER I 160 32.42 -19.15 62.59
N GLN I 161 32.86 -18.47 61.53
CA GLN I 161 31.97 -17.94 60.52
C GLN I 161 32.73 -17.90 59.20
N GLU I 162 32.06 -18.32 58.13
CA GLU I 162 32.68 -18.44 56.82
C GLU I 162 32.34 -17.24 55.94
N SER I 163 33.11 -17.10 54.87
CA SER I 163 32.90 -16.04 53.89
C SER I 163 33.39 -16.54 52.54
N VAL I 164 32.50 -16.59 51.56
CA VAL I 164 32.80 -17.16 50.25
C VAL I 164 32.74 -16.04 49.22
N THR I 165 33.78 -15.94 48.40
CA THR I 165 33.82 -14.94 47.34
C THR I 165 32.98 -15.40 46.16
N GLU I 166 32.71 -14.46 45.26
CA GLU I 166 31.95 -14.76 44.06
C GLU I 166 32.79 -15.60 43.11
N GLN I 167 32.12 -16.19 42.13
CA GLN I 167 32.81 -17.02 41.14
C GLN I 167 33.87 -16.18 40.43
N ASP I 168 35.09 -16.72 40.35
CA ASP I 168 36.22 -15.97 39.84
C ASP I 168 36.03 -15.64 38.36
N SER I 169 36.49 -14.45 37.97
CA SER I 169 36.40 -14.05 36.57
C SER I 169 37.46 -14.69 35.69
N LYS I 170 38.53 -15.23 36.28
CA LYS I 170 39.63 -15.82 35.51
C LYS I 170 39.44 -17.33 35.35
N ASP I 171 39.36 -18.06 36.46
CA ASP I 171 39.22 -19.51 36.44
C ASP I 171 37.86 -19.98 36.94
N SER I 172 36.98 -19.07 37.34
CA SER I 172 35.65 -19.43 37.82
C SER I 172 35.72 -20.44 38.97
N THR I 173 36.63 -20.17 39.90
CA THR I 173 36.80 -20.98 41.11
C THR I 173 36.48 -20.12 42.32
N TYR I 174 36.18 -20.78 43.43
CA TYR I 174 35.72 -20.11 44.64
C TYR I 174 36.81 -20.06 45.70
N SER I 175 36.62 -19.15 46.66
CA SER I 175 37.51 -19.03 47.80
C SER I 175 36.66 -18.85 49.05
N LEU I 176 37.02 -19.58 50.10
CA LEU I 176 36.31 -19.55 51.37
C LEU I 176 37.31 -19.32 52.49
N SER I 177 36.93 -18.48 53.46
CA SER I 177 37.78 -18.15 54.60
C SER I 177 36.96 -18.35 55.88
N SER I 178 37.27 -19.40 56.61
CA SER I 178 36.61 -19.69 57.88
C SER I 178 37.47 -19.15 59.02
N THR I 179 36.89 -18.31 59.87
CA THR I 179 37.60 -17.67 60.97
C THR I 179 37.04 -18.22 62.28
N LEU I 180 37.80 -19.10 62.92
CA LEU I 180 37.46 -19.62 64.24
C LEU I 180 37.99 -18.63 65.28
N THR I 181 37.08 -17.88 65.90
CA THR I 181 37.43 -16.83 66.84
C THR I 181 37.09 -17.28 68.25
N LEU I 182 38.00 -17.01 69.19
CA LEU I 182 37.79 -17.39 70.58
C LEU I 182 38.66 -16.51 71.46
N SER I 183 38.53 -16.71 72.77
CA SER I 183 39.28 -15.93 73.74
C SER I 183 40.65 -16.58 73.98
N LYS I 184 41.53 -15.84 74.65
CA LYS I 184 42.86 -16.36 74.95
C LYS I 184 42.78 -17.57 75.87
N ALA I 185 41.92 -17.51 76.89
CA ALA I 185 41.82 -18.62 77.84
C ALA I 185 41.41 -19.91 77.14
N ASP I 186 40.45 -19.83 76.23
CA ASP I 186 40.04 -21.01 75.46
C ASP I 186 41.10 -21.45 74.47
N TYR I 187 42.04 -20.58 74.11
CA TYR I 187 43.09 -20.94 73.17
C TYR I 187 44.16 -21.82 73.80
N GLU I 188 44.57 -21.52 75.03
CA GLU I 188 45.56 -22.34 75.71
C GLU I 188 44.96 -23.58 76.35
N LYS I 189 43.63 -23.62 76.49
CA LYS I 189 42.99 -24.80 77.06
C LYS I 189 43.12 -26.02 76.14
N HIS I 190 43.42 -25.80 74.87
CA HIS I 190 43.53 -26.87 73.88
C HIS I 190 44.84 -26.75 73.13
N LYS I 191 45.27 -27.87 72.54
CA LYS I 191 46.56 -27.95 71.86
C LYS I 191 46.40 -28.06 70.36
N VAL I 192 45.65 -29.04 69.86
CA VAL I 192 45.57 -29.30 68.43
C VAL I 192 44.41 -28.51 67.84
N TYR I 193 44.67 -27.79 66.76
CA TYR I 193 43.64 -27.08 66.01
C TYR I 193 43.73 -27.53 64.56
N ALA I 194 42.63 -28.07 64.03
CA ALA I 194 42.62 -28.65 62.70
C ALA I 194 41.41 -28.15 61.92
N CYS I 195 41.58 -28.10 60.60
CA CYS I 195 40.52 -27.71 59.67
C CYS I 195 40.39 -28.84 58.65
N GLU I 196 39.22 -29.46 58.62
CA GLU I 196 38.94 -30.52 57.66
C GLU I 196 38.08 -29.97 56.52
N VAL I 197 38.44 -30.35 55.30
CA VAL I 197 37.77 -29.88 54.09
C VAL I 197 37.28 -31.09 53.32
N THR I 198 36.01 -31.07 52.95
CA THR I 198 35.40 -32.11 52.11
C THR I 198 34.80 -31.43 50.88
N HIS I 199 35.27 -31.83 49.70
CA HIS I 199 34.84 -31.21 48.46
C HIS I 199 34.63 -32.28 47.40
N GLN I 200 33.79 -31.95 46.41
CA GLN I 200 33.50 -32.90 45.35
C GLN I 200 34.77 -33.32 44.61
N GLY I 201 35.75 -32.44 44.54
CA GLY I 201 37.01 -32.72 43.87
C GLY I 201 38.04 -33.42 44.73
N LEU I 202 37.70 -33.79 45.95
CA LEU I 202 38.61 -34.47 46.87
C LEU I 202 38.15 -35.92 47.02
N SER I 203 39.05 -36.87 46.76
CA SER I 203 38.72 -38.27 46.96
C SER I 203 38.43 -38.59 48.42
N SER I 204 39.06 -37.86 49.35
CA SER I 204 38.84 -38.05 50.78
C SER I 204 39.02 -36.69 51.46
N PRO I 205 38.45 -36.51 52.65
CA PRO I 205 38.63 -35.23 53.35
C PRO I 205 40.09 -34.93 53.59
N VAL I 206 40.44 -33.65 53.48
CA VAL I 206 41.81 -33.19 53.69
C VAL I 206 41.86 -32.35 54.96
N THR I 207 42.73 -32.74 55.90
CA THR I 207 42.82 -32.10 57.19
C THR I 207 44.15 -31.38 57.31
N LYS I 208 44.10 -30.09 57.65
CA LYS I 208 45.28 -29.30 57.94
C LYS I 208 45.26 -28.93 59.42
N SER I 209 46.24 -29.42 60.18
CA SER I 209 46.23 -29.30 61.62
C SER I 209 47.56 -28.75 62.10
N PHE I 210 47.52 -28.10 63.26
CA PHE I 210 48.73 -27.58 63.88
C PHE I 210 48.58 -27.65 65.40
N ASN I 211 49.73 -27.82 66.07
CA ASN I 211 49.78 -27.80 67.52
C ASN I 211 50.14 -26.41 68.01
N ARG I 212 49.43 -25.96 69.04
CA ARG I 212 49.63 -24.62 69.56
C ARG I 212 51.05 -24.44 70.08
N GLY I 213 51.69 -23.34 69.69
CA GLY I 213 53.00 -22.99 70.20
C GLY I 213 54.09 -24.00 69.87
N GLU I 214 54.14 -24.42 68.61
CA GLU I 214 55.17 -25.34 68.13
C GLU I 214 55.78 -24.91 66.81
N CYS I 215 55.20 -23.91 66.15
CA CYS I 215 55.69 -23.42 64.86
C CYS I 215 55.59 -24.53 63.82
C1 NAG J . -54.26 50.19 -29.78
C2 NAG J . -55.51 51.01 -30.03
C3 NAG J . -55.89 51.80 -28.79
C4 NAG J . -56.01 50.86 -27.59
C5 NAG J . -54.75 50.01 -27.45
C6 NAG J . -54.87 48.96 -26.38
C7 NAG J . -55.72 51.60 -32.41
C8 NAG J . -55.45 52.64 -33.46
N2 NAG J . -55.33 51.91 -31.17
O3 NAG J . -57.12 52.47 -29.00
O4 NAG J . -56.20 51.61 -26.40
O5 NAG J . -54.48 49.32 -28.68
O6 NAG J . -54.44 47.69 -26.86
O7 NAG J . -56.26 50.54 -32.67
H5 NAG J . -54.00 50.59 -27.25
H61 NAG J . -55.80 48.89 -26.10
H62 NAG J . -54.32 49.21 -25.61
H81 NAG J . -55.77 52.32 -34.32
H82 NAG J . -54.49 52.81 -33.50
H83 NAG J . -55.92 53.47 -33.22
HN2 NAG J . -54.94 52.72 -31.03
HO6 NAG J . -53.63 47.76 -27.21
C1 NAG J . -57.38 51.14 -25.74
C2 NAG J . -57.30 51.56 -24.27
C3 NAG J . -58.55 51.14 -23.53
C4 NAG J . -59.79 51.67 -24.24
C5 NAG J . -59.78 51.27 -25.71
C6 NAG J . -60.91 51.88 -26.50
C7 NAG J . -55.16 51.75 -23.07
C8 NAG J . -54.01 50.99 -22.48
N2 NAG J . -56.11 51.00 -23.64
O3 NAG J . -58.50 51.63 -22.20
O4 NAG J . -60.97 51.15 -23.62
O5 NAG J . -58.56 51.71 -26.32
O6 NAG J . -60.78 51.60 -27.89
O7 NAG J . -55.22 52.96 -23.05
H5 NAG J . -59.83 50.30 -25.77
H61 NAG J . -60.91 52.84 -26.36
H62 NAG J . -61.76 51.52 -26.17
H81 NAG J . -53.38 51.62 -22.09
H82 NAG J . -53.57 50.47 -23.17
H83 NAG J . -54.34 50.39 -21.78
HN2 NAG J . -56.02 50.08 -23.64
HO6 NAG J . -61.46 51.97 -28.33
C1 NAG K . -45.43 56.12 -10.07
C2 NAG K . -46.26 57.30 -9.60
C3 NAG K . -46.47 57.24 -8.09
C4 NAG K . -47.03 55.88 -7.67
C5 NAG K . -46.19 54.75 -8.26
C6 NAG K . -46.80 53.39 -8.03
C7 NAG K . -46.13 59.37 -10.92
C8 NAG K . -45.36 60.62 -11.18
N2 NAG K . -45.64 58.56 -9.97
O3 NAG K . -47.36 58.28 -7.70
O4 NAG K . -47.01 55.78 -6.26
O5 NAG K . -46.07 54.91 -9.67
O6 NAG K . -45.80 52.37 -8.04
O7 NAG K . -47.15 59.08 -11.55
H5 NAG K . -45.30 54.77 -7.86
H61 NAG K . -47.44 53.21 -8.74
H62 NAG K . -47.26 53.37 -7.18
H81 NAG K . -45.78 61.13 -11.89
H82 NAG K . -44.44 60.40 -11.43
H83 NAG K . -45.35 61.17 -10.37
HN2 NAG K . -44.88 58.82 -9.53
HO6 NAG K . -46.11 51.66 -8.46
C1 NAG K . -48.31 55.42 -5.76
C2 NAG K . -48.11 54.66 -4.46
C3 NAG K . -49.45 54.27 -3.86
C4 NAG K . -50.34 55.50 -3.71
C5 NAG K . -50.44 56.26 -5.03
C6 NAG K . -51.18 57.56 -4.91
C7 NAG K . -45.95 53.49 -4.51
C8 NAG K . -45.24 52.20 -4.78
N2 NAG K . -47.28 53.49 -4.67
O3 NAG K . -49.24 53.66 -2.60
O4 NAG K . -51.64 55.11 -3.28
O5 NAG K . -49.12 56.57 -5.53
O6 NAG K . -51.36 58.18 -6.18
O7 NAG K . -45.34 54.51 -4.17
H5 NAG K . -50.89 55.69 -5.68
H61 NAG K . -50.67 58.16 -4.33
H62 NAG K . -52.06 57.40 -4.52
H81 NAG K . -44.28 52.35 -4.81
H82 NAG K . -45.55 51.83 -5.63
H83 NAG K . -45.46 51.57 -4.06
HN2 NAG K . -47.68 52.71 -4.93
HO6 NAG K . -51.81 58.94 -6.08
C1 NAG L . -60.16 53.64 -49.23
C2 NAG L . -61.68 53.55 -49.25
C3 NAG L . -62.27 54.76 -49.98
C4 NAG L . -61.76 56.05 -49.35
C5 NAG L . -60.23 56.04 -49.29
C6 NAG L . -59.67 57.23 -48.53
C7 NAG L . -62.54 51.26 -49.16
C8 NAG L . -62.95 50.06 -49.95
N2 NAG L . -62.12 52.31 -49.87
O3 NAG L . -63.69 54.70 -49.91
O4 NAG L . -62.18 57.16 -50.14
O5 NAG L . -59.77 54.87 -48.60
O6 NAG L . -60.43 57.49 -47.35
O7 NAG L . -62.58 51.28 -47.94
H5 NAG L . -59.87 56.05 -50.19
H61 NAG L . -59.72 58.02 -49.11
H62 NAG L . -58.75 57.05 -48.29
H81 NAG L . -63.24 49.35 -49.34
H82 NAG L . -62.20 49.74 -50.48
H83 NAG L . -63.69 50.30 -50.54
HN2 NAG L . -62.11 52.25 -50.78
HO6 NAG L . -60.13 56.98 -46.69
C1 NAG L . -62.69 58.18 -49.25
C2 NAG L . -62.91 59.44 -50.09
C3 NAG L . -63.50 60.55 -49.21
C4 NAG L . -64.75 60.05 -48.50
C5 NAG L . -64.45 58.76 -47.74
C6 NAG L . -65.68 58.15 -47.11
C7 NAG L . -61.62 60.31 -51.97
C8 NAG L . -60.26 60.75 -52.46
N2 NAG L . -61.68 59.88 -50.71
O3 NAG L . -63.81 61.67 -50.02
O4 NAG L . -65.22 61.04 -47.59
O5 NAG L . -63.91 57.78 -48.63
O6 NAG L . -65.33 57.29 -46.03
O7 NAG L . -62.61 60.37 -52.69
H5 NAG L . -63.80 58.96 -47.04
H61 NAG L . -66.17 57.65 -47.78
H62 NAG L . -66.24 58.87 -46.77
H81 NAG L . -60.31 60.97 -53.41
H82 NAG L . -59.63 60.03 -52.32
H83 NAG L . -59.97 61.53 -51.95
HN2 NAG L . -60.92 59.88 -50.21
HO6 NAG L . -65.96 56.65 -45.95
C1 NAG M . -51.42 50.00 -67.46
C2 NAG M . -52.07 48.78 -68.10
C3 NAG M . -51.40 48.45 -69.43
C4 NAG M . -51.39 49.67 -70.33
C5 NAG M . -50.76 50.86 -69.60
C6 NAG M . -50.84 52.15 -70.40
C7 NAG M . -52.84 47.48 -66.16
C8 NAG M . -52.62 46.25 -65.33
N2 NAG M . -52.01 47.64 -67.20
O3 NAG M . -52.09 47.39 -70.06
O4 NAG M . -50.63 49.40 -71.51
O5 NAG M . -51.47 51.10 -68.38
O6 NAG M . -50.34 53.24 -69.65
O7 NAG M . -53.71 48.30 -65.90
H5 NAG M . -49.83 50.67 -69.41
H61 NAG M . -51.77 52.31 -70.64
H62 NAG M . -50.32 52.05 -71.22
H81 NAG M . -53.29 46.22 -64.62
H82 NAG M . -51.74 46.28 -64.93
H83 NAG M . -52.70 45.46 -65.89
HN2 NAG M . -51.37 47.00 -67.34
HO6 NAG M . -50.85 53.36 -68.93
C1 NAG M . -51.53 48.94 -72.53
C2 NAG M . -51.33 49.83 -73.77
C3 NAG M . -52.22 49.35 -74.91
C4 NAG M . -51.96 47.88 -75.19
C5 NAG M . -52.13 47.07 -73.90
C6 NAG M . -51.79 45.61 -74.07
C7 NAG M . -50.93 52.24 -73.98
C8 NAG M . -51.36 53.61 -73.57
N2 NAG M . -51.62 51.23 -73.46
O3 NAG M . -51.93 50.12 -76.07
O4 NAG M . -52.88 47.39 -76.16
O5 NAG M . -51.27 47.59 -72.88
O6 NAG M . -50.59 45.45 -74.82
O7 NAG M . -49.99 52.05 -74.75
H5 NAG M . -53.06 47.15 -73.59
H61 NAG M . -52.52 45.17 -74.53
H62 NAG M . -51.68 45.21 -73.19
H81 NAG M . -50.81 54.28 -74.02
H82 NAG M . -51.26 53.70 -72.60
H83 NAG M . -52.29 53.73 -73.82
HN2 NAG M . -52.31 51.41 -72.89
HO6 NAG M . -50.40 44.59 -74.89
C1 NAG N . -24.26 40.43 -64.72
C2 NAG N . -24.70 40.80 -66.13
C3 NAG N . -25.67 39.76 -66.67
C4 NAG N . -25.07 38.37 -66.57
C5 NAG N . -24.59 38.10 -65.15
C6 NAG N . -23.86 36.79 -65.01
C7 NAG N . -24.69 43.20 -66.65
C8 NAG N . -25.45 44.48 -66.60
N2 NAG N . -25.31 42.13 -66.16
O3 NAG N . -25.97 40.07 -68.03
O4 NAG N . -26.03 37.40 -66.93
O5 NAG N . -23.69 39.13 -64.73
O6 NAG N . -23.52 36.52 -63.66
O7 NAG N . -23.55 43.14 -67.12
H5 NAG N . -25.37 38.10 -64.55
H61 NAG N . -23.04 36.83 -65.54
H62 NAG N . -24.42 36.07 -65.35
H81 NAG N . -24.92 45.21 -66.99
H82 NAG N . -25.66 44.71 -65.67
H83 NAG N . -26.28 44.39 -67.11
HN2 NAG N . -26.15 42.23 -65.82
HO6 NAG N . -22.88 37.08 -63.39
C1 NAG N . -25.50 36.60 -68.00
C2 NAG N . -26.33 35.33 -68.12
C3 NAG N . -25.84 34.47 -69.28
C4 NAG N . -25.81 35.28 -70.56
C5 NAG N . -25.00 36.57 -70.35
C6 NAG N . -25.04 37.48 -71.55
C7 NAG N . -27.40 34.10 -66.28
C8 NAG N . -27.18 33.34 -65.00
N2 NAG N . -26.30 34.57 -66.88
O3 NAG N . -26.70 33.34 -69.43
O4 NAG N . -25.22 34.53 -71.61
O5 NAG N . -25.54 37.31 -69.25
O6 NAG N . -24.19 38.62 -71.36
O7 NAG N . -28.52 34.28 -66.75
H5 NAG N . -24.08 36.33 -70.16
H61 NAG N . -25.95 37.79 -71.69
H62 NAG N . -24.75 36.99 -72.34
H81 NAG N . -28.05 33.06 -64.64
H82 NAG N . -26.73 33.92 -64.36
H83 NAG N . -26.64 32.56 -65.18
HN2 NAG N . -25.50 34.41 -66.49
HO6 NAG N . -23.68 38.71 -72.08
C1 NAG O . -37.35 23.47 -58.63
C2 NAG O . -38.42 23.29 -59.71
C3 NAG O . -38.85 21.83 -59.77
C4 NAG O . -37.65 20.92 -59.96
C5 NAG O . -36.60 21.22 -58.89
C6 NAG O . -35.30 20.46 -59.11
C7 NAG O . -39.58 25.44 -59.83
C8 NAG O . -40.84 26.19 -59.50
N2 NAG O . -39.55 24.15 -59.47
O3 NAG O . -39.76 21.66 -60.85
O4 NAG O . -38.05 19.56 -59.85
O5 NAG O . -36.26 22.61 -58.90
O6 NAG O . -34.18 21.25 -58.76
O7 NAG O . -38.63 25.98 -60.40
H5 NAG O . -36.96 20.98 -58.01
H61 NAG O . -35.23 20.20 -60.05
H62 NAG O . -35.31 19.66 -58.56
H81 NAG O . -40.75 27.11 -59.83
H82 NAG O . -40.96 26.20 -58.54
H83 NAG O . -41.59 25.76 -59.93
HN2 NAG O . -40.28 23.81 -59.04
HO6 NAG O . -33.95 21.09 -57.92
C1 NAG O . -37.41 18.81 -60.90
C2 NAG O . -37.24 17.38 -60.41
C3 NAG O . -36.61 16.52 -61.51
C4 NAG O . -37.44 16.62 -62.79
C5 NAG O . -37.62 18.08 -63.18
C6 NAG O . -38.55 18.26 -64.37
C7 NAG O . -36.90 16.97 -58.02
C8 NAG O . -35.91 16.99 -56.89
N2 NAG O . -36.42 17.34 -59.21
O3 NAG O . -36.54 15.17 -61.08
O4 NAG O . -36.79 15.92 -63.84
O5 NAG O . -38.21 18.81 -62.09
O6 NAG O . -38.64 19.61 -64.77
O7 NAG O . -38.06 16.64 -57.86
H5 NAG O . -36.75 18.46 -63.40
H61 NAG O . -39.44 17.94 -64.12
H62 NAG O . -38.21 17.71 -65.11
H81 NAG O . -36.36 16.77 -56.06
H82 NAG O . -35.51 17.88 -56.81
H83 NAG O . -35.20 16.33 -57.05
HN2 NAG O . -35.53 17.57 -59.28
HO6 NAG O . -39.44 19.77 -65.12
C1 NAG P . -20.03 59.66 -70.54
C2 NAG P . -19.64 59.24 -71.95
C3 NAG P . -20.28 60.16 -72.99
C4 NAG P . -21.78 60.22 -72.77
C5 NAG P . -22.10 60.61 -71.33
C6 NAG P . -23.57 60.57 -71.02
C7 NAG P . -17.47 58.11 -72.08
C8 NAG P . -15.99 58.26 -72.26
N2 NAG P . -18.20 59.22 -72.10
O3 NAG P . -19.99 59.68 -74.30
O4 NAG P . -22.37 61.18 -73.65
O5 NAG P . -21.46 59.69 -70.44
O6 NAG P . -24.24 59.57 -71.80
O7 NAG P . -17.99 57.00 -71.92
H5 NAG P . -21.75 61.50 -71.16
H61 NAG P . -23.96 61.44 -71.22
H62 NAG P . -23.69 60.37 -70.08
H81 NAG P . -15.57 57.40 -72.24
H82 NAG P . -15.64 58.82 -71.54
H83 NAG P . -15.82 58.70 -73.11
HN2 NAG P . -17.76 60.02 -72.24
HO6 NAG P . -23.96 58.77 -71.54
C1 NAG P . -23.39 60.50 -74.42
C2 NAG P . -24.39 61.54 -74.91
C3 NAG P . -25.46 60.88 -75.78
C4 NAG P . -24.81 60.09 -76.90
C5 NAG P . -23.79 59.10 -76.33
C6 NAG P . -23.01 58.36 -77.40
C7 NAG P . -24.52 63.39 -73.31
C8 NAG P . -25.27 63.99 -72.16
N2 NAG P . -25.00 62.25 -73.80
O3 NAG P . -26.31 61.88 -76.32
O4 NAG P . -25.80 59.36 -77.63
O5 NAG P . -22.82 59.81 -75.54
O6 NAG P . -22.40 57.20 -76.88
O7 NAG P . -23.52 63.94 -73.78
H5 NAG P . -24.26 58.46 -75.77
H61 NAG P . -22.34 58.95 -77.77
H62 NAG P . -23.63 58.10 -78.11
H81 NAG P . -24.88 64.85 -71.92
H82 NAG P . -25.23 63.38 -71.40
H83 NAG P . -26.20 64.13 -72.42
HN2 NAG P . -25.74 61.89 -73.42
HO6 NAG P . -22.26 56.62 -77.53
C1 NAG Q . -13.85 76.58 -60.30
C2 NAG Q . -12.39 77.00 -60.51
C3 NAG Q . -12.12 78.34 -59.82
C4 NAG Q . -13.13 79.38 -60.25
C5 NAG Q . -14.54 78.86 -60.03
C6 NAG Q . -15.61 79.80 -60.55
C7 NAG Q . -10.97 75.02 -60.80
C8 NAG Q . -10.05 74.05 -60.13
N2 NAG Q . -11.48 75.98 -60.01
O3 NAG Q . -10.80 78.78 -60.15
O4 NAG Q . -12.95 80.58 -59.49
O5 NAG Q . -14.71 77.62 -60.74
O6 NAG Q . -16.86 79.13 -60.68
O7 NAG Q . -11.23 74.96 -61.99
H5 NAG Q . -14.69 78.72 -59.08
H61 NAG Q . -15.34 80.14 -61.42
H62 NAG Q . -15.71 80.55 -59.93
H81 NAG Q . -9.74 73.40 -60.78
H82 NAG Q . -10.52 73.59 -59.41
H83 NAG Q . -9.28 74.53 -59.76
HN2 NAG Q . -11.25 75.98 -59.13
HO6 NAG Q . -16.79 78.31 -60.36
C1 NAG Q . -12.02 81.44 -60.18
C2 NAG Q . -12.60 82.86 -60.20
C3 NAG Q . -11.62 83.81 -60.85
C4 NAG Q . -10.26 83.73 -60.18
C5 NAG Q . -9.77 82.27 -60.16
C6 NAG Q . -8.48 82.11 -59.39
C7 NAG Q . -15.01 83.31 -60.31
C8 NAG Q . -16.25 83.28 -61.16
N2 NAG Q . -13.88 82.88 -60.89
O3 NAG Q . -12.12 85.14 -60.77
O4 NAG Q . -9.31 84.53 -60.89
O5 NAG Q . -10.75 81.45 -59.51
O6 NAG Q . -8.54 82.75 -58.12
O7 NAG Q . -15.04 83.72 -59.15
H5 NAG Q . -9.65 81.98 -61.07
H61 NAG Q . -7.75 82.50 -59.91
H62 NAG Q . -8.31 81.15 -59.26
H81 NAG Q . -17.00 83.65 -60.66
H82 NAG Q . -16.43 82.36 -61.41
H83 NAG Q . -16.10 83.81 -61.96
HN2 NAG Q . -13.92 82.59 -61.74
HO6 NAG Q . -7.72 82.87 -57.82
C1 NAG R . -23.25 20.36 39.95
C2 NAG R . -24.71 20.11 40.32
C3 NAG R . -25.59 21.32 39.94
C4 NAG R . -24.99 22.60 40.50
C5 NAG R . -23.54 22.73 40.10
C6 NAG R . -22.85 23.95 40.69
C7 NAG R . -26.36 18.32 39.98
C8 NAG R . -26.71 17.09 39.19
N2 NAG R . -25.20 18.91 39.66
O3 NAG R . -26.90 21.13 40.44
O4 NAG R . -25.71 23.71 39.97
O5 NAG R . -22.81 21.59 40.55
O6 NAG R . -21.52 24.08 40.23
O7 NAG R . -27.09 18.76 40.85
H5 NAG R . -23.48 22.79 39.13
H61 NAG R . -22.84 23.86 41.67
H62 NAG R . -23.37 24.75 40.45
H81 NAG R . -27.55 16.72 39.52
H82 NAG R . -26.00 16.43 39.29
H83 NAG R . -26.80 17.33 38.25
HN2 NAG R . -24.70 18.54 38.99
HO6 NAG R . -21.09 24.69 40.72
C1 NAG R . -26.76 24.14 40.86
C2 NAG R . -26.28 25.36 41.64
C3 NAG R . -27.41 25.90 42.52
C4 NAG R . -28.65 26.19 41.67
C5 NAG R . -29.02 24.92 40.89
C6 NAG R . -30.17 25.15 39.93
C7 NAG R . -24.38 25.95 43.08
C8 NAG R . -23.23 25.43 43.90
N2 NAG R . -25.13 25.03 42.47
O3 NAG R . -26.98 27.10 43.15
O4 NAG R . -29.72 26.56 42.50
O5 NAG R . -27.91 24.48 40.10
O6 NAG R . -30.88 23.95 39.66
O7 NAG R . -24.62 27.15 42.98
H5 NAG R . -29.27 24.22 41.52
H61 NAG R . -29.81 25.50 39.08
H62 NAG R . -30.78 25.81 40.31
H81 NAG R . -22.46 25.28 43.32
H82 NAG R . -23.49 24.59 44.32
H83 NAG R . -22.99 26.09 44.59
HN2 NAG R . -24.91 24.15 42.58
HO6 NAG R . -30.76 23.71 38.83
C1 NAG S . -12.33 71.24 -31.39
C2 NAG S . -12.26 72.69 -31.87
C3 NAG S . -10.92 72.96 -32.55
C4 NAG S . -9.76 72.53 -31.64
C5 NAG S . -9.97 71.09 -31.17
C6 NAG S . -8.93 70.66 -30.17
C7 NAG S . -14.01 74.16 -32.76
C8 NAG S . -15.12 74.30 -33.76
N2 NAG S . -13.36 73.00 -32.78
O3 NAG S . -10.82 74.35 -32.84
O4 NAG S . -8.55 72.60 -32.39
O5 NAG S . -11.24 70.96 -30.54
O6 NAG S . -9.32 69.46 -29.51
O7 NAG S . -13.74 75.05 -31.95
H5 NAG S . -9.93 70.50 -31.95
H61 NAG S . -8.82 71.36 -29.50
H62 NAG S . -8.08 70.51 -30.62
H81 NAG S . -15.65 75.10 -33.55
H82 NAG S . -15.69 73.52 -33.73
H83 NAG S . -14.73 74.41 -34.65
HN2 NAG S . -13.60 72.36 -33.39
HO6 NAG S . -10.19 69.47 -29.36
C1 NAG S . -7.54 73.31 -31.63
C2 NAG S . -6.18 72.88 -32.17
C3 NAG S . -5.07 73.65 -31.46
C4 NAG S . -5.32 75.16 -31.56
C5 NAG S . -6.71 75.49 -31.06
C6 NAG S . -7.08 76.94 -31.23
C7 NAG S . -5.55 70.67 -33.01
C8 NAG S . -5.41 69.21 -32.68
N2 NAG S . -5.99 71.45 -32.02
O3 NAG S . -3.81 73.33 -32.05
O4 NAG S . -4.36 75.86 -30.79
O5 NAG S . -7.70 74.73 -31.78
O6 NAG S . -8.28 77.26 -30.55
O7 NAG S . -5.28 71.10 -34.12
H5 NAG S . -6.77 75.26 -30.11
H61 NAG S . -7.19 77.13 -32.19
H62 NAG S . -6.35 77.50 -30.89
H81 NAG S . -5.12 68.73 -33.47
H82 NAG S . -6.26 68.86 -32.38
H83 NAG S . -4.74 69.11 -31.97
HN2 NAG S . -6.17 71.07 -31.21
HO6 NAG S . -8.27 78.13 -30.32
C1 NAG T . 4.44 60.56 -40.18
C2 NAG T . 5.32 61.47 -41.03
C3 NAG T . 6.79 61.16 -40.80
C4 NAG T . 7.11 61.24 -39.31
C5 NAG T . 6.16 60.35 -38.52
C6 NAG T . 6.33 60.50 -37.01
C7 NAG T . 4.52 62.34 -43.18
C8 NAG T . 4.23 62.02 -44.62
N2 NAG T . 4.99 61.33 -42.45
O3 NAG T . 7.59 62.07 -41.52
O4 NAG T . 8.46 60.83 -39.09
O5 NAG T . 4.81 60.69 -38.81
O6 NAG T . 6.52 59.24 -36.38
O7 NAG T . 4.31 63.45 -42.71
H5 NAG T . 6.32 59.41 -38.76
H61 NAG T . 5.52 60.91 -36.66
H62 NAG T . 7.10 61.07 -36.83
H81 NAG T . 3.81 62.79 -45.04
H82 NAG T . 3.65 61.25 -44.68
H83 NAG T . 5.08 61.82 -45.08
HN2 NAG T . 5.12 60.53 -42.85
HO6 NAG T . 6.04 59.21 -35.65
C1 NAG T . 9.12 61.85 -38.32
C2 NAG T . 10.21 61.18 -37.49
C3 NAG T . 10.96 62.22 -36.67
C4 NAG T . 11.49 63.33 -37.57
C5 NAG T . 10.36 63.90 -38.44
C6 NAG T . 10.87 64.89 -39.46
C7 NAG T . 10.05 58.87 -36.67
C8 NAG T . 9.37 57.94 -35.71
N2 NAG T . 9.66 60.15 -36.62
O3 NAG T . 12.03 61.60 -35.97
O4 NAG T . 12.06 64.37 -36.79
O5 NAG T . 9.71 62.85 -39.16
O6 NAG T . 9.79 65.61 -40.05
O7 NAG T . 10.92 58.48 -37.45
H5 NAG T . 9.71 64.34 -37.85
H61 NAG T . 11.34 64.41 -40.16
H62 NAG T . 11.47 65.52 -39.02
H81 NAG T . 9.89 57.12 -35.62
H82 NAG T . 8.48 57.72 -36.05
H83 NAG T . 9.28 58.37 -34.84
HN2 NAG T . 9.01 60.38 -36.03
HO6 NAG T . 10.09 66.39 -40.37
C1 NAG U . -29.81 83.28 -32.22
C2 NAG U . -29.32 84.62 -31.72
C3 NAG U . -29.86 85.75 -32.59
C4 NAG U . -29.53 85.48 -34.05
C5 NAG U . -30.00 84.09 -34.46
C6 NAG U . -29.59 83.72 -35.87
C7 NAG U . -28.86 84.63 -29.30
C8 NAG U . -29.42 84.88 -27.95
N2 NAG U . -29.69 84.82 -30.33
O3 NAG U . -29.29 86.98 -32.18
O4 NAG U . -30.18 86.45 -34.87
O5 NAG U . -29.43 83.11 -33.59
O6 NAG U . -28.43 84.42 -36.27
O7 NAG U . -27.70 84.27 -29.48
H5 NAG U . -30.97 84.05 -34.39
H61 NAG U . -30.32 83.93 -36.48
H62 NAG U . -29.41 82.76 -35.90
H81 NAG U . -28.72 84.75 -27.27
H82 NAG U . -30.16 84.26 -27.77
H83 NAG U . -29.75 85.80 -27.89
HN2 NAG U . -30.55 85.09 -30.15
HO6 NAG U . -27.72 84.10 -35.84
C1 NAG U . -29.20 87.13 -35.67
C2 NAG U . -29.87 87.60 -36.96
C3 NAG U . -28.87 88.37 -37.82
C4 NAG U . -28.25 89.51 -37.01
C5 NAG U . -27.65 88.96 -35.72
C6 NAG U . -27.12 90.06 -34.81
C7 NAG U . -31.71 86.35 -37.98
C8 NAG U . -32.11 85.14 -38.75
N2 NAG U . -30.41 86.48 -37.70
O3 NAG U . -29.54 88.90 -38.96
O4 NAG U . -27.22 90.14 -37.78
O5 NAG U . -28.64 88.26 -34.97
O6 NAG U . -26.16 89.55 -33.90
O7 NAG U . -32.54 87.19 -37.62
H5 NAG U . -26.91 88.36 -35.94
H61 NAG U . -27.87 90.45 -34.32
H62 NAG U . -26.70 90.75 -35.36
H81 NAG U . -33.08 85.12 -38.85
H82 NAG U . -31.81 84.34 -38.29
H83 NAG U . -31.70 85.17 -39.64
HN2 NAG U . -29.85 85.83 -38.00
HO6 NAG U . -25.98 90.17 -33.29
C1 NAG V . -49.33 78.78 -30.92
C2 NAG V . -50.00 78.73 -29.55
C3 NAG V . -51.49 78.47 -29.70
C4 NAG V . -52.12 79.48 -30.65
C5 NAG V . -51.36 79.49 -31.97
C6 NAG V . -51.83 80.55 -32.93
C7 NAG V . -48.66 78.00 -27.62
C8 NAG V . -48.10 76.83 -26.88
N2 NAG V . -49.38 77.71 -28.71
O3 NAG V . -52.13 78.56 -28.42
O4 NAG V . -53.47 79.13 -30.92
O5 NAG V . -49.97 79.76 -31.72
O6 NAG V . -50.94 80.71 -34.03
O7 NAG V . -48.46 79.15 -27.27
H5 NAG V . -51.43 78.62 -32.40
H61 NAG V . -51.91 81.40 -32.46
H62 NAG V . -52.72 80.30 -33.27
H81 NAG V . -47.59 77.14 -26.11
H82 NAG V . -47.51 76.32 -27.47
H83 NAG V . -48.83 76.25 -26.57
HN2 NAG V . -49.50 76.84 -28.93
HO6 NAG V . -50.21 81.11 -33.75
C1 NAG V . -54.32 79.63 -29.88
C2 NAG V . -55.48 80.39 -30.51
C3 NAG V . -56.44 80.89 -29.43
C4 NAG V . -56.91 79.73 -28.57
C5 NAG V . -55.70 78.96 -28.01
C6 NAG V . -56.10 77.71 -27.26
C7 NAG V . -55.25 81.63 -32.61
C8 NAG V . -54.67 82.84 -33.29
N2 NAG V . -55.00 81.50 -31.31
O3 NAG V . -57.55 81.53 -30.04
O4 NAG V . -57.69 80.21 -27.49
O5 NAG V . -54.85 78.54 -29.08
O6 NAG V . -56.95 76.89 -28.04
O7 NAG V . -55.92 80.80 -33.23
H5 NAG V . -55.21 79.55 -27.42
H61 NAG V . -56.57 77.97 -26.44
H62 NAG V . -55.30 77.21 -27.02
H81 NAG V . -54.93 82.84 -34.23
H82 NAG V . -53.70 82.81 -33.21
H83 NAG V . -55.01 83.65 -32.86
HN2 NAG V . -54.49 82.15 -30.90
HO6 NAG V . -56.55 76.11 -28.20
C1 NAG W . -51.90 -7.10 6.51
C2 NAG W . -51.37 -7.24 5.08
C3 NAG W . -52.52 -7.29 4.09
C4 NAG W . -53.49 -8.39 4.47
C5 NAG W . -53.94 -8.22 5.92
C6 NAG W . -54.81 -9.35 6.42
C7 NAG W . -49.16 -6.31 4.56
C8 NAG W . -48.37 -5.07 4.23
N2 NAG W . -50.47 -6.15 4.76
O3 NAG W . -52.01 -7.53 2.78
O4 NAG W . -54.64 -8.37 3.63
O5 NAG W . -52.80 -8.18 6.78
O6 NAG W . -55.05 -9.26 7.82
O7 NAG W . -48.62 -7.41 4.66
H5 NAG W . -54.43 -7.38 6.00
H61 NAG W . -54.38 -10.20 6.22
H62 NAG W . -55.67 -9.31 5.95
H81 NAG W . -47.43 -5.31 4.11
H82 NAG W . -48.45 -4.43 4.97
H83 NAG W . -48.73 -4.67 3.42
HN2 NAG W . -50.81 -5.30 4.68
HO6 NAG W . -54.29 -9.04 8.23
C1 NAG X . -24.90 -14.07 23.16
C2 NAG X . -23.94 -14.86 24.04
C3 NAG X . -22.52 -14.77 23.49
C4 NAG X . -22.49 -15.20 22.02
C5 NAG X . -23.50 -14.39 21.23
C6 NAG X . -23.61 -14.84 19.79
C7 NAG X . -23.46 -15.08 26.44
C8 NAG X . -23.59 -14.45 27.79
N2 NAG X . -23.98 -14.39 25.42
O3 NAG X . -21.66 -15.62 24.25
O4 NAG X . -21.20 -15.00 21.48
O5 NAG X . -24.82 -14.53 21.80
O6 NAG X . -24.90 -14.56 19.25
O7 NAG X . -22.91 -16.17 26.29
H5 NAG X . -23.25 -13.45 21.25
H61 NAG X . -23.45 -15.80 19.74
H62 NAG X . -22.94 -14.37 19.26
H81 NAG X . -23.21 -15.04 28.47
H82 NAG X . -24.53 -14.28 27.99
H83 NAG X . -23.10 -13.60 27.80
HN2 NAG X . -24.38 -13.59 25.59
HO6 NAG X . -25.50 -14.59 19.91
C1 NAG Y . -40.79 26.38 20.11
C2 NAG Y . -42.20 26.40 19.53
C3 NAG Y . -42.83 27.78 19.71
C4 NAG Y . -42.77 28.20 21.18
C5 NAG Y . -41.33 28.10 21.68
C6 NAG Y . -41.21 28.39 23.16
C7 NAG Y . -43.28 25.62 17.47
C8 NAG Y . -43.09 25.28 16.02
N2 NAG Y . -42.19 26.04 18.12
O3 NAG Y . -44.19 27.74 19.28
O4 NAG Y . -43.23 29.54 21.33
O5 NAG Y . -40.84 26.78 21.49
O6 NAG Y . -39.87 28.25 23.61
O7 NAG Y . -44.37 25.51 18.02
H5 NAG Y . -40.78 28.73 21.19
H61 NAG Y . -41.79 27.78 23.66
H62 NAG Y . -41.51 29.31 23.34
H81 NAG Y . -43.93 24.92 15.66
H82 NAG Y . -42.38 24.62 15.93
H83 NAG Y . -42.84 26.08 15.53
HN2 NAG Y . -41.40 26.10 17.66
HO6 NAG Y . -39.68 27.38 23.70
C1 NAG Z . -24.71 -34.22 -28.74
C2 NAG Z . -24.26 -35.15 -29.87
C3 NAG Z . -24.99 -34.82 -31.16
C4 NAG Z . -26.50 -34.85 -30.94
C5 NAG Z . -26.86 -33.90 -29.81
C6 NAG Z . -28.33 -33.92 -29.46
C7 NAG Z . -22.03 -36.14 -30.17
C8 NAG Z . -20.58 -35.88 -30.37
N2 NAG Z . -22.82 -35.07 -30.07
O3 NAG Z . -24.63 -35.76 -32.17
O4 NAG Z . -27.18 -34.45 -32.12
O5 NAG Z . -26.15 -34.27 -28.62
O6 NAG Z . -28.70 -32.82 -28.64
O7 NAG Z . -22.48 -37.28 -30.09
H5 NAG Z . -26.61 -32.99 -30.06
H61 NAG Z . -28.52 -34.75 -28.98
H62 NAG Z . -28.85 -33.90 -30.28
H81 NAG Z . -20.11 -36.73 -30.52
H82 NAG Z . -20.20 -35.44 -29.59
H83 NAG Z . -20.45 -35.30 -31.15
HN2 NAG Z . -22.44 -34.24 -30.13
HO6 NAG Z . -29.02 -33.11 -27.87
C1 NAG AA . -40.29 -7.06 -25.36
C2 NAG AA . -39.62 -6.79 -26.70
C3 NAG AA . -40.55 -7.21 -27.84
C4 NAG AA . -40.96 -8.67 -27.67
C5 NAG AA . -41.57 -8.89 -26.28
C6 NAG AA . -41.87 -10.34 -25.99
C7 NAG AA . -38.01 -4.98 -27.07
C8 NAG AA . -37.81 -3.50 -27.17
N2 NAG AA . -39.26 -5.39 -26.82
O3 NAG AA . -39.88 -7.03 -29.08
O4 NAG AA . -41.92 -9.02 -28.66
O5 NAG AA . -40.64 -8.45 -25.27
O6 NAG AA . -41.78 -10.63 -24.61
O7 NAG AA . -37.09 -5.78 -27.21
H5 NAG AA . -42.38 -8.36 -26.20
H61 NAG AA . -41.24 -10.89 -26.48
H62 NAG AA . -42.78 -10.54 -26.30
H81 NAG AA . -36.87 -3.31 -27.34
H82 NAG AA . -38.08 -3.08 -26.34
H83 NAG AA . -38.34 -3.14 -27.90
HN2 NAG AA . -39.91 -4.77 -26.74
HO6 NAG AA . -41.66 -11.50 -24.50
C1 NAG BA . -55.31 5.64 -30.80
C2 NAG BA . -56.08 4.56 -30.03
C3 NAG BA . -55.87 3.19 -30.68
C4 NAG BA . -56.20 3.25 -32.16
C5 NAG BA . -55.43 4.37 -32.84
C6 NAG BA . -55.80 4.55 -34.29
C7 NAG BA . -56.55 4.54 -27.63
C8 NAG BA . -55.96 4.51 -26.24
N2 NAG BA . -55.67 4.54 -28.64
O3 NAG BA . -56.69 2.23 -30.02
O4 NAG BA . -55.89 2.01 -32.78
O5 NAG BA . -55.69 5.62 -32.18
O6 NAG BA . -55.21 5.73 -34.84
O7 NAG BA . -57.76 4.58 -27.82
H5 NAG BA . -54.47 4.17 -32.78
H61 NAG BA . -56.77 4.61 -34.37
H62 NAG BA . -55.49 3.78 -34.81
H81 NAG BA . -56.68 4.51 -25.58
H82 NAG BA . -55.40 5.29 -26.11
H83 NAG BA . -55.41 3.70 -26.15
HN2 NAG BA . -54.79 4.51 -28.44
HO6 NAG BA . -55.30 6.40 -34.25
C1 NAG CA . -49.84 36.55 -58.71
C2 NAG CA . -49.38 36.83 -60.13
C3 NAG CA . -50.56 36.74 -61.09
C4 NAG CA . -51.26 35.40 -60.94
C5 NAG CA . -51.64 35.17 -59.48
C6 NAG CA . -52.23 33.80 -59.23
C7 NAG CA . -47.49 38.36 -59.82
C8 NAG CA . -47.00 39.77 -59.98
N2 NAG CA . -48.75 38.14 -60.22
O3 NAG CA . -50.09 36.89 -62.42
O4 NAG CA . -52.43 35.37 -61.74
O5 NAG CA . -50.47 35.26 -58.65
O6 NAG CA . -52.76 33.69 -57.91
O7 NAG CA . -46.79 37.47 -59.36
H5 NAG CA . -52.28 35.85 -59.21
H61 NAG CA . -51.55 33.12 -59.36
H62 NAG CA . -52.96 33.65 -59.88
H81 NAG CA . -46.08 39.83 -59.68
H82 NAG CA . -47.55 40.37 -59.44
H83 NAG CA . -47.06 40.03 -60.91
HN2 NAG CA . -49.23 38.83 -60.55
HO6 NAG CA . -53.23 32.94 -57.84
C1 NAG DA . -55.65 38.00 -44.11
C2 NAG DA . -56.28 38.04 -42.72
C3 NAG DA . -56.26 36.65 -42.09
C4 NAG DA . -56.91 35.64 -43.03
C5 NAG DA . -56.23 35.68 -44.39
C6 NAG DA . -56.88 34.76 -45.40
C7 NAG DA . -56.09 39.39 -40.67
C8 NAG DA . -55.25 40.37 -39.91
N2 NAG DA . -55.60 38.99 -41.85
O3 NAG DA . -56.95 36.68 -40.85
O4 NAG DA . -56.79 34.33 -42.48
O5 NAG DA . -56.31 37.01 -44.92
O6 NAG DA . -57.27 33.54 -44.80
O7 NAG DA . -57.16 38.96 -40.24
H5 NAG DA . -55.29 35.43 -44.28
H61 NAG DA . -56.23 34.57 -46.11
H62 NAG DA . -57.65 35.20 -45.78
H81 NAG DA . -55.73 40.63 -39.11
H82 NAG DA . -55.08 41.15 -40.46
H83 NAG DA . -54.41 39.95 -39.67
HN2 NAG DA . -54.79 39.33 -42.12
HO6 NAG DA . -56.61 33.21 -44.31
C1 NAG EA . 17.27 -10.90 -49.39
C2 NAG EA . 17.23 -9.45 -48.91
C3 NAG EA . 17.81 -8.53 -49.96
C4 NAG EA . 19.21 -8.99 -50.36
C5 NAG EA . 19.17 -10.45 -50.79
C6 NAG EA . 20.54 -11.02 -51.09
C7 NAG EA . 15.55 -8.42 -47.44
C8 NAG EA . 14.09 -8.10 -47.27
N2 NAG EA . 15.87 -9.06 -48.58
O3 NAG EA . 17.88 -7.19 -49.45
O4 NAG EA . 19.69 -8.20 -51.44
O5 NAG EA . 18.62 -11.24 -49.73
O6 NAG EA . 20.50 -12.42 -51.26
O7 NAG EA . 16.38 -8.13 -46.60
H5 NAG EA . 18.60 -10.54 -51.58
H61 NAG EA . 21.15 -10.80 -50.35
H62 NAG EA . 20.89 -10.60 -51.90
H81 NAG EA . 13.97 -7.67 -46.40
H82 NAG EA . 13.57 -8.92 -47.31
H83 NAG EA . 13.81 -7.49 -47.99
HN2 NAG EA . 15.20 -9.26 -49.17
HO6 NAG EA . 19.93 -12.78 -50.68
C1 NAG FA . 12.19 -27.06 -22.25
C2 NAG FA . 12.25 -27.78 -20.91
C3 NAG FA . 12.06 -26.79 -19.76
C4 NAG FA . 13.05 -25.65 -19.88
C5 NAG FA . 12.96 -25.01 -21.27
C6 NAG FA . 13.99 -23.94 -21.50
C7 NAG FA . 11.41 -29.95 -20.13
C8 NAG FA . 10.27 -30.93 -20.18
N2 NAG FA . 11.25 -28.83 -20.85
O3 NAG FA . 12.23 -27.47 -18.53
O4 NAG FA . 12.78 -24.66 -18.90
O5 NAG FA . 13.16 -26.01 -22.28
O6 NAG FA . 14.57 -24.03 -22.79
O7 NAG FA . 12.42 -30.16 -19.47
H5 NAG FA . 12.07 -24.62 -21.37
H61 NAG FA . 14.70 -24.03 -20.83
H62 NAG FA . 13.57 -23.07 -21.40
H81 NAG FA . 10.52 -31.73 -19.66
H82 NAG FA . 10.11 -31.18 -21.10
H83 NAG FA . 9.48 -30.53 -19.79
HN2 NAG FA . 10.48 -28.73 -21.32
HO6 NAG FA . 13.98 -24.38 -23.37
C1 NAG GA . -20.35 -14.47 -47.25
C2 NAG GA . -19.93 -14.27 -48.70
C3 NAG GA . -21.15 -14.21 -49.61
C4 NAG GA . -22.03 -15.44 -49.39
C5 NAG GA . -22.37 -15.58 -47.91
C6 NAG GA . -23.16 -16.84 -47.60
C7 NAG GA . -18.39 -12.80 -49.93
C8 NAG GA . -17.63 -11.51 -49.91
N2 NAG GA . -19.13 -13.07 -48.84
O3 NAG GA . -20.73 -14.15 -50.97
O4 NAG GA . -23.24 -15.30 -50.13
O5 NAG GA . -21.16 -15.65 -47.14
O6 NAG GA . -22.96 -17.25 -46.26
O7 NAG GA . -18.35 -13.57 -50.88
H5 NAG GA . -22.89 -14.81 -47.63
H61 NAG GA . -22.87 -17.55 -48.21
H62 NAG GA . -24.10 -16.66 -47.75
H81 NAG GA . -17.08 -11.44 -50.71
H82 NAG GA . -17.06 -11.48 -49.11
H83 NAG GA . -18.27 -10.77 -49.88
HN2 NAG GA . -19.13 -12.46 -48.16
HO6 NAG GA . -23.31 -16.65 -45.71
C1 NAG HA . 45.83 15.82 -14.67
C2 NAG HA . 46.52 16.90 -13.83
C3 NAG HA . 46.60 18.21 -14.61
C4 NAG HA . 47.25 18.00 -15.97
C5 NAG HA . 46.51 16.90 -16.72
C6 NAG HA . 47.17 16.56 -18.04
C7 NAG HA . 46.30 17.91 -11.61
C8 NAG HA . 45.46 18.00 -10.37
N2 NAG HA . 45.83 17.10 -12.56
O3 NAG HA . 47.33 19.17 -13.87
O4 NAG HA . 47.20 19.20 -16.73
O5 NAG HA . 46.51 15.69 -15.94
O6 NAG HA . 46.37 15.65 -18.80
O7 NAG HA . 47.34 18.55 -11.73
H5 NAG HA . 45.59 17.18 -16.89
H61 NAG HA . 48.04 16.15 -17.87
H62 NAG HA . 47.29 17.38 -18.56
H81 NAG HA . 45.98 18.42 -9.65
H82 NAG HA . 45.20 17.10 -10.09
H83 NAG HA . 44.67 18.53 -10.55
HN2 NAG HA . 45.05 16.66 -12.42
HO6 NAG HA . 46.78 14.85 -18.83
C1 NAG IA . 23.42 19.82 -36.94
C2 NAG IA . 23.43 21.27 -36.48
C3 NAG IA . 24.40 22.09 -37.32
C4 NAG IA . 25.78 21.45 -37.30
C5 NAG IA . 25.69 19.99 -37.73
C6 NAG IA . 27.00 19.25 -37.63
C7 NAG IA . 21.33 22.01 -35.46
C8 NAG IA . 19.98 22.61 -35.70
N2 NAG IA . 22.10 21.85 -36.54
O3 NAG IA . 24.48 23.42 -36.80
O4 NAG IA . 26.66 22.14 -38.19
O5 NAG IA . 24.76 19.29 -36.89
O6 NAG IA . 26.81 17.85 -37.46
O7 NAG IA . 21.71 21.69 -34.33
H5 NAG IA . 25.38 19.95 -38.65
H61 NAG IA . 27.50 19.59 -36.85
H62 NAG IA . 27.53 19.41 -38.43
H81 NAG IA . 19.51 22.71 -34.85
H82 NAG IA . 19.46 22.03 -36.28
H83 NAG IA . 20.09 23.49 -36.11
HN2 NAG IA . 21.77 22.10 -37.35
HO6 NAG IA . 27.60 17.45 -37.44
C1 NAG JA . 17.47 27.76 -54.42
C2 NAG JA . 18.54 26.73 -54.80
C3 NAG JA . 19.86 27.09 -54.15
C4 NAG JA . 20.25 28.52 -54.49
C5 NAG JA . 19.12 29.48 -54.15
C6 NAG JA . 19.39 30.89 -54.59
C7 NAG JA . 18.31 24.33 -55.21
C8 NAG JA . 17.84 23.02 -54.66
N2 NAG JA . 18.13 25.39 -54.43
O3 NAG JA . 20.87 26.18 -54.58
O4 NAG JA . 21.42 28.89 -53.77
O5 NAG JA . 17.91 29.07 -54.79
O6 NAG JA . 18.21 31.68 -54.57
O7 NAG JA . 18.85 24.41 -56.31
H5 NAG JA . 18.99 29.47 -53.18
H61 NAG JA . 19.75 30.88 -55.50
H62 NAG JA . 20.05 31.30 -53.99
H81 NAG JA . 18.00 22.31 -55.31
H82 NAG JA . 16.88 23.07 -54.49
H83 NAG JA . 18.31 22.82 -53.84
HN2 NAG JA . 17.72 25.26 -53.61
HO6 NAG JA . 17.54 31.21 -54.24
C1 NAG KA . -3.95 64.03 -55.54
C2 NAG KA . -3.94 65.50 -55.17
C3 NAG KA . -3.26 66.32 -56.27
C4 NAG KA . -1.89 65.75 -56.60
C5 NAG KA . -2.00 64.26 -56.91
C6 NAG KA . -0.67 63.60 -57.14
C7 NAG KA . -5.85 65.95 -53.71
C8 NAG KA . -7.24 66.49 -53.63
N2 NAG KA . -5.28 65.99 -54.92
O3 NAG KA . -3.14 67.67 -55.85
O4 NAG KA . -1.34 66.43 -57.72
O5 NAG KA . -2.62 63.58 -55.82
O6 NAG KA . -0.82 62.22 -57.44
O7 NAG KA . -5.26 65.51 -52.72
H5 NAG KA . -2.55 64.14 -57.71
H61 NAG KA . -0.13 63.69 -56.32
H62 NAG KA . -0.21 64.04 -57.87
H81 NAG KA . -7.58 66.40 -52.72
H82 NAG KA . -7.82 65.99 -54.24
H83 NAG KA . -7.25 67.43 -53.87
HN2 NAG KA . -5.76 66.32 -55.61
HO6 NAG KA . -0.04 61.90 -57.75
C1 NAG LA . -8.51 50.29 -62.56
C2 NAG LA . -8.76 48.95 -63.25
C3 NAG LA . -7.70 47.94 -62.85
C4 NAG LA . -6.31 48.49 -63.09
C5 NAG LA . -6.15 49.83 -62.39
C6 NAG LA . -4.82 50.50 -62.67
C7 NAG LA . -10.61 47.38 -63.56
C8 NAG LA . -12.00 46.99 -63.12
N2 NAG LA . -10.09 48.45 -62.96
O3 NAG LA . -7.87 46.73 -63.60
O4 NAG LA . -5.33 47.59 -62.61
O5 NAG LA . -7.17 50.74 -62.84
O6 NAG LA . -3.74 49.61 -62.40
O7 NAG LA . -10.00 46.74 -64.41
H5 NAG LA . -6.24 49.70 -61.42
H61 NAG LA . -4.73 51.28 -62.11
H62 NAG LA . -4.78 50.76 -63.61
H81 NAG LA . -12.34 46.30 -63.72
H82 NAG LA . -12.58 47.77 -63.15
H83 NAG LA . -11.97 46.64 -62.21
HN2 NAG LA . -10.59 48.89 -62.33
HO6 NAG LA . -3.75 48.94 -62.98
C1 NAG MA . 19.76 43.16 19.98
C2 NAG MA . 18.25 43.08 20.18
C3 NAG MA . 17.68 44.46 20.47
C4 NAG MA . 18.40 45.08 21.65
C5 NAG MA . 19.91 45.09 21.42
C6 NAG MA . 20.69 45.57 22.61
C7 NAG MA . 16.91 41.35 19.05
C8 NAG MA . 16.31 40.90 17.76
N2 NAG MA . 17.60 42.50 19.00
O3 NAG MA . 16.29 44.35 20.74
O4 NAG MA . 17.96 46.43 21.83
O5 NAG MA . 20.35 43.75 21.14
O6 NAG MA . 21.54 44.56 23.13
O7 NAG MA . 16.76 40.72 20.09
H5 NAG MA . 20.11 45.65 20.65
H61 NAG MA . 20.07 45.85 23.31
H62 NAG MA . 21.23 46.34 22.35
H81 NAG MA . 15.79 40.09 17.91
H82 NAG MA . 17.02 40.71 17.11
H83 NAG MA . 15.73 41.60 17.40
HN2 NAG MA . 17.68 42.93 18.21
HO6 NAG MA . 21.91 44.10 22.45
C1 NAG NA . 27.15 12.28 19.21
C2 NAG NA . 27.27 10.80 19.54
C3 NAG NA . 25.96 10.07 19.23
C4 NAG NA . 24.80 10.76 19.92
C5 NAG NA . 24.78 12.24 19.58
C6 NAG NA . 23.71 13.00 20.33
C7 NAG NA . 29.05 9.12 19.26
C8 NAG NA . 30.16 8.63 18.39
N2 NAG NA . 28.38 10.19 18.82
O3 NAG NA . 26.06 8.72 19.67
O4 NAG NA . 23.58 10.16 19.53
O5 NAG NA . 26.03 12.85 19.90
O6 NAG NA . 24.26 14.09 21.06
O7 NAG NA . 28.75 8.56 20.31
H5 NAG NA . 24.62 12.34 18.61
H61 NAG NA . 23.26 12.41 20.94
H62 NAG NA . 23.05 13.36 19.69
H81 NAG NA . 30.58 7.86 18.81
H82 NAG NA . 30.82 9.34 18.28
H83 NAG NA . 29.80 8.39 17.51
HN2 NAG NA . 28.65 10.57 18.03
HO6 NAG NA . 25.08 14.27 20.75
C1 NAG OA . 31.34 38.86 -14.53
C2 NAG OA . 30.95 40.30 -14.15
C3 NAG OA . 31.41 41.27 -15.23
C4 NAG OA . 32.89 41.09 -15.53
C5 NAG OA . 33.18 39.63 -15.86
C6 NAG OA . 34.65 39.36 -16.06
C7 NAG OA . 29.01 41.09 -12.89
C8 NAG OA . 27.51 41.11 -12.81
N2 NAG OA . 29.53 40.41 -13.92
O3 NAG OA . 31.16 42.61 -14.79
O4 NAG OA . 33.28 41.92 -16.62
O5 NAG OA . 32.74 38.79 -14.79
O6 NAG OA . 34.92 37.97 -16.15
O7 NAG OA . 29.70 41.66 -12.07
H5 NAG OA . 32.69 39.40 -16.68
H61 NAG OA . 35.16 39.73 -15.31
H62 NAG OA . 34.95 39.78 -16.89
H81 NAG OA . 27.24 41.67 -12.06
H82 NAG OA . 27.18 40.20 -12.69
H83 NAG OA . 27.14 41.48 -13.63
HN2 NAG OA . 28.95 40.01 -14.51
HO6 NAG OA . 34.55 37.55 -15.45
C1 NAG PA . -14.05 41.23 18.67
C2 NAG PA . -15.55 41.06 18.64
C3 NAG PA . -16.23 42.19 19.38
C4 NAG PA . -15.67 42.30 20.80
C5 NAG PA . -14.15 42.40 20.76
C6 NAG PA . -13.52 42.38 22.13
C7 NAG PA . -16.34 39.83 16.66
C8 NAG PA . -16.84 39.94 15.25
N2 NAG PA . -16.04 40.98 17.27
O3 NAG PA . -17.63 41.96 19.43
O4 NAG PA . -16.20 43.44 21.45
O5 NAG PA . -13.60 41.30 20.03
O6 NAG PA . -12.10 42.36 22.05
O7 NAG PA . -16.20 38.75 17.23
H5 NAG PA . -13.91 43.23 20.32
H61 NAG PA . -13.83 41.59 22.62
H62 NAG PA . -13.80 43.18 22.62
H81 NAG PA . -17.08 39.06 14.92
H82 NAG PA . -16.12 40.30 14.69
H83 NAG PA . -17.60 40.53 15.22
HN2 NAG PA . -16.16 41.76 16.81
HO6 NAG PA . -11.75 42.58 22.83
C1 NAG QA . -14.06 59.76 11.30
C2 NAG QA . -13.48 60.32 12.60
C3 NAG QA . -14.41 59.99 13.78
C4 NAG QA . -15.82 60.48 13.47
C5 NAG QA . -16.29 59.91 12.14
C6 NAG QA . -17.65 60.43 11.72
C7 NAG QA . -11.26 60.40 13.63
C8 NAG QA . -9.93 59.72 13.78
N2 NAG QA . -12.15 59.78 12.85
O3 NAG QA . -13.92 60.61 14.95
O4 NAG QA . -16.71 60.05 14.50
O5 NAG QA . -15.38 60.27 11.10
O6 NAG QA . -17.71 60.64 10.32
O7 NAG QA . -11.52 61.46 14.19
H5 NAG QA . -16.33 58.94 12.20
H61 NAG QA . -17.84 61.27 12.18
H62 NAG QA . -18.33 59.77 11.97
H81 NAG QA . -9.37 60.27 14.35
H82 NAG QA . -9.52 59.63 12.91
H83 NAG QA . -10.07 58.85 14.19
HN2 NAG QA . -11.92 59.00 12.46
HO6 NAG QA . -16.91 60.51 9.96
C1 NAG RA . -41.84 71.29 -18.33
C2 NAG RA . -43.37 71.34 -18.50
C3 NAG RA . -43.91 72.69 -18.04
C4 NAG RA . -43.44 73.00 -16.62
C5 NAG RA . -41.92 72.90 -16.54
C6 NAG RA . -41.39 73.11 -15.16
C7 NAG RA . -43.46 69.95 -20.53
C8 NAG RA . -43.94 69.87 -21.94
N2 NAG RA . -43.75 71.09 -19.88
O3 NAG RA . -45.33 72.68 -18.10
O4 NAG RA . -43.86 74.30 -16.24
O5 NAG RA . -41.50 71.60 -16.97
O6 NAG RA . -39.98 73.29 -15.17
O7 NAG RA . -42.84 69.04 -19.99
H5 NAG RA . -41.54 73.57 -17.14
H61 NAG RA . -41.61 72.34 -14.60
H62 NAG RA . -41.81 73.91 -14.77
H81 NAG RA . -43.67 69.01 -22.33
H82 NAG RA . -43.55 70.59 -22.47
H83 NAG RA . -44.92 69.94 -21.97
HN2 NAG RA . -44.21 71.73 -20.33
HO6 NAG RA . -39.79 74.15 -15.35
C1 NAG SA . -26.25 73.28 -18.99
C2 NAG SA . -24.75 73.30 -18.74
C3 NAG SA . -24.40 72.51 -17.49
C4 NAG SA . -25.23 73.02 -16.30
C5 NAG SA . -26.71 73.00 -16.65
C6 NAG SA . -27.57 73.60 -15.55
C7 NAG SA . -22.75 73.13 -20.16
C8 NAG SA . -22.16 72.50 -21.38
N2 NAG SA . -24.02 72.79 -19.88
O3 NAG SA . -23.02 72.64 -17.20
O4 NAG SA . -25.00 72.19 -15.17
O5 NAG SA . -26.94 73.78 -17.83
O6 NAG SA . -27.07 73.26 -14.27
O7 NAG SA . -22.14 73.92 -19.46
H5 NAG SA . -26.99 72.08 -16.81
H61 NAG SA . -28.48 73.26 -15.64
H62 NAG SA . -27.58 74.57 -15.64
H81 NAG SA . -21.29 72.91 -21.56
H82 NAG SA . -22.74 72.64 -22.15
H83 NAG SA . -22.03 71.55 -21.23
HN2 NAG SA . -24.44 72.19 -20.44
HO6 NAG SA . -27.05 72.37 -14.19
#